data_8H3R
#
_entry.id   8H3R
#
loop_
_entity.id
_entity.type
_entity.pdbx_description
1 polymer 'E3 ubiquitin-protein ligase RBX1'
2 polymer Cullin-3
3 polymer 'Kelch repeat and BTB domain-containing protein 2'
4 non-polymer 'ZINC ION'
#
loop_
_entity_poly.entity_id
_entity_poly.type
_entity_poly.pdbx_seq_one_letter_code
_entity_poly.pdbx_strand_id
1 'polypeptide(L)'
;MAAAMDVDTPSGTNSGAGKKRFEVKKWNAVALWAWDIVVDNCAICRNHIMDLCIECQANQASATSEECTVAWGVCNHAFH
FHCISRWLKTRQVCPLDNREWEFQKYGH
;
E,D
2 'polypeptide(L)'
;MSNLSKGTGSRKDTKMRIRAFPMTMDEKYVNSIWDLLKNAIQEIQRKNNSGLSFEELYRNAYTMVLHKHGEKLYTGLREV
VTEHLINKVREDVLNSLNNNFLQTLNQAWNDHQTAMVMIRDILMYMDRVYVQQNNVENVYNLGLIIFRDQVVRYGCIRDH
LRQTLLDMIARERKGEVVDRGAIRNACQMLMILGLEGRSVYEEDFEAPFLEMSAEFFQMESQKFLAENSASVYIKKVEAR
INEEIERVMHCLDKSTEEPIVKVVERELISKHMKTIVEMENSGLVHMLKNGKTEDLGCMYKLFSRVPNGLKTMCECMSSY
LREQGKALVSEEGEGKNPVDYIQGLLDLKSRFDRFLLESFNNDRLFKQTIAGDFEYFLNLNSRSPEYLSLFIDDKLKKGV
KGLTEQEVETILDKAMVLFRFMQEKDVFERYYKQHLARRLLTNKSVSDDSEKNMISKLKTECGCQFTSKLEGMFRDMSIS
NTTMDEFRQHLQATGVSLGGVDLTVRVLTTGYWPTQSATPKCNIPPAPRHAFEIFRRFYLAKHSGRQLTLQHHMGSADLN
ATFYGPVKKEDGSEVGVGGAQVTGSNTRKHILQVSTFQMTILMLFNNREKYTFEEIQQETDIPERELVRALQSLACGKPT
QRVLTKEPKSKEIENGHIFTVNDQFTSKLHRVKIQTVAAKQGESDPERKETRQKVDDDRKHEIEAAIVRIMKSRKKMQHN
VLVAEVTQQLKARFLPSPVVIKKRIEGLIEREYLARTPEDRKVYTYVA
;
C,F
3 'polypeptide(L)'
;MSTQDERQINTEYAVSLLEQLKLFYEQQLFTDIVLIVEGTEFPCHKMVLATCSSYFRAMFMSGLSESKQTHVHLRNVDAA
TLQIIITYAYTGNLAMNDSTVEQLYETACFLQVEDVLQRCREYLIKKINAENCVRLLSFADLFSCEELKQSAKRMVEHKF
TAVYHQDAFMQLSHDLLIDILSSDNLNVEKEETVREAAMLWLEYNTESRSQYLSSVLSQIRIDALSEVTQRAWFQGLPPN
DKSVVVQGLYKSMPKFFKPRLGMTKEEMMIFIEASSENPCSLYSSVCYSPQAEKVYKLCSPPADLHKVGTVVTPDNDIYI
AGGQVPLKNTKTNHSKTSKLQTAFRTVNCFYWFDAQQNTWFPKTPMLFVRIKPSLVCCEGYIYAIGGDSVGGELNRRTVE
RYDTEKDEWTMVSPLPCAWQWSAAVVVHDCIYVMTLNLMYCYFPRSDSWVEMAMRQTSRSFASAAAFGDKIFYIGGLHIA
TNSGIRLPSGTVDGSSVTVEIYDVNKNEWKMAANIPAKRYSDPCVRAVVISNSLCVFMRETHLNERAKYVTYQYDLELDR
WSLRQHISERVLWDLGRDFRCTVGKLYPSCLEESPWKPPTYLFSTDGTEEFELDGEMVALPPV
;
A,B
#
loop_
_chem_comp.id
_chem_comp.type
_chem_comp.name
_chem_comp.formula
ZN non-polymer 'ZINC ION' 'Zn 2'
#
# COMPACT_ATOMS: atom_id res chain seq x y z
N LYS A 20 -107.25 2.13 47.57
CA LYS A 20 -106.42 1.92 48.76
C LYS A 20 -105.67 3.19 49.13
N ARG A 21 -105.03 3.16 50.30
CA ARG A 21 -104.30 4.33 50.79
C ARG A 21 -102.82 4.31 50.41
N PHE A 22 -102.22 3.13 50.32
CA PHE A 22 -100.81 2.99 49.93
C PHE A 22 -100.71 1.93 48.86
N GLU A 23 -100.16 2.29 47.70
CA GLU A 23 -100.02 1.37 46.58
C GLU A 23 -98.56 1.37 46.12
N VAL A 24 -98.01 0.18 45.94
CA VAL A 24 -96.61 0.03 45.52
C VAL A 24 -96.53 0.24 44.01
N LYS A 25 -95.63 1.14 43.61
CA LYS A 25 -95.40 1.42 42.19
C LYS A 25 -94.14 0.72 41.67
N LYS A 26 -93.01 0.97 42.31
CA LYS A 26 -91.74 0.37 41.92
C LYS A 26 -91.27 -0.64 42.97
N TRP A 27 -90.38 -1.54 42.54
CA TRP A 27 -89.79 -2.50 43.44
C TRP A 27 -88.35 -2.74 43.01
N ASN A 28 -87.43 -3.08 43.86
CA ASN A 28 -86.11 -3.36 43.29
C ASN A 28 -85.40 -4.51 43.94
N ALA A 29 -86.10 -5.61 44.10
CA ALA A 29 -85.49 -6.75 44.75
C ALA A 29 -84.21 -7.21 44.09
N VAL A 30 -83.36 -7.88 44.83
CA VAL A 30 -82.21 -8.39 44.18
C VAL A 30 -82.33 -9.83 44.43
N ALA A 31 -82.24 -10.59 43.37
CA ALA A 31 -82.47 -12.03 43.43
C ALA A 31 -81.15 -12.78 43.29
N LEU A 32 -80.81 -13.59 44.31
CA LEU A 32 -79.57 -14.41 44.24
C LEU A 32 -79.86 -15.80 43.64
N TRP A 33 -78.85 -16.52 43.12
CA TRP A 33 -79.07 -17.83 42.45
C TRP A 33 -77.97 -18.85 42.77
N ALA A 34 -78.12 -20.09 42.26
CA ALA A 34 -77.10 -21.15 42.46
C ALA A 34 -77.38 -22.30 41.48
N TRP A 35 -76.59 -22.46 40.41
CA TRP A 35 -76.88 -23.50 39.38
C TRP A 35 -76.41 -24.89 39.84
N ASP A 36 -77.13 -25.94 39.45
CA ASP A 36 -76.75 -27.33 39.80
C ASP A 36 -76.25 -28.04 38.53
N ILE A 37 -74.94 -28.20 38.35
CA ILE A 37 -74.45 -28.79 37.06
C ILE A 37 -74.90 -30.23 36.93
N VAL A 38 -75.39 -30.61 35.74
CA VAL A 38 -75.78 -31.98 35.43
C VAL A 38 -75.71 -32.85 36.66
N VAL A 39 -76.69 -32.70 37.53
CA VAL A 39 -76.64 -33.40 38.81
C VAL A 39 -76.98 -34.86 38.64
N ASP A 40 -76.09 -35.61 38.01
CA ASP A 40 -76.46 -36.99 37.73
C ASP A 40 -75.22 -37.82 37.61
N ASN A 41 -74.05 -37.19 37.67
CA ASN A 41 -72.81 -37.96 37.66
C ASN A 41 -71.63 -37.09 38.03
N CYS A 42 -70.45 -37.70 38.06
CA CYS A 42 -69.23 -36.95 38.39
C CYS A 42 -68.24 -37.08 37.24
N ALA A 43 -67.62 -35.98 36.85
CA ALA A 43 -66.73 -36.02 35.69
C ALA A 43 -65.32 -36.56 36.00
N ILE A 44 -65.00 -36.73 37.27
CA ILE A 44 -63.69 -37.23 37.67
C ILE A 44 -63.64 -38.76 37.78
N CYS A 45 -64.63 -39.35 38.45
CA CYS A 45 -64.61 -40.82 38.68
C CYS A 45 -65.75 -41.51 37.92
N ARG A 46 -66.68 -40.73 37.34
CA ARG A 46 -67.80 -41.29 36.56
C ARG A 46 -68.61 -42.28 37.41
N ASN A 47 -69.36 -41.77 38.39
CA ASN A 47 -70.23 -42.65 39.22
C ASN A 47 -71.61 -41.99 39.40
N HIS A 48 -71.67 -40.87 40.12
CA HIS A 48 -72.94 -40.13 40.33
C HIS A 48 -72.59 -38.76 40.91
N ILE A 49 -73.57 -37.86 41.10
CA ILE A 49 -73.25 -36.58 41.79
C ILE A 49 -73.04 -36.93 43.27
N MET A 50 -73.83 -37.87 43.79
CA MET A 50 -73.63 -38.35 45.18
C MET A 50 -73.51 -39.87 45.12
N ASP A 51 -74.27 -40.60 45.94
CA ASP A 51 -74.27 -42.09 45.90
C ASP A 51 -72.84 -42.64 45.94
N LEU A 52 -71.93 -42.00 46.70
CA LEU A 52 -70.53 -42.47 46.89
C LEU A 52 -69.66 -42.32 45.62
N CYS A 53 -68.38 -42.69 45.69
CA CYS A 53 -67.43 -42.52 44.59
C CYS A 53 -66.68 -43.82 44.29
N ILE A 54 -65.59 -43.74 43.51
CA ILE A 54 -64.77 -44.96 43.22
C ILE A 54 -63.91 -45.27 44.45
N GLU A 55 -63.52 -44.23 45.19
CA GLU A 55 -62.68 -44.42 46.41
C GLU A 55 -63.58 -44.78 47.59
N CYS A 56 -64.85 -45.08 47.33
CA CYS A 56 -65.81 -45.42 48.41
C CYS A 56 -66.67 -46.62 47.99
N GLN A 57 -66.42 -47.17 46.79
CA GLN A 57 -67.15 -48.37 46.33
C GLN A 57 -66.13 -49.50 46.11
N ALA A 58 -65.01 -49.19 45.46
CA ALA A 58 -63.97 -50.21 45.18
C ALA A 58 -62.90 -50.17 46.28
N ASN A 59 -62.47 -48.97 46.67
CA ASN A 59 -61.40 -48.84 47.71
C ASN A 59 -61.86 -49.52 49.00
N GLN A 60 -63.00 -49.10 49.55
CA GLN A 60 -63.55 -49.74 50.78
C GLN A 60 -65.03 -50.04 50.58
N ALA A 61 -65.63 -50.86 51.45
CA ALA A 61 -67.02 -51.25 51.29
C ALA A 61 -67.85 -50.64 52.40
N SER A 62 -67.29 -50.60 53.61
CA SER A 62 -68.01 -50.03 54.74
C SER A 62 -68.79 -48.80 54.34
N ALA A 63 -68.11 -47.82 53.77
CA ALA A 63 -68.76 -46.58 53.37
C ALA A 63 -69.58 -45.99 54.51
N THR A 64 -69.25 -46.35 55.74
CA THR A 64 -70.00 -45.87 56.89
C THR A 64 -69.40 -44.58 57.42
N SER A 65 -70.20 -43.79 58.13
CA SER A 65 -69.71 -42.52 58.67
C SER A 65 -68.85 -41.84 57.63
N GLU A 66 -69.35 -41.72 56.41
CA GLU A 66 -68.57 -41.13 55.34
C GLU A 66 -69.16 -39.81 54.89
N GLU A 67 -68.62 -38.70 55.38
CA GLU A 67 -69.10 -37.41 54.91
C GLU A 67 -68.70 -37.28 53.46
N CYS A 68 -68.34 -38.39 52.84
CA CYS A 68 -68.02 -38.36 51.42
C CYS A 68 -69.07 -37.57 50.62
N THR A 69 -68.98 -36.24 50.65
CA THR A 69 -70.00 -35.36 50.06
C THR A 69 -69.61 -34.68 48.72
N VAL A 70 -70.50 -33.86 48.15
CA VAL A 70 -70.24 -33.22 46.86
C VAL A 70 -69.53 -31.89 47.07
N ALA A 71 -68.57 -31.58 46.20
CA ALA A 71 -67.86 -30.31 46.28
C ALA A 71 -68.25 -29.36 45.14
N TRP A 72 -68.49 -28.10 45.49
CA TRP A 72 -68.93 -27.08 44.54
C TRP A 72 -67.87 -26.03 44.29
N GLY A 73 -67.47 -25.88 43.03
CA GLY A 73 -66.47 -24.88 42.65
C GLY A 73 -67.06 -23.51 42.35
N VAL A 74 -66.19 -22.52 42.17
CA VAL A 74 -66.63 -21.17 41.78
C VAL A 74 -67.05 -21.19 40.31
N CYS A 75 -66.40 -22.06 39.53
CA CYS A 75 -66.77 -22.31 38.14
C CYS A 75 -68.10 -23.05 38.05
N ASN A 76 -68.68 -23.35 39.21
CA ASN A 76 -70.01 -23.95 39.35
C ASN A 76 -70.13 -25.42 38.91
N HIS A 77 -68.99 -26.04 38.61
CA HIS A 77 -68.96 -27.47 38.38
C HIS A 77 -69.06 -28.22 39.70
N ALA A 78 -69.35 -29.50 39.64
CA ALA A 78 -69.50 -30.28 40.85
C ALA A 78 -68.90 -31.67 40.70
N PHE A 79 -68.25 -32.13 41.77
CA PHE A 79 -67.69 -33.48 41.86
C PHE A 79 -67.81 -33.96 43.29
N HIS A 80 -67.61 -35.27 43.52
CA HIS A 80 -67.46 -35.80 44.86
C HIS A 80 -66.28 -35.10 45.52
N PHE A 81 -66.45 -34.65 46.76
CA PHE A 81 -65.38 -33.96 47.46
C PHE A 81 -64.09 -34.74 47.29
N HIS A 82 -64.16 -36.05 47.56
CA HIS A 82 -63.01 -36.96 47.49
C HIS A 82 -62.31 -36.97 46.13
N CYS A 83 -63.08 -36.99 45.06
CA CYS A 83 -62.52 -37.12 43.70
C CYS A 83 -61.79 -35.89 43.20
N ILE A 84 -62.18 -34.72 43.72
CA ILE A 84 -61.47 -33.45 43.35
C ILE A 84 -60.26 -33.30 44.29
N SER A 85 -60.36 -33.83 45.51
CA SER A 85 -59.22 -33.76 46.47
C SER A 85 -58.09 -34.65 45.95
N ARG A 86 -58.43 -35.82 45.39
CA ARG A 86 -57.40 -36.73 44.82
C ARG A 86 -56.87 -36.13 43.53
N TRP A 87 -57.71 -35.37 42.82
CA TRP A 87 -57.28 -34.72 41.55
C TRP A 87 -56.39 -33.50 41.87
N LEU A 88 -56.56 -32.90 43.05
CA LEU A 88 -55.79 -31.68 43.42
C LEU A 88 -54.39 -32.07 43.89
N LYS A 89 -54.08 -33.37 43.90
CA LYS A 89 -52.72 -33.82 44.29
C LYS A 89 -51.73 -33.43 43.16
N THR A 90 -51.84 -34.08 42.00
CA THR A 90 -50.92 -33.80 40.88
C THR A 90 -51.32 -32.50 40.18
N ARG A 91 -52.50 -32.49 39.54
CA ARG A 91 -52.99 -31.28 38.84
C ARG A 91 -53.73 -30.38 39.83
N GLN A 92 -54.20 -29.21 39.39
CA GLN A 92 -54.92 -28.29 40.26
C GLN A 92 -55.74 -27.20 39.55
N VAL A 93 -56.34 -27.53 38.41
CA VAL A 93 -56.96 -26.50 37.56
C VAL A 93 -58.29 -26.87 36.89
N CYS A 94 -59.12 -27.64 37.59
CA CYS A 94 -60.48 -28.03 37.14
C CYS A 94 -60.58 -28.57 35.70
N PRO A 95 -60.88 -29.88 35.54
CA PRO A 95 -60.70 -30.57 34.27
C PRO A 95 -61.72 -30.19 33.18
N LEU A 96 -62.71 -29.37 33.53
CA LEU A 96 -63.82 -29.07 32.63
C LEU A 96 -63.81 -27.65 32.02
N ASP A 97 -62.73 -26.93 32.27
CA ASP A 97 -62.49 -25.61 31.64
C ASP A 97 -60.98 -25.32 31.63
N ASN A 98 -60.55 -24.43 32.53
CA ASN A 98 -59.12 -24.14 32.75
C ASN A 98 -58.91 -23.37 34.06
N ARG A 99 -59.97 -22.69 34.53
CA ARG A 99 -59.98 -21.95 35.79
C ARG A 99 -59.30 -22.71 36.93
N GLU A 100 -58.49 -22.00 37.72
CA GLU A 100 -57.74 -22.59 38.83
C GLU A 100 -58.62 -23.33 39.83
N TRP A 101 -59.90 -22.94 39.90
CA TRP A 101 -60.91 -23.61 40.73
C TRP A 101 -60.78 -23.31 42.23
N GLU A 102 -61.88 -22.90 42.84
CA GLU A 102 -61.92 -22.59 44.27
C GLU A 102 -62.61 -23.71 45.04
N PHE A 103 -63.36 -23.33 46.06
CA PHE A 103 -64.20 -24.24 46.84
C PHE A 103 -65.34 -23.39 47.40
N GLN A 104 -66.47 -23.36 46.70
CA GLN A 104 -67.56 -22.47 47.08
C GLN A 104 -68.73 -23.13 47.80
N LYS A 105 -68.63 -24.43 48.07
CA LYS A 105 -69.70 -25.15 48.75
C LYS A 105 -69.28 -26.56 49.16
N TYR A 106 -70.05 -27.15 50.07
CA TYR A 106 -69.85 -28.54 50.47
C TYR A 106 -71.21 -29.22 50.70
N GLY A 107 -71.51 -30.21 49.87
CA GLY A 107 -72.82 -30.88 49.88
C GLY A 107 -73.64 -30.44 48.68
N HIS A 108 -74.72 -31.17 48.39
CA HIS A 108 -75.59 -30.81 47.26
C HIS A 108 -76.46 -29.61 47.61
N LYS B 20 77.93 -56.35 -70.79
CA LYS B 20 77.60 -55.17 -71.58
C LYS B 20 78.25 -53.91 -70.99
N ARG B 21 78.18 -52.81 -71.74
CA ARG B 21 78.78 -51.56 -71.30
C ARG B 21 77.80 -50.66 -70.54
N PHE B 22 76.53 -50.69 -70.89
CA PHE B 22 75.49 -49.90 -70.22
C PHE B 22 74.32 -50.80 -69.89
N GLU B 23 73.96 -50.87 -68.60
CA GLU B 23 72.88 -51.72 -68.13
C GLU B 23 71.91 -50.88 -67.32
N VAL B 24 70.63 -51.00 -67.63
CA VAL B 24 69.59 -50.24 -66.93
C VAL B 24 69.29 -50.90 -65.60
N LYS B 25 69.34 -50.12 -64.52
CA LYS B 25 69.04 -50.59 -63.18
C LYS B 25 67.64 -50.19 -62.74
N LYS B 26 67.34 -48.90 -62.77
CA LYS B 26 66.04 -48.39 -62.37
C LYS B 26 65.28 -47.85 -63.58
N TRP B 27 63.96 -47.74 -63.43
CA TRP B 27 63.11 -47.16 -64.46
C TRP B 27 61.97 -46.42 -63.80
N ASN B 28 61.42 -45.40 -64.36
CA ASN B 28 60.27 -44.81 -63.64
C ASN B 28 59.17 -44.36 -64.53
N ALA B 29 58.76 -45.21 -65.45
CA ALA B 29 57.72 -44.83 -66.37
C ALA B 29 56.45 -44.40 -65.68
N VAL B 30 55.64 -43.62 -66.35
CA VAL B 30 54.40 -43.29 -65.75
C VAL B 30 53.44 -43.80 -66.73
N ALA B 31 52.51 -44.59 -66.24
CA ALA B 31 51.55 -45.28 -67.12
C ALA B 31 50.18 -44.63 -66.98
N LEU B 32 49.63 -44.15 -68.11
CA LEU B 32 48.24 -43.57 -68.09
C LEU B 32 47.20 -44.64 -68.45
N TRP B 33 45.91 -44.40 -68.15
CA TRP B 33 44.85 -45.44 -68.38
C TRP B 33 43.51 -44.83 -68.79
N ALA B 34 42.49 -45.68 -69.04
CA ALA B 34 41.13 -45.21 -69.39
C ALA B 34 40.14 -46.38 -69.28
N TRP B 35 39.29 -46.42 -68.24
CA TRP B 35 38.38 -47.59 -68.05
C TRP B 35 37.17 -47.53 -68.97
N ASP B 36 36.65 -48.69 -69.39
CA ASP B 36 35.43 -48.75 -70.22
C ASP B 36 34.31 -49.42 -69.42
N ILE B 37 33.29 -48.66 -68.99
CA ILE B 37 32.20 -49.24 -68.15
C ILE B 37 31.45 -50.27 -68.98
N VAL B 38 30.67 -51.15 -68.32
CA VAL B 38 29.87 -52.20 -69.00
C VAL B 38 29.76 -51.85 -70.49
N VAL B 39 30.61 -52.45 -71.34
CA VAL B 39 30.62 -52.14 -72.79
C VAL B 39 29.53 -52.95 -73.49
N ASP B 40 28.27 -52.79 -73.07
CA ASP B 40 27.18 -53.60 -73.66
C ASP B 40 25.87 -52.81 -73.74
N ASN B 41 25.54 -52.02 -72.71
CA ASN B 41 24.22 -51.33 -72.71
C ASN B 41 24.32 -49.88 -72.23
N CYS B 42 23.24 -49.11 -72.40
CA CYS B 42 23.21 -47.70 -71.92
C CYS B 42 22.62 -47.70 -70.51
N ALA B 43 22.21 -46.53 -69.99
CA ALA B 43 21.57 -46.48 -68.65
C ALA B 43 20.41 -45.48 -68.68
N ILE B 44 20.58 -44.35 -69.36
CA ILE B 44 19.48 -43.35 -69.49
C ILE B 44 18.41 -43.94 -70.43
N CYS B 45 18.82 -44.83 -71.33
CA CYS B 45 17.87 -45.41 -72.32
C CYS B 45 18.04 -46.94 -72.35
N ARG B 46 19.07 -47.46 -71.68
CA ARG B 46 19.32 -48.94 -71.63
C ARG B 46 19.11 -49.57 -73.00
N ASN B 47 19.90 -49.15 -74.00
CA ASN B 47 19.80 -49.75 -75.36
C ASN B 47 21.14 -50.44 -75.68
N HIS B 48 22.22 -49.66 -75.78
CA HIS B 48 23.57 -50.21 -76.08
C HIS B 48 24.61 -49.16 -75.72
N ILE B 49 25.90 -49.47 -75.86
CA ILE B 49 26.94 -48.43 -75.64
C ILE B 49 26.97 -47.58 -76.91
N MET B 50 26.97 -48.24 -78.08
CA MET B 50 26.92 -47.50 -79.37
C MET B 50 25.72 -48.01 -80.16
N ASP B 51 25.88 -48.27 -81.47
CA ASP B 51 24.78 -48.81 -82.32
C ASP B 51 23.54 -47.91 -82.22
N LEU B 52 23.71 -46.59 -82.39
CA LEU B 52 22.58 -45.61 -82.34
C LEU B 52 21.94 -45.60 -80.94
N CYS B 53 20.86 -44.81 -80.77
CA CYS B 53 20.20 -44.70 -79.44
C CYS B 53 18.69 -44.75 -79.63
N ILE B 54 17.91 -44.67 -78.54
CA ILE B 54 16.42 -44.75 -78.63
C ILE B 54 15.91 -43.54 -79.43
N GLU B 55 16.59 -42.40 -79.32
CA GLU B 55 16.20 -41.19 -80.11
C GLU B 55 16.88 -41.27 -81.49
N CYS B 56 17.20 -42.48 -81.95
CA CYS B 56 17.83 -42.67 -83.28
C CYS B 56 17.29 -43.95 -83.91
N GLN B 57 16.63 -44.78 -83.11
CA GLN B 57 15.99 -45.99 -83.65
C GLN B 57 14.50 -45.76 -83.66
N ALA B 58 14.05 -44.73 -82.95
CA ALA B 58 12.62 -44.45 -82.89
C ALA B 58 12.34 -43.03 -83.36
N ASN B 59 12.95 -42.06 -82.69
CA ASN B 59 12.77 -40.67 -83.10
C ASN B 59 12.79 -40.59 -84.61
N GLN B 60 13.79 -41.21 -85.22
CA GLN B 60 13.84 -41.26 -86.67
C GLN B 60 14.31 -42.63 -87.10
N ALA B 61 14.17 -42.94 -88.38
CA ALA B 61 14.63 -44.22 -88.88
C ALA B 61 15.88 -44.02 -89.71
N SER B 62 15.92 -42.93 -90.47
CA SER B 62 17.07 -42.65 -91.31
C SER B 62 18.36 -42.98 -90.60
N ALA B 63 18.57 -42.40 -89.43
CA ALA B 63 19.79 -42.64 -88.67
C ALA B 63 21.03 -42.42 -89.53
N THR B 64 20.90 -41.65 -90.59
CA THR B 64 22.01 -41.41 -91.49
C THR B 64 22.80 -40.19 -91.05
N SER B 65 24.05 -40.10 -91.46
CA SER B 65 24.89 -38.98 -91.08
C SER B 65 24.64 -38.62 -89.63
N GLU B 66 24.69 -39.62 -88.76
CA GLU B 66 24.40 -39.38 -87.36
C GLU B 66 25.63 -39.57 -86.50
N GLU B 67 26.31 -38.49 -86.15
CA GLU B 67 27.44 -38.61 -85.25
C GLU B 67 26.93 -39.04 -83.91
N CYS B 68 25.69 -39.52 -83.88
CA CYS B 68 25.14 -40.04 -82.62
C CYS B 68 26.13 -40.96 -81.90
N THR B 69 27.12 -40.38 -81.21
CA THR B 69 28.22 -41.14 -80.61
C THR B 69 28.15 -41.31 -79.07
N VAL B 70 29.14 -41.97 -78.46
CA VAL B 70 29.12 -42.22 -77.02
C VAL B 70 29.79 -41.07 -76.28
N ALA B 71 29.23 -40.70 -75.13
CA ALA B 71 29.82 -39.64 -74.30
C ALA B 71 30.47 -40.20 -73.03
N TRP B 72 31.67 -39.71 -72.73
CA TRP B 72 32.45 -40.18 -71.58
C TRP B 72 32.57 -39.11 -70.51
N GLY B 73 32.11 -39.43 -69.30
CA GLY B 73 32.20 -38.51 -68.17
C GLY B 73 33.50 -38.59 -67.41
N VAL B 74 33.71 -37.66 -66.48
CA VAL B 74 34.89 -37.69 -65.60
C VAL B 74 34.73 -38.81 -64.58
N CYS B 75 33.47 -39.07 -64.21
CA CYS B 75 33.11 -40.19 -63.33
C CYS B 75 33.29 -41.52 -64.06
N ASN B 76 33.72 -41.44 -65.32
CA ASN B 76 34.06 -42.60 -66.17
C ASN B 76 32.89 -43.47 -66.61
N HIS B 77 31.67 -43.01 -66.34
CA HIS B 77 30.49 -43.66 -66.88
C HIS B 77 30.34 -43.30 -68.36
N ALA B 78 29.49 -44.03 -69.06
CA ALA B 78 29.31 -43.80 -70.48
C ALA B 78 27.86 -43.95 -70.89
N PHE B 79 27.42 -43.06 -71.78
CA PHE B 79 26.09 -43.10 -72.37
C PHE B 79 26.16 -42.59 -73.81
N HIS B 80 25.12 -42.83 -74.60
CA HIS B 80 24.98 -42.18 -75.91
C HIS B 80 25.03 -40.67 -75.69
N PHE B 81 25.81 -39.97 -76.51
CA PHE B 81 25.90 -38.52 -76.38
C PHE B 81 24.50 -37.93 -76.23
N HIS B 82 23.61 -38.34 -77.15
CA HIS B 82 22.24 -37.86 -77.22
C HIS B 82 21.45 -38.06 -75.93
N CYS B 83 21.59 -39.23 -75.31
CA CYS B 83 20.79 -39.59 -74.13
C CYS B 83 21.18 -38.84 -72.86
N ILE B 84 22.45 -38.47 -72.75
CA ILE B 84 22.88 -37.67 -71.60
C ILE B 84 22.67 -36.18 -71.88
N SER B 85 22.84 -35.78 -73.14
CA SER B 85 22.58 -34.40 -73.56
C SER B 85 21.16 -33.99 -73.19
N ARG B 86 20.20 -34.86 -73.52
CA ARG B 86 18.77 -34.59 -73.23
C ARG B 86 18.52 -34.69 -71.73
N TRP B 87 19.38 -35.40 -71.00
CA TRP B 87 19.22 -35.54 -69.52
C TRP B 87 19.72 -34.27 -68.83
N LEU B 88 20.48 -33.43 -69.56
CA LEU B 88 21.02 -32.17 -68.96
C LEU B 88 19.94 -31.07 -69.01
N LYS B 89 18.76 -31.37 -69.54
CA LYS B 89 17.65 -30.39 -69.57
C LYS B 89 17.09 -30.22 -68.16
N THR B 90 16.39 -31.24 -67.65
CA THR B 90 15.79 -31.16 -66.29
C THR B 90 16.88 -31.33 -65.22
N ARG B 91 17.48 -32.52 -65.16
CA ARG B 91 18.57 -32.78 -64.17
C ARG B 91 19.92 -32.44 -64.82
N GLN B 92 21.03 -32.78 -64.15
CA GLN B 92 22.39 -32.52 -64.69
C GLN B 92 23.44 -33.07 -63.72
N VAL B 93 23.12 -34.16 -63.02
CA VAL B 93 24.04 -34.70 -62.00
C VAL B 93 24.35 -36.20 -62.07
N CYS B 94 24.43 -36.75 -63.29
CA CYS B 94 24.80 -38.16 -63.55
C CYS B 94 24.05 -39.22 -62.72
N PRO B 95 23.18 -40.01 -63.37
CA PRO B 95 22.20 -40.83 -62.65
C PRO B 95 22.78 -42.04 -61.90
N LEU B 96 24.08 -42.28 -62.06
CA LEU B 96 24.71 -43.49 -61.53
C LEU B 96 25.62 -43.28 -60.32
N ASP B 97 25.62 -42.06 -59.79
CA ASP B 97 26.31 -41.72 -58.55
C ASP B 97 25.68 -40.48 -57.91
N ASN B 98 26.34 -39.33 -58.03
CA ASN B 98 25.81 -38.03 -57.62
C ASN B 98 26.63 -36.88 -58.20
N ARG B 99 27.89 -37.17 -58.55
CA ARG B 99 28.81 -36.20 -59.17
C ARG B 99 28.14 -35.36 -60.26
N GLU B 100 28.44 -34.06 -60.27
CA GLU B 100 27.84 -33.13 -61.23
C GLU B 100 28.06 -33.53 -62.69
N TRP B 101 29.13 -34.30 -62.94
CA TRP B 101 29.42 -34.87 -64.26
C TRP B 101 29.98 -33.85 -65.25
N GLU B 102 31.10 -34.20 -65.88
CA GLU B 102 31.75 -33.34 -66.87
C GLU B 102 31.51 -33.86 -68.28
N PHE B 103 32.52 -33.74 -69.13
CA PHE B 103 32.52 -34.30 -70.47
C PHE B 103 33.98 -34.53 -70.83
N GLN B 104 34.47 -35.75 -70.61
CA GLN B 104 35.89 -36.02 -70.79
C GLN B 104 36.25 -36.77 -72.08
N LYS B 105 35.27 -37.04 -72.94
CA LYS B 105 35.52 -37.75 -74.18
C LYS B 105 34.31 -37.75 -75.10
N TYR B 106 34.55 -38.05 -76.38
CA TYR B 106 33.48 -38.22 -77.36
C TYR B 106 33.80 -39.37 -78.31
N GLY B 107 33.00 -40.43 -78.25
CA GLY B 107 33.24 -41.65 -79.01
C GLY B 107 33.73 -42.75 -78.08
N HIS B 108 33.72 -44.00 -78.57
CA HIS B 108 34.18 -45.13 -77.76
C HIS B 108 35.72 -45.15 -77.68
N MET C 25 47.12 12.12 28.30
CA MET C 25 48.46 12.69 28.41
C MET C 25 48.91 12.77 29.85
N ASP C 26 49.81 13.70 30.14
CA ASP C 26 50.32 13.86 31.49
C ASP C 26 49.25 14.46 32.40
N GLU C 27 49.50 14.36 33.71
CA GLU C 27 48.54 14.88 34.69
C GLU C 27 48.53 16.41 34.72
N LYS C 28 49.63 17.06 34.33
CA LYS C 28 49.66 18.52 34.35
C LYS C 28 48.71 19.11 33.33
N TYR C 29 48.61 18.49 32.16
CA TYR C 29 47.71 19.00 31.12
C TYR C 29 46.25 18.92 31.56
N VAL C 30 45.83 17.77 32.08
CA VAL C 30 44.45 17.63 32.51
C VAL C 30 44.17 18.48 33.74
N ASN C 31 45.18 18.67 34.60
CA ASN C 31 44.99 19.56 35.75
C ASN C 31 44.78 20.99 35.31
N SER C 32 45.56 21.46 34.33
CA SER C 32 45.37 22.81 33.83
C SER C 32 44.03 22.96 33.13
N ILE C 33 43.62 21.94 32.38
CA ILE C 33 42.31 21.96 31.71
C ILE C 33 41.20 22.08 32.75
N TRP C 34 41.27 21.26 33.81
CA TRP C 34 40.25 21.32 34.85
C TRP C 34 40.28 22.66 35.58
N ASP C 35 41.47 23.21 35.78
CA ASP C 35 41.56 24.51 36.47
C ASP C 35 40.91 25.61 35.64
N LEU C 36 41.18 25.64 34.34
CA LEU C 36 40.56 26.67 33.50
C LEU C 36 39.06 26.44 33.37
N LEU C 37 38.62 25.18 33.34
CA LEU C 37 37.18 24.91 33.29
C LEU C 37 36.49 25.35 34.57
N LYS C 38 37.13 25.12 35.72
CA LYS C 38 36.58 25.59 36.99
C LYS C 38 36.53 27.11 37.05
N ASN C 39 37.57 27.77 36.55
CA ASN C 39 37.56 29.23 36.49
C ASN C 39 36.42 29.73 35.62
N ALA C 40 36.20 29.08 34.46
CA ALA C 40 35.12 29.50 33.58
C ALA C 40 33.76 29.26 34.22
N ILE C 41 33.59 28.13 34.92
CA ILE C 41 32.33 27.86 35.58
C ILE C 41 32.06 28.88 36.68
N GLN C 42 33.08 29.23 37.45
CA GLN C 42 32.92 30.25 38.48
C GLN C 42 32.59 31.61 37.88
N GLU C 43 33.22 31.95 36.75
CA GLU C 43 32.91 33.21 36.08
C GLU C 43 31.49 33.22 35.56
N ILE C 44 31.00 32.07 35.10
CA ILE C 44 29.61 31.97 34.64
C ILE C 44 28.66 32.14 35.81
N GLN C 45 28.96 31.51 36.94
CA GLN C 45 28.08 31.58 38.11
C GLN C 45 28.07 32.97 38.73
N ARG C 46 29.02 33.84 38.39
CA ARG C 46 29.08 35.20 38.92
C ARG C 46 28.37 36.20 38.01
N LYS C 47 27.37 35.76 37.24
CA LYS C 47 26.58 36.63 36.38
C LYS C 47 27.46 37.37 35.37
N ASN C 48 28.47 36.69 34.86
CA ASN C 48 29.39 37.24 33.86
C ASN C 48 29.58 36.27 32.72
N ASN C 49 28.48 35.71 32.22
CA ASN C 49 28.50 34.76 31.13
C ASN C 49 28.50 35.42 29.75
N SER C 50 28.71 36.74 29.69
CA SER C 50 28.69 37.44 28.41
C SER C 50 30.01 37.24 27.65
N GLY C 51 31.11 37.67 28.24
CA GLY C 51 32.40 37.54 27.59
C GLY C 51 33.10 36.24 27.92
N LEU C 52 32.53 35.12 27.48
CA LEU C 52 33.09 33.80 27.74
C LEU C 52 32.77 32.89 26.56
N SER C 53 33.76 32.10 26.15
CA SER C 53 33.63 31.24 24.98
C SER C 53 33.09 29.86 25.38
N PHE C 54 32.26 29.31 24.50
CA PHE C 54 31.63 28.00 24.73
C PHE C 54 32.32 26.88 23.97
N GLU C 55 32.83 27.15 22.76
CA GLU C 55 33.49 26.11 21.98
C GLU C 55 34.74 25.62 22.70
N GLU C 56 35.48 26.53 23.35
CA GLU C 56 36.66 26.12 24.10
C GLU C 56 36.29 25.19 25.25
N LEU C 57 35.23 25.55 26.00
CA LEU C 57 34.80 24.71 27.12
C LEU C 57 34.30 23.36 26.64
N TYR C 58 33.58 23.34 25.51
CA TYR C 58 33.09 22.06 24.99
C TYR C 58 34.25 21.18 24.54
N ARG C 59 35.24 21.77 23.87
CA ARG C 59 36.40 20.99 23.44
C ARG C 59 37.20 20.48 24.64
N ASN C 60 37.28 21.29 25.70
CA ASN C 60 37.99 20.84 26.90
C ASN C 60 37.24 19.72 27.59
N ALA C 61 35.91 19.81 27.66
CA ALA C 61 35.13 18.70 28.20
C ALA C 61 35.30 17.45 27.35
N TYR C 62 35.37 17.62 26.03
CA TYR C 62 35.62 16.49 25.14
C TYR C 62 36.94 15.81 25.46
N THR C 63 38.03 16.58 25.49
CA THR C 63 39.34 16.00 25.74
C THR C 63 39.49 15.54 27.20
N MET C 64 38.60 15.98 28.09
CA MET C 64 38.65 15.52 29.47
C MET C 64 37.95 14.18 29.64
N VAL C 65 36.69 14.09 29.19
CA VAL C 65 35.95 12.84 29.29
C VAL C 65 36.53 11.78 28.35
N LEU C 66 37.23 12.19 27.29
CA LEU C 66 37.81 11.24 26.35
C LEU C 66 38.88 10.38 27.02
N HIS C 67 39.69 10.98 27.88
CA HIS C 67 40.78 10.28 28.54
C HIS C 67 40.34 9.46 29.74
N LYS C 68 39.03 9.23 29.89
CA LYS C 68 38.48 8.40 30.97
C LYS C 68 38.82 8.98 32.34
N HIS C 69 38.55 10.27 32.51
CA HIS C 69 38.73 10.97 33.77
C HIS C 69 37.43 11.67 34.18
N GLY C 70 36.29 11.03 33.91
CA GLY C 70 35.01 11.63 34.22
C GLY C 70 34.72 11.70 35.71
N GLU C 71 35.28 10.76 36.48
CA GLU C 71 35.04 10.76 37.92
C GLU C 71 35.63 12.00 38.58
N LYS C 72 36.85 12.35 38.22
CA LYS C 72 37.48 13.55 38.77
C LYS C 72 36.70 14.80 38.38
N LEU C 73 36.24 14.86 37.12
CA LEU C 73 35.47 16.01 36.67
C LEU C 73 34.15 16.13 37.44
N TYR C 74 33.48 15.00 37.66
CA TYR C 74 32.21 15.01 38.39
C TYR C 74 32.42 15.43 39.84
N THR C 75 33.45 14.89 40.48
CA THR C 75 33.73 15.26 41.87
C THR C 75 34.09 16.74 41.98
N GLY C 76 34.91 17.25 41.06
CA GLY C 76 35.25 18.66 41.09
C GLY C 76 34.04 19.55 40.83
N LEU C 77 33.16 19.14 39.92
CA LEU C 77 31.94 19.89 39.68
C LEU C 77 31.08 19.96 40.94
N ARG C 78 30.87 18.82 41.59
CA ARG C 78 30.10 18.80 42.82
C ARG C 78 30.72 19.70 43.87
N GLU C 79 32.03 19.62 44.04
CA GLU C 79 32.70 20.43 45.05
C GLU C 79 32.56 21.91 44.75
N VAL C 80 32.79 22.31 43.49
CA VAL C 80 32.69 23.72 43.12
C VAL C 80 31.27 24.22 43.31
N VAL C 81 30.27 23.42 42.92
CA VAL C 81 28.89 23.86 43.04
C VAL C 81 28.50 24.03 44.51
N THR C 82 28.84 23.05 45.35
CA THR C 82 28.46 23.16 46.76
C THR C 82 29.22 24.28 47.45
N GLU C 83 30.48 24.52 47.06
CA GLU C 83 31.25 25.62 47.65
C GLU C 83 30.65 26.97 47.26
N HIS C 84 30.32 27.14 45.97
CA HIS C 84 29.69 28.38 45.52
C HIS C 84 28.37 28.60 46.23
N LEU C 85 27.57 27.54 46.38
CA LEU C 85 26.29 27.67 47.08
C LEU C 85 26.49 28.13 48.51
N ILE C 86 27.29 27.37 49.28
CA ILE C 86 27.50 27.69 50.70
C ILE C 86 28.09 29.08 50.87
N ASN C 87 28.91 29.53 49.91
CA ASN C 87 29.53 30.85 50.07
C ASN C 87 28.56 31.97 49.71
N LYS C 88 27.79 31.82 48.64
CA LYS C 88 26.95 32.91 48.15
C LYS C 88 25.53 32.86 48.71
N VAL C 89 24.80 31.79 48.40
CA VAL C 89 23.36 31.82 48.66
C VAL C 89 23.06 31.51 50.13
N ARG C 90 23.86 30.64 50.75
CA ARG C 90 23.67 30.38 52.18
C ARG C 90 23.92 31.63 53.01
N GLU C 91 24.81 32.50 52.55
CA GLU C 91 25.05 33.76 53.25
C GLU C 91 23.98 34.80 52.90
N ASP C 92 23.56 34.86 51.63
CA ASP C 92 22.57 35.84 51.21
C ASP C 92 21.21 35.60 51.86
N VAL C 93 20.78 34.34 51.93
CA VAL C 93 19.49 34.02 52.53
C VAL C 93 19.50 34.34 54.03
N LEU C 94 20.57 33.94 54.73
CA LEU C 94 20.64 34.20 56.16
C LEU C 94 20.83 35.69 56.44
N ASN C 95 21.38 36.45 55.49
CA ASN C 95 21.55 37.88 55.68
C ASN C 95 20.27 38.67 55.43
N SER C 96 19.35 38.13 54.64
CA SER C 96 18.10 38.81 54.33
C SER C 96 16.90 37.96 54.71
N LEU C 97 16.93 37.37 55.91
CA LEU C 97 15.84 36.51 56.36
C LEU C 97 14.59 37.30 56.73
N ASN C 98 14.69 38.62 56.87
CA ASN C 98 13.54 39.44 57.24
C ASN C 98 13.20 40.52 56.21
N ASN C 99 14.14 40.89 55.33
CA ASN C 99 13.90 41.90 54.30
C ASN C 99 13.76 41.16 52.96
N ASN C 100 12.51 40.88 52.58
CA ASN C 100 12.19 40.18 51.34
C ASN C 100 12.88 38.82 51.31
N PHE C 101 12.54 37.98 52.29
CA PHE C 101 13.13 36.66 52.40
C PHE C 101 12.74 35.79 51.21
N LEU C 102 11.44 35.63 50.98
CA LEU C 102 10.98 34.77 49.89
C LEU C 102 11.36 35.34 48.52
N GLN C 103 11.38 36.67 48.39
CA GLN C 103 11.75 37.28 47.12
C GLN C 103 13.22 36.99 46.80
N THR C 104 14.10 37.17 47.79
CA THR C 104 15.52 36.87 47.58
C THR C 104 15.73 35.37 47.36
N LEU C 105 14.96 34.52 48.03
CA LEU C 105 15.07 33.09 47.78
C LEU C 105 14.69 32.73 46.36
N ASN C 106 13.59 33.31 45.86
CA ASN C 106 13.18 33.06 44.48
C ASN C 106 14.20 33.60 43.49
N GLN C 107 14.79 34.76 43.80
CA GLN C 107 15.82 35.33 42.91
C GLN C 107 17.05 34.43 42.86
N ALA C 108 17.47 33.93 44.02
CA ALA C 108 18.61 33.01 44.05
C ALA C 108 18.30 31.72 43.31
N TRP C 109 17.08 31.22 43.45
CA TRP C 109 16.68 30.02 42.71
C TRP C 109 16.72 30.27 41.20
N ASN C 110 16.22 31.42 40.76
CA ASN C 110 16.23 31.72 39.33
C ASN C 110 17.65 31.88 38.81
N ASP C 111 18.54 32.50 39.60
CA ASP C 111 19.93 32.63 39.18
C ASP C 111 20.60 31.27 39.09
N HIS C 112 20.41 30.42 40.10
CA HIS C 112 20.93 29.07 40.06
C HIS C 112 20.43 28.31 38.84
N GLN C 113 19.15 28.45 38.51
CA GLN C 113 18.58 27.73 37.37
C GLN C 113 19.17 28.24 36.06
N THR C 114 19.27 29.57 35.91
CA THR C 114 19.75 30.12 34.65
C THR C 114 21.24 29.87 34.45
N ALA C 115 21.99 29.65 35.54
CA ALA C 115 23.38 29.24 35.38
C ALA C 115 23.48 27.75 35.10
N MET C 116 22.70 26.94 35.82
CA MET C 116 22.73 25.50 35.62
C MET C 116 22.19 25.12 34.26
N VAL C 117 21.50 26.04 33.57
CA VAL C 117 21.14 25.77 32.17
C VAL C 117 22.38 25.46 31.34
N MET C 118 23.31 26.41 31.25
CA MET C 118 24.54 26.20 30.49
C MET C 118 25.45 25.17 31.15
N ILE C 119 25.52 25.19 32.49
CA ILE C 119 26.31 24.20 33.22
C ILE C 119 25.83 22.80 32.85
N ARG C 120 24.52 22.60 32.84
CA ARG C 120 23.94 21.31 32.50
C ARG C 120 24.13 21.00 31.02
N ASP C 121 24.13 22.02 30.16
CA ASP C 121 24.39 21.77 28.74
C ASP C 121 25.76 21.11 28.56
N ILE C 122 26.80 21.77 29.06
CA ILE C 122 28.15 21.23 28.93
C ILE C 122 28.24 19.86 29.60
N LEU C 123 27.86 19.80 30.88
CA LEU C 123 28.00 18.56 31.62
C LEU C 123 26.91 17.55 31.27
N MET C 124 26.04 17.87 30.32
CA MET C 124 25.13 16.87 29.75
C MET C 124 25.78 16.19 28.56
N TYR C 125 26.55 16.96 27.78
CA TYR C 125 27.47 16.31 26.87
C TYR C 125 28.30 15.29 27.64
N MET C 126 28.75 15.69 28.84
CA MET C 126 29.46 14.76 29.72
C MET C 126 28.55 13.67 30.25
N ASP C 127 27.31 14.05 30.60
CA ASP C 127 26.39 13.16 31.29
C ASP C 127 26.00 11.97 30.43
N ARG C 128 25.88 12.17 29.11
CA ARG C 128 25.51 11.07 28.22
C ARG C 128 26.36 9.84 28.53
N VAL C 129 27.67 9.95 28.30
CA VAL C 129 28.58 8.84 28.52
C VAL C 129 28.63 8.49 30.01
N TYR C 130 28.74 9.50 30.87
CA TYR C 130 28.98 9.21 32.29
C TYR C 130 27.81 8.46 32.93
N VAL C 131 26.59 8.97 32.80
CA VAL C 131 25.45 8.37 33.47
C VAL C 131 24.95 7.15 32.70
N GLN C 132 25.33 7.00 31.43
CA GLN C 132 25.00 5.76 30.74
C GLN C 132 26.02 4.68 31.07
N GLN C 133 27.16 5.06 31.64
CA GLN C 133 28.17 4.09 32.02
C GLN C 133 28.25 3.91 33.52
N ASN C 134 28.28 5.00 34.29
CA ASN C 134 28.47 4.93 35.73
C ASN C 134 27.17 4.81 36.51
N ASN C 135 26.03 4.96 35.83
CA ASN C 135 24.72 4.83 36.47
C ASN C 135 24.57 5.78 37.66
N VAL C 136 24.60 7.09 37.39
CA VAL C 136 24.40 8.10 38.41
C VAL C 136 23.43 9.15 37.88
N GLU C 137 22.97 10.02 38.78
CA GLU C 137 22.06 11.09 38.40
C GLU C 137 22.78 12.10 37.50
N ASN C 138 22.00 12.80 36.67
CA ASN C 138 22.56 13.80 35.78
C ASN C 138 23.01 15.03 36.58
N VAL C 139 23.69 15.96 35.89
CA VAL C 139 24.24 17.11 36.58
C VAL C 139 23.15 18.10 36.96
N TYR C 140 22.05 18.14 36.19
CA TYR C 140 20.90 18.95 36.60
C TYR C 140 20.30 18.40 37.89
N ASN C 141 20.10 17.08 37.94
CA ASN C 141 19.65 16.45 39.18
C ASN C 141 20.65 16.61 40.30
N LEU C 142 21.95 16.57 39.99
CA LEU C 142 22.96 16.78 41.01
C LEU C 142 22.88 18.19 41.60
N GLY C 143 22.71 19.20 40.73
CA GLY C 143 22.55 20.55 41.23
C GLY C 143 21.28 20.73 42.05
N LEU C 144 20.19 20.12 41.59
CA LEU C 144 18.94 20.18 42.36
C LEU C 144 19.11 19.55 43.73
N ILE C 145 19.78 18.40 43.79
CA ILE C 145 19.97 17.71 45.07
C ILE C 145 20.86 18.53 46.00
N ILE C 146 21.96 19.07 45.47
CA ILE C 146 22.85 19.83 46.33
C ILE C 146 22.20 21.13 46.79
N PHE C 147 21.35 21.74 45.95
CA PHE C 147 20.61 22.91 46.38
C PHE C 147 19.62 22.56 47.48
N ARG C 148 18.87 21.48 47.30
CA ARG C 148 17.94 21.02 48.34
C ARG C 148 18.67 20.76 49.65
N ASP C 149 19.88 20.21 49.56
CA ASP C 149 20.62 19.85 50.77
C ASP C 149 21.25 21.06 51.45
N GLN C 150 21.66 22.07 50.68
CA GLN C 150 22.43 23.16 51.26
C GLN C 150 21.64 24.45 51.47
N VAL C 151 20.43 24.57 50.92
CA VAL C 151 19.68 25.82 51.06
C VAL C 151 18.34 25.57 51.72
N VAL C 152 17.50 24.74 51.10
CA VAL C 152 16.14 24.56 51.57
C VAL C 152 16.11 23.75 52.86
N ARG C 153 16.82 22.62 52.88
CA ARG C 153 16.86 21.74 54.04
C ARG C 153 17.95 22.15 55.04
N TYR C 154 18.37 23.41 55.02
CA TYR C 154 19.36 23.87 55.99
C TYR C 154 18.77 23.84 57.40
N GLY C 155 19.67 23.81 58.38
CA GLY C 155 19.24 23.68 59.77
C GLY C 155 18.43 24.88 60.25
N CYS C 156 18.64 26.04 59.65
CA CYS C 156 17.96 27.27 60.03
C CYS C 156 17.03 27.81 58.97
N ILE C 157 17.37 27.64 57.68
CA ILE C 157 16.55 28.20 56.62
C ILE C 157 15.21 27.47 56.51
N ARG C 158 15.22 26.16 56.77
CA ARG C 158 14.00 25.37 56.62
C ARG C 158 12.92 25.82 57.60
N ASP C 159 13.27 25.89 58.88
CA ASP C 159 12.29 26.30 59.88
C ASP C 159 11.84 27.75 59.69
N HIS C 160 12.76 28.62 59.27
CA HIS C 160 12.38 30.01 59.03
C HIS C 160 11.39 30.12 57.88
N LEU C 161 11.67 29.41 56.78
CA LEU C 161 10.75 29.39 55.65
C LEU C 161 9.39 28.83 56.05
N ARG C 162 9.39 27.73 56.82
CA ARG C 162 8.14 27.14 57.28
C ARG C 162 7.34 28.15 58.10
N GLN C 163 7.99 28.79 59.07
CA GLN C 163 7.30 29.73 59.94
C GLN C 163 6.76 30.92 59.16
N THR C 164 7.55 31.47 58.23
CA THR C 164 7.08 32.65 57.51
C THR C 164 5.96 32.30 56.55
N LEU C 165 6.01 31.12 55.91
CA LEU C 165 4.92 30.74 55.02
C LEU C 165 3.64 30.46 55.80
N LEU C 166 3.76 29.82 56.96
CA LEU C 166 2.59 29.62 57.81
C LEU C 166 2.00 30.95 58.26
N ASP C 167 2.86 31.89 58.66
CA ASP C 167 2.39 33.18 59.13
C ASP C 167 1.66 33.92 58.01
N MET C 168 2.23 33.93 56.80
CA MET C 168 1.60 34.69 55.73
C MET C 168 0.32 34.02 55.25
N ILE C 169 0.27 32.68 55.22
CA ILE C 169 -0.97 32.03 54.81
C ILE C 169 -2.04 32.20 55.88
N ALA C 170 -1.67 32.26 57.15
CA ALA C 170 -2.65 32.52 58.20
C ALA C 170 -3.18 33.95 58.11
N ARG C 171 -2.29 34.91 57.85
CA ARG C 171 -2.74 36.29 57.67
C ARG C 171 -3.62 36.44 56.44
N GLU C 172 -3.36 35.66 55.40
CA GLU C 172 -4.25 35.67 54.24
C GLU C 172 -5.61 35.08 54.59
N ARG C 173 -5.63 33.98 55.34
CA ARG C 173 -6.89 33.38 55.75
C ARG C 173 -7.68 34.26 56.72
N LYS C 174 -7.00 35.15 57.45
CA LYS C 174 -7.71 36.01 58.40
C LYS C 174 -8.65 36.98 57.70
N GLY C 175 -8.35 37.34 56.45
CA GLY C 175 -9.23 38.21 55.70
C GLY C 175 -8.51 39.26 54.85
N GLU C 176 -7.32 39.64 55.27
CA GLU C 176 -6.56 40.63 54.54
C GLU C 176 -5.77 39.98 53.41
N VAL C 177 -5.61 40.72 52.32
CA VAL C 177 -4.99 40.20 51.11
C VAL C 177 -3.49 40.46 51.13
N VAL C 178 -2.72 39.46 50.73
CA VAL C 178 -1.27 39.55 50.60
C VAL C 178 -0.88 39.08 49.21
N ASP C 179 0.43 39.04 48.96
CA ASP C 179 0.93 38.56 47.68
C ASP C 179 0.61 37.08 47.50
N ARG C 180 0.13 36.72 46.32
CA ARG C 180 -0.26 35.35 46.02
C ARG C 180 0.58 34.69 44.93
N GLY C 181 1.10 35.45 43.98
CA GLY C 181 1.96 34.87 42.97
C GLY C 181 3.27 34.36 43.52
N ALA C 182 3.77 34.99 44.60
CA ALA C 182 5.02 34.55 45.20
C ALA C 182 4.87 33.17 45.84
N ILE C 183 3.69 32.89 46.42
CA ILE C 183 3.45 31.58 46.99
C ILE C 183 3.41 30.52 45.89
N ARG C 184 2.80 30.85 44.75
CA ARG C 184 2.80 29.92 43.62
C ARG C 184 4.21 29.69 43.11
N ASN C 185 5.03 30.75 43.05
CA ASN C 185 6.42 30.57 42.64
C ASN C 185 7.18 29.68 43.61
N ALA C 186 6.96 29.86 44.91
CA ALA C 186 7.66 29.03 45.89
C ALA C 186 7.21 27.58 45.81
N CYS C 187 5.90 27.35 45.62
CA CYS C 187 5.41 25.98 45.52
C CYS C 187 5.93 25.30 44.26
N GLN C 188 5.99 26.03 43.14
CA GLN C 188 6.57 25.46 41.93
C GLN C 188 8.05 25.18 42.10
N MET C 189 8.76 26.06 42.82
CA MET C 189 10.17 25.84 43.11
C MET C 189 10.37 24.56 43.91
N LEU C 190 9.54 24.36 44.94
CA LEU C 190 9.66 23.15 45.75
C LEU C 190 9.29 21.91 44.95
N MET C 191 8.28 22.02 44.08
CA MET C 191 7.90 20.89 43.24
C MET C 191 9.02 20.49 42.30
N ILE C 192 9.68 21.47 41.68
CA ILE C 192 10.84 21.17 40.84
C ILE C 192 11.98 20.62 41.69
N LEU C 193 12.14 21.12 42.91
CA LEU C 193 13.19 20.62 43.78
C LEU C 193 12.96 19.17 44.20
N GLY C 194 11.70 18.73 44.19
CA GLY C 194 11.42 17.32 44.43
C GLY C 194 12.19 16.41 43.50
N LEU C 195 12.24 16.78 42.22
CA LEU C 195 13.14 16.20 41.22
C LEU C 195 12.76 14.78 40.84
N GLU C 196 11.83 14.18 41.55
CA GLU C 196 11.29 12.87 41.22
C GLU C 196 9.77 12.84 41.20
N GLY C 197 9.13 13.66 42.02
CA GLY C 197 7.69 13.67 42.14
C GLY C 197 7.22 14.66 43.18
N ARG C 198 6.38 14.19 44.10
CA ARG C 198 5.84 15.00 45.18
C ARG C 198 6.23 14.42 46.54
N SER C 199 7.51 14.05 46.66
CA SER C 199 8.02 13.43 47.88
C SER C 199 8.47 14.47 48.90
N VAL C 200 9.35 15.39 48.50
CA VAL C 200 9.89 16.37 49.45
C VAL C 200 8.89 17.50 49.66
N TYR C 201 8.36 18.05 48.55
CA TYR C 201 7.47 19.20 48.65
C TYR C 201 6.23 18.88 49.46
N GLU C 202 5.66 17.69 49.26
CA GLU C 202 4.49 17.29 50.10
C GLU C 202 4.89 17.24 51.58
N GLU C 203 6.12 16.80 51.88
CA GLU C 203 6.51 16.63 53.31
C GLU C 203 7.00 17.96 53.90
N ASP C 204 7.59 18.84 53.09
CA ASP C 204 8.18 20.09 53.63
C ASP C 204 7.11 21.19 53.73
N PHE C 205 6.10 21.16 52.87
CA PHE C 205 5.09 22.24 52.87
C PHE C 205 3.73 21.71 53.29
N GLU C 206 3.18 20.73 52.56
CA GLU C 206 1.80 20.26 52.84
C GLU C 206 1.67 19.76 54.28
N ALA C 207 2.64 18.99 54.79
CA ALA C 207 2.51 18.41 56.15
C ALA C 207 2.40 19.52 57.23
N PRO C 208 3.35 20.47 57.39
CA PRO C 208 3.17 21.57 58.36
C PRO C 208 1.86 22.34 58.10
N PHE C 209 1.55 22.63 56.84
CA PHE C 209 0.31 23.35 56.47
C PHE C 209 -0.91 22.57 56.98
N LEU C 210 -0.92 21.25 56.82
CA LEU C 210 -2.08 20.40 57.22
C LEU C 210 -2.36 20.56 58.72
N GLU C 211 -1.31 20.66 59.56
CA GLU C 211 -1.51 20.84 61.02
C GLU C 211 -2.13 22.21 61.29
N MET C 212 -1.49 23.29 60.85
CA MET C 212 -1.99 24.64 61.08
C MET C 212 -3.42 24.79 60.60
N SER C 213 -3.73 24.27 59.41
CA SER C 213 -5.10 24.31 58.91
C SER C 213 -6.03 23.51 59.80
N ALA C 214 -5.55 22.38 60.33
CA ALA C 214 -6.37 21.59 61.24
C ALA C 214 -6.76 22.40 62.47
N GLU C 215 -5.78 22.99 63.14
CA GLU C 215 -6.07 23.79 64.32
C GLU C 215 -6.96 24.98 63.98
N PHE C 216 -6.68 25.65 62.85
CA PHE C 216 -7.45 26.83 62.48
C PHE C 216 -8.91 26.49 62.22
N PHE C 217 -9.16 25.45 61.42
CA PHE C 217 -10.54 25.07 61.13
C PHE C 217 -11.24 24.49 62.36
N GLN C 218 -10.51 23.83 63.24
CA GLN C 218 -11.12 23.35 64.48
C GLN C 218 -11.60 24.52 65.33
N MET C 219 -10.73 25.51 65.52
CA MET C 219 -11.13 26.70 66.30
C MET C 219 -12.26 27.45 65.61
N GLU C 220 -12.23 27.50 64.27
CA GLU C 220 -13.28 28.22 63.54
C GLU C 220 -14.63 27.53 63.70
N SER C 221 -14.65 26.19 63.61
CA SER C 221 -15.89 25.46 63.81
C SER C 221 -16.38 25.58 65.24
N GLN C 222 -15.46 25.55 66.21
CA GLN C 222 -15.85 25.71 67.60
C GLN C 222 -16.43 27.09 67.87
N LYS C 223 -15.93 28.11 67.17
CA LYS C 223 -16.48 29.45 67.32
C LYS C 223 -17.83 29.57 66.60
N PHE C 224 -17.98 28.89 65.47
CA PHE C 224 -19.21 29.03 64.68
C PHE C 224 -20.37 28.27 65.32
N LEU C 225 -20.09 27.14 65.98
CA LEU C 225 -21.18 26.34 66.54
C LEU C 225 -21.88 27.07 67.68
N ALA C 226 -21.20 28.01 68.33
CA ALA C 226 -21.79 28.70 69.48
C ALA C 226 -22.37 30.05 69.09
N GLU C 227 -21.83 30.71 68.07
CA GLU C 227 -22.24 32.06 67.72
C GLU C 227 -23.38 32.12 66.71
N ASN C 228 -23.73 31.00 66.09
CA ASN C 228 -24.78 30.98 65.08
C ASN C 228 -25.62 29.72 65.27
N SER C 229 -26.48 29.45 64.29
CA SER C 229 -27.34 28.28 64.31
C SER C 229 -27.16 27.53 62.99
N ALA C 230 -28.02 26.53 62.76
CA ALA C 230 -27.94 25.70 61.57
C ALA C 230 -28.48 26.39 60.32
N SER C 231 -28.79 27.68 60.39
CA SER C 231 -29.36 28.40 59.25
C SER C 231 -28.28 29.11 58.44
N VAL C 232 -27.47 29.95 59.08
CA VAL C 232 -26.44 30.71 58.38
C VAL C 232 -25.07 30.04 58.43
N TYR C 233 -24.88 29.04 59.29
CA TYR C 233 -23.57 28.38 59.38
C TYR C 233 -23.25 27.60 58.11
N ILE C 234 -24.27 27.05 57.46
CA ILE C 234 -24.02 26.21 56.29
C ILE C 234 -23.54 27.05 55.11
N LYS C 235 -24.15 28.22 54.89
CA LYS C 235 -23.67 29.09 53.83
C LYS C 235 -22.24 29.56 54.12
N LYS C 236 -21.94 29.84 55.39
CA LYS C 236 -20.60 30.29 55.74
C LYS C 236 -19.56 29.20 55.52
N VAL C 237 -19.88 27.95 55.91
CA VAL C 237 -18.91 26.88 55.70
C VAL C 237 -18.79 26.54 54.22
N GLU C 238 -19.87 26.69 53.46
CA GLU C 238 -19.77 26.49 52.01
C GLU C 238 -18.87 27.54 51.38
N ALA C 239 -19.03 28.81 51.77
CA ALA C 239 -18.14 29.84 51.26
C ALA C 239 -16.70 29.60 51.69
N ARG C 240 -16.50 29.09 52.90
CA ARG C 240 -15.15 28.78 53.37
C ARG C 240 -14.52 27.68 52.52
N ILE C 241 -15.28 26.61 52.24
CA ILE C 241 -14.77 25.54 51.40
C ILE C 241 -14.46 26.05 49.99
N ASN C 242 -15.33 26.91 49.46
CA ASN C 242 -15.11 27.44 48.12
C ASN C 242 -13.84 28.28 48.06
N GLU C 243 -13.67 29.21 49.01
CA GLU C 243 -12.47 30.04 49.00
C GLU C 243 -11.22 29.22 49.26
N GLU C 244 -11.32 28.17 50.10
CA GLU C 244 -10.16 27.33 50.36
C GLU C 244 -9.75 26.56 49.11
N ILE C 245 -10.71 25.95 48.41
CA ILE C 245 -10.36 25.21 47.21
C ILE C 245 -9.87 26.15 46.11
N GLU C 246 -10.42 27.37 46.05
CA GLU C 246 -9.94 28.33 45.06
C GLU C 246 -8.50 28.75 45.34
N ARG C 247 -8.21 29.07 46.61
CA ARG C 247 -6.83 29.42 46.98
C ARG C 247 -5.88 28.26 46.73
N VAL C 248 -6.32 27.03 47.00
CA VAL C 248 -5.43 25.89 46.81
C VAL C 248 -5.22 25.57 45.34
N MET C 249 -6.20 25.85 44.48
CA MET C 249 -6.04 25.55 43.06
C MET C 249 -5.37 26.69 42.29
N HIS C 250 -5.38 27.90 42.83
CA HIS C 250 -4.77 29.04 42.16
C HIS C 250 -3.43 29.44 42.76
N CYS C 251 -3.32 29.39 44.10
CA CYS C 251 -2.11 29.87 44.76
C CYS C 251 -1.12 28.76 45.06
N LEU C 252 -1.56 27.50 44.98
CA LEU C 252 -0.73 26.35 45.30
C LEU C 252 -0.58 25.46 44.06
N ASP C 253 -0.04 24.26 44.27
CA ASP C 253 0.32 23.37 43.17
C ASP C 253 -0.93 22.78 42.51
N LYS C 254 -0.71 21.83 41.59
CA LYS C 254 -1.75 21.42 40.66
C LYS C 254 -2.72 20.39 41.26
N SER C 255 -2.24 19.48 42.10
CA SER C 255 -3.17 18.52 42.69
C SER C 255 -3.68 18.99 44.05
N THR C 256 -2.82 19.06 45.07
CA THR C 256 -2.93 19.97 46.20
C THR C 256 -4.25 19.90 46.97
N GLU C 257 -5.17 19.02 46.60
CA GLU C 257 -6.54 19.19 47.09
C GLU C 257 -7.06 17.99 47.88
N GLU C 258 -6.57 16.78 47.59
CA GLU C 258 -7.15 15.59 48.21
C GLU C 258 -7.03 15.65 49.73
N PRO C 259 -5.81 15.71 50.30
CA PRO C 259 -5.73 15.71 51.77
C PRO C 259 -6.28 16.98 52.39
N ILE C 260 -6.13 18.11 51.71
CA ILE C 260 -6.66 19.38 52.23
C ILE C 260 -8.17 19.28 52.43
N VAL C 261 -8.89 18.90 51.38
CA VAL C 261 -10.35 18.82 51.48
C VAL C 261 -10.75 17.69 52.41
N LYS C 262 -9.99 16.59 52.45
CA LYS C 262 -10.33 15.50 53.37
C LYS C 262 -10.26 15.97 54.82
N VAL C 263 -9.18 16.65 55.18
CA VAL C 263 -9.02 17.10 56.56
C VAL C 263 -10.01 18.23 56.87
N VAL C 264 -10.32 19.08 55.89
CA VAL C 264 -11.28 20.15 56.12
C VAL C 264 -12.65 19.57 56.40
N GLU C 265 -13.07 18.59 55.61
CA GLU C 265 -14.34 17.91 55.88
C GLU C 265 -14.33 17.22 57.24
N ARG C 266 -13.28 16.44 57.53
CA ARG C 266 -13.22 15.70 58.78
C ARG C 266 -13.24 16.63 59.99
N GLU C 267 -12.74 17.85 59.83
CA GLU C 267 -12.74 18.79 60.95
C GLU C 267 -14.08 19.51 61.09
N LEU C 268 -14.63 19.99 59.97
CA LEU C 268 -15.84 20.81 60.04
C LEU C 268 -17.10 19.94 60.13
N ILE C 269 -17.34 19.13 59.10
CA ILE C 269 -18.62 18.45 58.98
C ILE C 269 -18.72 17.30 59.97
N SER C 270 -17.63 16.55 60.14
CA SER C 270 -17.66 15.40 61.04
C SER C 270 -17.86 15.85 62.50
N LYS C 271 -17.62 17.13 62.79
CA LYS C 271 -17.84 17.63 64.13
C LYS C 271 -19.19 18.32 64.27
N HIS C 272 -19.64 19.02 63.22
CA HIS C 272 -20.91 19.73 63.30
C HIS C 272 -22.10 18.82 63.01
N MET C 273 -21.86 17.61 62.49
CA MET C 273 -22.95 16.75 62.07
C MET C 273 -23.80 16.28 63.24
N LYS C 274 -23.17 16.07 64.39
CA LYS C 274 -23.87 15.48 65.53
C LYS C 274 -24.77 16.49 66.25
N THR C 275 -24.32 17.74 66.34
CA THR C 275 -24.98 18.70 67.21
C THR C 275 -25.81 19.74 66.48
N ILE C 276 -25.47 20.07 65.23
CA ILE C 276 -26.13 21.19 64.55
C ILE C 276 -27.49 20.80 63.97
N VAL C 277 -27.82 19.51 63.92
CA VAL C 277 -29.06 19.06 63.29
C VAL C 277 -30.11 18.60 64.28
N GLU C 278 -29.81 18.55 65.58
CA GLU C 278 -30.74 17.99 66.54
C GLU C 278 -30.91 18.83 67.80
N MET C 279 -29.97 19.70 68.14
CA MET C 279 -29.98 20.35 69.45
C MET C 279 -31.21 21.23 69.65
N GLU C 280 -31.31 22.33 68.90
CA GLU C 280 -32.39 23.31 69.07
C GLU C 280 -32.22 24.45 68.08
N ASN C 281 -33.20 25.36 68.05
CA ASN C 281 -33.09 26.65 67.36
C ASN C 281 -32.83 26.45 65.85
N SER C 282 -33.85 25.88 65.20
CA SER C 282 -33.87 25.73 63.74
C SER C 282 -32.72 24.86 63.26
N GLY C 283 -32.72 23.60 63.70
CA GLY C 283 -31.76 22.63 63.23
C GLY C 283 -32.24 21.94 61.98
N LEU C 284 -32.36 20.62 62.03
CA LEU C 284 -32.90 19.86 60.91
C LEU C 284 -34.40 19.64 61.04
N VAL C 285 -34.87 19.37 62.25
CA VAL C 285 -36.31 19.10 62.45
C VAL C 285 -37.12 20.37 62.23
N HIS C 286 -36.67 21.49 62.80
CA HIS C 286 -37.44 22.73 62.69
C HIS C 286 -37.40 23.27 61.27
N MET C 287 -36.24 23.21 60.61
CA MET C 287 -36.15 23.70 59.24
C MET C 287 -36.91 22.81 58.26
N LEU C 288 -37.27 21.60 58.67
CA LEU C 288 -38.13 20.74 57.87
C LEU C 288 -39.59 20.92 58.20
N LYS C 289 -39.91 21.31 59.44
CA LYS C 289 -41.30 21.50 59.83
C LYS C 289 -41.91 22.72 59.16
N ASN C 290 -41.18 23.84 59.17
CA ASN C 290 -41.68 25.07 58.55
C ASN C 290 -41.68 24.98 57.03
N GLY C 291 -40.92 24.06 56.45
CA GLY C 291 -40.91 23.88 55.01
C GLY C 291 -39.93 24.78 54.28
N LYS C 292 -38.66 24.71 54.66
CA LYS C 292 -37.60 25.47 54.00
C LYS C 292 -36.95 24.57 52.95
N THR C 293 -37.21 24.87 51.68
CA THR C 293 -36.70 24.02 50.60
C THR C 293 -35.21 24.26 50.37
N GLU C 294 -34.79 25.52 50.36
CA GLU C 294 -33.38 25.83 50.12
C GLU C 294 -32.49 25.27 51.22
N ASP C 295 -32.97 25.29 52.46
CA ASP C 295 -32.18 24.75 53.57
C ASP C 295 -31.95 23.26 53.39
N LEU C 296 -33.02 22.50 53.11
CA LEU C 296 -32.87 21.07 52.87
C LEU C 296 -31.96 20.81 51.68
N GLY C 297 -32.11 21.59 50.60
CA GLY C 297 -31.29 21.38 49.43
C GLY C 297 -29.81 21.60 49.70
N CYS C 298 -29.48 22.70 50.38
CA CYS C 298 -28.08 22.98 50.66
C CYS C 298 -27.50 21.99 51.67
N MET C 299 -28.31 21.56 52.64
CA MET C 299 -27.83 20.55 53.57
C MET C 299 -27.56 19.22 52.87
N TYR C 300 -28.41 18.84 51.91
CA TYR C 300 -28.19 17.62 51.16
C TYR C 300 -26.95 17.75 50.28
N LYS C 301 -26.77 18.89 49.62
CA LYS C 301 -25.61 19.06 48.75
C LYS C 301 -24.30 19.21 49.54
N LEU C 302 -24.38 19.61 50.81
CA LEU C 302 -23.18 19.72 51.62
C LEU C 302 -22.80 18.40 52.29
N PHE C 303 -23.76 17.77 52.98
CA PHE C 303 -23.47 16.53 53.70
C PHE C 303 -23.27 15.34 52.78
N SER C 304 -23.46 15.49 51.47
CA SER C 304 -23.25 14.37 50.56
C SER C 304 -21.77 14.07 50.33
N ARG C 305 -20.89 15.01 50.67
CA ARG C 305 -19.45 14.79 50.46
C ARG C 305 -18.82 13.96 51.56
N VAL C 306 -19.32 14.08 52.79
CA VAL C 306 -18.73 13.39 53.93
C VAL C 306 -19.49 12.09 54.17
N PRO C 307 -18.80 10.97 54.36
CA PRO C 307 -19.49 9.71 54.66
C PRO C 307 -20.22 9.78 55.99
N ASN C 308 -21.19 8.88 56.16
CA ASN C 308 -22.03 8.77 57.34
C ASN C 308 -22.85 10.02 57.62
N GLY C 309 -22.97 10.92 56.64
CA GLY C 309 -23.79 12.10 56.80
C GLY C 309 -25.24 11.83 56.46
N LEU C 310 -25.46 11.25 55.28
CA LEU C 310 -26.82 10.89 54.88
C LEU C 310 -27.43 9.88 55.84
N LYS C 311 -26.61 9.06 56.49
CA LYS C 311 -27.11 8.09 57.46
C LYS C 311 -27.86 8.79 58.59
N THR C 312 -27.16 9.66 59.33
CA THR C 312 -27.79 10.36 60.43
C THR C 312 -28.82 11.37 59.94
N MET C 313 -28.66 11.88 58.72
CA MET C 313 -29.68 12.75 58.13
C MET C 313 -31.01 12.01 58.02
N CYS C 314 -31.00 10.86 57.36
CA CYS C 314 -32.21 10.05 57.25
C CYS C 314 -32.68 9.53 58.60
N GLU C 315 -31.76 9.32 59.54
CA GLU C 315 -32.15 8.89 60.88
C GLU C 315 -32.99 9.96 61.58
N CYS C 316 -32.52 11.21 61.55
CA CYS C 316 -33.28 12.30 62.15
C CYS C 316 -34.58 12.54 61.39
N MET C 317 -34.55 12.40 60.06
CA MET C 317 -35.78 12.56 59.28
C MET C 317 -36.81 11.50 59.67
N SER C 318 -36.36 10.25 59.84
CA SER C 318 -37.27 9.19 60.26
C SER C 318 -37.77 9.39 61.67
N SER C 319 -36.93 9.95 62.55
CA SER C 319 -37.40 10.26 63.91
C SER C 319 -38.50 11.30 63.87
N TYR C 320 -38.31 12.36 63.07
CA TYR C 320 -39.36 13.36 62.92
C TYR C 320 -40.63 12.77 62.31
N LEU C 321 -40.45 11.85 61.35
CA LEU C 321 -41.61 11.18 60.75
C LEU C 321 -42.37 10.36 61.78
N ARG C 322 -41.64 9.62 62.63
CA ARG C 322 -42.29 8.85 63.69
C ARG C 322 -43.04 9.77 64.64
N GLU C 323 -42.43 10.90 65.02
CA GLU C 323 -43.11 11.84 65.91
C GLU C 323 -44.39 12.36 65.28
N GLN C 324 -44.31 12.80 64.02
CA GLN C 324 -45.49 13.33 63.35
C GLN C 324 -46.57 12.26 63.19
N GLY C 325 -46.17 11.02 62.91
CA GLY C 325 -47.14 9.96 62.79
C GLY C 325 -47.84 9.66 64.10
N LYS C 326 -47.06 9.49 65.18
CA LYS C 326 -47.66 9.26 66.49
C LYS C 326 -48.54 10.42 66.91
N ALA C 327 -48.23 11.64 66.46
CA ALA C 327 -49.12 12.76 66.70
C ALA C 327 -50.36 12.72 65.81
N LEU C 328 -50.29 12.04 64.67
CA LEU C 328 -51.42 11.96 63.75
C LEU C 328 -52.20 10.65 63.87
N VAL C 329 -51.54 9.55 64.22
CA VAL C 329 -52.19 8.25 64.30
C VAL C 329 -52.71 8.02 65.71
N SER C 330 -52.72 9.08 66.52
CA SER C 330 -53.18 8.98 67.90
C SER C 330 -54.60 8.44 67.96
N GLU C 331 -54.79 7.37 68.72
CA GLU C 331 -56.09 6.71 68.83
C GLU C 331 -56.91 7.19 70.02
N GLU C 332 -56.26 7.67 71.08
CA GLU C 332 -56.96 8.13 72.28
C GLU C 332 -57.80 9.35 71.92
N GLY C 333 -59.13 9.19 72.00
CA GLY C 333 -60.04 10.25 71.65
C GLY C 333 -60.98 9.87 70.53
N GLU C 334 -62.28 9.90 70.81
CA GLU C 334 -63.29 9.54 69.82
C GLU C 334 -63.95 10.80 69.25
N GLY C 335 -64.24 10.75 67.96
CA GLY C 335 -64.85 11.89 67.29
C GLY C 335 -64.01 12.42 66.14
N LYS C 336 -63.17 11.56 65.57
CA LYS C 336 -62.30 11.93 64.46
C LYS C 336 -62.91 11.46 63.15
N ASN C 337 -62.76 12.27 62.11
CA ASN C 337 -63.32 11.97 60.80
C ASN C 337 -62.34 11.11 60.01
N PRO C 338 -62.73 9.90 59.60
CA PRO C 338 -61.77 9.04 58.86
C PRO C 338 -61.31 9.65 57.54
N VAL C 339 -62.22 10.26 56.78
CA VAL C 339 -61.84 10.85 55.51
C VAL C 339 -60.84 11.99 55.73
N ASP C 340 -61.06 12.80 56.75
CA ASP C 340 -60.12 13.88 57.06
C ASP C 340 -58.78 13.31 57.51
N TYR C 341 -58.79 12.21 58.26
CA TYR C 341 -57.54 11.58 58.69
C TYR C 341 -56.74 11.09 57.49
N ILE C 342 -57.40 10.40 56.57
CA ILE C 342 -56.70 9.90 55.38
C ILE C 342 -56.23 11.06 54.51
N GLN C 343 -57.02 12.14 54.45
CA GLN C 343 -56.61 13.31 53.68
C GLN C 343 -55.37 13.95 54.27
N GLY C 344 -55.33 14.08 55.59
CA GLY C 344 -54.14 14.64 56.23
C GLY C 344 -52.92 13.75 56.04
N LEU C 345 -53.10 12.43 56.14
CA LEU C 345 -51.99 11.52 55.90
C LEU C 345 -51.47 11.64 54.47
N LEU C 346 -52.39 11.73 53.50
CA LEU C 346 -51.98 11.86 52.11
C LEU C 346 -51.30 13.20 51.86
N ASP C 347 -51.77 14.27 52.52
CA ASP C 347 -51.13 15.56 52.38
C ASP C 347 -49.71 15.53 52.95
N LEU C 348 -49.52 14.87 54.10
CA LEU C 348 -48.19 14.74 54.67
C LEU C 348 -47.27 13.94 53.74
N LYS C 349 -47.80 12.84 53.18
CA LYS C 349 -47.01 12.05 52.24
C LYS C 349 -46.61 12.86 51.01
N SER C 350 -47.55 13.62 50.46
CA SER C 350 -47.26 14.44 49.29
C SER C 350 -46.27 15.54 49.61
N ARG C 351 -46.38 16.13 50.81
CA ARG C 351 -45.43 17.17 51.22
C ARG C 351 -44.01 16.60 51.35
N PHE C 352 -43.89 15.42 51.97
CA PHE C 352 -42.57 14.81 52.08
C PHE C 352 -42.02 14.39 50.73
N ASP C 353 -42.89 13.92 49.83
CA ASP C 353 -42.45 13.55 48.49
C ASP C 353 -41.98 14.78 47.73
N ARG C 354 -42.68 15.91 47.88
CA ARG C 354 -42.25 17.14 47.23
C ARG C 354 -40.92 17.63 47.78
N PHE C 355 -40.74 17.58 49.10
CA PHE C 355 -39.47 17.94 49.69
C PHE C 355 -38.34 17.05 49.17
N LEU C 356 -38.60 15.75 49.08
CA LEU C 356 -37.62 14.83 48.51
C LEU C 356 -37.25 15.22 47.09
N LEU C 357 -38.24 15.35 46.22
CA LEU C 357 -37.99 15.67 44.81
C LEU C 357 -37.30 17.01 44.65
N GLU C 358 -37.55 17.95 45.55
CA GLU C 358 -37.00 19.30 45.41
C GLU C 358 -35.60 19.45 46.00
N SER C 359 -35.27 18.69 47.05
CA SER C 359 -33.99 18.86 47.73
C SER C 359 -33.08 17.64 47.60
N PHE C 360 -33.58 16.44 47.91
CA PHE C 360 -32.74 15.27 47.98
C PHE C 360 -32.39 14.69 46.62
N ASN C 361 -32.89 15.28 45.53
CA ASN C 361 -32.57 14.86 44.17
C ASN C 361 -32.91 13.38 43.95
N ASN C 362 -34.00 12.94 44.55
CA ASN C 362 -34.49 11.56 44.42
C ASN C 362 -33.42 10.56 44.86
N ASP C 363 -32.95 10.71 46.09
CA ASP C 363 -31.96 9.80 46.64
C ASP C 363 -32.63 8.50 47.09
N ARG C 364 -31.92 7.38 46.89
CA ARG C 364 -32.49 6.09 47.21
C ARG C 364 -32.59 5.87 48.72
N LEU C 365 -31.61 6.37 49.47
CA LEU C 365 -31.61 6.16 50.91
C LEU C 365 -32.79 6.84 51.58
N PHE C 366 -33.09 8.09 51.18
CA PHE C 366 -34.22 8.79 51.76
C PHE C 366 -35.54 8.09 51.43
N LYS C 367 -35.67 7.61 50.19
CA LYS C 367 -36.89 6.88 49.81
C LYS C 367 -37.04 5.61 50.62
N GLN C 368 -35.95 4.86 50.80
CA GLN C 368 -36.02 3.63 51.59
C GLN C 368 -36.38 3.93 53.03
N THR C 369 -35.81 4.99 53.59
CA THR C 369 -36.09 5.32 54.99
C THR C 369 -37.53 5.78 55.18
N ILE C 370 -38.06 6.60 54.26
CA ILE C 370 -39.44 7.03 54.41
C ILE C 370 -40.39 5.86 54.17
N ALA C 371 -40.04 4.93 53.29
CA ALA C 371 -40.86 3.75 53.09
C ALA C 371 -40.90 2.90 54.34
N GLY C 372 -39.73 2.66 54.95
CA GLY C 372 -39.69 1.93 56.21
C GLY C 372 -40.45 2.62 57.32
N ASP C 373 -40.37 3.94 57.40
CA ASP C 373 -41.10 4.68 58.42
C ASP C 373 -42.61 4.58 58.22
N PHE C 374 -43.07 4.70 56.97
CA PHE C 374 -44.50 4.55 56.69
C PHE C 374 -44.96 3.12 56.97
N GLU C 375 -44.10 2.13 56.72
CA GLU C 375 -44.46 0.75 57.06
C GLU C 375 -44.54 0.55 58.56
N TYR C 376 -43.67 1.22 59.33
CA TYR C 376 -43.62 1.03 60.77
C TYR C 376 -44.74 1.76 61.50
N PHE C 377 -45.03 3.00 61.12
CA PHE C 377 -45.95 3.83 61.89
C PHE C 377 -47.41 3.65 61.50
N LEU C 378 -47.69 3.08 60.32
CA LEU C 378 -49.08 2.98 59.84
C LEU C 378 -49.81 1.77 60.38
N ASN C 379 -49.10 0.64 60.52
CA ASN C 379 -49.77 -0.62 60.95
C ASN C 379 -50.02 -0.54 62.47
N LEU C 380 -49.81 0.64 63.06
CA LEU C 380 -50.06 0.83 64.51
C LEU C 380 -51.54 0.60 64.80
N ASN C 381 -52.43 1.12 63.95
CA ASN C 381 -53.89 0.97 64.17
C ASN C 381 -54.46 -0.04 63.17
N SER C 382 -55.51 -0.77 63.59
CA SER C 382 -56.09 -1.84 62.72
C SER C 382 -57.22 -1.25 61.89
N ARG C 383 -57.60 -0.01 62.17
CA ARG C 383 -58.73 0.64 61.46
C ARG C 383 -58.18 1.44 60.26
N SER C 384 -56.86 1.47 60.10
CA SER C 384 -56.25 2.20 58.95
C SER C 384 -56.80 1.70 57.59
N PRO C 385 -56.82 0.39 57.24
CA PRO C 385 -57.43 -0.07 55.99
C PRO C 385 -58.92 0.29 55.90
N GLU C 386 -59.63 0.20 57.02
CA GLU C 386 -61.08 0.52 57.05
C GLU C 386 -61.26 2.02 56.78
N TYR C 387 -60.38 2.85 57.34
CA TYR C 387 -60.48 4.32 57.15
C TYR C 387 -60.19 4.65 55.69
N LEU C 388 -59.26 3.93 55.07
CA LEU C 388 -58.91 4.18 53.65
C LEU C 388 -60.04 3.71 52.73
N SER C 389 -60.67 2.58 53.07
CA SER C 389 -61.81 2.08 52.25
C SER C 389 -62.95 3.09 52.29
N LEU C 390 -63.27 3.66 53.45
CA LEU C 390 -64.28 4.70 53.52
C LEU C 390 -63.88 5.92 52.67
N PHE C 391 -62.60 6.27 52.69
CA PHE C 391 -62.14 7.39 51.88
C PHE C 391 -62.28 7.11 50.39
N ILE C 392 -61.87 5.91 49.95
CA ILE C 392 -62.00 5.57 48.54
C ILE C 392 -63.46 5.46 48.14
N ASP C 393 -64.35 5.07 49.06
CA ASP C 393 -65.77 5.05 48.76
C ASP C 393 -66.32 6.47 48.61
N ASP C 394 -65.90 7.38 49.49
CA ASP C 394 -66.33 8.76 49.38
C ASP C 394 -65.82 9.40 48.09
N LYS C 395 -64.64 8.99 47.64
CA LYS C 395 -64.08 9.51 46.39
C LYS C 395 -64.69 8.86 45.15
N LEU C 396 -65.19 7.63 45.26
CA LEU C 396 -65.74 6.92 44.11
C LEU C 396 -67.25 7.11 43.95
N LYS C 397 -67.97 7.46 45.03
CA LYS C 397 -69.43 7.57 44.94
C LYS C 397 -69.83 8.68 43.99
N LYS C 398 -69.06 9.77 43.94
CA LYS C 398 -69.35 10.88 43.05
C LYS C 398 -68.12 11.76 42.95
N GLY C 399 -67.79 12.15 41.72
CA GLY C 399 -66.65 13.01 41.49
C GLY C 399 -67.02 14.49 41.48
N VAL C 400 -67.73 14.93 42.52
CA VAL C 400 -68.12 16.33 42.62
C VAL C 400 -66.90 17.22 42.76
N LYS C 401 -65.97 16.84 43.62
CA LYS C 401 -64.71 17.56 43.77
C LYS C 401 -63.75 17.05 42.70
N GLY C 402 -63.33 17.95 41.80
CA GLY C 402 -62.49 17.54 40.69
C GLY C 402 -63.26 16.86 39.59
N LEU C 403 -64.13 17.62 38.92
CA LEU C 403 -64.98 17.07 37.87
C LEU C 403 -64.17 16.43 36.76
N THR C 404 -63.01 17.00 36.44
CA THR C 404 -62.18 16.46 35.38
C THR C 404 -61.50 15.18 35.84
N GLU C 405 -60.82 14.51 34.90
CA GLU C 405 -60.25 13.19 35.15
C GLU C 405 -58.79 13.22 35.62
N GLN C 406 -58.06 14.29 35.32
CA GLN C 406 -56.64 14.32 35.64
C GLN C 406 -56.39 14.29 37.14
N GLU C 407 -57.05 15.18 37.90
CA GLU C 407 -56.85 15.22 39.33
C GLU C 407 -57.40 13.97 40.01
N VAL C 408 -58.47 13.40 39.44
CA VAL C 408 -59.02 12.14 39.94
C VAL C 408 -57.97 11.05 39.79
N GLU C 409 -57.33 10.98 38.62
CA GLU C 409 -56.28 10.00 38.38
C GLU C 409 -55.12 10.18 39.36
N THR C 410 -54.72 11.43 39.59
CA THR C 410 -53.62 11.69 40.50
C THR C 410 -53.96 11.28 41.93
N ILE C 411 -55.18 11.59 42.36
CA ILE C 411 -55.57 11.30 43.74
C ILE C 411 -55.72 9.79 43.91
N LEU C 412 -56.13 9.09 42.85
CA LEU C 412 -56.23 7.63 42.93
C LEU C 412 -54.84 6.99 42.97
N ASP C 413 -53.90 7.55 42.19
CA ASP C 413 -52.53 7.05 42.23
C ASP C 413 -51.91 7.27 43.61
N LYS C 414 -52.16 8.44 44.20
CA LYS C 414 -51.65 8.73 45.53
C LYS C 414 -52.31 7.81 46.56
N ALA C 415 -53.59 7.49 46.36
CA ALA C 415 -54.29 6.61 47.29
C ALA C 415 -53.71 5.20 47.25
N MET C 416 -53.47 4.67 46.04
CA MET C 416 -52.91 3.33 45.93
C MET C 416 -51.46 3.30 46.39
N VAL C 417 -50.74 4.42 46.23
CA VAL C 417 -49.37 4.49 46.74
C VAL C 417 -49.39 4.46 48.27
N LEU C 418 -50.33 5.18 48.88
CA LEU C 418 -50.47 5.12 50.33
C LEU C 418 -50.87 3.72 50.78
N PHE C 419 -51.70 3.04 50.00
CA PHE C 419 -52.10 1.68 50.33
C PHE C 419 -50.93 0.71 50.18
N ARG C 420 -49.97 1.03 49.32
CA ARG C 420 -48.83 0.15 49.10
C ARG C 420 -48.07 -0.09 50.40
N PHE C 421 -47.94 0.94 51.24
CA PHE C 421 -47.30 0.71 52.56
C PHE C 421 -48.36 0.57 53.65
N MET C 422 -49.31 -0.35 53.46
CA MET C 422 -50.35 -0.61 54.49
C MET C 422 -50.38 -2.11 54.81
N GLN C 423 -50.93 -2.47 55.98
CA GLN C 423 -51.03 -3.90 56.37
C GLN C 423 -52.51 -4.27 56.47
N GLU C 424 -52.83 -5.50 56.92
CA GLU C 424 -54.23 -5.98 57.05
C GLU C 424 -55.03 -5.58 55.81
N LYS C 425 -54.48 -5.85 54.62
CA LYS C 425 -55.15 -5.46 53.34
C LYS C 425 -56.24 -6.48 53.02
N ASP C 426 -56.27 -7.59 53.75
CA ASP C 426 -57.33 -8.62 53.54
C ASP C 426 -58.69 -8.00 53.89
N VAL C 427 -58.77 -7.22 54.97
CA VAL C 427 -60.06 -6.53 55.27
C VAL C 427 -60.14 -5.21 54.49
N PHE C 428 -59.01 -4.67 54.05
CA PHE C 428 -59.16 -3.48 53.17
C PHE C 428 -60.02 -3.98 52.01
N GLU C 429 -59.71 -5.18 51.52
CA GLU C 429 -60.48 -5.81 50.41
C GLU C 429 -61.89 -6.19 50.90
N ARG C 430 -62.04 -6.68 52.14
CA ARG C 430 -63.37 -7.13 52.60
C ARG C 430 -64.27 -5.90 52.78
N TYR C 431 -63.71 -4.81 53.32
CA TYR C 431 -64.50 -3.57 53.55
C TYR C 431 -64.73 -2.86 52.21
N TYR C 432 -63.80 -3.01 51.26
CA TYR C 432 -64.03 -2.42 49.91
C TYR C 432 -65.12 -3.22 49.20
N LYS C 433 -65.18 -4.53 49.46
CA LYS C 433 -66.28 -5.36 48.87
C LYS C 433 -67.58 -5.01 49.59
N GLN C 434 -67.51 -4.67 50.88
CA GLN C 434 -68.74 -4.21 51.60
C GLN C 434 -69.19 -2.90 50.95
N HIS C 435 -68.24 -2.02 50.62
CA HIS C 435 -68.58 -0.73 49.97
C HIS C 435 -69.08 -0.99 48.54
N LEU C 436 -68.47 -1.94 47.84
CA LEU C 436 -68.96 -2.30 46.48
C LEU C 436 -70.43 -2.66 46.61
N ALA C 437 -70.78 -3.46 47.60
CA ALA C 437 -72.17 -3.87 47.79
C ALA C 437 -73.04 -2.68 48.15
N ARG C 438 -72.52 -1.75 48.94
CA ARG C 438 -73.31 -0.58 49.34
C ARG C 438 -73.52 0.38 48.17
N ARG C 439 -72.55 0.50 47.27
CA ARG C 439 -72.65 1.44 46.16
C ARG C 439 -73.34 0.86 44.94
N LEU C 440 -73.45 -0.48 44.89
CA LEU C 440 -74.08 -1.15 43.71
C LEU C 440 -75.34 -1.92 44.13
N LEU C 441 -75.89 -1.66 45.32
CA LEU C 441 -77.17 -2.32 45.71
C LEU C 441 -78.17 -1.29 46.23
N THR C 442 -77.68 -0.19 46.80
CA THR C 442 -78.59 0.87 47.35
C THR C 442 -78.78 1.97 46.30
N ASN C 443 -77.93 1.98 45.26
CA ASN C 443 -78.05 3.02 44.20
C ASN C 443 -77.44 2.48 42.89
N LYS C 444 -77.52 3.27 41.82
CA LYS C 444 -76.96 2.86 40.51
C LYS C 444 -76.22 4.05 39.89
N SER C 445 -75.56 3.87 38.74
CA SER C 445 -74.83 4.96 38.05
C SER C 445 -73.98 5.74 39.06
N VAL C 446 -73.16 5.04 39.85
CA VAL C 446 -72.31 5.70 40.88
C VAL C 446 -71.25 6.56 40.18
N SER C 447 -70.36 5.92 39.42
CA SER C 447 -69.28 6.65 38.70
C SER C 447 -69.15 6.10 37.28
N ASP C 448 -69.79 4.96 37.01
CA ASP C 448 -69.76 4.34 35.66
C ASP C 448 -68.31 4.10 35.20
N ASP C 449 -67.77 4.99 34.37
CA ASP C 449 -66.41 4.80 33.80
C ASP C 449 -65.34 4.82 34.91
N SER C 450 -65.60 5.47 36.03
CA SER C 450 -64.53 5.61 37.06
C SER C 450 -64.46 4.30 37.83
N GLU C 451 -65.51 3.47 37.80
CA GLU C 451 -65.45 2.13 38.43
C GLU C 451 -64.53 1.25 37.58
N LYS C 452 -64.57 1.44 36.26
CA LYS C 452 -63.63 0.71 35.37
C LYS C 452 -62.23 1.26 35.62
N ASN C 453 -62.12 2.57 35.90
CA ASN C 453 -60.79 3.14 36.24
C ASN C 453 -60.31 2.40 37.50
N MET C 454 -61.21 2.18 38.45
CA MET C 454 -60.88 1.44 39.69
C MET C 454 -60.38 0.05 39.31
N ILE C 455 -61.14 -0.73 38.52
CA ILE C 455 -60.68 -2.12 38.22
C ILE C 455 -59.29 -2.05 37.57
N SER C 456 -59.03 -1.05 36.73
CA SER C 456 -57.72 -0.89 36.06
C SER C 456 -56.61 -0.68 37.10
N LYS C 457 -56.75 0.36 37.93
CA LYS C 457 -55.71 0.66 38.96
C LYS C 457 -55.60 -0.51 39.94
N LEU C 458 -56.63 -1.36 40.00
CA LEU C 458 -56.63 -2.51 40.93
C LEU C 458 -55.78 -3.64 40.33
N LYS C 459 -55.99 -3.95 39.05
CA LYS C 459 -55.26 -5.06 38.37
C LYS C 459 -53.78 -5.04 38.73
N THR C 460 -53.17 -3.85 38.79
CA THR C 460 -51.72 -3.72 39.15
C THR C 460 -51.57 -3.82 40.67
N GLU C 461 -51.16 -2.71 41.32
CA GLU C 461 -50.99 -2.68 42.80
C GLU C 461 -50.08 -3.81 43.26
N CYS C 462 -50.63 -4.83 43.93
CA CYS C 462 -49.80 -5.93 44.49
C CYS C 462 -49.75 -7.12 43.54
N GLY C 463 -50.32 -6.99 42.35
CA GLY C 463 -50.36 -8.12 41.38
C GLY C 463 -51.75 -8.73 41.32
N CYS C 464 -52.05 -9.49 40.26
CA CYS C 464 -53.41 -10.07 40.08
C CYS C 464 -53.60 -11.29 40.99
N GLN C 465 -54.10 -11.07 42.21
CA GLN C 465 -54.40 -12.20 43.13
C GLN C 465 -55.66 -11.86 43.92
N PHE C 466 -55.83 -10.59 44.29
CA PHE C 466 -57.07 -10.13 44.98
C PHE C 466 -57.81 -9.23 44.00
N THR C 467 -57.14 -8.89 42.90
CA THR C 467 -57.77 -8.03 41.87
C THR C 467 -58.72 -8.88 41.02
N SER C 468 -58.39 -10.16 40.80
CA SER C 468 -59.35 -11.02 40.07
C SER C 468 -60.70 -11.02 40.78
N LYS C 469 -60.72 -10.96 42.12
CA LYS C 469 -61.99 -10.89 42.89
C LYS C 469 -62.83 -9.71 42.37
N LEU C 470 -62.27 -8.51 42.40
CA LEU C 470 -62.98 -7.29 41.90
C LEU C 470 -63.39 -7.49 40.44
N GLU C 471 -62.47 -8.00 39.61
CA GLU C 471 -62.84 -8.27 38.19
C GLU C 471 -64.15 -9.07 38.14
N GLY C 472 -64.18 -10.23 38.80
CA GLY C 472 -65.38 -11.10 38.80
C GLY C 472 -66.60 -10.38 39.34
N MET C 473 -66.48 -9.66 40.46
CA MET C 473 -67.62 -8.89 41.02
C MET C 473 -68.22 -7.98 39.94
N PHE C 474 -67.37 -7.20 39.25
CA PHE C 474 -67.91 -6.25 38.25
C PHE C 474 -68.52 -6.99 37.05
N ARG C 475 -67.87 -8.09 36.63
CA ARG C 475 -68.43 -8.90 35.52
C ARG C 475 -69.82 -9.40 35.92
N ASP C 476 -70.01 -9.79 37.18
CA ASP C 476 -71.30 -10.38 37.62
C ASP C 476 -72.34 -9.26 37.85
N MET C 477 -71.91 -8.02 38.13
CA MET C 477 -72.91 -6.92 38.18
C MET C 477 -73.35 -6.63 36.74
N SER C 478 -72.43 -6.79 35.79
CA SER C 478 -72.86 -6.66 34.38
C SER C 478 -73.87 -7.78 34.10
N ILE C 479 -73.58 -8.98 34.62
CA ILE C 479 -74.54 -10.11 34.45
C ILE C 479 -75.88 -9.65 35.00
N SER C 480 -75.92 -9.09 36.21
CA SER C 480 -77.16 -8.55 36.82
C SER C 480 -77.90 -7.64 35.84
N ASN C 481 -77.26 -6.55 35.38
CA ASN C 481 -78.04 -5.63 34.50
C ASN C 481 -78.58 -6.39 33.26
N THR C 482 -77.74 -7.21 32.63
CA THR C 482 -78.20 -7.89 31.38
C THR C 482 -79.40 -8.79 31.71
N THR C 483 -79.33 -9.54 32.81
CA THR C 483 -80.41 -10.48 33.19
C THR C 483 -81.67 -9.70 33.55
N MET C 484 -81.56 -8.51 34.15
CA MET C 484 -82.74 -7.65 34.45
C MET C 484 -83.39 -7.20 33.14
N ASP C 485 -82.58 -6.80 32.15
CA ASP C 485 -83.25 -6.47 30.86
C ASP C 485 -83.94 -7.72 30.31
N GLU C 486 -83.25 -8.88 30.41
CA GLU C 486 -83.82 -10.14 29.87
C GLU C 486 -85.16 -10.36 30.56
N PHE C 487 -85.23 -10.13 31.87
CA PHE C 487 -86.46 -10.28 32.67
C PHE C 487 -87.54 -9.37 32.12
N ARG C 488 -87.35 -8.05 32.06
CA ARG C 488 -88.49 -7.26 31.49
C ARG C 488 -88.95 -7.92 30.18
N GLN C 489 -87.97 -8.17 29.30
CA GLN C 489 -88.29 -8.76 27.97
C GLN C 489 -89.23 -9.97 28.09
N HIS C 490 -88.85 -11.02 28.83
CA HIS C 490 -89.67 -12.27 28.82
C HIS C 490 -90.69 -12.33 29.96
N LEU C 491 -90.85 -11.23 30.70
CA LEU C 491 -91.95 -11.10 31.68
C LEU C 491 -93.06 -10.68 30.75
N GLN C 492 -92.66 -9.98 29.65
CA GLN C 492 -93.74 -9.77 28.64
C GLN C 492 -94.11 -11.15 28.06
N ALA C 493 -93.75 -12.27 28.73
CA ALA C 493 -93.90 -13.64 28.20
C ALA C 493 -94.43 -14.54 29.32
N THR C 494 -94.04 -14.26 30.57
CA THR C 494 -94.55 -15.05 31.73
C THR C 494 -95.60 -14.23 32.47
N GLY C 495 -96.09 -13.15 31.85
CA GLY C 495 -97.10 -12.27 32.49
C GLY C 495 -98.37 -13.03 32.80
N VAL C 496 -98.67 -13.23 34.09
CA VAL C 496 -99.90 -13.95 34.53
C VAL C 496 -100.73 -13.00 35.40
N SER C 497 -100.13 -11.89 35.84
CA SER C 497 -100.84 -10.91 36.70
C SER C 497 -100.46 -9.48 36.30
N LEU C 498 -100.67 -8.51 37.19
CA LEU C 498 -100.38 -7.08 36.87
C LEU C 498 -99.53 -6.46 37.99
N GLY C 499 -99.08 -7.28 38.95
CA GLY C 499 -98.21 -6.76 40.03
C GLY C 499 -96.85 -6.37 39.49
N GLY C 500 -96.70 -6.34 38.15
CA GLY C 500 -95.43 -6.02 37.53
C GLY C 500 -95.45 -4.68 36.81
N VAL C 501 -96.05 -3.68 37.44
CA VAL C 501 -96.15 -2.34 36.88
C VAL C 501 -94.75 -1.81 36.57
N ASP C 502 -93.92 -1.70 37.59
CA ASP C 502 -92.54 -1.23 37.44
C ASP C 502 -91.65 -2.10 38.31
N LEU C 503 -90.83 -2.93 37.68
CA LEU C 503 -89.99 -3.89 38.37
C LEU C 503 -88.52 -3.65 38.07
N THR C 504 -87.69 -3.78 39.11
CA THR C 504 -86.24 -3.68 38.97
C THR C 504 -85.60 -4.79 39.79
N VAL C 505 -85.39 -5.94 39.15
CA VAL C 505 -84.83 -7.11 39.82
C VAL C 505 -83.36 -7.24 39.43
N ARG C 506 -82.53 -7.55 40.42
CA ARG C 506 -81.09 -7.68 40.23
C ARG C 506 -80.69 -9.13 40.52
N VAL C 507 -79.84 -9.68 39.66
CA VAL C 507 -79.37 -11.05 39.79
C VAL C 507 -77.89 -11.02 40.11
N LEU C 508 -77.54 -11.45 41.32
CA LEU C 508 -76.15 -11.50 41.76
C LEU C 508 -75.79 -12.95 42.12
N THR C 509 -74.50 -13.18 42.34
CA THR C 509 -73.99 -14.50 42.69
C THR C 509 -73.57 -14.51 44.15
N THR C 510 -73.79 -15.64 44.80
CA THR C 510 -73.41 -15.80 46.21
C THR C 510 -71.92 -16.03 46.39
N GLY C 511 -71.18 -16.29 45.31
CA GLY C 511 -69.73 -16.43 45.38
C GLY C 511 -68.98 -15.12 45.47
N TYR C 512 -69.69 -14.00 45.38
CA TYR C 512 -69.08 -12.68 45.51
C TYR C 512 -69.75 -11.81 46.57
N TRP C 513 -71.03 -12.02 46.86
CA TRP C 513 -71.78 -11.20 47.78
C TRP C 513 -72.17 -12.05 48.99
N PRO C 514 -71.73 -11.72 50.19
CA PRO C 514 -72.06 -12.53 51.37
C PRO C 514 -73.50 -12.31 51.82
N THR C 515 -74.00 -13.30 52.57
CA THR C 515 -75.31 -13.18 53.21
C THR C 515 -75.25 -12.10 54.28
N GLN C 516 -76.25 -11.22 54.31
CA GLN C 516 -76.21 -10.09 55.23
C GLN C 516 -76.23 -10.55 56.67
N SER C 517 -77.37 -11.04 57.16
CA SER C 517 -77.44 -11.66 58.48
C SER C 517 -77.90 -13.10 58.43
N ALA C 518 -79.10 -13.37 57.91
CA ALA C 518 -79.64 -14.73 57.91
C ALA C 518 -80.39 -15.12 56.64
N THR C 519 -80.57 -14.21 55.69
CA THR C 519 -81.44 -14.40 54.53
C THR C 519 -82.82 -14.87 54.98
N PRO C 520 -83.61 -14.01 55.64
CA PRO C 520 -84.87 -14.47 56.23
C PRO C 520 -85.95 -14.79 55.20
N LYS C 521 -87.11 -15.20 55.67
CA LYS C 521 -88.20 -15.69 54.82
C LYS C 521 -89.51 -15.05 55.21
N CYS C 522 -89.51 -13.72 55.36
CA CYS C 522 -90.72 -13.00 55.72
C CYS C 522 -91.73 -13.03 54.57
N ASN C 523 -92.90 -12.45 54.82
CA ASN C 523 -93.96 -12.47 53.82
C ASN C 523 -93.75 -11.35 52.79
N ILE C 524 -94.59 -11.35 51.76
CA ILE C 524 -94.46 -10.43 50.63
C ILE C 524 -95.82 -9.83 50.32
N PRO C 525 -95.90 -8.53 50.03
CA PRO C 525 -97.18 -7.91 49.64
C PRO C 525 -97.71 -8.51 48.35
N PRO C 526 -99.01 -8.38 48.08
CA PRO C 526 -99.60 -9.15 46.97
C PRO C 526 -99.08 -8.77 45.59
N ALA C 527 -98.93 -7.48 45.29
CA ALA C 527 -98.40 -7.10 44.00
C ALA C 527 -96.93 -7.49 43.89
N PRO C 528 -96.10 -7.25 44.91
CA PRO C 528 -94.76 -7.86 44.90
C PRO C 528 -94.80 -9.38 44.87
N ARG C 529 -95.82 -10.01 45.46
CA ARG C 529 -95.95 -11.46 45.34
C ARG C 529 -96.10 -11.87 43.89
N HIS C 530 -97.00 -11.21 43.16
CA HIS C 530 -97.20 -11.54 41.74
C HIS C 530 -95.94 -11.25 40.94
N ALA C 531 -95.25 -10.14 41.23
CA ALA C 531 -94.02 -9.81 40.52
C ALA C 531 -92.95 -10.87 40.75
N PHE C 532 -92.77 -11.30 42.00
CA PHE C 532 -91.77 -12.32 42.30
C PHE C 532 -92.16 -13.66 41.69
N GLU C 533 -93.45 -13.98 41.67
CA GLU C 533 -93.88 -15.22 41.02
C GLU C 533 -93.58 -15.20 39.53
N ILE C 534 -93.87 -14.08 38.87
CA ILE C 534 -93.58 -13.97 37.43
C ILE C 534 -92.08 -14.09 37.19
N PHE C 535 -91.28 -13.41 38.01
CA PHE C 535 -89.83 -13.46 37.82
C PHE C 535 -89.29 -14.87 38.05
N ARG C 536 -89.80 -15.57 39.06
CA ARG C 536 -89.35 -16.92 39.34
C ARG C 536 -89.76 -17.88 38.23
N ARG C 537 -90.99 -17.74 37.72
CA ARG C 537 -91.42 -18.57 36.61
C ARG C 537 -90.55 -18.35 35.39
N PHE C 538 -90.22 -17.09 35.08
CA PHE C 538 -89.35 -16.81 33.95
C PHE C 538 -87.96 -17.39 34.17
N TYR C 539 -87.41 -17.24 35.37
CA TYR C 539 -86.06 -17.70 35.64
C TYR C 539 -85.97 -19.22 35.67
N LEU C 540 -87.09 -19.88 35.95
CA LEU C 540 -87.12 -21.35 35.91
C LEU C 540 -87.48 -21.89 34.54
N ALA C 541 -88.11 -21.09 33.68
CA ALA C 541 -88.46 -21.54 32.35
C ALA C 541 -87.35 -21.29 31.33
N LYS C 542 -86.82 -20.07 31.29
CA LYS C 542 -85.80 -19.71 30.30
C LYS C 542 -84.40 -19.67 30.86
N HIS C 543 -84.23 -19.90 32.16
CA HIS C 543 -82.91 -19.95 32.80
C HIS C 543 -82.81 -21.16 33.71
N SER C 544 -83.20 -22.32 33.18
CA SER C 544 -83.20 -23.55 33.96
C SER C 544 -81.77 -23.92 34.40
N GLY C 545 -81.70 -24.78 35.41
CA GLY C 545 -80.44 -25.19 35.99
C GLY C 545 -80.07 -24.50 37.28
N ARG C 546 -80.95 -23.65 37.81
CA ARG C 546 -80.66 -22.92 39.03
C ARG C 546 -81.99 -22.37 39.59
N GLN C 547 -82.12 -22.40 40.91
CA GLN C 547 -83.30 -21.90 41.59
C GLN C 547 -82.94 -20.69 42.44
N LEU C 548 -83.92 -19.81 42.62
CA LEU C 548 -83.73 -18.56 43.33
C LEU C 548 -84.17 -18.68 44.78
N THR C 549 -83.63 -17.80 45.62
CA THR C 549 -83.96 -17.74 47.04
C THR C 549 -84.47 -16.35 47.37
N LEU C 550 -85.52 -16.29 48.20
CA LEU C 550 -86.16 -15.04 48.58
C LEU C 550 -85.55 -14.49 49.86
N GLN C 551 -85.45 -13.16 49.93
CA GLN C 551 -84.90 -12.48 51.09
C GLN C 551 -85.51 -11.09 51.23
N HIS C 552 -85.19 -10.40 52.32
CA HIS C 552 -85.77 -9.08 52.56
C HIS C 552 -84.71 -8.05 52.94
N HIS C 553 -83.53 -8.51 53.35
CA HIS C 553 -82.50 -7.60 53.83
C HIS C 553 -81.69 -7.00 52.69
N MET C 554 -82.37 -6.50 51.66
CA MET C 554 -81.70 -5.80 50.56
C MET C 554 -82.71 -5.18 49.60
N GLY C 555 -82.39 -4.00 49.07
CA GLY C 555 -83.19 -3.37 48.05
C GLY C 555 -83.95 -2.19 48.59
N SER C 556 -84.87 -1.69 47.78
CA SER C 556 -85.72 -0.57 48.15
C SER C 556 -87.03 -0.67 47.38
N ALA C 557 -87.84 0.39 47.49
CA ALA C 557 -89.12 0.46 46.79
C ALA C 557 -89.62 1.90 46.85
N ASP C 558 -90.65 2.18 46.06
CA ASP C 558 -91.27 3.50 46.01
C ASP C 558 -92.77 3.32 46.29
N LEU C 559 -93.19 3.69 47.48
CA LEU C 559 -94.58 3.54 47.91
C LEU C 559 -95.38 4.78 47.53
N ASN C 560 -96.28 4.63 46.56
CA ASN C 560 -97.11 5.73 46.08
C ASN C 560 -98.24 5.95 47.07
N ALA C 561 -98.11 7.00 47.88
CA ALA C 561 -99.13 7.33 48.86
C ALA C 561 -100.04 8.44 48.32
N THR C 562 -101.13 8.69 49.04
CA THR C 562 -102.07 9.74 48.66
C THR C 562 -102.72 10.35 49.89
N THR C 587 -103.72 18.40 49.55
CA THR C 587 -103.89 16.99 49.24
C THR C 587 -103.24 16.65 47.90
N ARG C 588 -102.20 15.83 47.95
CA ARG C 588 -101.47 15.41 46.76
C ARG C 588 -101.05 13.97 46.91
N LYS C 589 -100.42 13.44 45.86
CA LYS C 589 -99.96 12.05 45.82
C LYS C 589 -98.45 12.05 45.99
N HIS C 590 -98.00 11.98 47.25
CA HIS C 590 -96.57 11.94 47.55
C HIS C 590 -96.11 10.49 47.61
N ILE C 591 -95.08 10.16 46.85
CA ILE C 591 -94.57 8.79 46.80
C ILE C 591 -93.51 8.62 47.88
N LEU C 592 -93.70 7.62 48.74
CA LEU C 592 -92.76 7.34 49.82
C LEU C 592 -91.66 6.40 49.32
N GLN C 593 -90.85 5.91 50.26
CA GLN C 593 -89.77 5.00 49.95
C GLN C 593 -89.60 4.02 51.10
N VAL C 594 -89.50 2.73 50.78
CA VAL C 594 -89.33 1.67 51.77
C VAL C 594 -88.21 0.75 51.29
N SER C 595 -87.12 0.67 52.05
CA SER C 595 -85.96 -0.08 51.53
C SER C 595 -86.19 -1.57 51.50
N THR C 596 -87.24 -2.01 50.82
CA THR C 596 -87.58 -3.41 50.87
C THR C 596 -87.57 -3.67 52.36
N PHE C 597 -88.00 -2.67 53.13
CA PHE C 597 -87.95 -2.76 54.56
C PHE C 597 -89.24 -2.20 55.10
N GLN C 598 -89.57 -0.96 54.76
CA GLN C 598 -90.86 -0.52 55.26
C GLN C 598 -92.02 -0.99 54.39
N MET C 599 -91.75 -1.79 53.36
CA MET C 599 -92.82 -2.26 52.47
C MET C 599 -93.77 -3.19 53.20
N THR C 600 -93.22 -4.13 53.99
CA THR C 600 -94.07 -5.11 54.67
C THR C 600 -94.91 -4.45 55.76
N ILE C 601 -94.31 -3.55 56.54
CA ILE C 601 -95.04 -2.90 57.63
C ILE C 601 -96.13 -2.00 57.06
N LEU C 602 -95.82 -1.25 56.00
CA LEU C 602 -96.82 -0.40 55.38
C LEU C 602 -97.92 -1.21 54.71
N MET C 603 -97.58 -2.38 54.16
CA MET C 603 -98.59 -3.25 53.58
C MET C 603 -99.52 -3.81 54.65
N LEU C 604 -98.96 -4.21 55.79
CA LEU C 604 -99.78 -4.67 56.90
C LEU C 604 -100.67 -3.53 57.42
N PHE C 605 -100.17 -2.30 57.39
CA PHE C 605 -101.00 -1.15 57.76
C PHE C 605 -102.13 -0.94 56.75
N ASN C 606 -101.86 -1.24 55.48
CA ASN C 606 -102.94 -1.16 54.45
C ASN C 606 -103.96 -2.26 54.71
N ASN C 607 -103.51 -3.52 54.77
CA ASN C 607 -104.41 -4.68 54.99
C ASN C 607 -105.29 -4.40 56.21
N ARG C 608 -104.69 -3.91 57.30
CA ARG C 608 -105.47 -3.58 58.52
C ARG C 608 -104.69 -2.56 59.35
N GLU C 609 -105.23 -1.36 59.53
CA GLU C 609 -104.55 -0.31 60.35
C GLU C 609 -104.65 -0.70 61.83
N LYS C 610 -104.24 0.20 62.73
CA LYS C 610 -104.28 -0.09 64.19
C LYS C 610 -103.47 -1.35 64.48
N TYR C 611 -102.25 -1.44 63.91
CA TYR C 611 -101.37 -2.62 64.15
C TYR C 611 -100.44 -2.33 65.32
N THR C 612 -99.55 -3.27 65.66
CA THR C 612 -98.69 -3.08 66.86
C THR C 612 -97.41 -3.93 66.74
N PHE C 613 -96.57 -3.97 67.79
CA PHE C 613 -95.38 -4.84 67.77
C PHE C 613 -95.88 -6.28 67.80
N GLU C 614 -96.80 -6.60 68.73
CA GLU C 614 -97.40 -7.95 68.78
C GLU C 614 -98.13 -8.24 67.46
N GLU C 615 -98.16 -7.27 66.55
CA GLU C 615 -98.75 -7.50 65.20
C GLU C 615 -97.65 -7.51 64.15
N ILE C 616 -96.58 -6.70 64.30
CA ILE C 616 -95.58 -6.79 63.24
C ILE C 616 -94.51 -7.82 63.58
N GLN C 617 -94.50 -8.33 64.81
CA GLN C 617 -93.54 -9.36 65.17
C GLN C 617 -94.16 -10.75 65.23
N GLN C 618 -95.49 -10.85 65.20
CA GLN C 618 -96.18 -12.14 65.31
C GLN C 618 -96.60 -12.68 63.95
N GLU C 619 -97.28 -11.89 63.14
CA GLU C 619 -97.82 -12.34 61.86
C GLU C 619 -96.98 -11.84 60.68
N THR C 620 -95.66 -11.77 60.87
CA THR C 620 -94.76 -11.30 59.82
C THR C 620 -93.54 -12.16 59.60
N ASP C 621 -93.11 -12.98 60.58
CA ASP C 621 -91.86 -13.72 60.52
C ASP C 621 -90.69 -12.77 60.27
N ILE C 622 -90.56 -11.79 61.17
CA ILE C 622 -89.64 -10.68 61.00
C ILE C 622 -88.34 -10.97 61.73
N PRO C 623 -87.18 -10.58 61.19
CA PRO C 623 -85.91 -10.84 61.89
C PRO C 623 -85.68 -9.97 63.11
N GLU C 624 -84.46 -10.04 63.65
CA GLU C 624 -84.08 -9.41 64.91
C GLU C 624 -83.83 -7.91 64.75
N ARG C 625 -83.13 -7.32 65.72
CA ARG C 625 -82.97 -5.88 65.92
C ARG C 625 -82.77 -5.07 64.65
N GLU C 626 -82.26 -5.70 63.58
CA GLU C 626 -82.33 -5.09 62.26
C GLU C 626 -83.76 -4.63 61.96
N LEU C 627 -84.74 -5.42 62.41
CA LEU C 627 -86.13 -4.99 62.32
C LEU C 627 -86.37 -3.70 63.10
N VAL C 628 -85.77 -3.58 64.29
CA VAL C 628 -85.96 -2.38 65.09
C VAL C 628 -85.38 -1.17 64.38
N ARG C 629 -84.20 -1.32 63.78
CA ARG C 629 -83.60 -0.22 63.03
C ARG C 629 -84.41 0.13 61.79
N ALA C 630 -85.00 -0.87 61.13
CA ALA C 630 -85.82 -0.58 59.96
C ALA C 630 -87.13 0.10 60.35
N LEU C 631 -87.65 -0.21 61.54
CA LEU C 631 -88.91 0.36 62.00
C LEU C 631 -88.73 1.78 62.53
N GLN C 632 -87.66 2.03 63.29
CA GLN C 632 -87.42 3.38 63.81
C GLN C 632 -87.12 4.38 62.71
N SER C 633 -86.83 3.90 61.48
CA SER C 633 -86.53 4.81 60.38
C SER C 633 -87.73 5.67 60.04
N LEU C 634 -88.94 5.21 60.37
CA LEU C 634 -90.14 5.98 60.05
C LEU C 634 -90.65 6.78 61.25
N ALA C 635 -90.32 6.37 62.46
CA ALA C 635 -90.86 7.00 63.66
C ALA C 635 -89.79 7.69 64.49
N CYS C 636 -88.73 6.99 64.90
CA CYS C 636 -87.75 7.57 65.80
C CYS C 636 -86.74 8.42 65.03
N GLY C 637 -86.35 9.53 65.64
CA GLY C 637 -85.38 10.42 65.02
C GLY C 637 -85.84 10.98 63.69
N LYS C 638 -87.09 11.43 63.62
CA LYS C 638 -87.66 11.90 62.37
C LYS C 638 -87.83 13.41 62.39
N PRO C 639 -87.51 14.18 61.31
CA PRO C 639 -87.76 15.63 61.31
C PRO C 639 -89.23 16.02 61.19
N THR C 640 -89.59 16.74 60.11
CA THR C 640 -91.00 17.13 59.88
C THR C 640 -91.57 16.24 58.76
N GLN C 641 -90.99 15.05 58.58
CA GLN C 641 -91.45 14.13 57.51
C GLN C 641 -91.95 12.83 58.16
N ARG C 642 -92.26 12.88 59.46
CA ARG C 642 -92.74 11.67 60.19
C ARG C 642 -94.06 11.21 59.57
N VAL C 643 -94.00 10.19 58.70
CA VAL C 643 -95.24 9.65 58.04
C VAL C 643 -95.80 8.56 58.94
N LEU C 644 -94.98 7.98 59.83
CA LEU C 644 -95.48 6.96 60.78
C LEU C 644 -95.47 7.54 62.19
N THR C 645 -96.65 7.64 62.82
CA THR C 645 -96.74 8.12 64.22
C THR C 645 -97.28 6.98 65.08
N LYS C 646 -97.60 7.25 66.35
CA LYS C 646 -98.18 6.21 67.25
C LYS C 646 -98.97 6.90 68.36
N GLU C 647 -99.78 6.13 69.10
CA GLU C 647 -100.58 6.70 70.21
C GLU C 647 -99.77 6.63 71.51
N PRO C 648 -99.30 5.47 72.01
CA PRO C 648 -98.44 5.42 73.20
C PRO C 648 -96.99 5.78 72.81
N LYS C 649 -96.70 7.07 72.69
CA LYS C 649 -95.35 7.52 72.27
C LYS C 649 -94.35 7.28 73.42
N SER C 650 -93.44 6.31 73.25
CA SER C 650 -92.41 6.04 74.28
C SER C 650 -91.10 5.66 73.59
N LYS C 651 -89.96 6.02 74.19
CA LYS C 651 -88.63 5.69 73.60
C LYS C 651 -88.53 4.17 73.42
N GLU C 652 -88.80 3.41 74.48
CA GLU C 652 -88.75 1.96 74.40
C GLU C 652 -90.00 1.42 73.71
N ILE C 653 -89.87 0.23 73.12
CA ILE C 653 -91.02 -0.39 72.38
C ILE C 653 -91.65 -1.45 73.28
N GLU C 654 -92.91 -1.24 73.68
CA GLU C 654 -93.63 -2.22 74.53
C GLU C 654 -94.16 -3.35 73.66
N ASN C 655 -95.49 -3.50 73.56
CA ASN C 655 -96.10 -4.55 72.72
C ASN C 655 -97.49 -4.09 72.28
N GLY C 656 -98.03 -3.05 72.93
CA GLY C 656 -99.39 -2.57 72.61
C GLY C 656 -99.38 -1.16 72.06
N HIS C 657 -98.25 -0.74 71.47
CA HIS C 657 -98.16 0.61 70.86
C HIS C 657 -98.88 0.62 69.51
N ILE C 658 -100.11 1.13 69.48
CA ILE C 658 -100.88 1.20 68.20
C ILE C 658 -100.22 2.23 67.29
N PHE C 659 -100.30 2.05 65.97
CA PHE C 659 -99.59 2.95 65.03
C PHE C 659 -100.60 3.80 64.25
N THR C 660 -100.16 4.99 63.80
CA THR C 660 -101.04 5.89 63.00
C THR C 660 -100.20 6.48 61.86
N VAL C 661 -100.85 7.05 60.83
CA VAL C 661 -100.11 7.71 59.73
C VAL C 661 -100.43 9.21 59.75
N ASN C 662 -99.40 10.05 59.84
CA ASN C 662 -99.61 11.53 59.84
C ASN C 662 -99.40 12.06 58.43
N ASP C 663 -100.31 12.92 57.96
CA ASP C 663 -100.17 13.53 56.61
C ASP C 663 -98.87 14.35 56.58
N GLN C 664 -98.66 15.21 57.57
CA GLN C 664 -97.42 16.04 57.64
C GLN C 664 -97.12 16.64 56.27
N PHE C 665 -98.01 17.49 55.77
CA PHE C 665 -97.81 18.12 54.43
C PHE C 665 -96.66 19.12 54.49
N THR C 666 -95.43 18.66 54.28
CA THR C 666 -94.24 19.55 54.32
C THR C 666 -93.38 19.28 53.07
N SER C 667 -93.07 18.01 52.82
CA SER C 667 -92.29 17.63 51.61
C SER C 667 -93.21 17.69 50.37
N LYS C 668 -93.14 18.79 49.62
CA LYS C 668 -94.01 18.95 48.42
C LYS C 668 -93.50 18.05 47.30
N LEU C 669 -92.23 17.63 47.37
CA LEU C 669 -91.67 16.71 46.36
C LEU C 669 -92.42 15.37 46.43
N HIS C 670 -92.71 14.76 45.28
CA HIS C 670 -93.44 13.48 45.25
C HIS C 670 -92.45 12.31 45.23
N ARG C 671 -91.41 12.39 46.07
CA ARG C 671 -90.39 11.30 46.15
C ARG C 671 -89.71 11.39 47.52
N VAL C 672 -90.48 11.65 48.58
CA VAL C 672 -89.91 11.80 49.91
C VAL C 672 -89.51 10.42 50.41
N LYS C 673 -88.27 10.31 50.88
CA LYS C 673 -87.70 9.04 51.32
C LYS C 673 -87.38 9.11 52.81
N ILE C 674 -87.46 7.96 53.48
CA ILE C 674 -87.12 7.85 54.89
C ILE C 674 -85.80 7.11 54.99
N GLN C 675 -84.70 7.85 55.10
CA GLN C 675 -83.40 7.21 55.27
C GLN C 675 -82.79 7.50 56.63
N THR C 676 -82.73 6.48 57.49
CA THR C 676 -82.11 6.65 58.79
C THR C 676 -81.16 5.50 59.04
N VAL C 677 -81.49 4.34 58.49
CA VAL C 677 -80.66 3.16 58.71
C VAL C 677 -79.34 3.23 57.96
N ALA C 678 -78.42 2.33 58.29
CA ALA C 678 -77.11 2.31 57.62
C ALA C 678 -76.56 3.72 57.42
N ALA C 679 -76.51 4.52 58.47
CA ALA C 679 -76.00 5.87 58.38
C ALA C 679 -74.64 5.87 57.70
N LYS C 680 -73.67 5.18 58.31
CA LYS C 680 -72.31 5.07 57.73
C LYS C 680 -71.99 3.60 57.44
N GLN C 681 -70.70 3.24 57.39
CA GLN C 681 -70.29 1.83 57.17
C GLN C 681 -69.14 1.48 58.12
N GLY C 682 -69.35 1.66 59.44
CA GLY C 682 -68.31 1.31 60.42
C GLY C 682 -68.56 -0.06 61.02
N GLU C 683 -69.79 -0.57 60.90
CA GLU C 683 -70.16 -1.92 61.41
C GLU C 683 -69.93 -2.03 62.93
N SER C 684 -69.48 -3.19 63.39
CA SER C 684 -69.30 -3.41 64.86
C SER C 684 -68.04 -4.24 65.10
N ASP C 685 -67.45 -4.17 66.30
CA ASP C 685 -66.18 -4.91 66.57
C ASP C 685 -66.34 -6.43 66.35
N PRO C 686 -67.26 -7.17 67.02
CA PRO C 686 -67.33 -8.65 66.86
C PRO C 686 -67.44 -9.21 65.45
N GLU C 687 -68.48 -8.82 64.69
CA GLU C 687 -68.70 -9.41 63.34
C GLU C 687 -67.48 -9.15 62.46
N ARG C 688 -66.98 -7.91 62.43
CA ARG C 688 -65.77 -7.57 61.63
C ARG C 688 -64.65 -8.54 62.02
N LYS C 689 -64.34 -8.65 63.32
CA LYS C 689 -63.26 -9.55 63.79
C LYS C 689 -63.48 -10.97 63.27
N GLU C 690 -64.68 -11.53 63.46
CA GLU C 690 -64.90 -12.96 63.08
C GLU C 690 -64.73 -13.11 61.55
N THR C 691 -65.20 -12.15 60.75
CA THR C 691 -65.11 -12.33 59.28
C THR C 691 -63.64 -12.17 58.85
N ARG C 692 -62.88 -11.34 59.57
CA ARG C 692 -61.44 -11.18 59.27
C ARG C 692 -60.72 -12.49 59.62
N GLN C 693 -61.14 -13.15 60.71
CA GLN C 693 -60.54 -14.46 61.08
C GLN C 693 -60.91 -15.49 60.01
N LYS C 694 -62.12 -15.38 59.44
CA LYS C 694 -62.52 -16.30 58.35
C LYS C 694 -61.62 -16.07 57.13
N VAL C 695 -61.34 -14.79 56.80
CA VAL C 695 -60.42 -14.49 55.67
C VAL C 695 -59.04 -15.08 56.00
N ASP C 696 -58.60 -14.99 57.26
CA ASP C 696 -57.29 -15.55 57.68
C ASP C 696 -57.28 -17.06 57.42
N ASP C 697 -58.33 -17.77 57.82
CA ASP C 697 -58.43 -19.23 57.61
C ASP C 697 -58.39 -19.56 56.10
N ASP C 698 -59.07 -18.73 55.29
CA ASP C 698 -59.07 -18.95 53.82
C ASP C 698 -57.65 -18.78 53.27
N ARG C 699 -56.94 -17.74 53.74
CA ARG C 699 -55.54 -17.49 53.30
C ARG C 699 -54.66 -18.65 53.74
N LYS C 700 -54.97 -19.26 54.90
CA LYS C 700 -54.16 -20.39 55.43
C LYS C 700 -54.40 -21.61 54.56
N HIS C 701 -55.65 -21.83 54.14
CA HIS C 701 -55.92 -22.94 53.18
C HIS C 701 -55.09 -22.66 51.91
N GLU C 702 -55.08 -21.39 51.48
CA GLU C 702 -54.23 -21.03 50.31
C GLU C 702 -52.80 -21.51 50.59
N ILE C 703 -52.20 -21.06 51.70
CA ILE C 703 -50.83 -21.52 52.08
C ILE C 703 -50.76 -23.03 51.84
N GLU C 704 -51.53 -23.82 52.60
CA GLU C 704 -51.48 -25.30 52.46
C GLU C 704 -51.35 -25.65 50.99
N ALA C 705 -52.44 -25.46 50.24
CA ALA C 705 -52.43 -25.88 48.81
C ALA C 705 -51.09 -25.48 48.17
N ALA C 706 -50.85 -24.18 48.04
CA ALA C 706 -49.61 -23.68 47.41
C ALA C 706 -48.41 -24.53 47.85
N ILE C 707 -47.98 -24.39 49.10
CA ILE C 707 -46.74 -25.09 49.53
C ILE C 707 -46.77 -26.55 49.07
N VAL C 708 -47.75 -27.33 49.54
CA VAL C 708 -47.69 -28.79 49.22
C VAL C 708 -47.51 -29.02 47.69
N ARG C 709 -48.44 -28.49 46.89
CA ARG C 709 -48.39 -28.77 45.42
C ARG C 709 -47.01 -28.39 44.89
N ILE C 710 -46.63 -27.12 45.10
CA ILE C 710 -45.34 -26.63 44.53
C ILE C 710 -44.24 -27.60 44.94
N MET C 711 -44.03 -27.81 46.24
CA MET C 711 -42.90 -28.66 46.72
C MET C 711 -42.88 -30.03 46.06
N LYS C 712 -44.03 -30.71 45.94
CA LYS C 712 -43.94 -32.09 45.38
C LYS C 712 -43.41 -32.12 43.94
N SER C 713 -43.38 -31.01 43.21
CA SER C 713 -42.89 -30.85 41.82
C SER C 713 -41.72 -29.86 41.81
N ARG C 714 -41.78 -28.84 42.67
CA ARG C 714 -40.79 -27.72 42.65
C ARG C 714 -39.99 -27.71 43.95
N LYS C 715 -39.07 -28.67 44.13
CA LYS C 715 -38.16 -28.71 45.32
C LYS C 715 -38.94 -28.94 46.63
N LYS C 716 -38.88 -30.17 47.15
CA LYS C 716 -39.52 -30.44 48.47
C LYS C 716 -38.55 -30.00 49.58
N MET C 717 -38.98 -30.04 50.85
CA MET C 717 -38.12 -29.54 51.96
C MET C 717 -37.63 -30.72 52.80
N GLN C 718 -36.77 -30.44 53.78
CA GLN C 718 -36.32 -31.51 54.72
C GLN C 718 -37.28 -31.52 55.90
N HIS C 719 -37.22 -30.52 56.78
CA HIS C 719 -38.22 -30.41 57.88
C HIS C 719 -39.22 -29.33 57.50
N ASN C 720 -38.84 -28.06 57.61
CA ASN C 720 -39.70 -26.92 57.22
C ASN C 720 -38.80 -25.82 56.66
N VAL C 721 -38.51 -25.84 55.36
CA VAL C 721 -37.55 -24.84 54.79
C VAL C 721 -38.17 -24.10 53.60
N LEU C 722 -39.13 -24.74 52.90
CA LEU C 722 -39.82 -24.04 51.78
C LEU C 722 -40.98 -23.24 52.36
N VAL C 723 -41.53 -23.62 53.51
CA VAL C 723 -42.45 -22.79 54.25
C VAL C 723 -42.03 -21.33 54.17
N ALA C 724 -40.71 -21.06 54.16
CA ALA C 724 -40.25 -19.69 53.98
C ALA C 724 -40.71 -19.12 52.65
N GLU C 725 -40.66 -19.93 51.58
CA GLU C 725 -41.12 -19.47 50.29
C GLU C 725 -42.63 -19.26 50.27
N VAL C 726 -43.39 -20.17 50.84
CA VAL C 726 -44.88 -20.01 50.73
C VAL C 726 -45.33 -18.77 51.51
N THR C 727 -44.66 -18.47 52.63
CA THR C 727 -45.01 -17.26 53.40
C THR C 727 -44.52 -16.02 52.66
N GLN C 728 -43.45 -16.15 51.86
CA GLN C 728 -42.96 -15.01 51.04
C GLN C 728 -43.97 -14.73 49.94
N GLN C 729 -44.57 -15.77 49.35
CA GLN C 729 -45.62 -15.57 48.32
C GLN C 729 -46.77 -14.77 48.93
N LEU C 730 -47.24 -15.18 50.11
CA LEU C 730 -48.35 -14.46 50.80
C LEU C 730 -47.75 -13.56 51.89
N LYS C 731 -46.88 -12.61 51.52
CA LYS C 731 -46.20 -11.78 52.54
C LYS C 731 -47.17 -10.73 53.13
N ALA C 732 -47.73 -9.86 52.28
CA ALA C 732 -48.64 -8.80 52.76
C ALA C 732 -49.93 -9.44 53.31
N ARG C 733 -50.20 -10.69 52.92
CA ARG C 733 -51.42 -11.40 53.39
C ARG C 733 -50.98 -12.55 54.32
N PHE C 734 -50.34 -12.21 55.44
CA PHE C 734 -49.86 -13.25 56.39
C PHE C 734 -50.05 -12.77 57.84
N LEU C 735 -49.69 -11.51 58.14
CA LEU C 735 -49.73 -11.00 59.54
C LEU C 735 -50.92 -11.52 60.36
N PRO C 736 -52.20 -11.09 60.16
CA PRO C 736 -53.17 -11.12 61.26
C PRO C 736 -53.51 -12.54 61.74
N SER C 737 -53.27 -13.55 60.91
CA SER C 737 -53.52 -14.96 61.30
C SER C 737 -52.49 -15.41 62.34
N PRO C 738 -52.90 -16.03 63.47
CA PRO C 738 -51.97 -16.52 64.48
C PRO C 738 -51.29 -17.85 64.09
N VAL C 739 -51.75 -18.97 64.68
CA VAL C 739 -51.11 -20.29 64.42
C VAL C 739 -52.07 -21.19 63.64
N VAL C 740 -53.03 -20.59 62.95
CA VAL C 740 -54.01 -21.39 62.13
C VAL C 740 -53.23 -22.28 61.16
N ILE C 741 -52.24 -21.72 60.46
CA ILE C 741 -51.42 -22.48 59.48
C ILE C 741 -50.88 -23.77 60.12
N LYS C 742 -50.31 -23.68 61.32
CA LYS C 742 -49.72 -24.86 61.99
C LYS C 742 -50.80 -25.93 62.22
N LYS C 743 -51.94 -25.52 62.79
CA LYS C 743 -53.04 -26.48 63.07
C LYS C 743 -53.58 -27.08 61.77
N ARG C 744 -53.52 -26.31 60.67
CA ARG C 744 -54.06 -26.78 59.38
C ARG C 744 -53.15 -27.87 58.80
N ILE C 745 -51.85 -27.59 58.63
CA ILE C 745 -50.93 -28.59 58.02
C ILE C 745 -50.97 -29.85 58.87
N GLU C 746 -51.23 -29.70 60.18
CA GLU C 746 -51.29 -30.84 61.12
C GLU C 746 -52.51 -31.71 60.77
N GLY C 747 -53.72 -31.14 60.82
CA GLY C 747 -54.94 -31.91 60.48
C GLY C 747 -54.86 -32.51 59.08
N LEU C 748 -54.06 -31.92 58.20
CA LEU C 748 -53.93 -32.38 56.79
C LEU C 748 -53.03 -33.62 56.63
N ILE C 749 -51.95 -33.74 57.39
CA ILE C 749 -51.11 -34.97 57.34
C ILE C 749 -52.02 -36.18 57.56
N GLU C 750 -52.39 -36.89 56.48
CA GLU C 750 -53.32 -38.04 56.59
C GLU C 750 -53.09 -39.00 55.42
N ARG C 751 -53.21 -38.51 54.18
CA ARG C 751 -53.04 -39.36 52.99
C ARG C 751 -51.62 -39.20 52.43
N GLU C 752 -51.46 -39.41 51.12
CA GLU C 752 -50.11 -39.31 50.49
C GLU C 752 -49.90 -37.92 49.90
N TYR C 753 -48.84 -37.72 49.11
CA TYR C 753 -48.55 -36.41 48.47
C TYR C 753 -48.11 -35.38 49.52
N LEU C 754 -47.94 -35.82 50.77
CA LEU C 754 -47.45 -34.92 51.85
C LEU C 754 -46.97 -35.75 53.04
N ALA C 755 -45.72 -35.54 53.47
CA ALA C 755 -45.20 -36.24 54.67
C ALA C 755 -45.05 -35.22 55.80
N ARG C 756 -43.84 -34.69 56.01
CA ARG C 756 -43.59 -33.65 57.06
C ARG C 756 -43.85 -34.19 58.48
N THR C 757 -44.27 -35.46 58.59
CA THR C 757 -44.53 -36.09 59.91
C THR C 757 -43.41 -35.75 60.88
N PRO C 758 -43.68 -35.15 62.06
CA PRO C 758 -42.64 -34.83 63.04
C PRO C 758 -41.71 -36.03 63.31
N GLU C 759 -42.27 -37.24 63.28
CA GLU C 759 -41.46 -38.47 63.49
C GLU C 759 -40.47 -38.65 62.33
N ASP C 760 -40.96 -38.62 61.08
CA ASP C 760 -40.07 -38.87 59.92
C ASP C 760 -40.21 -37.73 58.90
N ARG C 761 -39.68 -36.55 59.21
CA ARG C 761 -39.70 -35.42 58.24
C ARG C 761 -38.38 -35.43 57.47
N LYS C 762 -38.25 -36.29 56.46
CA LYS C 762 -36.97 -36.41 55.71
C LYS C 762 -37.15 -35.91 54.29
N VAL C 763 -36.63 -36.64 53.30
CA VAL C 763 -36.84 -36.25 51.87
C VAL C 763 -38.23 -36.73 51.46
N TYR C 764 -39.07 -35.82 50.94
CA TYR C 764 -40.47 -36.18 50.59
C TYR C 764 -40.51 -36.74 49.17
N THR C 765 -41.70 -37.13 48.70
CA THR C 765 -41.85 -37.68 47.33
C THR C 765 -41.65 -36.56 46.30
N TYR C 766 -41.40 -36.93 45.03
CA TYR C 766 -41.23 -35.91 43.97
C TYR C 766 -42.20 -36.18 42.83
N VAL C 767 -43.51 -36.07 43.09
CA VAL C 767 -44.52 -36.25 42.01
C VAL C 767 -44.93 -34.86 41.51
N ALA C 768 -46.09 -34.37 41.93
CA ALA C 768 -46.55 -33.02 41.52
C ALA C 768 -47.53 -32.48 42.57
N GLU D 6 -3.90 19.25 17.56
CA GLU D 6 -2.90 19.37 16.47
C GLU D 6 -2.03 18.11 16.44
N ARG D 7 -2.15 17.31 15.37
CA ARG D 7 -1.32 16.08 15.23
C ARG D 7 -0.17 16.36 14.25
N GLN D 8 -0.05 15.54 13.20
CA GLN D 8 1.03 15.73 12.20
C GLN D 8 0.62 15.12 10.86
N ILE D 9 -0.51 15.56 10.30
CA ILE D 9 -0.92 15.07 8.95
C ILE D 9 0.05 15.65 7.92
N ASN D 10 0.36 14.88 6.87
CA ASN D 10 1.34 15.34 5.86
C ASN D 10 0.65 15.43 4.50
N THR D 11 -0.03 16.56 4.24
CA THR D 11 -0.70 16.76 2.91
C THR D 11 0.36 17.16 1.89
N GLU D 12 1.20 16.20 1.46
CA GLU D 12 2.31 16.51 0.52
C GLU D 12 3.02 17.78 1.00
N TYR D 13 3.40 17.82 2.28
CA TYR D 13 4.01 19.05 2.85
C TYR D 13 5.29 18.71 3.62
N ALA D 14 5.33 17.54 4.26
CA ALA D 14 6.54 17.11 4.99
C ALA D 14 7.74 17.16 4.04
N VAL D 15 7.54 16.73 2.78
CA VAL D 15 8.64 16.74 1.78
C VAL D 15 8.76 18.15 1.18
N SER D 16 7.65 18.85 0.90
CA SER D 16 7.78 20.18 0.26
C SER D 16 8.69 21.09 1.08
N LEU D 17 8.35 21.28 2.37
CA LEU D 17 9.15 22.16 3.27
C LEU D 17 10.60 21.71 3.30
N LEU D 18 10.84 20.40 3.47
CA LEU D 18 12.22 19.85 3.55
C LEU D 18 12.97 20.12 2.25
N GLU D 19 12.33 19.90 1.10
CA GLU D 19 12.96 20.20 -0.21
C GLU D 19 13.36 21.68 -0.23
N GLN D 20 12.45 22.57 0.17
CA GLN D 20 12.76 24.03 0.16
C GLN D 20 13.96 24.31 1.07
N LEU D 21 14.00 23.71 2.26
CA LEU D 21 15.14 23.90 3.21
C LEU D 21 16.45 23.49 2.53
N LYS D 22 16.47 22.31 1.89
CA LYS D 22 17.69 21.83 1.21
C LYS D 22 18.09 22.83 0.11
N LEU D 23 17.10 23.30 -0.66
CA LEU D 23 17.38 24.29 -1.74
C LEU D 23 18.05 25.51 -1.13
N PHE D 24 17.52 26.03 -0.02
CA PHE D 24 18.10 27.22 0.66
C PHE D 24 19.53 26.93 1.10
N TYR D 25 19.77 25.79 1.76
CA TYR D 25 21.17 25.46 2.12
C TYR D 25 22.06 25.55 0.87
N GLU D 26 21.65 24.89 -0.22
CA GLU D 26 22.53 24.85 -1.44
C GLU D 26 22.72 26.24 -2.06
N GLN D 27 21.73 27.14 -1.96
CA GLN D 27 21.84 28.46 -2.67
C GLN D 27 22.59 29.51 -1.84
N GLN D 28 23.19 29.12 -0.70
CA GLN D 28 23.82 30.12 0.20
C GLN D 28 22.78 31.18 0.54
N LEU D 29 21.60 30.75 1.01
CA LEU D 29 20.49 31.71 1.27
C LEU D 29 20.20 31.74 2.77
N PHE D 30 19.68 32.87 3.29
CA PHE D 30 19.30 32.98 4.72
C PHE D 30 20.40 32.42 5.62
N THR D 31 21.66 32.53 5.20
CA THR D 31 22.79 31.98 5.99
C THR D 31 23.03 32.88 7.21
N ASP D 32 22.47 32.52 8.37
CA ASP D 32 22.66 33.33 9.61
C ASP D 32 23.88 32.78 10.35
N ILE D 33 24.47 31.68 9.85
CA ILE D 33 25.60 31.05 10.51
C ILE D 33 26.39 30.27 9.48
N VAL D 34 27.72 30.31 9.57
CA VAL D 34 28.61 29.62 8.65
C VAL D 34 29.66 28.88 9.46
N LEU D 35 29.92 27.63 9.09
CA LEU D 35 30.88 26.78 9.80
C LEU D 35 32.20 26.79 9.05
N ILE D 36 33.28 27.07 9.75
CA ILE D 36 34.62 27.06 9.18
C ILE D 36 35.29 25.75 9.59
N VAL D 37 35.56 24.90 8.61
CA VAL D 37 36.16 23.58 8.83
C VAL D 37 37.43 23.53 8.00
N GLU D 38 38.57 23.70 8.66
CA GLU D 38 39.90 23.78 8.03
C GLU D 38 39.86 24.54 6.70
N GLY D 39 39.32 25.75 6.74
CA GLY D 39 39.26 26.63 5.60
C GLY D 39 38.03 26.47 4.74
N THR D 40 37.29 25.38 4.88
CA THR D 40 36.08 25.15 4.09
C THR D 40 34.89 25.80 4.77
N GLU D 41 34.07 26.48 3.98
CA GLU D 41 32.91 27.21 4.48
C GLU D 41 31.64 26.39 4.28
N PHE D 42 30.78 26.37 5.30
CA PHE D 42 29.50 25.62 5.20
C PHE D 42 28.37 26.57 5.62
N PRO D 43 27.90 27.48 4.74
CA PRO D 43 26.88 28.46 5.10
C PRO D 43 25.49 27.82 5.27
N CYS D 44 25.24 27.24 6.45
CA CYS D 44 23.92 26.60 6.72
C CYS D 44 23.07 27.58 7.53
N HIS D 45 22.09 27.09 8.27
CA HIS D 45 21.28 27.98 9.13
C HIS D 45 21.27 27.40 10.55
N LYS D 46 20.65 28.08 11.52
CA LYS D 46 20.72 27.63 12.95
C LYS D 46 19.61 26.65 13.29
N MET D 47 18.34 27.00 13.03
CA MET D 47 17.17 26.16 13.41
C MET D 47 17.44 24.69 13.07
N VAL D 48 17.91 24.39 11.86
CA VAL D 48 18.08 22.96 11.46
C VAL D 48 19.22 22.33 12.27
N LEU D 49 20.36 23.01 12.40
CA LEU D 49 21.52 22.45 13.13
C LEU D 49 21.08 22.07 14.54
N ALA D 50 20.13 22.82 15.11
CA ALA D 50 19.58 22.50 16.44
C ALA D 50 18.94 21.11 16.42
N THR D 51 17.96 20.90 15.54
CA THR D 51 17.27 19.58 15.44
C THR D 51 18.30 18.46 15.40
N CYS D 52 19.33 18.60 14.56
CA CYS D 52 20.35 17.52 14.42
C CYS D 52 21.34 17.58 15.59
N SER D 53 22.36 18.42 15.49
CA SER D 53 23.42 18.46 16.54
C SER D 53 22.91 19.01 17.87
N SER D 54 23.08 18.25 18.96
CA SER D 54 22.71 18.77 20.30
C SER D 54 23.84 19.68 20.80
N TYR D 55 25.04 19.55 20.23
CA TYR D 55 26.13 20.50 20.60
C TYR D 55 25.73 21.86 20.02
N PHE D 56 25.28 21.89 18.77
CA PHE D 56 24.82 23.15 18.14
C PHE D 56 23.54 23.62 18.85
N ARG D 57 22.82 22.69 19.49
CA ARG D 57 21.63 23.07 20.27
C ARG D 57 22.08 23.91 21.47
N ALA D 58 23.17 23.50 22.14
CA ALA D 58 23.71 24.27 23.28
C ALA D 58 24.60 25.40 22.76
N MET D 59 24.94 25.38 21.47
CA MET D 59 25.83 26.42 20.87
C MET D 59 24.98 27.62 20.48
N PHE D 60 23.80 27.38 19.90
CA PHE D 60 22.97 28.51 19.41
C PHE D 60 21.95 28.90 20.49
N MET D 61 22.28 28.74 21.77
CA MET D 61 21.36 29.19 22.80
C MET D 61 22.07 29.70 24.05
N SER D 62 23.27 29.22 24.34
CA SER D 62 23.98 29.65 25.53
C SER D 62 24.35 31.13 25.42
N GLY D 63 24.45 31.78 26.58
CA GLY D 63 24.72 33.20 26.64
C GLY D 63 26.17 33.58 26.40
N LEU D 64 26.92 32.59 25.94
CA LEU D 64 28.37 32.79 25.68
C LEU D 64 28.55 33.60 24.39
N SER D 65 29.72 34.22 24.18
CA SER D 65 29.93 35.14 23.03
C SER D 65 29.85 34.46 21.66
N GLU D 66 29.93 33.12 21.59
CA GLU D 66 29.94 32.41 20.29
C GLU D 66 28.56 32.46 19.63
N SER D 67 27.49 32.64 20.42
CA SER D 67 26.13 32.74 19.85
C SER D 67 26.02 34.05 19.04
N LYS D 68 26.76 35.08 19.45
CA LYS D 68 26.78 36.37 18.70
C LYS D 68 28.05 36.43 17.86
N GLN D 69 28.34 35.38 17.10
CA GLN D 69 29.56 35.33 16.25
C GLN D 69 29.18 34.75 14.88
N THR D 70 29.05 35.60 13.85
CA THR D 70 28.66 35.14 12.53
C THR D 70 29.55 34.00 12.04
N HIS D 71 30.86 34.10 12.27
CA HIS D 71 31.81 33.11 11.81
C HIS D 71 32.34 32.31 12.99
N VAL D 72 32.02 31.03 13.03
CA VAL D 72 32.49 30.12 14.07
C VAL D 72 33.49 29.15 13.46
N HIS D 73 34.61 28.94 14.16
CA HIS D 73 35.69 28.08 13.68
C HIS D 73 35.63 26.76 14.44
N LEU D 74 34.82 25.83 13.93
CA LEU D 74 34.73 24.51 14.53
C LEU D 74 35.86 23.61 14.00
N ARG D 75 36.62 23.04 14.93
CA ARG D 75 37.77 22.20 14.61
C ARG D 75 37.51 20.77 15.06
N ASN D 76 38.52 19.92 14.85
CA ASN D 76 38.46 18.50 15.20
C ASN D 76 37.29 17.79 14.55
N VAL D 77 36.88 18.25 13.36
CA VAL D 77 35.80 17.64 12.60
C VAL D 77 36.20 17.58 11.14
N ASP D 78 35.80 16.51 10.47
CA ASP D 78 36.11 16.34 9.05
C ASP D 78 35.11 17.11 8.20
N ALA D 79 35.58 17.53 7.02
CA ALA D 79 34.73 18.32 6.13
C ALA D 79 33.63 17.48 5.51
N ALA D 80 33.99 16.29 4.98
CA ALA D 80 33.01 15.45 4.33
C ALA D 80 31.97 14.93 5.31
N THR D 81 32.40 14.59 6.54
CA THR D 81 31.46 14.10 7.54
C THR D 81 30.48 15.18 7.95
N LEU D 82 30.97 16.39 8.20
CA LEU D 82 30.05 17.48 8.55
C LEU D 82 29.14 17.82 7.39
N GLN D 83 29.62 17.72 6.16
CA GLN D 83 28.78 17.97 5.00
C GLN D 83 27.67 16.94 4.88
N ILE D 84 28.00 15.65 5.10
CA ILE D 84 26.96 14.62 5.00
C ILE D 84 25.99 14.75 6.17
N ILE D 85 26.46 15.19 7.34
CA ILE D 85 25.54 15.41 8.47
C ILE D 85 24.60 16.56 8.16
N ILE D 86 25.12 17.64 7.56
CA ILE D 86 24.28 18.78 7.21
C ILE D 86 23.24 18.40 6.16
N THR D 87 23.66 17.64 5.14
CA THR D 87 22.70 17.25 4.12
C THR D 87 21.69 16.24 4.65
N TYR D 88 22.07 15.42 5.63
CA TYR D 88 21.11 14.55 6.28
C TYR D 88 20.11 15.35 7.11
N ALA D 89 20.58 16.41 7.76
CA ALA D 89 19.67 17.29 8.49
C ALA D 89 18.72 18.01 7.54
N TYR D 90 19.15 18.23 6.30
CA TYR D 90 18.32 18.99 5.32
C TYR D 90 17.46 18.09 4.44
N THR D 91 17.73 16.77 4.39
CA THR D 91 16.95 15.91 3.45
C THR D 91 16.53 14.58 4.10
N GLY D 92 17.18 14.19 5.20
CA GLY D 92 16.80 12.94 5.89
C GLY D 92 17.53 11.74 5.31
N ASN D 93 18.22 11.92 4.19
CA ASN D 93 18.94 10.79 3.53
C ASN D 93 20.42 10.84 3.92
N LEU D 94 20.93 9.73 4.47
CA LEU D 94 22.36 9.69 4.91
C LEU D 94 23.18 9.01 3.81
N ALA D 95 22.65 7.97 3.16
CA ALA D 95 23.39 7.22 2.11
C ALA D 95 24.80 6.93 2.60
N MET D 96 24.93 6.29 3.77
CA MET D 96 26.25 6.01 4.34
C MET D 96 26.92 4.87 3.58
N ASN D 97 28.23 4.97 3.43
CA ASN D 97 29.03 3.94 2.78
C ASN D 97 29.53 2.95 3.83
N ASP D 98 30.49 2.10 3.45
CA ASP D 98 31.06 1.12 4.37
C ASP D 98 32.44 1.51 4.87
N SER D 99 33.03 2.59 4.34
CA SER D 99 34.39 2.98 4.70
C SER D 99 34.42 4.14 5.70
N THR D 100 33.61 5.17 5.48
CA THR D 100 33.63 6.37 6.31
C THR D 100 32.68 6.29 7.51
N VAL D 101 32.36 5.07 7.97
CA VAL D 101 31.44 4.93 9.08
C VAL D 101 32.10 5.35 10.39
N GLU D 102 33.40 5.10 10.53
CA GLU D 102 34.08 5.40 11.79
C GLU D 102 34.15 6.89 12.04
N GLN D 103 34.65 7.65 11.07
CA GLN D 103 34.74 9.10 11.22
C GLN D 103 33.36 9.73 11.31
N LEU D 104 32.37 9.19 10.60
CA LEU D 104 31.01 9.70 10.68
C LEU D 104 30.45 9.52 12.09
N TYR D 105 30.64 8.33 12.68
CA TYR D 105 30.16 8.11 14.03
C TYR D 105 30.92 8.97 15.04
N GLU D 106 32.22 9.18 14.79
CA GLU D 106 33.00 10.05 15.69
C GLU D 106 32.46 11.48 15.67
N THR D 107 32.21 12.01 14.47
CA THR D 107 31.68 13.36 14.36
C THR D 107 30.25 13.45 14.90
N ALA D 108 29.48 12.38 14.77
CA ALA D 108 28.13 12.37 15.32
C ALA D 108 28.16 12.39 16.84
N CYS D 109 29.06 11.61 17.44
CA CYS D 109 29.21 11.64 18.89
C CYS D 109 29.76 12.97 19.38
N PHE D 110 30.61 13.61 18.58
CA PHE D 110 31.10 14.93 18.94
C PHE D 110 29.98 15.96 18.89
N LEU D 111 29.16 15.92 17.85
CA LEU D 111 28.06 16.88 17.71
C LEU D 111 26.78 16.44 18.41
N GLN D 112 26.76 15.22 18.98
CA GLN D 112 25.61 14.72 19.73
C GLN D 112 24.33 14.77 18.89
N VAL D 113 24.39 14.10 17.74
CA VAL D 113 23.26 13.99 16.82
C VAL D 113 22.70 12.58 16.99
N GLU D 114 21.59 12.47 17.74
CA GLU D 114 21.15 11.17 18.23
C GLU D 114 20.64 10.27 17.11
N ASP D 115 19.93 10.82 16.12
CA ASP D 115 19.34 9.99 15.08
C ASP D 115 20.41 9.33 14.22
N VAL D 116 21.36 10.12 13.72
CA VAL D 116 22.44 9.54 12.91
C VAL D 116 23.34 8.68 13.77
N LEU D 117 23.45 8.99 15.06
CA LEU D 117 24.19 8.12 15.98
C LEU D 117 23.58 6.74 16.03
N GLN D 118 22.26 6.67 16.22
CA GLN D 118 21.57 5.38 16.26
C GLN D 118 21.67 4.66 14.93
N ARG D 119 21.57 5.43 13.83
CA ARG D 119 21.68 4.83 12.50
C ARG D 119 23.05 4.18 12.30
N CYS D 120 24.12 4.91 12.61
CA CYS D 120 25.46 4.37 12.45
C CYS D 120 25.71 3.23 13.42
N ARG D 121 25.12 3.30 14.63
CA ARG D 121 25.26 2.21 15.58
C ARG D 121 24.64 0.93 15.06
N GLU D 122 23.45 1.03 14.45
CA GLU D 122 22.83 -0.14 13.85
C GLU D 122 23.65 -0.65 12.66
N TYR D 123 24.14 0.26 11.83
CA TYR D 123 24.94 -0.16 10.68
C TYR D 123 26.22 -0.86 11.10
N LEU D 124 26.80 -0.43 12.22
CA LEU D 124 28.02 -1.07 12.71
C LEU D 124 27.72 -2.40 13.40
N ILE D 125 26.62 -2.47 14.15
CA ILE D 125 26.25 -3.71 14.81
C ILE D 125 25.81 -4.76 13.81
N LYS D 126 25.41 -4.35 12.60
CA LYS D 126 25.03 -5.34 11.59
C LYS D 126 26.23 -5.79 10.77
N LYS D 127 27.32 -5.02 10.78
CA LYS D 127 28.45 -5.27 9.89
C LYS D 127 29.72 -5.69 10.64
N ILE D 128 29.60 -6.49 11.70
CA ILE D 128 30.78 -7.09 12.31
C ILE D 128 31.01 -8.45 11.66
N ASN D 129 31.66 -8.47 10.50
CA ASN D 129 31.70 -9.71 9.73
C ASN D 129 32.84 -10.64 10.14
N ALA D 130 34.08 -10.28 9.85
CA ALA D 130 35.19 -11.17 10.19
C ALA D 130 36.43 -10.45 10.72
N GLU D 131 36.65 -9.21 10.27
CA GLU D 131 37.97 -8.61 10.43
C GLU D 131 37.93 -7.35 11.29
N ASN D 132 36.95 -6.48 11.07
CA ASN D 132 36.84 -5.22 11.80
C ASN D 132 36.33 -5.44 13.23
N CYS D 133 36.25 -6.69 13.67
CA CYS D 133 35.67 -7.00 14.98
C CYS D 133 36.44 -6.33 16.10
N VAL D 134 37.74 -6.62 16.23
CA VAL D 134 38.52 -6.04 17.31
C VAL D 134 38.69 -4.53 17.08
N ARG D 135 38.75 -4.10 15.83
CA ARG D 135 38.88 -2.67 15.55
C ARG D 135 37.65 -1.91 16.02
N LEU D 136 36.45 -2.35 15.62
CA LEU D 136 35.25 -1.65 16.06
C LEU D 136 34.98 -1.90 17.55
N LEU D 137 35.55 -2.96 18.11
CA LEU D 137 35.45 -3.16 19.56
C LEU D 137 36.25 -2.11 20.31
N SER D 138 37.49 -1.86 19.88
CA SER D 138 38.26 -0.76 20.45
C SER D 138 37.58 0.58 20.18
N PHE D 139 36.92 0.70 19.03
CA PHE D 139 36.17 1.91 18.71
C PHE D 139 35.06 2.15 19.72
N ALA D 140 34.27 1.11 20.00
CA ALA D 140 33.18 1.21 20.97
C ALA D 140 33.70 1.32 22.41
N ASP D 141 34.93 0.87 22.66
CA ASP D 141 35.55 1.13 23.95
C ASP D 141 35.99 2.58 24.08
N LEU D 142 36.38 3.18 22.95
CA LEU D 142 36.80 4.61 22.95
C LEU D 142 35.57 5.48 23.11
N PHE D 143 34.51 5.20 22.34
CA PHE D 143 33.25 5.97 22.44
C PHE D 143 32.19 5.07 23.09
N SER D 144 32.01 5.20 24.41
CA SER D 144 31.04 4.35 25.17
C SER D 144 29.81 4.00 24.31
N CYS D 145 29.67 2.73 23.94
CA CYS D 145 28.51 2.28 23.13
C CYS D 145 28.12 0.88 23.59
N GLU D 146 27.18 0.77 24.54
CA GLU D 146 26.82 -0.56 25.12
C GLU D 146 26.44 -1.57 24.02
N GLU D 147 25.50 -1.21 23.14
CA GLU D 147 25.04 -2.14 22.08
C GLU D 147 26.24 -2.69 21.31
N LEU D 148 27.04 -1.79 20.73
CA LEU D 148 28.24 -2.21 19.97
C LEU D 148 29.11 -2.97 20.94
N LYS D 149 29.44 -2.40 22.08
CA LYS D 149 30.39 -3.11 22.97
C LYS D 149 29.98 -4.56 23.10
N GLN D 150 28.76 -4.85 23.52
CA GLN D 150 28.37 -6.27 23.77
C GLN D 150 28.40 -7.12 22.50
N SER D 151 27.81 -6.67 21.39
CA SER D 151 27.79 -7.55 20.21
C SER D 151 29.23 -7.84 19.81
N ALA D 152 30.06 -6.78 19.85
CA ALA D 152 31.47 -6.93 19.43
C ALA D 152 32.18 -7.85 20.41
N LYS D 153 31.91 -7.71 21.70
CA LYS D 153 32.52 -8.59 22.73
C LYS D 153 32.27 -10.05 22.33
N ARG D 154 31.00 -10.44 22.17
CA ARG D 154 30.65 -11.85 21.83
C ARG D 154 31.29 -12.23 20.49
N MET D 155 31.25 -11.32 19.50
CA MET D 155 31.79 -11.65 18.16
C MET D 155 33.26 -12.03 18.32
N VAL D 156 34.02 -11.26 19.11
CA VAL D 156 35.46 -11.54 19.35
C VAL D 156 35.58 -12.86 20.12
N GLU D 157 34.85 -13.03 21.22
CA GLU D 157 34.88 -14.30 21.99
C GLU D 157 34.72 -15.49 21.03
N HIS D 158 33.96 -15.31 19.95
CA HIS D 158 33.71 -16.43 18.98
C HIS D 158 34.83 -16.55 17.95
N LYS D 159 35.18 -15.48 17.22
CA LYS D 159 36.16 -15.61 16.10
C LYS D 159 37.60 -15.36 16.56
N PHE D 160 37.81 -14.38 17.43
CA PHE D 160 39.18 -14.06 17.93
C PHE D 160 39.87 -15.32 18.45
N THR D 161 39.11 -16.22 19.08
CA THR D 161 39.69 -17.46 19.66
C THR D 161 39.93 -18.50 18.56
N ALA D 162 40.05 -18.07 17.31
CA ALA D 162 40.36 -19.00 16.19
C ALA D 162 41.51 -18.41 15.37
N VAL D 163 41.71 -17.09 15.47
CA VAL D 163 42.83 -16.42 14.74
C VAL D 163 43.89 -15.98 15.76
N TYR D 164 43.48 -15.33 16.85
CA TYR D 164 44.41 -14.84 17.92
C TYR D 164 45.73 -14.33 17.33
N HIS D 165 45.66 -13.58 16.24
CA HIS D 165 46.89 -13.04 15.58
C HIS D 165 46.53 -11.73 14.87
N GLN D 166 45.31 -11.20 15.11
CA GLN D 166 44.86 -9.95 14.45
C GLN D 166 45.86 -8.83 14.74
N ASP D 167 46.28 -8.12 13.69
CA ASP D 167 47.23 -6.99 13.88
C ASP D 167 46.60 -5.94 14.80
N ALA D 168 45.29 -5.72 14.66
CA ALA D 168 44.59 -4.71 15.49
C ALA D 168 44.47 -5.20 16.94
N PHE D 169 44.46 -6.53 17.15
CA PHE D 169 44.28 -7.04 18.50
C PHE D 169 45.45 -6.66 19.41
N MET D 170 46.61 -6.36 18.84
CA MET D 170 47.77 -5.99 19.66
C MET D 170 47.56 -4.64 20.33
N GLN D 171 46.98 -3.68 19.60
CA GLN D 171 46.76 -2.33 20.13
C GLN D 171 45.38 -2.30 20.80
N LEU D 172 45.34 -2.75 22.04
CA LEU D 172 44.13 -2.74 22.84
C LEU D 172 44.42 -2.18 24.23
N SER D 173 43.42 -1.50 24.80
CA SER D 173 43.56 -0.94 26.16
C SER D 173 43.47 -2.08 27.18
N HIS D 174 44.11 -1.92 28.34
CA HIS D 174 44.13 -3.02 29.34
C HIS D 174 42.72 -3.43 29.73
N ASP D 175 41.89 -2.46 30.14
CA ASP D 175 40.59 -2.89 30.67
C ASP D 175 39.84 -3.75 29.66
N LEU D 176 39.90 -3.38 28.37
CA LEU D 176 39.23 -4.18 27.35
C LEU D 176 39.84 -5.57 27.24
N LEU D 177 41.18 -5.66 27.29
CA LEU D 177 41.83 -6.96 27.23
C LEU D 177 41.49 -7.80 28.46
N ILE D 178 41.41 -7.16 29.63
CA ILE D 178 41.02 -7.88 30.83
C ILE D 178 39.60 -8.43 30.70
N ASP D 179 38.68 -7.60 30.19
CA ASP D 179 37.31 -8.06 30.00
C ASP D 179 37.24 -9.20 28.99
N ILE D 180 38.08 -9.16 27.95
CA ILE D 180 38.06 -10.19 26.93
C ILE D 180 38.60 -11.50 27.50
N LEU D 181 39.77 -11.45 28.14
CA LEU D 181 40.44 -12.66 28.57
C LEU D 181 39.80 -13.28 29.80
N SER D 182 39.36 -12.48 30.76
CA SER D 182 38.78 -13.00 31.99
C SER D 182 37.38 -13.56 31.79
N SER D 183 36.75 -13.28 30.65
CA SER D 183 35.40 -13.78 30.41
C SER D 183 35.41 -15.28 30.16
N ASP D 184 34.28 -15.92 30.46
CA ASP D 184 34.10 -17.36 30.27
C ASP D 184 33.40 -17.69 28.96
N ASN D 185 33.59 -16.86 27.93
CA ASN D 185 32.97 -17.07 26.63
C ASN D 185 34.00 -17.35 25.55
N LEU D 186 35.20 -17.77 25.93
CA LEU D 186 36.26 -18.06 24.97
C LEU D 186 35.94 -19.35 24.23
N ASN D 187 35.75 -19.25 22.91
CA ASN D 187 35.42 -20.39 22.07
C ASN D 187 36.71 -21.11 21.68
N VAL D 188 37.36 -21.70 22.69
CA VAL D 188 38.62 -22.40 22.50
C VAL D 188 38.47 -23.83 23.05
N GLU D 189 38.84 -24.82 22.25
CA GLU D 189 38.83 -26.21 22.68
C GLU D 189 40.07 -26.58 23.48
N LYS D 190 40.97 -25.64 23.71
CA LYS D 190 42.18 -25.89 24.48
C LYS D 190 42.53 -24.63 25.27
N GLU D 191 43.34 -24.82 26.31
CA GLU D 191 43.67 -23.74 27.23
C GLU D 191 45.03 -23.11 26.98
N GLU D 192 45.83 -23.68 26.08
CA GLU D 192 47.15 -23.13 25.79
C GLU D 192 47.11 -22.03 24.73
N THR D 193 46.07 -21.99 23.90
CA THR D 193 46.00 -20.97 22.85
C THR D 193 45.82 -19.59 23.46
N VAL D 194 44.93 -19.44 24.44
CA VAL D 194 44.79 -18.15 25.11
C VAL D 194 46.06 -17.79 25.86
N ARG D 195 46.77 -18.79 26.38
CA ARG D 195 48.03 -18.53 27.06
C ARG D 195 49.06 -17.93 26.11
N GLU D 196 49.26 -18.57 24.95
CA GLU D 196 50.24 -18.05 24.00
C GLU D 196 49.77 -16.74 23.38
N ALA D 197 48.45 -16.53 23.29
CA ALA D 197 47.94 -15.25 22.81
C ALA D 197 48.30 -14.13 23.79
N ALA D 198 48.10 -14.38 25.09
CA ALA D 198 48.57 -13.37 26.06
C ALA D 198 50.09 -13.31 25.89
N MET D 199 50.75 -14.47 25.86
CA MET D 199 52.23 -14.52 25.75
C MET D 199 52.72 -13.69 24.56
N LEU D 200 52.16 -13.87 23.36
CA LEU D 200 52.59 -13.12 22.14
C LEU D 200 52.44 -11.63 22.41
N TRP D 201 51.24 -11.18 22.79
CA TRP D 201 50.99 -9.76 23.15
C TRP D 201 52.14 -9.24 24.02
N LEU D 202 52.45 -9.98 25.10
CA LEU D 202 53.47 -9.49 26.07
C LEU D 202 54.88 -9.51 25.48
N GLU D 203 55.31 -10.58 24.81
CA GLU D 203 56.64 -10.59 24.14
C GLU D 203 56.72 -9.34 23.25
N TYR D 204 55.60 -8.94 22.65
CA TYR D 204 55.56 -7.71 21.82
C TYR D 204 55.80 -6.45 22.67
N ASN D 205 54.91 -6.14 23.63
CA ASN D 205 55.14 -4.82 24.32
C ASN D 205 55.74 -4.97 25.73
N THR D 206 56.84 -5.72 25.86
CA THR D 206 57.31 -6.08 27.22
C THR D 206 57.80 -4.79 27.88
N GLU D 207 58.08 -4.81 29.20
CA GLU D 207 58.58 -3.62 29.96
C GLU D 207 57.48 -2.55 30.09
N SER D 208 57.08 -1.92 28.98
CA SER D 208 56.06 -0.84 28.98
C SER D 208 54.83 -1.25 29.81
N ARG D 209 54.25 -2.41 29.51
CA ARG D 209 53.05 -2.86 30.23
C ARG D 209 53.44 -3.96 31.21
N SER D 210 54.40 -3.73 32.11
CA SER D 210 54.87 -4.80 33.02
C SER D 210 53.75 -5.19 33.99
N GLN D 211 53.12 -4.18 34.60
CA GLN D 211 51.97 -4.43 35.51
C GLN D 211 50.87 -5.10 34.69
N TYR D 212 50.71 -4.68 33.43
CA TYR D 212 49.59 -5.23 32.61
C TYR D 212 49.87 -6.71 32.38
N LEU D 213 51.13 -7.09 32.14
CA LEU D 213 51.54 -8.50 31.92
C LEU D 213 51.32 -9.28 33.22
N SER D 214 51.66 -8.68 34.37
CA SER D 214 51.36 -9.38 35.65
C SER D 214 49.86 -9.69 35.70
N SER D 215 49.03 -8.69 35.41
CA SER D 215 47.56 -8.88 35.51
C SER D 215 47.09 -9.93 34.49
N VAL D 216 47.67 -9.96 33.29
CA VAL D 216 47.21 -10.90 32.22
C VAL D 216 47.66 -12.32 32.59
N LEU D 217 48.76 -12.44 33.33
CA LEU D 217 49.19 -13.78 33.83
C LEU D 217 48.17 -14.19 34.90
N SER D 218 47.85 -13.28 35.82
CA SER D 218 46.82 -13.58 36.86
C SER D 218 45.45 -13.80 36.19
N GLN D 219 45.23 -13.20 35.01
CA GLN D 219 43.93 -13.35 34.31
C GLN D 219 43.86 -14.75 33.69
N ILE D 220 44.98 -15.24 33.16
CA ILE D 220 45.02 -16.62 32.59
C ILE D 220 44.77 -17.61 33.73
N ARG D 221 45.22 -17.26 34.96
CA ARG D 221 44.98 -18.11 36.17
C ARG D 221 45.73 -19.45 36.10
N ILE D 222 45.75 -20.21 37.19
CA ILE D 222 46.47 -21.51 37.25
C ILE D 222 46.10 -22.36 36.03
N ASP D 223 44.86 -22.23 35.53
CA ASP D 223 44.41 -22.98 34.32
C ASP D 223 45.54 -23.05 33.29
N ALA D 224 46.13 -21.90 32.92
CA ALA D 224 47.19 -21.89 31.89
C ALA D 224 48.48 -21.29 32.46
N LEU D 225 48.60 -21.24 33.80
CA LEU D 225 49.84 -20.70 34.43
C LEU D 225 50.84 -21.85 34.64
N SER D 226 50.37 -23.10 34.56
CA SER D 226 51.27 -24.27 34.69
C SER D 226 51.96 -24.55 33.35
N GLU D 227 52.62 -23.53 32.79
CA GLU D 227 53.28 -23.69 31.46
C GLU D 227 54.70 -23.11 31.51
N VAL D 228 55.27 -22.77 30.35
CA VAL D 228 56.65 -22.24 30.28
C VAL D 228 56.64 -20.74 30.60
N THR D 229 55.51 -20.22 31.09
CA THR D 229 55.37 -18.76 31.33
C THR D 229 56.55 -18.28 32.20
N GLN D 230 57.00 -19.10 33.15
CA GLN D 230 58.09 -18.66 34.07
C GLN D 230 59.40 -18.56 33.31
N ARG D 231 59.75 -19.57 32.50
CA ARG D 231 61.03 -19.56 31.74
C ARG D 231 61.03 -18.42 30.72
N ALA D 232 59.92 -18.22 30.00
CA ALA D 232 59.85 -17.12 29.01
C ALA D 232 60.09 -15.79 29.73
N TRP D 233 59.56 -15.66 30.96
CA TRP D 233 59.72 -14.41 31.72
C TRP D 233 61.15 -14.25 32.20
N PHE D 234 61.79 -15.32 32.68
CA PHE D 234 63.22 -15.26 33.05
C PHE D 234 64.01 -14.79 31.84
N GLN D 235 63.57 -15.19 30.64
CA GLN D 235 64.25 -14.79 29.39
C GLN D 235 64.05 -13.29 29.08
N GLY D 236 62.82 -12.77 29.18
CA GLY D 236 62.60 -11.36 28.76
C GLY D 236 62.48 -10.30 29.85
N LEU D 237 62.61 -10.65 31.13
CA LEU D 237 62.37 -9.68 32.19
C LEU D 237 63.50 -8.65 32.23
N PRO D 238 63.20 -7.42 32.65
CA PRO D 238 64.25 -6.42 32.79
C PRO D 238 65.18 -6.78 33.93
N PRO D 239 66.47 -6.43 33.83
CA PRO D 239 67.40 -6.75 34.92
C PRO D 239 67.06 -6.00 36.20
N ASN D 240 67.63 -6.48 37.30
CA ASN D 240 67.46 -5.88 38.62
C ASN D 240 65.99 -5.82 39.03
N ASP D 241 65.26 -6.90 38.74
CA ASP D 241 63.85 -7.03 39.10
C ASP D 241 63.71 -8.21 40.05
N LYS D 242 63.40 -7.92 41.32
CA LYS D 242 63.28 -8.93 42.35
C LYS D 242 61.85 -9.13 42.83
N SER D 243 61.15 -8.03 43.15
CA SER D 243 59.78 -8.16 43.63
C SER D 243 58.84 -8.66 42.54
N VAL D 244 59.22 -8.48 41.26
CA VAL D 244 58.38 -8.97 40.18
C VAL D 244 58.33 -10.49 40.17
N VAL D 245 59.48 -11.14 40.40
CA VAL D 245 59.49 -12.59 40.52
C VAL D 245 58.68 -13.05 41.72
N VAL D 246 58.70 -12.25 42.79
CA VAL D 246 57.94 -12.59 44.00
C VAL D 246 56.44 -12.54 43.70
N GLN D 247 55.98 -11.49 43.03
CA GLN D 247 54.55 -11.39 42.73
C GLN D 247 54.16 -12.40 41.65
N GLY D 248 55.09 -12.83 40.80
CA GLY D 248 54.78 -13.86 39.83
C GLY D 248 54.67 -15.24 40.47
N LEU D 249 55.47 -15.48 41.51
CA LEU D 249 55.40 -16.77 42.20
C LEU D 249 54.09 -16.92 42.98
N TYR D 250 53.46 -15.80 43.30
CA TYR D 250 52.14 -15.84 43.97
C TYR D 250 51.10 -16.26 42.92
N LYS D 251 51.27 -15.77 41.69
CA LYS D 251 50.28 -16.07 40.61
C LYS D 251 50.58 -17.44 39.99
N SER D 252 50.03 -18.51 40.57
CA SER D 252 50.23 -19.89 40.03
C SER D 252 49.26 -20.86 40.70
N MET D 253 48.56 -20.43 41.76
CA MET D 253 47.67 -21.35 42.53
C MET D 253 46.31 -20.71 42.89
N PRO D 254 46.14 -19.42 43.34
CA PRO D 254 44.81 -18.92 43.73
C PRO D 254 43.87 -18.49 42.59
N LYS D 255 43.41 -17.23 42.59
CA LYS D 255 42.46 -16.70 41.57
C LYS D 255 41.43 -17.77 41.16
N PHE D 256 40.67 -18.31 42.13
CA PHE D 256 39.60 -19.32 41.88
C PHE D 256 39.85 -20.15 40.61
N PHE D 257 40.69 -21.19 40.70
CA PHE D 257 40.90 -22.08 39.53
C PHE D 257 39.55 -22.65 39.09
N LYS D 258 39.17 -22.40 37.84
CA LYS D 258 37.88 -22.91 37.30
C LYS D 258 38.14 -23.49 35.90
N PRO D 259 37.26 -24.34 35.34
CA PRO D 259 37.42 -24.79 33.95
C PRO D 259 36.84 -23.73 33.00
N ARG D 260 36.74 -24.02 31.70
CA ARG D 260 36.26 -23.02 30.77
C ARG D 260 34.98 -23.53 30.09
N LEU D 261 34.53 -22.80 29.06
CA LEU D 261 33.31 -23.13 28.33
C LEU D 261 33.57 -23.64 26.93
N GLY D 262 34.60 -23.14 26.25
CA GLY D 262 34.86 -23.55 24.88
C GLY D 262 35.19 -25.02 24.74
N MET D 263 35.70 -25.64 25.81
CA MET D 263 36.04 -27.06 25.76
C MET D 263 34.81 -27.95 25.58
N THR D 264 33.62 -27.44 25.86
CA THR D 264 32.38 -28.20 25.72
C THR D 264 31.86 -28.09 24.28
N LYS D 265 32.74 -28.42 23.34
CA LYS D 265 32.40 -28.44 21.92
C LYS D 265 32.10 -29.87 21.46
N GLU D 266 31.02 -30.44 22.02
CA GLU D 266 30.65 -31.81 21.72
C GLU D 266 30.10 -31.91 20.30
N GLU D 267 30.69 -32.81 19.50
CA GLU D 267 30.18 -33.03 18.12
C GLU D 267 28.78 -33.66 18.25
N MET D 268 27.73 -32.89 18.00
CA MET D 268 26.35 -33.40 18.23
C MET D 268 25.61 -33.60 16.90
N MET D 269 24.31 -33.87 16.96
CA MET D 269 23.51 -34.16 15.74
C MET D 269 22.33 -33.18 15.65
N ILE D 270 22.48 -32.10 14.89
CA ILE D 270 21.40 -31.06 14.80
C ILE D 270 20.29 -31.56 13.88
N PHE D 271 19.04 -31.55 14.34
CA PHE D 271 17.89 -31.96 13.49
C PHE D 271 16.95 -30.76 13.35
N ILE D 272 16.08 -30.77 12.33
CA ILE D 272 15.08 -29.67 12.17
C ILE D 272 13.72 -30.28 11.86
N GLU D 273 12.64 -29.48 11.92
CA GLU D 273 11.30 -29.93 11.59
C GLU D 273 10.99 -31.29 12.21
N ALA D 274 11.00 -31.30 13.54
CA ALA D 274 10.63 -32.49 14.29
C ALA D 274 9.15 -32.45 14.67
N SER D 275 8.66 -33.58 15.18
CA SER D 275 7.28 -33.66 15.63
C SER D 275 7.10 -32.83 16.90
N SER D 276 6.40 -31.70 16.77
CA SER D 276 6.23 -30.80 17.90
C SER D 276 5.40 -31.45 18.99
N GLU D 277 5.74 -31.14 20.24
CA GLU D 277 5.03 -31.71 21.38
C GLU D 277 3.67 -31.04 21.56
N ASN D 278 3.67 -29.73 21.75
CA ASN D 278 2.41 -29.00 21.91
C ASN D 278 1.70 -28.91 20.57
N PRO D 279 0.41 -29.27 20.50
CA PRO D 279 -0.30 -29.23 19.21
C PRO D 279 -0.46 -27.83 18.64
N CYS D 280 -0.16 -26.78 19.41
CA CYS D 280 -0.24 -25.42 18.87
C CYS D 280 0.89 -25.13 17.89
N SER D 281 2.01 -25.84 18.00
CA SER D 281 3.14 -25.69 17.10
C SER D 281 3.20 -26.86 16.13
N LEU D 282 3.71 -26.59 14.93
CA LEU D 282 3.77 -27.61 13.88
C LEU D 282 5.06 -28.41 13.94
N TYR D 283 6.20 -27.73 13.80
CA TYR D 283 7.50 -28.39 13.77
C TYR D 283 8.41 -27.79 14.83
N SER D 284 9.56 -28.43 15.04
CA SER D 284 10.53 -27.98 16.00
C SER D 284 11.92 -28.45 15.58
N SER D 285 12.94 -27.78 16.09
CA SER D 285 14.33 -28.10 15.80
C SER D 285 14.99 -28.57 17.09
N VAL D 286 15.46 -29.82 17.10
CA VAL D 286 16.08 -30.44 18.26
C VAL D 286 17.45 -30.96 17.86
N CYS D 287 18.14 -31.54 18.84
CA CYS D 287 19.49 -32.05 18.64
C CYS D 287 19.65 -33.36 19.40
N TYR D 288 20.66 -34.13 19.01
CA TYR D 288 20.97 -35.41 19.64
C TYR D 288 22.45 -35.47 19.96
N SER D 289 22.77 -36.08 21.10
CA SER D 289 24.16 -36.21 21.53
C SER D 289 24.61 -37.64 21.33
N PRO D 290 25.63 -37.89 20.50
CA PRO D 290 26.10 -39.28 20.33
C PRO D 290 26.75 -39.85 21.56
N GLN D 291 27.58 -39.07 22.25
CA GLN D 291 28.30 -39.55 23.42
C GLN D 291 27.48 -39.40 24.70
N ALA D 292 26.85 -38.25 24.90
CA ALA D 292 26.06 -38.03 26.10
C ALA D 292 24.74 -38.78 26.08
N GLU D 293 24.31 -39.26 24.91
CA GLU D 293 23.07 -40.02 24.76
C GLU D 293 21.87 -39.23 25.26
N LYS D 294 21.83 -37.95 24.93
CA LYS D 294 20.74 -37.06 25.33
C LYS D 294 20.17 -36.37 24.10
N VAL D 295 19.01 -35.75 24.27
CA VAL D 295 18.30 -35.07 23.19
C VAL D 295 18.06 -33.63 23.62
N TYR D 296 18.80 -32.71 23.01
CA TYR D 296 18.64 -31.28 23.28
C TYR D 296 17.75 -30.64 22.23
N LYS D 297 17.22 -29.47 22.57
CA LYS D 297 16.33 -28.73 21.68
C LYS D 297 16.99 -27.43 21.24
N LEU D 298 16.42 -26.84 20.20
CA LEU D 298 16.85 -25.54 19.70
C LEU D 298 15.63 -24.67 19.41
N CYS D 299 15.84 -23.36 19.42
CA CYS D 299 14.77 -22.43 19.13
C CYS D 299 14.56 -22.31 17.62
N SER D 300 13.30 -22.27 17.21
CA SER D 300 12.97 -22.12 15.80
C SER D 300 13.46 -20.76 15.30
N PRO D 301 14.18 -20.71 14.19
CA PRO D 301 14.75 -19.43 13.73
C PRO D 301 13.67 -18.40 13.42
N PRO D 302 12.63 -18.73 12.59
CA PRO D 302 11.58 -17.73 12.37
C PRO D 302 10.40 -17.89 13.33
N ALA D 303 10.23 -19.08 13.89
CA ALA D 303 9.15 -19.50 14.79
C ALA D 303 7.83 -19.73 14.06
N ASP D 304 7.74 -19.42 12.76
CA ASP D 304 6.57 -19.82 11.97
C ASP D 304 6.91 -20.37 10.59
N LEU D 305 8.07 -20.06 10.02
CA LEU D 305 8.42 -20.49 8.67
C LEU D 305 9.11 -21.84 8.70
N HIS D 306 8.81 -22.67 7.70
CA HIS D 306 9.37 -24.02 7.64
C HIS D 306 10.01 -24.29 6.28
N LYS D 307 10.39 -25.55 6.04
CA LYS D 307 11.00 -25.98 4.79
C LYS D 307 12.31 -25.24 4.52
N VAL D 308 13.23 -25.33 5.47
CA VAL D 308 14.51 -24.65 5.40
C VAL D 308 15.61 -25.66 5.08
N GLY D 309 16.76 -25.13 4.69
CA GLY D 309 17.94 -25.94 4.41
C GLY D 309 19.07 -25.57 5.36
N THR D 310 19.89 -26.56 5.69
CA THR D 310 20.97 -26.39 6.65
C THR D 310 22.33 -26.55 5.97
N VAL D 311 23.35 -26.02 6.64
CA VAL D 311 24.72 -26.12 6.17
C VAL D 311 25.63 -25.85 7.35
N VAL D 312 26.79 -26.51 7.37
CA VAL D 312 27.75 -26.38 8.45
C VAL D 312 29.13 -26.11 7.85
N THR D 313 29.66 -24.92 8.13
CA THR D 313 31.00 -24.58 7.67
C THR D 313 32.04 -25.36 8.46
N PRO D 314 33.26 -25.46 7.94
CA PRO D 314 34.34 -26.10 8.72
C PRO D 314 34.60 -25.44 10.06
N ASP D 315 34.17 -24.19 10.25
CA ASP D 315 34.31 -23.51 11.52
C ASP D 315 33.12 -23.75 12.46
N ASN D 316 32.28 -24.75 12.15
CA ASN D 316 31.15 -25.12 12.99
C ASN D 316 30.17 -23.96 13.15
N ASP D 317 29.61 -23.52 12.04
CA ASP D 317 28.60 -22.48 12.01
C ASP D 317 27.32 -23.01 11.36
N ILE D 318 26.18 -22.60 11.88
CA ILE D 318 24.88 -23.05 11.40
C ILE D 318 24.20 -21.90 10.67
N TYR D 319 23.63 -22.19 9.51
CA TYR D 319 22.94 -21.19 8.70
C TYR D 319 21.60 -21.75 8.24
N ILE D 320 20.67 -20.84 7.94
CA ILE D 320 19.33 -21.19 7.48
C ILE D 320 18.94 -20.22 6.39
N ALA D 321 18.56 -20.75 5.22
CA ALA D 321 18.16 -19.93 4.09
C ALA D 321 16.84 -20.45 3.52
N GLY D 322 16.16 -19.57 2.80
CA GLY D 322 14.90 -19.90 2.15
C GLY D 322 13.82 -20.28 3.15
N GLY D 323 12.84 -21.02 2.65
CA GLY D 323 11.74 -21.51 3.46
C GLY D 323 10.42 -20.88 3.05
N GLN D 324 9.34 -21.47 3.59
CA GLN D 324 7.99 -21.02 3.33
C GLN D 324 7.26 -20.81 4.65
N VAL D 325 6.43 -19.77 4.70
CA VAL D 325 5.67 -19.42 5.90
C VAL D 325 4.21 -19.27 5.51
N PRO D 326 3.27 -19.80 6.30
CA PRO D 326 1.85 -19.58 5.98
C PRO D 326 1.50 -18.10 5.97
N LEU D 327 0.65 -17.72 5.02
CA LEU D 327 0.31 -16.32 4.84
C LEU D 327 -0.45 -15.74 6.04
N LYS D 328 -1.07 -16.59 6.86
CA LYS D 328 -1.83 -16.17 8.04
C LYS D 328 -2.92 -15.17 7.65
N ASN D 329 -3.56 -15.41 6.51
CA ASN D 329 -4.62 -14.54 6.01
C ASN D 329 -5.83 -14.63 6.93
N THR D 330 -6.13 -13.52 7.63
CA THR D 330 -7.24 -13.45 8.57
C THR D 330 -7.19 -14.56 9.61
N PHE D 344 1.04 -21.00 2.31
CA PHE D 344 2.46 -20.89 2.60
C PHE D 344 3.17 -20.00 1.57
N ARG D 345 3.54 -18.79 1.99
CA ARG D 345 4.29 -17.89 1.13
C ARG D 345 5.79 -18.12 1.33
N THR D 346 6.54 -18.00 0.25
CA THR D 346 7.98 -18.25 0.28
C THR D 346 8.72 -16.95 0.56
N VAL D 347 9.70 -17.02 1.46
CA VAL D 347 10.52 -15.88 1.85
C VAL D 347 11.99 -16.24 1.65
N ASN D 348 12.75 -15.30 1.09
CA ASN D 348 14.17 -15.49 0.83
C ASN D 348 15.04 -15.01 2.00
N CYS D 349 14.51 -15.03 3.21
CA CYS D 349 15.26 -14.55 4.37
C CYS D 349 16.43 -15.48 4.69
N PHE D 350 17.35 -14.97 5.49
CA PHE D 350 18.54 -15.70 5.91
C PHE D 350 18.76 -15.50 7.40
N TYR D 351 19.32 -16.51 8.06
CA TYR D 351 19.56 -16.47 9.50
C TYR D 351 20.84 -17.18 9.83
N TRP D 352 21.28 -17.01 11.08
CA TRP D 352 22.48 -17.64 11.60
C TRP D 352 22.27 -17.96 13.08
N PHE D 353 22.68 -19.15 13.49
CA PHE D 353 22.47 -19.62 14.85
C PHE D 353 23.62 -19.19 15.76
N ASP D 354 23.26 -18.63 16.91
CA ASP D 354 24.27 -18.23 17.90
C ASP D 354 24.61 -19.42 18.77
N ALA D 355 25.91 -19.70 18.90
CA ALA D 355 26.36 -20.86 19.66
C ALA D 355 26.30 -20.65 21.17
N GLN D 356 26.01 -19.45 21.63
CA GLN D 356 25.95 -19.19 23.07
C GLN D 356 24.64 -18.56 23.51
N GLN D 357 24.06 -17.67 22.71
CA GLN D 357 22.83 -16.98 23.09
C GLN D 357 21.57 -17.79 22.78
N ASN D 358 21.70 -18.90 22.05
CA ASN D 358 20.56 -19.75 21.68
C ASN D 358 19.48 -18.95 20.98
N THR D 359 19.90 -18.14 20.01
CA THR D 359 18.99 -17.32 19.22
C THR D 359 19.42 -17.37 17.77
N TRP D 360 18.79 -16.54 16.94
CA TRP D 360 19.07 -16.50 15.50
C TRP D 360 19.14 -15.05 15.04
N PHE D 361 20.32 -14.62 14.65
CA PHE D 361 20.51 -13.27 14.12
C PHE D 361 20.40 -13.31 12.60
N PRO D 362 19.49 -12.54 11.99
CA PRO D 362 19.36 -12.57 10.53
C PRO D 362 20.57 -11.94 9.85
N LYS D 363 20.67 -12.21 8.55
CA LYS D 363 21.75 -11.70 7.72
C LYS D 363 21.15 -11.18 6.42
N THR D 364 22.02 -10.91 5.45
CA THR D 364 21.57 -10.40 4.15
C THR D 364 20.69 -11.45 3.47
N PRO D 365 19.43 -11.14 3.18
CA PRO D 365 18.55 -12.13 2.54
C PRO D 365 18.98 -12.41 1.11
N MET D 366 18.38 -13.46 0.54
CA MET D 366 18.67 -13.84 -0.83
C MET D 366 17.95 -12.92 -1.80
N LEU D 367 18.16 -13.17 -3.10
CA LEU D 367 17.47 -12.43 -4.15
C LEU D 367 16.29 -13.19 -4.74
N PHE D 368 16.21 -14.50 -4.50
CA PHE D 368 15.12 -15.32 -5.01
C PHE D 368 14.53 -16.14 -3.87
N VAL D 369 13.20 -16.21 -3.82
CA VAL D 369 12.51 -16.94 -2.78
C VAL D 369 12.58 -18.44 -3.10
N ARG D 370 13.44 -19.15 -2.38
CA ARG D 370 13.69 -20.56 -2.65
C ARG D 370 12.90 -21.45 -1.70
N ILE D 371 12.56 -22.64 -2.18
CA ILE D 371 11.88 -23.67 -1.39
C ILE D 371 12.88 -24.80 -1.16
N LYS D 372 13.24 -25.02 0.11
CA LYS D 372 14.20 -26.04 0.50
C LYS D 372 15.51 -25.88 -0.26
N PRO D 373 16.27 -24.84 0.00
CA PRO D 373 17.54 -24.66 -0.72
C PRO D 373 18.64 -25.55 -0.15
N SER D 374 19.53 -25.98 -1.04
CA SER D 374 20.66 -26.83 -0.67
C SER D 374 21.90 -25.94 -0.59
N LEU D 375 22.31 -25.61 0.63
CA LEU D 375 23.47 -24.75 0.85
C LEU D 375 24.71 -25.59 1.03
N VAL D 376 25.78 -25.22 0.33
CA VAL D 376 27.05 -25.95 0.38
C VAL D 376 28.17 -24.94 0.66
N CYS D 377 29.05 -25.29 1.59
CA CYS D 377 30.17 -24.44 1.96
C CYS D 377 31.44 -24.95 1.28
N CYS D 378 32.20 -24.03 0.69
CA CYS D 378 33.44 -24.39 0.02
C CYS D 378 34.29 -23.13 -0.13
N GLU D 379 35.57 -23.24 0.23
CA GLU D 379 36.53 -22.14 0.12
C GLU D 379 36.05 -20.90 0.86
N GLY D 380 35.36 -21.10 1.98
CA GLY D 380 34.84 -19.99 2.76
C GLY D 380 33.59 -19.34 2.22
N TYR D 381 33.03 -19.85 1.13
CA TYR D 381 31.82 -19.32 0.54
C TYR D 381 30.68 -20.32 0.66
N ILE D 382 29.47 -19.80 0.83
CA ILE D 382 28.26 -20.62 0.92
C ILE D 382 27.62 -20.67 -0.46
N TYR D 383 27.36 -21.88 -0.94
CA TYR D 383 26.80 -22.10 -2.28
C TYR D 383 25.42 -22.73 -2.13
N ALA D 384 24.39 -22.00 -2.56
CA ALA D 384 23.02 -22.48 -2.53
C ALA D 384 22.66 -22.98 -3.92
N ILE D 385 22.57 -24.30 -4.07
CA ILE D 385 22.32 -24.92 -5.37
C ILE D 385 20.85 -25.31 -5.45
N GLY D 386 20.16 -24.75 -6.46
CA GLY D 386 18.77 -25.07 -6.73
C GLY D 386 17.86 -24.75 -5.58
N GLY D 387 16.69 -25.38 -5.59
CA GLY D 387 15.72 -25.23 -4.51
C GLY D 387 14.55 -24.33 -4.85
N ASP D 388 14.02 -24.46 -6.06
CA ASP D 388 12.87 -23.67 -6.51
C ASP D 388 13.15 -22.17 -6.36
N SER D 389 14.13 -21.71 -7.13
CA SER D 389 14.54 -20.31 -7.06
C SER D 389 13.37 -19.38 -7.33
N VAL D 390 12.76 -19.47 -8.52
CA VAL D 390 11.52 -18.75 -8.79
C VAL D 390 10.60 -19.63 -9.62
N GLY D 391 11.15 -20.69 -10.23
CA GLY D 391 10.36 -21.58 -11.04
C GLY D 391 10.19 -21.12 -12.48
N GLY D 392 9.85 -19.84 -12.67
CA GLY D 392 9.61 -19.32 -14.00
C GLY D 392 10.83 -18.67 -14.62
N GLU D 393 12.01 -19.19 -14.34
CA GLU D 393 13.24 -18.66 -14.92
C GLU D 393 13.32 -18.99 -16.40
N LEU D 394 13.90 -18.08 -17.17
CA LEU D 394 14.22 -18.38 -18.57
C LEU D 394 15.18 -19.56 -18.64
N ASN D 395 16.28 -19.48 -17.89
CA ASN D 395 17.14 -20.64 -17.63
C ASN D 395 16.76 -21.19 -16.27
N ARG D 396 15.89 -22.20 -16.29
CA ARG D 396 15.32 -22.77 -15.08
C ARG D 396 16.39 -23.32 -14.15
N ARG D 397 17.54 -23.71 -14.71
CA ARG D 397 18.62 -24.31 -13.94
C ARG D 397 19.68 -23.25 -13.65
N THR D 398 19.55 -22.59 -12.51
CA THR D 398 20.51 -21.59 -12.05
C THR D 398 20.86 -21.83 -10.59
N VAL D 399 21.92 -21.16 -10.14
CA VAL D 399 22.39 -21.25 -8.75
C VAL D 399 22.79 -19.86 -8.29
N GLU D 400 23.08 -19.75 -7.00
CA GLU D 400 23.49 -18.49 -6.40
C GLU D 400 24.26 -18.78 -5.11
N ARG D 401 25.39 -18.12 -4.95
CA ARG D 401 26.26 -18.34 -3.80
C ARG D 401 26.22 -17.15 -2.85
N TYR D 402 26.89 -17.32 -1.71
CA TYR D 402 26.96 -16.30 -0.67
C TYR D 402 28.41 -16.03 -0.30
N ASP D 403 28.68 -14.80 0.13
CA ASP D 403 30.01 -14.38 0.55
C ASP D 403 29.99 -14.19 2.05
N THR D 404 30.73 -15.05 2.77
CA THR D 404 30.76 -14.97 4.22
C THR D 404 31.62 -13.82 4.72
N GLU D 405 32.46 -13.24 3.86
CA GLU D 405 33.33 -12.14 4.25
C GLU D 405 32.76 -10.78 3.85
N LYS D 406 32.35 -10.62 2.60
CA LYS D 406 31.79 -9.37 2.13
C LYS D 406 30.31 -9.22 2.46
N ASP D 407 29.65 -10.31 2.88
CA ASP D 407 28.23 -10.30 3.24
C ASP D 407 27.38 -9.81 2.05
N GLU D 408 27.43 -10.59 0.97
CA GLU D 408 26.67 -10.27 -0.23
C GLU D 408 26.51 -11.53 -1.06
N TRP D 409 25.55 -11.49 -1.99
CA TRP D 409 25.28 -12.59 -2.88
C TRP D 409 25.85 -12.31 -4.25
N THR D 410 26.51 -13.30 -4.84
CA THR D 410 27.17 -13.16 -6.13
C THR D 410 26.63 -14.23 -7.08
N MET D 411 26.15 -13.79 -8.23
CA MET D 411 25.65 -14.73 -9.23
C MET D 411 26.81 -15.43 -9.92
N VAL D 412 26.65 -16.74 -10.14
CA VAL D 412 27.75 -17.55 -10.76
C VAL D 412 27.19 -18.28 -11.98
N SER D 413 27.99 -19.16 -12.60
CA SER D 413 27.55 -19.91 -13.80
C SER D 413 26.32 -20.75 -13.46
N PRO D 414 25.24 -20.70 -14.27
CA PRO D 414 24.00 -21.44 -13.98
C PRO D 414 24.12 -22.96 -14.16
N LEU D 415 23.26 -23.73 -13.49
CA LEU D 415 23.29 -25.22 -13.59
C LEU D 415 23.22 -25.65 -15.06
N PRO D 416 23.74 -26.84 -15.44
CA PRO D 416 23.61 -27.33 -16.82
C PRO D 416 22.32 -28.13 -17.07
N CYS D 417 21.72 -28.70 -16.01
CA CYS D 417 20.46 -29.47 -16.16
C CYS D 417 19.52 -29.17 -14.98
N ALA D 418 18.23 -28.94 -15.26
CA ALA D 418 17.26 -28.58 -14.19
C ALA D 418 16.93 -29.82 -13.37
N TRP D 419 17.12 -29.75 -12.04
CA TRP D 419 16.92 -30.96 -11.19
C TRP D 419 16.00 -30.66 -10.01
N GLN D 420 15.14 -31.62 -9.63
CA GLN D 420 14.30 -31.47 -8.47
C GLN D 420 14.59 -32.57 -7.46
N TRP D 421 14.46 -32.23 -6.18
CA TRP D 421 14.79 -33.13 -5.07
C TRP D 421 16.22 -33.66 -5.22
N SER D 422 17.16 -32.72 -5.39
CA SER D 422 18.56 -33.04 -5.59
C SER D 422 19.35 -32.83 -4.30
N ALA D 423 20.57 -33.34 -4.29
CA ALA D 423 21.48 -33.21 -3.17
C ALA D 423 22.82 -32.69 -3.66
N ALA D 424 23.54 -32.00 -2.77
CA ALA D 424 24.82 -31.41 -3.12
C ALA D 424 25.75 -31.44 -1.92
N VAL D 425 27.00 -31.81 -2.16
CA VAL D 425 28.03 -31.87 -1.14
C VAL D 425 29.30 -31.20 -1.68
N VAL D 426 30.35 -31.22 -0.86
CA VAL D 426 31.64 -30.63 -1.20
C VAL D 426 32.73 -31.62 -0.86
N VAL D 427 33.57 -31.93 -1.84
CA VAL D 427 34.68 -32.86 -1.67
C VAL D 427 35.92 -32.27 -2.31
N HIS D 428 37.01 -32.20 -1.54
CA HIS D 428 38.31 -31.73 -2.02
C HIS D 428 38.22 -30.32 -2.60
N ASP D 429 37.55 -29.44 -1.85
CA ASP D 429 37.40 -28.03 -2.22
C ASP D 429 36.74 -27.88 -3.59
N CYS D 430 35.74 -28.71 -3.85
CA CYS D 430 35.00 -28.66 -5.11
C CYS D 430 33.53 -28.90 -4.84
N ILE D 431 32.69 -28.35 -5.71
CA ILE D 431 31.23 -28.45 -5.57
C ILE D 431 30.76 -29.67 -6.35
N TYR D 432 29.96 -30.51 -5.68
CA TYR D 432 29.38 -31.70 -6.29
C TYR D 432 27.90 -31.75 -5.96
N VAL D 433 27.05 -31.68 -6.99
CA VAL D 433 25.61 -31.78 -6.84
C VAL D 433 25.15 -33.07 -7.49
N MET D 434 24.26 -33.78 -6.80
CA MET D 434 23.78 -35.08 -7.26
C MET D 434 22.28 -35.03 -7.49
N THR D 435 21.85 -35.67 -8.57
CA THR D 435 20.44 -35.72 -8.94
C THR D 435 20.07 -37.19 -9.19
N LEU D 436 18.93 -37.40 -9.85
CA LEU D 436 18.42 -38.73 -10.17
C LEU D 436 19.52 -39.66 -10.69
N ASN D 437 20.18 -39.27 -11.78
CA ASN D 437 21.23 -40.10 -12.35
C ASN D 437 22.49 -39.34 -12.76
N LEU D 438 22.46 -38.01 -12.85
CA LEU D 438 23.57 -37.23 -13.36
C LEU D 438 24.30 -36.54 -12.21
N MET D 439 25.51 -36.08 -12.50
CA MET D 439 26.31 -35.34 -11.52
C MET D 439 27.23 -34.38 -12.25
N TYR D 440 27.31 -33.15 -11.76
CA TYR D 440 28.18 -32.13 -12.32
C TYR D 440 29.07 -31.57 -11.22
N CYS D 441 30.35 -31.35 -11.57
CA CYS D 441 31.32 -30.77 -10.65
C CYS D 441 31.56 -29.31 -11.04
N TYR D 442 31.25 -28.40 -10.13
CA TYR D 442 31.41 -26.97 -10.38
C TYR D 442 32.78 -26.52 -9.89
N PHE D 443 33.61 -26.02 -10.81
CA PHE D 443 34.94 -25.55 -10.49
C PHE D 443 34.87 -24.12 -9.96
N PRO D 444 35.17 -23.89 -8.68
CA PRO D 444 35.08 -22.53 -8.14
C PRO D 444 36.11 -21.59 -8.73
N ARG D 445 37.24 -22.10 -9.21
CA ARG D 445 38.27 -21.22 -9.75
C ARG D 445 37.91 -20.70 -11.14
N SER D 446 37.28 -21.54 -11.96
CA SER D 446 36.90 -21.16 -13.31
C SER D 446 35.42 -20.83 -13.46
N ASP D 447 34.61 -21.15 -12.45
CA ASP D 447 33.16 -20.88 -12.47
C ASP D 447 32.49 -21.56 -13.67
N SER D 448 32.60 -22.88 -13.71
CA SER D 448 32.04 -23.67 -14.79
C SER D 448 31.70 -25.07 -14.29
N TRP D 449 30.81 -25.73 -15.01
CA TRP D 449 30.38 -27.09 -14.69
C TRP D 449 31.04 -28.06 -15.65
N VAL D 450 31.61 -29.14 -15.10
CA VAL D 450 32.21 -30.20 -15.89
C VAL D 450 31.40 -31.48 -15.69
N GLU D 451 31.22 -32.23 -16.77
CA GLU D 451 30.42 -33.45 -16.70
C GLU D 451 31.16 -34.54 -15.94
N MET D 452 30.42 -35.27 -15.11
CA MET D 452 30.97 -36.34 -14.29
C MET D 452 30.26 -37.66 -14.65
N ALA D 453 30.54 -38.70 -13.88
CA ALA D 453 30.00 -40.02 -14.15
C ALA D 453 28.49 -40.05 -13.90
N MET D 454 27.83 -40.96 -14.61
CA MET D 454 26.39 -41.14 -14.49
C MET D 454 26.09 -42.42 -13.72
N ARG D 455 25.09 -42.35 -12.84
CA ARG D 455 24.68 -43.53 -12.08
C ARG D 455 23.81 -44.44 -12.93
N GLN D 456 23.99 -45.74 -12.74
CA GLN D 456 23.19 -46.74 -13.46
C GLN D 456 21.79 -46.89 -12.88
N THR D 457 21.53 -46.35 -11.68
CA THR D 457 20.24 -46.42 -11.04
C THR D 457 19.61 -45.04 -10.95
N SER D 458 18.32 -44.96 -11.21
CA SER D 458 17.58 -43.70 -11.19
C SER D 458 16.78 -43.64 -9.89
N ARG D 459 17.31 -42.92 -8.90
CA ARG D 459 16.67 -42.77 -7.61
C ARG D 459 16.68 -41.29 -7.21
N SER D 460 15.57 -40.85 -6.61
CA SER D 460 15.41 -39.48 -6.17
C SER D 460 14.98 -39.47 -4.71
N PHE D 461 14.70 -38.27 -4.20
CA PHE D 461 14.26 -38.08 -2.82
C PHE D 461 15.30 -38.60 -1.82
N ALA D 462 16.58 -38.51 -2.17
CA ALA D 462 17.66 -38.99 -1.33
C ALA D 462 18.71 -37.90 -1.17
N SER D 463 19.60 -38.09 -0.20
CA SER D 463 20.68 -37.17 0.09
C SER D 463 22.01 -37.91 0.05
N ALA D 464 23.09 -37.14 -0.01
CA ALA D 464 24.43 -37.68 -0.06
C ALA D 464 25.28 -37.07 1.05
N ALA D 465 26.35 -37.78 1.40
CA ALA D 465 27.26 -37.34 2.45
C ALA D 465 28.68 -37.29 1.89
N ALA D 466 29.44 -36.28 2.32
CA ALA D 466 30.82 -36.09 1.87
C ALA D 466 31.74 -36.54 3.00
N PHE D 467 32.07 -37.83 3.01
CA PHE D 467 32.94 -38.42 4.01
C PHE D 467 34.28 -38.71 3.36
N GLY D 468 35.32 -37.99 3.79
CA GLY D 468 36.64 -38.19 3.24
C GLY D 468 36.69 -37.77 1.78
N ASP D 469 37.20 -38.67 0.93
CA ASP D 469 37.30 -38.43 -0.51
C ASP D 469 36.31 -39.28 -1.30
N LYS D 470 35.21 -39.67 -0.66
CA LYS D 470 34.20 -40.50 -1.31
C LYS D 470 32.81 -39.99 -0.97
N ILE D 471 31.95 -39.94 -1.99
CA ILE D 471 30.56 -39.54 -1.82
C ILE D 471 29.71 -40.79 -1.68
N PHE D 472 28.82 -40.80 -0.69
CA PHE D 472 28.00 -41.96 -0.36
C PHE D 472 26.52 -41.57 -0.56
N TYR D 473 26.03 -41.76 -1.77
CA TYR D 473 24.62 -41.50 -2.08
C TYR D 473 23.80 -42.66 -1.55
N ILE D 474 23.07 -42.43 -0.46
CA ILE D 474 22.31 -43.48 0.23
C ILE D 474 20.83 -43.21 0.04
N GLY D 475 20.07 -44.29 -0.18
CA GLY D 475 18.63 -44.18 -0.31
C GLY D 475 18.19 -43.76 -1.70
N GLY D 476 16.87 -43.67 -1.86
CA GLY D 476 16.27 -43.26 -3.11
C GLY D 476 15.12 -44.16 -3.52
N LEU D 477 14.17 -43.57 -4.24
CA LEU D 477 13.00 -44.32 -4.71
C LEU D 477 12.51 -43.78 -6.05
N SER D 496 15.15 -46.08 -0.93
CA SER D 496 15.38 -47.48 -0.60
C SER D 496 16.68 -47.65 0.18
N VAL D 497 17.42 -48.71 -0.14
CA VAL D 497 18.66 -49.03 0.56
C VAL D 497 19.81 -49.07 -0.44
N THR D 498 19.71 -48.27 -1.51
CA THR D 498 20.75 -48.24 -2.53
C THR D 498 22.01 -47.58 -1.96
N VAL D 499 23.12 -48.32 -1.95
CA VAL D 499 24.39 -47.79 -1.48
C VAL D 499 25.34 -47.66 -2.66
N GLU D 500 25.40 -46.47 -3.25
CA GLU D 500 26.22 -46.21 -4.43
C GLU D 500 27.37 -45.30 -4.02
N ILE D 501 28.57 -45.88 -3.92
CA ILE D 501 29.75 -45.15 -3.49
C ILE D 501 30.47 -44.60 -4.72
N TYR D 502 30.85 -43.33 -4.66
CA TYR D 502 31.58 -42.67 -5.73
C TYR D 502 32.89 -42.11 -5.18
N ASP D 503 33.94 -42.17 -5.99
CA ASP D 503 35.25 -41.66 -5.63
C ASP D 503 35.65 -40.57 -6.62
N VAL D 504 36.32 -39.54 -6.12
CA VAL D 504 36.73 -38.43 -6.97
C VAL D 504 37.99 -38.80 -7.76
N ASN D 505 38.97 -39.40 -7.10
CA ASN D 505 40.21 -39.76 -7.77
C ASN D 505 39.99 -40.87 -8.81
N LYS D 506 38.94 -41.68 -8.64
CA LYS D 506 38.66 -42.77 -9.56
C LYS D 506 37.54 -42.45 -10.54
N ASN D 507 36.59 -41.61 -10.15
CA ASN D 507 35.47 -41.20 -11.01
C ASN D 507 34.68 -42.42 -11.50
N GLU D 508 34.09 -43.13 -10.53
CA GLU D 508 33.29 -44.31 -10.84
C GLU D 508 32.29 -44.56 -9.72
N TRP D 509 31.17 -45.15 -10.08
CA TRP D 509 30.12 -45.51 -9.14
C TRP D 509 30.10 -47.01 -8.94
N LYS D 510 30.03 -47.44 -7.69
CA LYS D 510 30.00 -48.86 -7.37
C LYS D 510 29.05 -49.10 -6.20
N MET D 511 28.65 -50.35 -6.04
CA MET D 511 27.81 -50.78 -4.93
C MET D 511 28.65 -51.50 -3.89
N ALA D 512 28.23 -51.40 -2.63
CA ALA D 512 28.94 -52.02 -1.52
C ALA D 512 28.13 -53.15 -0.89
N ALA D 513 26.93 -52.85 -0.41
CA ALA D 513 26.05 -53.83 0.22
C ALA D 513 24.69 -53.19 0.43
N ASN D 514 23.80 -53.93 1.09
CA ASN D 514 22.48 -53.44 1.47
C ASN D 514 22.41 -53.32 2.98
N ILE D 515 21.87 -52.21 3.46
CA ILE D 515 21.79 -52.00 4.92
C ILE D 515 20.80 -52.99 5.51
N PRO D 516 21.13 -53.65 6.62
CA PRO D 516 20.18 -54.59 7.23
C PRO D 516 18.97 -53.88 7.83
N ALA D 517 17.82 -54.03 7.17
CA ALA D 517 16.58 -53.42 7.62
C ALA D 517 15.46 -54.45 7.57
N LYS D 518 14.51 -54.32 8.50
CA LYS D 518 13.39 -55.26 8.55
C LYS D 518 12.50 -55.10 7.32
N ARG D 519 12.00 -56.22 6.83
CA ARG D 519 11.16 -56.22 5.64
C ARG D 519 9.81 -55.55 5.94
N TYR D 520 9.07 -55.28 4.86
CA TYR D 520 7.77 -54.61 4.93
C TYR D 520 7.87 -53.26 5.64
N SER D 521 8.91 -52.50 5.31
CA SER D 521 9.15 -51.21 5.93
C SER D 521 9.71 -50.25 4.90
N ASP D 522 9.65 -48.95 5.24
CA ASP D 522 10.20 -47.89 4.40
C ASP D 522 11.25 -47.13 5.20
N PRO D 523 12.53 -47.48 5.06
CA PRO D 523 13.56 -46.82 5.88
C PRO D 523 13.84 -45.40 5.41
N CYS D 524 14.06 -44.52 6.39
CA CYS D 524 14.44 -43.12 6.14
C CYS D 524 15.91 -42.99 6.49
N VAL D 525 16.76 -42.98 5.47
CA VAL D 525 18.20 -43.02 5.66
C VAL D 525 18.75 -41.61 5.81
N ARG D 526 19.80 -41.48 6.62
CA ARG D 526 20.50 -40.21 6.82
C ARG D 526 21.99 -40.52 6.96
N ALA D 527 22.78 -40.07 6.01
CA ALA D 527 24.23 -40.29 6.00
C ALA D 527 24.93 -39.00 6.37
N VAL D 528 25.87 -39.08 7.31
CA VAL D 528 26.59 -37.91 7.80
C VAL D 528 27.87 -38.38 8.48
N VAL D 529 28.87 -37.51 8.55
CA VAL D 529 30.14 -37.84 9.16
C VAL D 529 30.05 -37.63 10.67
N ILE D 530 30.67 -38.52 11.43
CA ILE D 530 30.69 -38.42 12.89
C ILE D 530 31.99 -39.02 13.41
N SER D 531 32.73 -38.24 14.19
CA SER D 531 33.95 -38.69 14.85
C SER D 531 34.95 -39.26 13.83
N ASN D 532 35.00 -38.64 12.65
CA ASN D 532 35.88 -39.08 11.57
C ASN D 532 35.62 -40.54 11.22
N SER D 533 34.35 -40.92 11.16
CA SER D 533 33.95 -42.29 10.86
C SER D 533 32.58 -42.27 10.20
N LEU D 534 32.47 -42.91 9.04
CA LEU D 534 31.21 -42.91 8.29
C LEU D 534 30.17 -43.75 9.04
N CYS D 535 29.04 -43.12 9.36
CA CYS D 535 27.93 -43.80 10.00
C CYS D 535 26.62 -43.33 9.35
N VAL D 536 25.52 -43.98 9.74
CA VAL D 536 24.21 -43.66 9.21
C VAL D 536 23.22 -43.58 10.36
N PHE D 537 22.14 -42.85 10.12
CA PHE D 537 21.04 -42.69 11.07
C PHE D 537 19.74 -42.97 10.35
N MET D 538 19.18 -44.16 10.56
CA MET D 538 18.01 -44.64 9.83
C MET D 538 16.88 -44.96 10.79
N ARG D 539 15.65 -44.86 10.29
CA ARG D 539 14.45 -45.15 11.05
C ARG D 539 13.54 -46.05 10.21
N GLU D 540 13.08 -47.14 10.81
CA GLU D 540 12.19 -48.08 10.14
C GLU D 540 10.77 -47.92 10.65
N THR D 541 9.81 -48.13 9.75
CA THR D 541 8.39 -47.98 10.09
C THR D 541 7.61 -49.08 9.38
N HIS D 542 6.78 -49.80 10.14
CA HIS D 542 5.97 -50.88 9.61
C HIS D 542 4.49 -50.53 9.79
N LEU D 543 3.63 -51.48 9.46
CA LEU D 543 2.19 -51.32 9.63
C LEU D 543 1.80 -51.69 11.05
N ASN D 544 1.05 -50.80 11.71
CA ASN D 544 0.62 -50.98 13.10
C ASN D 544 1.81 -51.17 14.04
N GLU D 545 2.93 -50.55 13.71
CA GLU D 545 4.14 -50.64 14.52
C GLU D 545 4.70 -49.25 14.78
N ARG D 546 5.52 -49.15 15.83
CA ARG D 546 6.11 -47.89 16.21
C ARG D 546 7.48 -47.72 15.55
N ALA D 547 7.90 -46.46 15.43
CA ALA D 547 9.17 -46.13 14.81
C ALA D 547 10.32 -46.40 15.79
N LYS D 548 11.45 -46.83 15.24
CA LYS D 548 12.64 -47.13 16.02
C LYS D 548 13.82 -46.38 15.43
N TYR D 549 14.62 -45.75 16.29
CA TYR D 549 15.80 -45.00 15.89
C TYR D 549 17.05 -45.75 16.32
N VAL D 550 17.98 -45.95 15.38
CA VAL D 550 19.22 -46.66 15.65
C VAL D 550 20.27 -46.25 14.63
N THR D 551 21.48 -45.95 15.10
CA THR D 551 22.59 -45.61 14.23
C THR D 551 23.58 -46.77 14.18
N TYR D 552 24.14 -47.01 13.00
CA TYR D 552 25.07 -48.12 12.78
C TYR D 552 26.44 -47.58 12.37
N GLN D 553 27.46 -48.38 12.64
CA GLN D 553 28.83 -48.05 12.27
C GLN D 553 29.21 -48.83 11.02
N TYR D 554 29.46 -48.12 9.93
CA TYR D 554 29.80 -48.73 8.65
C TYR D 554 31.31 -48.72 8.46
N ASP D 555 31.83 -49.81 7.91
CA ASP D 555 33.24 -49.96 7.62
C ASP D 555 33.48 -49.93 6.11
N LEU D 556 34.62 -49.37 5.72
CA LEU D 556 34.91 -49.20 4.30
C LEU D 556 35.19 -50.54 3.61
N GLU D 557 36.15 -51.29 4.14
CA GLU D 557 36.55 -52.55 3.50
C GLU D 557 35.61 -53.70 3.83
N LEU D 558 34.80 -53.58 4.88
CA LEU D 558 33.91 -54.66 5.26
C LEU D 558 32.57 -54.62 4.54
N ASP D 559 32.13 -53.44 4.12
CA ASP D 559 30.83 -53.25 3.48
C ASP D 559 29.70 -53.79 4.37
N ARG D 560 29.71 -53.37 5.63
CA ARG D 560 28.71 -53.81 6.59
C ARG D 560 28.50 -52.71 7.62
N TRP D 561 27.25 -52.58 8.06
CA TRP D 561 26.86 -51.55 9.04
C TRP D 561 26.76 -52.22 10.40
N SER D 562 27.87 -52.21 11.13
CA SER D 562 27.89 -52.80 12.47
C SER D 562 27.05 -51.97 13.42
N LEU D 563 26.42 -52.66 14.37
CA LEU D 563 25.54 -52.01 15.35
C LEU D 563 26.37 -51.14 16.26
N ARG D 564 26.29 -49.82 16.09
CA ARG D 564 27.03 -48.88 16.91
C ARG D 564 26.25 -48.49 18.17
N GLN D 565 25.03 -48.00 18.01
CA GLN D 565 24.22 -47.59 19.14
C GLN D 565 22.76 -47.54 18.70
N HIS D 566 21.87 -48.08 19.54
CA HIS D 566 20.43 -48.04 19.29
C HIS D 566 19.82 -46.94 20.14
N ILE D 567 19.28 -45.92 19.49
CA ILE D 567 18.69 -44.80 20.19
C ILE D 567 17.43 -45.28 20.91
N SER D 568 17.44 -45.20 22.24
CA SER D 568 16.28 -45.63 23.02
C SER D 568 15.16 -44.62 22.90
N GLU D 569 13.92 -45.12 22.86
CA GLU D 569 12.75 -44.26 22.76
C GLU D 569 12.45 -43.53 24.06
N ARG D 570 13.13 -43.88 25.16
CA ARG D 570 12.90 -43.21 26.43
C ARG D 570 13.46 -41.80 26.46
N VAL D 571 14.40 -41.47 25.58
CA VAL D 571 15.01 -40.15 25.54
C VAL D 571 14.62 -39.39 24.27
N LEU D 572 14.43 -40.10 23.15
CA LEU D 572 14.06 -39.49 21.89
C LEU D 572 12.70 -40.00 21.44
N TRP D 573 11.84 -39.08 21.01
CA TRP D 573 10.53 -39.40 20.51
C TRP D 573 10.53 -39.36 18.98
N ASP D 574 9.36 -39.50 18.37
CA ASP D 574 9.26 -39.52 16.93
C ASP D 574 9.67 -38.17 16.33
N LEU D 575 10.27 -38.22 15.14
CA LEU D 575 10.72 -37.03 14.44
C LEU D 575 9.77 -36.62 13.31
N GLY D 576 9.44 -37.56 12.42
CA GLY D 576 8.56 -37.29 11.30
C GLY D 576 9.12 -37.84 10.00
N ARG D 577 8.84 -37.12 8.91
CA ARG D 577 9.27 -37.51 7.58
C ARG D 577 10.14 -36.47 6.90
N ASP D 578 9.82 -35.18 7.04
CA ASP D 578 10.56 -34.11 6.39
C ASP D 578 11.68 -33.55 7.25
N PHE D 579 12.19 -34.34 8.19
CA PHE D 579 13.28 -33.88 9.05
C PHE D 579 14.61 -34.02 8.34
N ARG D 580 15.54 -33.13 8.70
CA ARG D 580 16.88 -33.13 8.14
C ARG D 580 17.91 -33.37 9.24
N CYS D 581 19.11 -33.79 8.83
CA CYS D 581 20.18 -34.11 9.76
C CYS D 581 21.47 -33.46 9.28
N THR D 582 22.28 -33.00 10.23
CA THR D 582 23.57 -32.40 9.93
C THR D 582 24.45 -32.49 11.17
N VAL D 583 25.76 -32.50 10.94
CA VAL D 583 26.74 -32.66 12.00
C VAL D 583 27.27 -31.29 12.41
N GLY D 584 27.38 -31.06 13.71
CA GLY D 584 27.88 -29.79 14.21
C GLY D 584 28.15 -29.80 15.71
N LYS D 585 29.06 -28.93 16.15
CA LYS D 585 29.40 -28.83 17.56
C LYS D 585 28.55 -27.76 18.24
N LEU D 586 28.03 -28.08 19.41
CA LEU D 586 27.16 -27.18 20.17
C LEU D 586 27.60 -27.18 21.63
N TYR D 587 26.96 -26.31 22.40
CA TYR D 587 27.24 -26.17 23.83
C TYR D 587 26.05 -26.66 24.64
N PRO D 588 26.27 -27.55 25.62
CA PRO D 588 25.13 -28.04 26.41
C PRO D 588 24.58 -27.01 27.38
N SER D 589 25.44 -26.16 27.94
CA SER D 589 24.99 -25.20 28.94
C SER D 589 24.10 -24.13 28.33
N CYS D 590 24.45 -23.66 27.13
CA CYS D 590 23.63 -22.63 26.48
C CYS D 590 22.28 -23.18 26.06
N LEU D 591 22.27 -24.38 25.47
CA LEU D 591 21.03 -25.01 25.07
C LEU D 591 20.30 -25.59 26.28
N GLU D 592 19.08 -26.07 26.04
CA GLU D 592 18.26 -26.66 27.08
C GLU D 592 17.78 -28.04 26.64
N GLU D 593 17.66 -28.94 27.62
CA GLU D 593 17.19 -30.29 27.33
C GLU D 593 15.72 -30.26 26.92
N SER D 594 15.34 -31.18 26.04
CA SER D 594 13.96 -31.27 25.57
C SER D 594 13.15 -32.15 26.51
N PRO D 595 12.20 -31.60 27.25
CA PRO D 595 11.41 -32.41 28.19
C PRO D 595 10.39 -33.28 27.44
N TRP D 596 10.43 -34.58 27.71
CA TRP D 596 9.50 -35.51 27.11
C TRP D 596 9.43 -36.77 27.96
N LYS D 597 8.23 -37.29 28.14
CA LYS D 597 8.05 -38.48 28.96
C LYS D 597 8.51 -39.70 28.17
N PRO D 598 9.39 -40.55 28.73
CA PRO D 598 9.89 -41.79 28.16
C PRO D 598 8.81 -42.64 27.46
N ARG E 7 16.16 7.49 -4.81
CA ARG E 7 15.14 7.03 -3.83
C ARG E 7 14.30 8.23 -3.36
N GLN E 8 13.56 8.07 -2.27
CA GLN E 8 12.70 9.16 -1.75
C GLN E 8 13.36 9.77 -0.51
N ILE E 9 12.56 10.30 0.42
CA ILE E 9 13.11 10.94 1.65
C ILE E 9 12.74 10.08 2.86
N ASN E 10 13.70 9.87 3.77
CA ASN E 10 13.46 9.01 4.96
C ASN E 10 12.27 9.56 5.74
N THR E 11 11.14 8.83 5.73
CA THR E 11 9.92 9.29 6.44
C THR E 11 10.24 9.50 7.92
N GLU E 12 11.04 8.61 8.51
CA GLU E 12 11.39 8.71 9.95
C GLU E 12 11.89 10.13 10.26
N TYR E 13 12.98 10.55 9.61
CA TYR E 13 13.55 11.89 9.93
C TYR E 13 12.58 12.99 9.48
N ALA E 14 11.96 12.81 8.31
CA ALA E 14 11.02 13.83 7.79
C ALA E 14 10.07 14.27 8.91
N VAL E 15 9.40 13.29 9.56
CA VAL E 15 8.41 13.63 10.62
C VAL E 15 9.14 14.01 11.91
N SER E 16 10.28 13.39 12.21
CA SER E 16 11.07 13.76 13.41
C SER E 16 11.48 15.24 13.31
N LEU E 17 11.98 15.65 12.15
CA LEU E 17 12.35 17.08 11.93
C LEU E 17 11.10 17.93 12.10
N LEU E 18 10.01 17.58 11.41
CA LEU E 18 8.76 18.37 11.47
C LEU E 18 8.34 18.62 12.93
N GLU E 19 8.29 17.55 13.75
CA GLU E 19 7.81 17.72 15.15
C GLU E 19 8.84 18.52 15.96
N GLN E 20 10.13 18.33 15.69
CA GLN E 20 11.19 19.08 16.41
C GLN E 20 11.07 20.56 16.05
N LEU E 21 10.81 20.88 14.78
CA LEU E 21 10.63 22.29 14.36
C LEU E 21 9.42 22.86 15.10
N LYS E 22 8.31 22.10 15.14
CA LYS E 22 7.07 22.55 15.83
C LYS E 22 7.39 22.77 17.32
N LEU E 23 8.21 21.89 17.92
CA LEU E 23 8.56 22.01 19.36
C LEU E 23 9.33 23.31 19.59
N PHE E 24 10.30 23.62 18.72
CA PHE E 24 11.10 24.87 18.85
C PHE E 24 10.17 26.08 18.73
N TYR E 25 9.05 25.92 18.01
CA TYR E 25 8.08 27.03 17.83
C TYR E 25 7.27 27.23 19.11
N GLU E 26 6.45 26.24 19.50
CA GLU E 26 5.56 26.41 20.69
C GLU E 26 6.41 26.76 21.92
N GLN E 27 7.40 25.92 22.26
CA GLN E 27 8.30 26.24 23.39
C GLN E 27 9.33 27.25 22.90
N GLN E 28 9.13 28.54 23.23
CA GLN E 28 10.05 29.62 22.79
C GLN E 28 11.49 29.16 23.00
N LEU E 29 12.22 28.90 21.91
CA LEU E 29 13.63 28.44 22.00
C LEU E 29 14.46 29.14 20.92
N PHE E 30 14.72 28.46 19.81
CA PHE E 30 15.55 29.04 18.71
C PHE E 30 14.70 30.00 17.89
N THR E 31 13.45 30.25 18.32
CA THR E 31 12.58 31.23 17.62
C THR E 31 13.29 32.57 17.54
N ASP E 32 13.69 32.99 16.34
CA ASP E 32 14.46 34.26 16.19
C ASP E 32 13.50 35.43 15.91
N ILE E 33 13.04 35.56 14.67
CA ILE E 33 12.16 36.71 14.29
C ILE E 33 10.81 36.57 15.01
N VAL E 34 10.24 37.68 15.47
CA VAL E 34 8.93 37.62 16.10
C VAL E 34 7.99 38.55 15.34
N LEU E 35 6.80 38.05 15.02
CA LEU E 35 5.80 38.82 14.29
C LEU E 35 4.93 39.61 15.26
N ILE E 36 4.85 40.91 15.06
CA ILE E 36 4.07 41.81 15.91
C ILE E 36 2.80 42.14 15.13
N VAL E 37 1.70 41.51 15.52
CA VAL E 37 0.39 41.72 14.88
C VAL E 37 -0.61 42.11 15.95
N GLU E 38 -1.15 43.32 15.83
CA GLU E 38 -2.15 43.88 16.76
C GLU E 38 -1.85 43.52 18.21
N GLY E 39 -0.59 43.71 18.60
CA GLY E 39 -0.17 43.49 19.97
C GLY E 39 -0.02 42.04 20.37
N THR E 40 -0.08 41.10 19.42
CA THR E 40 0.06 39.68 19.72
C THR E 40 1.44 39.21 19.27
N GLU E 41 2.15 38.51 20.17
CA GLU E 41 3.49 38.03 19.87
C GLU E 41 3.42 36.72 19.10
N PHE E 42 4.31 36.58 18.11
CA PHE E 42 4.42 35.36 17.32
C PHE E 42 5.88 35.02 17.11
N PRO E 43 6.53 34.44 18.12
CA PRO E 43 7.92 34.00 17.95
C PRO E 43 8.00 32.80 17.03
N CYS E 44 8.83 32.91 15.99
CA CYS E 44 8.98 31.84 15.01
C CYS E 44 10.38 31.93 14.40
N HIS E 45 10.60 31.16 13.34
CA HIS E 45 11.87 31.11 12.64
C HIS E 45 11.76 31.79 11.29
N LYS E 46 12.92 32.00 10.66
CA LYS E 46 12.96 32.54 9.31
C LYS E 46 12.96 31.44 8.25
N MET E 47 13.52 30.28 8.56
CA MET E 47 13.59 29.19 7.58
C MET E 47 12.22 28.66 7.23
N VAL E 48 11.38 28.40 8.25
CA VAL E 48 10.05 27.86 7.99
C VAL E 48 9.21 28.89 7.22
N LEU E 49 9.31 30.16 7.59
CA LEU E 49 8.56 31.19 6.89
C LEU E 49 9.03 31.32 5.44
N ALA E 50 10.34 31.20 5.20
CA ALA E 50 10.84 31.27 3.84
C ALA E 50 10.41 30.07 3.01
N THR E 51 10.29 28.90 3.65
CA THR E 51 9.98 27.67 2.86
C THR E 51 8.53 27.69 2.34
N CYS E 52 7.70 28.62 2.82
CA CYS E 52 6.27 28.62 2.40
C CYS E 52 5.89 30.00 1.86
N SER E 53 5.84 31.02 2.72
CA SER E 53 5.42 32.38 2.29
C SER E 53 6.48 32.99 1.38
N SER E 54 6.08 33.42 0.19
CA SER E 54 7.02 34.09 -0.73
C SER E 54 7.34 35.49 -0.20
N TYR E 55 6.37 36.15 0.43
CA TYR E 55 6.60 37.49 1.04
C TYR E 55 7.72 37.37 2.09
N PHE E 56 7.59 36.41 3.02
CA PHE E 56 8.59 36.28 4.12
C PHE E 56 9.94 35.89 3.52
N ARG E 57 9.95 35.01 2.51
CA ARG E 57 11.22 34.65 1.83
C ARG E 57 11.86 35.93 1.29
N ALA E 58 11.09 36.77 0.61
CA ALA E 58 11.61 38.04 0.05
C ALA E 58 12.02 38.99 1.18
N MET E 59 11.26 39.02 2.28
CA MET E 59 11.54 39.96 3.39
C MET E 59 12.90 39.67 4.02
N PHE E 60 13.18 38.41 4.35
CA PHE E 60 14.44 38.09 5.08
C PHE E 60 15.63 38.08 4.10
N MET E 61 15.59 37.21 3.08
CA MET E 61 16.67 37.20 2.05
C MET E 61 16.54 38.47 1.22
N SER E 62 17.37 39.47 1.53
CA SER E 62 17.26 40.77 0.81
C SER E 62 18.53 41.59 1.04
N GLY E 63 18.64 42.24 2.19
CA GLY E 63 19.76 43.14 2.47
C GLY E 63 19.15 44.36 3.13
N LEU E 64 17.82 44.32 3.32
CA LEU E 64 17.10 45.43 3.98
C LEU E 64 17.28 45.28 5.50
N SER E 65 16.71 46.20 6.28
CA SER E 65 16.93 46.15 7.75
C SER E 65 16.25 44.90 8.33
N GLU E 66 15.32 44.29 7.59
CA GLU E 66 14.57 43.10 8.09
C GLU E 66 15.46 41.86 8.03
N SER E 67 16.59 41.93 7.33
CA SER E 67 17.54 40.79 7.33
C SER E 67 18.23 40.73 8.70
N LYS E 68 18.22 41.83 9.45
CA LYS E 68 18.89 41.89 10.77
C LYS E 68 17.90 42.43 11.82
N GLN E 69 16.60 42.39 11.52
CA GLN E 69 15.58 42.92 12.46
C GLN E 69 14.99 41.78 13.29
N THR E 70 14.19 42.11 14.31
CA THR E 70 13.53 41.07 15.14
C THR E 70 12.05 41.41 15.29
N HIS E 71 11.71 42.69 15.46
CA HIS E 71 10.29 43.06 15.73
C HIS E 71 9.62 43.64 14.49
N VAL E 72 9.17 42.79 13.56
CA VAL E 72 8.42 43.27 12.40
C VAL E 72 6.98 43.48 12.80
N HIS E 73 6.43 44.64 12.48
CA HIS E 73 5.03 44.96 12.75
C HIS E 73 4.22 44.65 11.50
N LEU E 74 3.83 43.40 11.34
CA LEU E 74 3.03 42.98 10.20
C LEU E 74 1.61 43.50 10.36
N ARG E 75 1.21 44.40 9.46
CA ARG E 75 -0.09 45.05 9.53
C ARG E 75 -1.03 44.48 8.48
N ASN E 76 -2.31 44.85 8.60
CA ASN E 76 -3.36 44.44 7.66
C ASN E 76 -3.49 42.92 7.59
N VAL E 77 -3.40 42.27 8.75
CA VAL E 77 -3.56 40.83 8.87
C VAL E 77 -4.39 40.54 10.12
N ASP E 78 -4.68 39.25 10.33
CA ASP E 78 -5.48 38.82 11.47
C ASP E 78 -4.65 37.89 12.34
N ALA E 79 -5.03 37.81 13.62
CA ALA E 79 -4.27 37.00 14.57
C ALA E 79 -4.52 35.51 14.35
N ALA E 80 -5.79 35.10 14.27
CA ALA E 80 -6.11 33.69 14.12
C ALA E 80 -5.63 33.17 12.77
N THR E 81 -5.75 33.98 11.71
CA THR E 81 -5.30 33.54 10.40
C THR E 81 -3.79 33.33 10.37
N LEU E 82 -3.04 34.30 10.91
CA LEU E 82 -1.59 34.13 10.98
C LEU E 82 -1.21 32.94 11.84
N GLN E 83 -1.94 32.72 12.93
CA GLN E 83 -1.64 31.59 13.81
C GLN E 83 -1.85 30.27 13.10
N ILE E 84 -2.98 30.13 12.38
CA ILE E 84 -3.23 28.87 11.68
C ILE E 84 -2.25 28.68 10.52
N ILE E 85 -1.85 29.77 9.86
CA ILE E 85 -0.87 29.66 8.80
C ILE E 85 0.48 29.21 9.36
N ILE E 86 0.88 29.76 10.50
CA ILE E 86 2.15 29.38 11.10
C ILE E 86 2.12 27.94 11.57
N THR E 87 1.03 27.51 12.20
CA THR E 87 0.96 26.14 12.67
C THR E 87 0.88 25.16 11.51
N TYR E 88 0.30 25.57 10.38
CA TYR E 88 0.33 24.72 9.19
C TYR E 88 1.75 24.64 8.64
N ALA E 89 2.46 25.76 8.60
CA ALA E 89 3.85 25.74 8.13
C ALA E 89 4.73 24.90 9.04
N TYR E 90 4.28 24.65 10.28
CA TYR E 90 5.14 23.92 11.24
C TYR E 90 4.76 22.42 11.34
N THR E 91 3.59 22.01 10.87
CA THR E 91 3.19 20.59 11.07
C THR E 91 2.44 20.02 9.85
N GLY E 92 1.93 20.88 8.96
CA GLY E 92 1.20 20.42 7.78
C GLY E 92 -0.28 20.25 8.05
N ASN E 93 -0.76 20.76 9.20
CA ASN E 93 -2.19 20.59 9.58
C ASN E 93 -2.95 21.89 9.31
N LEU E 94 -3.93 21.85 8.40
CA LEU E 94 -4.75 23.05 8.10
C LEU E 94 -6.18 22.79 8.57
N ALA E 95 -6.64 23.53 9.58
CA ALA E 95 -8.03 23.39 10.06
C ALA E 95 -8.94 24.30 9.24
N MET E 96 -9.62 23.75 8.22
CA MET E 96 -10.47 24.57 7.34
C MET E 96 -11.94 24.44 7.73
N ASN E 97 -12.48 25.39 8.50
CA ASN E 97 -13.89 25.39 8.84
C ASN E 97 -14.69 25.97 7.68
N ASP E 98 -15.97 26.27 7.92
CA ASP E 98 -16.84 26.82 6.89
C ASP E 98 -17.01 28.33 7.00
N SER E 99 -16.29 28.98 7.91
CA SER E 99 -16.44 30.42 8.12
C SER E 99 -15.15 31.19 7.87
N THR E 100 -14.02 30.74 8.41
CA THR E 100 -12.78 31.49 8.36
C THR E 100 -12.01 31.29 7.05
N VAL E 101 -12.62 30.66 6.03
CA VAL E 101 -11.91 30.44 4.78
C VAL E 101 -11.75 31.74 4.00
N GLU E 102 -12.64 32.71 4.22
CA GLU E 102 -12.54 33.99 3.53
C GLU E 102 -11.27 34.74 3.93
N GLN E 103 -11.12 35.02 5.23
CA GLN E 103 -9.91 35.67 5.70
C GLN E 103 -8.69 34.76 5.52
N LEU E 104 -8.89 33.45 5.48
CA LEU E 104 -7.79 32.55 5.17
C LEU E 104 -7.23 32.81 3.78
N TYR E 105 -8.13 32.86 2.78
CA TYR E 105 -7.69 33.18 1.42
C TYR E 105 -7.11 34.59 1.35
N GLU E 106 -7.69 35.52 2.10
CA GLU E 106 -7.17 36.89 2.12
C GLU E 106 -5.71 36.91 2.58
N THR E 107 -5.43 36.32 3.74
CA THR E 107 -4.08 36.32 4.27
C THR E 107 -3.14 35.45 3.43
N ALA E 108 -3.68 34.43 2.76
CA ALA E 108 -2.84 33.61 1.89
C ALA E 108 -2.41 34.38 0.65
N CYS E 109 -3.34 35.14 0.05
CA CYS E 109 -2.96 35.99 -1.07
C CYS E 109 -2.06 37.13 -0.64
N PHE E 110 -2.20 37.59 0.61
CA PHE E 110 -1.31 38.64 1.12
C PHE E 110 0.10 38.10 1.30
N LEU E 111 0.24 36.94 1.94
CA LEU E 111 1.55 36.36 2.19
C LEU E 111 2.07 35.52 1.02
N GLN E 112 1.25 35.29 0.00
CA GLN E 112 1.65 34.54 -1.19
C GLN E 112 2.17 33.15 -0.83
N VAL E 113 1.31 32.37 -0.18
CA VAL E 113 1.60 31.00 0.19
C VAL E 113 0.80 30.08 -0.73
N GLU E 114 1.50 29.39 -1.64
CA GLU E 114 0.82 28.67 -2.71
C GLU E 114 0.07 27.46 -2.21
N ASP E 115 0.61 26.75 -1.22
CA ASP E 115 -0.02 25.51 -0.75
C ASP E 115 -1.37 25.79 -0.11
N VAL E 116 -1.42 26.70 0.86
CA VAL E 116 -2.70 27.02 1.51
C VAL E 116 -3.65 27.69 0.52
N LEU E 117 -3.10 28.44 -0.43
CA LEU E 117 -3.93 29.04 -1.47
C LEU E 117 -4.65 27.96 -2.28
N GLN E 118 -3.91 26.96 -2.74
CA GLN E 118 -4.54 25.87 -3.49
C GLN E 118 -5.52 25.10 -2.62
N ARG E 119 -5.18 24.89 -1.35
CA ARG E 119 -6.07 24.14 -0.47
C ARG E 119 -7.40 24.87 -0.28
N CYS E 120 -7.35 26.16 0.05
CA CYS E 120 -8.59 26.90 0.25
C CYS E 120 -9.33 27.13 -1.07
N ARG E 121 -8.61 27.20 -2.19
CA ARG E 121 -9.28 27.29 -3.48
C ARG E 121 -10.08 26.02 -3.77
N GLU E 122 -9.50 24.86 -3.48
CA GLU E 122 -10.22 23.61 -3.62
C GLU E 122 -11.42 23.56 -2.67
N TYR E 123 -11.22 23.99 -1.43
CA TYR E 123 -12.33 23.99 -0.48
C TYR E 123 -13.47 24.88 -0.94
N LEU E 124 -13.17 26.04 -1.50
CA LEU E 124 -14.22 26.93 -1.98
C LEU E 124 -14.83 26.41 -3.28
N ILE E 125 -14.06 25.66 -4.06
CA ILE E 125 -14.62 25.02 -5.25
C ILE E 125 -15.57 23.90 -4.84
N LYS E 126 -15.40 23.39 -3.62
CA LYS E 126 -16.33 22.40 -3.09
C LYS E 126 -17.51 23.07 -2.40
N LYS E 127 -17.27 24.25 -1.83
CA LYS E 127 -18.28 24.92 -1.01
C LYS E 127 -19.26 25.74 -1.83
N ILE E 128 -18.97 25.93 -3.12
CA ILE E 128 -19.81 26.80 -3.97
C ILE E 128 -21.23 26.28 -4.02
N ASN E 129 -22.18 27.10 -3.58
CA ASN E 129 -23.59 26.74 -3.55
C ASN E 129 -24.44 27.97 -3.87
N ALA E 130 -25.73 27.88 -3.57
CA ALA E 130 -26.67 28.93 -3.97
C ALA E 130 -26.52 30.18 -3.12
N GLU E 131 -26.59 30.05 -1.80
CA GLU E 131 -26.66 31.23 -0.93
C GLU E 131 -25.33 31.97 -0.83
N ASN E 132 -24.26 31.48 -1.46
CA ASN E 132 -22.99 32.18 -1.45
C ASN E 132 -22.38 32.30 -2.84
N CYS E 133 -23.16 32.09 -3.90
CA CYS E 133 -22.61 32.14 -5.25
C CYS E 133 -22.15 33.55 -5.60
N VAL E 134 -23.00 34.55 -5.37
CA VAL E 134 -22.63 35.92 -5.70
C VAL E 134 -21.50 36.41 -4.81
N ARG E 135 -21.50 36.01 -3.53
CA ARG E 135 -20.42 36.42 -2.64
C ARG E 135 -19.09 35.81 -3.07
N LEU E 136 -19.09 34.52 -3.40
CA LEU E 136 -17.86 33.88 -3.87
C LEU E 136 -17.41 34.46 -5.20
N LEU E 137 -18.36 34.87 -6.06
CA LEU E 137 -17.97 35.49 -7.33
C LEU E 137 -17.34 36.85 -7.11
N SER E 138 -17.91 37.66 -6.20
CA SER E 138 -17.29 38.93 -5.87
C SER E 138 -15.92 38.74 -5.24
N PHE E 139 -15.76 37.68 -4.45
CA PHE E 139 -14.47 37.39 -3.83
C PHE E 139 -13.44 36.97 -4.88
N ALA E 140 -13.84 36.15 -5.84
CA ALA E 140 -12.94 35.74 -6.91
C ALA E 140 -12.69 36.87 -7.91
N ASP E 141 -13.54 37.90 -7.92
CA ASP E 141 -13.25 39.08 -8.71
C ASP E 141 -12.29 40.02 -7.98
N LEU E 142 -12.39 40.08 -6.64
CA LEU E 142 -11.47 40.90 -5.87
C LEU E 142 -10.04 40.36 -5.97
N PHE E 143 -9.86 39.09 -5.62
CA PHE E 143 -8.56 38.42 -5.74
C PHE E 143 -8.61 37.52 -6.99
N SER E 144 -7.58 37.64 -7.83
CA SER E 144 -7.56 36.90 -9.09
C SER E 144 -7.50 35.39 -8.83
N CYS E 145 -8.63 34.71 -9.06
CA CYS E 145 -8.77 33.28 -8.82
C CYS E 145 -9.53 32.67 -10.00
N GLU E 146 -8.99 32.88 -11.21
CA GLU E 146 -9.66 32.59 -12.48
C GLU E 146 -10.41 31.26 -12.51
N GLU E 147 -9.84 30.20 -11.93
CA GLU E 147 -10.56 28.93 -11.88
C GLU E 147 -11.79 29.04 -10.99
N LEU E 148 -11.59 29.51 -9.75
CA LEU E 148 -12.70 29.80 -8.88
C LEU E 148 -13.64 30.82 -9.50
N LYS E 149 -13.10 31.80 -10.25
CA LYS E 149 -13.94 32.80 -10.88
C LYS E 149 -14.86 32.15 -11.91
N GLN E 150 -14.36 31.20 -12.68
CA GLN E 150 -15.19 30.54 -13.69
C GLN E 150 -16.24 29.64 -13.04
N SER E 151 -15.83 28.87 -12.03
CA SER E 151 -16.79 28.02 -11.33
C SER E 151 -17.90 28.86 -10.70
N ALA E 152 -17.53 29.96 -10.04
CA ALA E 152 -18.49 30.91 -9.52
C ALA E 152 -19.39 31.35 -10.66
N LYS E 153 -18.83 32.07 -11.64
CA LYS E 153 -19.58 32.56 -12.80
C LYS E 153 -20.64 31.58 -13.28
N ARG E 154 -20.25 30.33 -13.50
CA ARG E 154 -21.18 29.32 -14.01
C ARG E 154 -22.23 29.01 -12.97
N MET E 155 -21.81 28.35 -11.89
CA MET E 155 -22.74 28.07 -10.82
C MET E 155 -23.51 29.35 -10.64
N VAL E 156 -22.78 30.47 -10.45
CA VAL E 156 -23.41 31.79 -10.33
C VAL E 156 -24.34 31.88 -11.51
N GLU E 157 -23.98 32.42 -12.66
CA GLU E 157 -24.94 32.42 -13.76
C GLU E 157 -26.24 31.67 -13.41
N HIS E 158 -26.21 30.34 -13.53
CA HIS E 158 -27.44 29.51 -13.31
C HIS E 158 -28.19 29.91 -12.04
N LYS E 159 -27.55 29.78 -10.87
CA LYS E 159 -28.24 30.08 -9.59
C LYS E 159 -28.71 31.54 -9.58
N PHE E 160 -27.93 32.44 -10.18
CA PHE E 160 -28.34 33.86 -10.27
C PHE E 160 -29.63 33.99 -11.05
N THR E 161 -29.73 33.28 -12.18
CA THR E 161 -30.93 33.40 -13.05
C THR E 161 -32.04 32.48 -12.54
N ALA E 162 -31.84 31.86 -11.37
CA ALA E 162 -32.89 31.00 -10.78
C ALA E 162 -33.44 31.69 -9.52
N VAL E 163 -32.63 32.55 -8.90
CA VAL E 163 -33.05 33.22 -7.63
C VAL E 163 -33.19 34.73 -7.87
N TYR E 164 -32.14 35.37 -8.42
CA TYR E 164 -32.14 36.85 -8.66
C TYR E 164 -32.75 37.59 -7.47
N HIS E 165 -32.40 37.20 -6.25
CA HIS E 165 -32.93 37.86 -5.02
C HIS E 165 -31.78 38.01 -4.02
N GLN E 166 -30.56 37.73 -4.45
CA GLN E 166 -29.37 37.83 -3.55
C GLN E 166 -29.16 39.30 -3.17
N ASP E 167 -28.89 39.56 -1.89
CA ASP E 167 -28.66 40.96 -1.41
C ASP E 167 -27.28 41.43 -1.87
N ALA E 168 -26.34 40.50 -2.05
CA ALA E 168 -24.96 40.86 -2.45
C ALA E 168 -24.94 41.23 -3.93
N PHE E 169 -25.98 40.85 -4.68
CA PHE E 169 -26.04 41.18 -6.10
C PHE E 169 -26.05 42.68 -6.35
N MET E 170 -26.59 43.46 -5.41
CA MET E 170 -26.63 44.90 -5.60
C MET E 170 -25.24 45.51 -5.52
N GLN E 171 -24.38 44.98 -4.66
CA GLN E 171 -23.02 45.47 -4.48
C GLN E 171 -22.09 44.63 -5.34
N LEU E 172 -22.05 44.94 -6.63
CA LEU E 172 -21.18 44.25 -7.57
C LEU E 172 -20.55 45.27 -8.52
N SER E 173 -19.33 44.96 -8.95
CA SER E 173 -18.64 45.83 -9.89
C SER E 173 -19.33 45.84 -11.24
N HIS E 174 -19.09 46.92 -11.99
CA HIS E 174 -19.73 47.06 -13.31
C HIS E 174 -19.24 46.01 -14.29
N ASP E 175 -17.93 45.73 -14.29
CA ASP E 175 -17.39 44.74 -15.22
C ASP E 175 -17.96 43.36 -14.94
N LEU E 176 -18.09 42.99 -13.67
CA LEU E 176 -18.66 41.69 -13.33
C LEU E 176 -20.12 41.59 -13.77
N LEU E 177 -20.89 42.65 -13.56
CA LEU E 177 -22.29 42.64 -14.00
C LEU E 177 -22.39 42.54 -15.51
N ILE E 178 -21.52 43.24 -16.23
CA ILE E 178 -21.53 43.16 -17.69
C ILE E 178 -21.17 41.76 -18.15
N ASP E 179 -20.18 41.14 -17.50
CA ASP E 179 -19.81 39.77 -17.87
C ASP E 179 -20.92 38.78 -17.54
N ILE E 180 -21.69 39.03 -16.48
CA ILE E 180 -22.78 38.12 -16.13
C ILE E 180 -23.93 38.26 -17.11
N LEU E 181 -24.39 39.50 -17.34
CA LEU E 181 -25.59 39.70 -18.14
C LEU E 181 -25.35 39.40 -19.61
N SER E 182 -24.20 39.80 -20.14
CA SER E 182 -23.91 39.62 -21.56
C SER E 182 -23.52 38.18 -21.92
N SER E 183 -23.48 37.28 -20.94
CA SER E 183 -23.09 35.91 -21.23
C SER E 183 -24.24 35.14 -21.88
N ASP E 184 -23.88 34.08 -22.61
CA ASP E 184 -24.83 33.21 -23.26
C ASP E 184 -25.07 31.92 -22.49
N ASN E 185 -24.89 31.96 -21.17
CA ASN E 185 -25.07 30.79 -20.32
C ASN E 185 -26.14 30.99 -19.26
N LEU E 186 -26.90 32.08 -19.34
CA LEU E 186 -27.94 32.36 -18.35
C LEU E 186 -29.08 31.36 -18.50
N ASN E 187 -29.64 30.94 -17.37
CA ASN E 187 -30.71 29.94 -17.34
C ASN E 187 -32.01 30.64 -16.91
N VAL E 188 -32.79 31.06 -17.91
CA VAL E 188 -34.06 31.74 -17.68
C VAL E 188 -35.06 31.29 -18.74
N GLU E 189 -36.26 30.91 -18.29
CA GLU E 189 -37.30 30.51 -19.24
C GLU E 189 -37.84 31.70 -20.03
N LYS E 190 -37.51 32.93 -19.65
CA LYS E 190 -37.93 34.12 -20.37
C LYS E 190 -36.81 35.14 -20.33
N GLU E 191 -36.86 36.09 -21.26
CA GLU E 191 -35.86 37.14 -21.36
C GLU E 191 -36.24 38.41 -20.62
N GLU E 192 -37.37 38.40 -19.89
CA GLU E 192 -37.81 39.58 -19.17
C GLU E 192 -37.36 39.62 -17.72
N THR E 193 -36.97 38.48 -17.15
CA THR E 193 -36.53 38.46 -15.76
C THR E 193 -35.15 39.09 -15.61
N VAL E 194 -34.25 38.82 -16.55
CA VAL E 194 -32.95 39.49 -16.54
C VAL E 194 -33.14 40.99 -16.75
N ARG E 195 -34.16 41.38 -17.51
CA ARG E 195 -34.46 42.79 -17.73
C ARG E 195 -34.80 43.48 -16.41
N GLU E 196 -35.75 42.92 -15.66
CA GLU E 196 -36.14 43.54 -14.40
C GLU E 196 -35.03 43.43 -13.36
N ALA E 197 -34.20 42.38 -13.44
CA ALA E 197 -33.05 42.29 -12.54
C ALA E 197 -32.07 43.43 -12.80
N ALA E 198 -31.76 43.69 -14.07
CA ALA E 198 -30.90 44.81 -14.40
C ALA E 198 -31.54 46.14 -13.99
N MET E 199 -32.86 46.26 -14.17
CA MET E 199 -33.54 47.48 -13.80
C MET E 199 -33.43 47.75 -12.30
N LEU E 200 -33.66 46.72 -11.48
CA LEU E 200 -33.55 46.92 -10.04
C LEU E 200 -32.11 47.15 -9.60
N TRP E 201 -31.15 46.50 -10.25
CA TRP E 201 -29.75 46.77 -9.93
C TRP E 201 -29.37 48.21 -10.28
N LEU E 202 -29.95 48.76 -11.34
CA LEU E 202 -29.67 50.14 -11.71
C LEU E 202 -30.34 51.11 -10.75
N GLU E 203 -31.62 50.86 -10.41
CA GLU E 203 -32.35 51.71 -9.49
C GLU E 203 -31.92 51.51 -8.04
N TYR E 204 -30.97 50.62 -7.80
CA TYR E 204 -30.41 50.50 -6.42
C TYR E 204 -29.82 51.87 -6.10
N ASN E 205 -29.16 52.49 -7.08
CA ASN E 205 -28.64 53.88 -6.89
C ASN E 205 -29.30 54.76 -7.95
N THR E 206 -28.60 55.79 -8.43
CA THR E 206 -29.16 56.69 -9.48
C THR E 206 -28.02 57.25 -10.35
N GLU E 207 -27.34 58.30 -9.86
CA GLU E 207 -26.26 58.96 -10.63
C GLU E 207 -24.99 58.11 -10.57
N SER E 208 -24.93 57.15 -9.64
CA SER E 208 -23.77 56.23 -9.55
C SER E 208 -23.94 55.10 -10.57
N ARG E 209 -25.13 55.00 -11.18
CA ARG E 209 -25.39 53.93 -12.17
C ARG E 209 -25.75 54.56 -13.52
N SER E 210 -25.83 55.90 -13.59
CA SER E 210 -26.23 56.52 -14.86
C SER E 210 -25.23 56.22 -15.96
N GLN E 211 -23.92 56.30 -15.65
CA GLN E 211 -22.92 56.02 -16.66
C GLN E 211 -22.90 54.55 -17.05
N TYR E 212 -23.29 53.66 -16.14
CA TYR E 212 -23.38 52.24 -16.46
C TYR E 212 -24.69 51.88 -17.14
N LEU E 213 -25.69 52.76 -17.06
CA LEU E 213 -26.95 52.53 -17.77
C LEU E 213 -26.72 52.40 -19.27
N SER E 214 -25.83 53.21 -19.83
CA SER E 214 -25.56 53.16 -21.27
C SER E 214 -24.86 51.87 -21.68
N SER E 215 -24.22 51.17 -20.74
CA SER E 215 -23.50 49.95 -21.06
C SER E 215 -24.32 48.70 -20.77
N VAL E 216 -25.15 48.72 -19.71
CA VAL E 216 -25.94 47.55 -19.36
C VAL E 216 -27.03 47.30 -20.39
N LEU E 217 -27.59 48.37 -20.97
CA LEU E 217 -28.59 48.20 -22.02
C LEU E 217 -27.95 47.73 -23.32
N SER E 218 -26.64 47.95 -23.48
CA SER E 218 -25.94 47.51 -24.68
C SER E 218 -25.71 46.01 -24.71
N GLN E 219 -25.98 45.31 -23.60
CA GLN E 219 -25.79 43.86 -23.56
C GLN E 219 -27.11 43.09 -23.59
N ILE E 220 -28.23 43.74 -23.31
CA ILE E 220 -29.54 43.11 -23.38
C ILE E 220 -30.10 43.33 -24.78
N ARG E 221 -30.91 42.38 -25.24
CA ARG E 221 -31.47 42.46 -26.59
C ARG E 221 -32.42 43.65 -26.71
N ILE E 222 -32.59 44.11 -27.95
CA ILE E 222 -33.40 45.30 -28.22
C ILE E 222 -34.89 45.01 -28.19
N ASP E 223 -35.30 43.75 -28.00
CA ASP E 223 -36.72 43.44 -27.93
C ASP E 223 -37.38 44.08 -26.72
N ALA E 224 -36.60 44.36 -25.68
CA ALA E 224 -37.09 45.06 -24.50
C ALA E 224 -36.48 46.44 -24.31
N LEU E 225 -35.73 46.94 -25.30
CA LEU E 225 -35.07 48.25 -25.20
C LEU E 225 -35.84 49.27 -26.04
N SER E 226 -37.02 48.84 -26.50
CA SER E 226 -37.94 49.73 -27.19
C SER E 226 -39.29 49.70 -26.48
N GLU E 227 -39.52 48.63 -25.73
CA GLU E 227 -40.75 48.49 -24.95
C GLU E 227 -40.60 49.18 -23.60
N VAL E 228 -41.48 48.80 -22.66
CA VAL E 228 -41.54 49.40 -21.33
C VAL E 228 -40.22 49.18 -20.60
N THR E 229 -40.04 49.90 -19.48
CA THR E 229 -38.77 50.05 -18.75
C THR E 229 -37.80 50.97 -19.47
N GLN E 230 -38.34 51.92 -20.24
CA GLN E 230 -37.57 53.06 -20.73
C GLN E 230 -38.15 54.32 -20.12
N ARG E 231 -39.47 54.35 -19.93
CA ARG E 231 -40.10 55.46 -19.24
C ARG E 231 -39.85 55.40 -17.74
N ALA E 232 -39.75 54.18 -17.19
CA ALA E 232 -39.40 54.03 -15.79
C ALA E 232 -38.02 54.58 -15.49
N TRP E 233 -37.10 54.48 -16.46
CA TRP E 233 -35.79 55.10 -16.30
C TRP E 233 -35.87 56.61 -16.46
N PHE E 234 -36.77 57.09 -17.31
CA PHE E 234 -36.97 58.53 -17.44
C PHE E 234 -37.52 59.12 -16.15
N GLN E 235 -38.33 58.35 -15.43
CA GLN E 235 -38.82 58.79 -14.13
C GLN E 235 -37.67 58.96 -13.13
N GLY E 236 -36.78 57.96 -13.07
CA GLY E 236 -35.61 58.03 -12.24
C GLY E 236 -34.44 58.75 -12.87
N LEU E 237 -34.63 59.37 -14.03
CA LEU E 237 -33.57 60.11 -14.68
C LEU E 237 -33.23 61.37 -13.88
N PRO E 238 -31.96 61.76 -13.84
CA PRO E 238 -31.61 63.02 -13.20
C PRO E 238 -32.34 64.18 -13.85
N PRO E 239 -32.72 65.20 -13.08
CA PRO E 239 -33.49 66.30 -13.65
C PRO E 239 -32.67 67.10 -14.64
N ASN E 240 -33.34 67.53 -15.73
CA ASN E 240 -32.82 68.36 -16.80
C ASN E 240 -31.71 67.66 -17.60
N ASP E 241 -31.34 66.43 -17.24
CA ASP E 241 -30.30 65.70 -17.96
C ASP E 241 -30.78 65.36 -19.36
N LYS E 242 -30.22 66.03 -20.37
CA LYS E 242 -30.59 65.82 -21.76
C LYS E 242 -29.53 65.06 -22.54
N SER E 243 -28.65 64.35 -21.85
CA SER E 243 -27.61 63.55 -22.49
C SER E 243 -27.87 62.05 -22.39
N VAL E 244 -28.96 61.64 -21.73
CA VAL E 244 -29.30 60.24 -21.55
C VAL E 244 -30.64 59.91 -22.21
N VAL E 245 -31.62 60.81 -22.09
CA VAL E 245 -32.94 60.56 -22.67
C VAL E 245 -32.85 60.42 -24.18
N VAL E 246 -32.34 61.45 -24.86
CA VAL E 246 -32.25 61.39 -26.32
C VAL E 246 -31.19 60.37 -26.74
N GLN E 247 -30.21 60.12 -25.88
CA GLN E 247 -29.22 59.07 -26.16
C GLN E 247 -29.90 57.71 -26.28
N GLY E 248 -30.67 57.33 -25.25
CA GLY E 248 -31.41 56.08 -25.32
C GLY E 248 -32.50 56.11 -26.38
N LEU E 249 -32.92 57.32 -26.78
CA LEU E 249 -33.92 57.44 -27.84
C LEU E 249 -33.33 57.03 -29.19
N TYR E 250 -32.24 57.68 -29.60
CA TYR E 250 -31.62 57.37 -30.89
C TYR E 250 -30.50 56.34 -30.79
N LYS E 251 -30.51 55.49 -29.76
CA LYS E 251 -29.51 54.39 -29.71
C LYS E 251 -30.18 53.02 -29.77
N SER E 252 -31.53 52.98 -29.79
CA SER E 252 -32.25 51.68 -29.77
C SER E 252 -32.40 51.14 -31.20
N MET E 253 -31.29 50.96 -31.92
CA MET E 253 -31.34 50.51 -33.34
C MET E 253 -30.41 49.30 -33.60
N PRO E 254 -29.09 49.23 -33.21
CA PRO E 254 -28.29 48.04 -33.54
C PRO E 254 -28.47 46.85 -32.58
N LYS E 255 -27.40 46.41 -31.91
CA LYS E 255 -27.44 45.24 -30.98
C LYS E 255 -28.45 44.20 -31.46
N PHE E 256 -28.28 43.68 -32.68
CA PHE E 256 -29.22 42.70 -33.29
C PHE E 256 -29.78 41.74 -32.24
N PHE E 257 -31.09 41.82 -31.99
CA PHE E 257 -31.74 40.94 -30.97
C PHE E 257 -31.51 39.48 -31.33
N LYS E 258 -30.81 38.73 -30.48
CA LYS E 258 -30.66 37.31 -30.70
C LYS E 258 -31.20 36.56 -29.48
N PRO E 259 -31.95 35.47 -29.70
CA PRO E 259 -32.46 34.69 -28.57
C PRO E 259 -31.33 34.07 -27.76
N ARG E 260 -31.55 33.99 -26.45
CA ARG E 260 -30.55 33.47 -25.53
C ARG E 260 -30.54 31.94 -25.57
N LEU E 261 -29.84 31.33 -24.62
CA LEU E 261 -29.79 29.89 -24.50
C LEU E 261 -30.71 29.34 -23.42
N GLY E 262 -31.09 30.17 -22.44
CA GLY E 262 -31.93 29.70 -21.35
C GLY E 262 -33.34 29.33 -21.74
N MET E 263 -33.82 29.80 -22.89
CA MET E 263 -35.16 29.49 -23.37
C MET E 263 -35.18 28.21 -24.21
N THR E 264 -34.21 27.32 -24.03
CA THR E 264 -34.14 26.07 -24.76
C THR E 264 -34.26 24.87 -23.81
N LYS E 265 -35.17 24.97 -22.84
CA LYS E 265 -35.42 23.91 -21.88
C LYS E 265 -36.75 23.23 -22.24
N GLU E 266 -36.66 22.10 -22.94
CA GLU E 266 -37.84 21.36 -23.36
C GLU E 266 -38.01 20.13 -22.48
N GLU E 267 -39.27 19.75 -22.25
CA GLU E 267 -39.58 18.58 -21.45
C GLU E 267 -39.13 17.32 -22.19
N MET E 268 -38.13 16.63 -21.64
CA MET E 268 -37.56 15.46 -22.36
C MET E 268 -37.63 14.21 -21.48
N MET E 269 -37.48 13.03 -22.09
CA MET E 269 -37.53 11.75 -21.34
C MET E 269 -36.09 11.22 -21.15
N ILE E 270 -35.44 11.59 -20.05
CA ILE E 270 -34.03 11.18 -19.80
C ILE E 270 -33.98 9.69 -19.46
N PHE E 271 -33.17 8.91 -20.20
CA PHE E 271 -33.00 7.47 -19.89
C PHE E 271 -31.59 7.24 -19.36
N ILE E 272 -31.39 6.17 -18.59
CA ILE E 272 -30.03 5.83 -18.10
C ILE E 272 -29.78 4.33 -18.29
N GLU E 273 -28.53 3.89 -18.23
CA GLU E 273 -28.18 2.48 -18.34
C GLU E 273 -28.77 1.83 -19.59
N ALA E 274 -28.89 2.60 -20.67
CA ALA E 274 -29.40 2.06 -21.91
C ALA E 274 -28.42 1.08 -22.54
N SER E 275 -28.91 0.29 -23.48
CA SER E 275 -28.06 -0.68 -24.17
C SER E 275 -27.00 0.04 -24.98
N SER E 276 -25.74 -0.27 -24.70
CA SER E 276 -24.63 0.37 -25.41
C SER E 276 -24.63 -0.03 -26.87
N GLU E 277 -24.44 0.95 -27.76
CA GLU E 277 -24.40 0.67 -29.18
C GLU E 277 -23.13 -0.10 -29.53
N ASN E 278 -21.97 0.45 -29.19
CA ASN E 278 -20.71 -0.23 -29.42
C ASN E 278 -20.50 -1.30 -28.35
N PRO E 279 -20.19 -2.54 -28.74
CA PRO E 279 -20.01 -3.60 -27.74
C PRO E 279 -18.79 -3.42 -26.85
N CYS E 280 -17.99 -2.38 -27.05
CA CYS E 280 -16.84 -2.16 -26.18
C CYS E 280 -17.26 -1.67 -24.80
N SER E 281 -18.39 -0.99 -24.69
CA SER E 281 -18.90 -0.48 -23.44
C SER E 281 -20.10 -1.30 -22.98
N LEU E 282 -20.32 -1.34 -21.67
CA LEU E 282 -21.41 -2.11 -21.11
C LEU E 282 -22.76 -1.45 -21.38
N TYR E 283 -22.94 -0.23 -20.86
CA TYR E 283 -24.20 0.48 -21.01
C TYR E 283 -23.91 1.94 -21.37
N SER E 284 -24.97 2.67 -21.66
CA SER E 284 -24.87 4.08 -22.00
C SER E 284 -26.12 4.80 -21.51
N SER E 285 -26.14 6.12 -21.70
CA SER E 285 -27.27 6.95 -21.31
C SER E 285 -27.72 7.79 -22.50
N VAL E 286 -29.01 7.71 -22.81
CA VAL E 286 -29.59 8.43 -23.92
C VAL E 286 -30.81 9.21 -23.42
N CYS E 287 -31.47 9.90 -24.34
CA CYS E 287 -32.64 10.70 -24.00
C CYS E 287 -33.53 10.81 -25.22
N TYR E 288 -34.84 10.81 -24.98
CA TYR E 288 -35.84 10.93 -26.04
C TYR E 288 -36.44 12.33 -26.02
N SER E 289 -36.68 12.88 -27.22
CA SER E 289 -37.26 14.21 -27.36
C SER E 289 -38.72 14.09 -27.73
N PRO E 290 -39.65 14.32 -26.81
CA PRO E 290 -41.08 14.22 -27.16
C PRO E 290 -41.53 15.26 -28.16
N GLN E 291 -40.78 16.35 -28.33
CA GLN E 291 -41.12 17.40 -29.28
C GLN E 291 -40.23 17.38 -30.51
N ALA E 292 -38.92 17.25 -30.34
CA ALA E 292 -38.01 17.22 -31.48
C ALA E 292 -38.02 15.88 -32.19
N GLU E 293 -38.54 14.83 -31.55
CA GLU E 293 -38.66 13.50 -32.15
C GLU E 293 -37.29 12.94 -32.56
N LYS E 294 -36.29 13.14 -31.71
CA LYS E 294 -34.95 12.62 -31.94
C LYS E 294 -34.43 12.03 -30.64
N VAL E 295 -33.23 11.44 -30.71
CA VAL E 295 -32.60 10.79 -29.56
C VAL E 295 -31.23 11.41 -29.38
N TYR E 296 -31.11 12.32 -28.43
CA TYR E 296 -29.84 12.96 -28.12
C TYR E 296 -29.07 12.12 -27.10
N LYS E 297 -27.75 12.07 -27.27
CA LYS E 297 -26.91 11.29 -26.39
C LYS E 297 -26.63 12.05 -25.09
N LEU E 298 -26.35 11.29 -24.04
CA LEU E 298 -25.98 11.85 -22.75
C LEU E 298 -24.64 11.26 -22.31
N CYS E 299 -23.95 12.00 -21.44
CA CYS E 299 -22.67 11.54 -20.94
C CYS E 299 -22.85 10.27 -20.12
N SER E 300 -21.86 9.38 -20.22
CA SER E 300 -21.87 8.12 -19.49
C SER E 300 -21.93 8.38 -17.98
N PRO E 301 -22.56 7.50 -17.21
CA PRO E 301 -22.56 7.66 -15.74
C PRO E 301 -21.14 7.73 -15.21
N PRO E 302 -20.94 8.41 -14.06
CA PRO E 302 -19.58 8.57 -13.53
C PRO E 302 -18.89 7.23 -13.28
N ALA E 303 -17.83 6.97 -14.04
CA ALA E 303 -17.10 5.70 -14.00
C ALA E 303 -18.04 4.52 -14.18
N ASP E 304 -18.80 4.59 -15.29
CA ASP E 304 -19.85 3.64 -15.65
C ASP E 304 -20.63 3.17 -14.42
N LEU E 305 -21.17 4.12 -13.67
CA LEU E 305 -21.90 3.81 -12.44
C LEU E 305 -23.23 3.14 -12.75
N HIS E 306 -23.32 1.83 -12.53
CA HIS E 306 -24.52 1.07 -12.80
C HIS E 306 -25.32 0.86 -11.53
N LYS E 307 -26.59 0.47 -11.70
CA LYS E 307 -27.52 0.23 -10.60
C LYS E 307 -27.66 1.48 -9.72
N VAL E 308 -28.11 2.58 -10.31
CA VAL E 308 -28.23 3.84 -9.61
C VAL E 308 -29.68 4.32 -9.66
N GLY E 309 -29.94 5.48 -9.04
CA GLY E 309 -31.26 6.07 -9.07
C GLY E 309 -31.19 7.52 -9.46
N THR E 310 -32.25 8.00 -10.09
CA THR E 310 -32.31 9.37 -10.58
C THR E 310 -33.38 10.15 -9.82
N VAL E 311 -33.28 11.47 -9.91
CA VAL E 311 -34.26 12.37 -9.30
C VAL E 311 -34.14 13.72 -9.99
N VAL E 312 -35.27 14.38 -10.19
CA VAL E 312 -35.33 15.70 -10.79
C VAL E 312 -36.08 16.61 -9.83
N THR E 313 -35.36 17.48 -9.14
CA THR E 313 -35.96 18.41 -8.21
C THR E 313 -36.89 19.37 -8.94
N PRO E 314 -37.83 20.00 -8.22
CA PRO E 314 -38.65 21.04 -8.86
C PRO E 314 -37.84 22.16 -9.49
N ASP E 315 -36.59 22.34 -9.08
CA ASP E 315 -35.70 23.30 -9.70
C ASP E 315 -35.03 22.76 -10.96
N ASN E 316 -35.44 21.58 -11.41
CA ASN E 316 -34.90 20.94 -12.62
C ASN E 316 -33.40 20.67 -12.48
N ASP E 317 -33.06 19.85 -11.50
CA ASP E 317 -31.68 19.43 -11.26
C ASP E 317 -31.62 17.91 -11.19
N ILE E 318 -30.63 17.32 -11.86
CA ILE E 318 -30.47 15.88 -11.93
C ILE E 318 -29.37 15.47 -10.97
N TYR E 319 -29.61 14.38 -10.23
CA TYR E 319 -28.65 13.85 -9.27
C TYR E 319 -28.52 12.34 -9.46
N ILE E 320 -27.43 11.80 -8.91
CA ILE E 320 -27.16 10.37 -8.97
C ILE E 320 -26.58 9.94 -7.63
N ALA E 321 -27.18 8.92 -7.01
CA ALA E 321 -26.72 8.40 -5.74
C ALA E 321 -26.58 6.88 -5.82
N GLY E 322 -25.75 6.33 -4.94
CA GLY E 322 -25.55 4.90 -4.89
C GLY E 322 -24.87 4.37 -6.15
N GLY E 323 -25.01 3.07 -6.34
CA GLY E 323 -24.46 2.40 -7.51
C GLY E 323 -23.26 1.54 -7.16
N GLN E 324 -22.82 0.78 -8.16
CA GLN E 324 -21.67 -0.11 -8.00
C GLN E 324 -20.75 0.03 -9.20
N VAL E 325 -19.45 -0.08 -8.95
CA VAL E 325 -18.43 0.00 -9.99
C VAL E 325 -17.76 -1.36 -10.10
N PRO E 326 -17.45 -1.83 -11.31
CA PRO E 326 -16.72 -3.11 -11.44
C PRO E 326 -15.36 -3.04 -10.76
N LEU E 327 -15.15 -3.92 -9.78
CA LEU E 327 -13.90 -3.92 -9.04
C LEU E 327 -12.74 -4.35 -9.92
N LYS E 328 -11.58 -3.74 -9.69
CA LYS E 328 -10.39 -4.04 -10.47
C LYS E 328 -9.67 -5.26 -9.94
N GLN E 341 -16.92 -13.63 -16.49
CA GLN E 341 -16.31 -13.09 -15.29
C GLN E 341 -17.20 -12.01 -14.67
N THR E 342 -17.47 -12.14 -13.38
CA THR E 342 -18.30 -11.21 -12.64
C THR E 342 -17.46 -10.50 -11.58
N ALA E 343 -17.52 -9.17 -11.57
CA ALA E 343 -16.75 -8.38 -10.63
C ALA E 343 -17.42 -7.01 -10.48
N PHE E 344 -17.97 -6.75 -9.30
CA PHE E 344 -18.64 -5.48 -9.04
C PHE E 344 -18.57 -5.18 -7.54
N ARG E 345 -18.13 -3.96 -7.21
CA ARG E 345 -18.13 -3.48 -5.83
C ARG E 345 -19.01 -2.26 -5.72
N THR E 346 -19.74 -2.16 -4.61
CA THR E 346 -20.72 -1.10 -4.41
C THR E 346 -20.08 0.09 -3.72
N VAL E 347 -20.31 1.29 -4.26
CA VAL E 347 -19.75 2.52 -3.72
C VAL E 347 -20.88 3.49 -3.44
N ASN E 348 -20.69 4.30 -2.38
CA ASN E 348 -21.67 5.29 -1.95
C ASN E 348 -21.38 6.68 -2.53
N CYS E 349 -20.79 6.73 -3.72
CA CYS E 349 -20.44 8.01 -4.31
C CYS E 349 -21.69 8.74 -4.79
N PHE E 350 -21.63 10.07 -4.74
CA PHE E 350 -22.73 10.94 -5.16
C PHE E 350 -22.22 11.92 -6.21
N TYR E 351 -23.07 12.24 -7.17
CA TYR E 351 -22.70 13.10 -8.28
C TYR E 351 -23.86 14.02 -8.63
N TRP E 352 -23.53 15.08 -9.38
CA TRP E 352 -24.51 16.04 -9.87
C TRP E 352 -24.25 16.31 -11.34
N PHE E 353 -25.32 16.35 -12.12
CA PHE E 353 -25.22 16.52 -13.57
C PHE E 353 -25.24 18.00 -13.92
N ASP E 354 -24.30 18.43 -14.75
CA ASP E 354 -24.26 19.80 -15.25
C ASP E 354 -25.11 19.86 -16.52
N ALA E 355 -26.18 20.66 -16.48
CA ALA E 355 -27.11 20.73 -17.60
C ALA E 355 -26.50 21.38 -18.83
N GLN E 356 -25.39 22.09 -18.68
CA GLN E 356 -24.76 22.79 -19.81
C GLN E 356 -23.43 22.21 -20.22
N GLN E 357 -22.55 21.90 -19.26
CA GLN E 357 -21.23 21.37 -19.58
C GLN E 357 -21.27 19.89 -19.99
N ASN E 358 -22.42 19.22 -19.84
CA ASN E 358 -22.58 17.82 -20.20
C ASN E 358 -21.55 16.94 -19.48
N THR E 359 -21.50 17.08 -18.15
CA THR E 359 -20.58 16.30 -17.34
C THR E 359 -21.18 16.16 -15.94
N TRP E 360 -20.69 15.15 -15.22
CA TRP E 360 -21.18 14.83 -13.88
C TRP E 360 -20.18 15.36 -12.86
N PHE E 361 -20.60 16.37 -12.10
CA PHE E 361 -19.74 16.93 -11.06
C PHE E 361 -19.89 16.13 -9.77
N PRO E 362 -18.79 15.73 -9.14
CA PRO E 362 -18.89 14.97 -7.90
C PRO E 362 -19.34 15.84 -6.73
N LYS E 363 -20.08 15.22 -5.81
CA LYS E 363 -20.55 15.90 -4.61
C LYS E 363 -20.23 15.09 -3.37
N THR E 364 -20.78 15.47 -2.23
CA THR E 364 -20.53 14.77 -0.98
C THR E 364 -21.13 13.36 -1.04
N PRO E 365 -20.31 12.32 -0.94
CA PRO E 365 -20.85 10.95 -1.01
C PRO E 365 -21.73 10.65 0.20
N MET E 366 -22.48 9.57 0.08
CA MET E 366 -23.37 9.13 1.15
C MET E 366 -22.56 8.43 2.25
N LEU E 367 -23.27 7.95 3.27
CA LEU E 367 -22.66 7.22 4.36
C LEU E 367 -22.59 5.72 4.08
N PHE E 368 -23.67 5.17 3.53
CA PHE E 368 -23.75 3.75 3.21
C PHE E 368 -23.91 3.57 1.70
N VAL E 369 -23.35 2.47 1.19
CA VAL E 369 -23.46 2.16 -0.23
C VAL E 369 -24.85 1.62 -0.52
N ARG E 370 -25.32 1.85 -1.75
CA ARG E 370 -26.67 1.46 -2.14
C ARG E 370 -26.66 0.82 -3.52
N ILE E 371 -27.67 -0.01 -3.77
CA ILE E 371 -27.89 -0.64 -5.06
C ILE E 371 -29.33 -0.34 -5.47
N LYS E 372 -29.49 0.38 -6.59
CA LYS E 372 -30.79 0.84 -7.06
C LYS E 372 -31.53 1.63 -5.98
N PRO E 373 -31.04 2.81 -5.60
CA PRO E 373 -31.74 3.60 -4.59
C PRO E 373 -32.81 4.49 -5.20
N SER E 374 -33.87 4.69 -4.41
CA SER E 374 -35.01 5.51 -4.83
C SER E 374 -34.76 6.95 -4.38
N LEU E 375 -34.25 7.76 -5.29
CA LEU E 375 -33.97 9.16 -5.01
C LEU E 375 -35.25 9.98 -5.21
N VAL E 376 -35.70 10.64 -4.14
CA VAL E 376 -36.91 11.44 -4.16
C VAL E 376 -36.61 12.79 -3.52
N CYS E 377 -37.03 13.87 -4.17
CA CYS E 377 -36.83 15.22 -3.66
C CYS E 377 -38.08 15.72 -2.97
N CYS E 378 -37.89 16.41 -1.85
CA CYS E 378 -39.00 16.96 -1.09
C CYS E 378 -38.47 18.03 -0.14
N GLU E 379 -39.06 19.23 -0.21
CA GLU E 379 -38.70 20.35 0.65
C GLU E 379 -37.21 20.69 0.54
N GLY E 380 -36.67 20.57 -0.68
CA GLY E 380 -35.27 20.86 -0.92
C GLY E 380 -34.30 19.78 -0.50
N TYR E 381 -34.78 18.68 0.08
CA TYR E 381 -33.93 17.58 0.50
C TYR E 381 -34.08 16.41 -0.46
N ILE E 382 -32.99 15.68 -0.65
CA ILE E 382 -32.96 14.51 -1.53
C ILE E 382 -33.04 13.26 -0.65
N TYR E 383 -34.13 12.51 -0.80
CA TYR E 383 -34.39 11.33 0.02
C TYR E 383 -34.09 10.07 -0.79
N ALA E 384 -33.09 9.31 -0.33
CA ALA E 384 -32.77 8.01 -0.97
C ALA E 384 -33.35 6.92 -0.06
N ILE E 385 -34.55 6.42 -0.37
CA ILE E 385 -35.23 5.46 0.55
C ILE E 385 -34.78 4.02 0.27
N GLY E 386 -33.95 3.45 1.14
CA GLY E 386 -33.54 2.04 1.00
C GLY E 386 -32.72 1.77 -0.25
N GLY E 387 -32.67 0.51 -0.69
CA GLY E 387 -31.86 0.14 -1.86
C GLY E 387 -30.64 -0.67 -1.45
N ASP E 388 -30.84 -1.90 -0.97
CA ASP E 388 -29.71 -2.80 -0.59
C ASP E 388 -28.73 -2.10 0.35
N SER E 389 -29.13 -1.90 1.61
CA SER E 389 -28.22 -1.29 2.62
C SER E 389 -27.10 -2.27 2.96
N VAL E 390 -25.88 -1.77 3.17
CA VAL E 390 -24.71 -2.65 3.44
C VAL E 390 -24.84 -3.28 4.83
N GLY E 391 -25.13 -2.48 5.86
CA GLY E 391 -25.20 -2.98 7.25
C GLY E 391 -26.08 -4.21 7.39
N GLY E 392 -27.26 -4.20 6.76
CA GLY E 392 -28.20 -5.29 6.92
C GLY E 392 -28.47 -5.68 8.36
N GLU E 393 -28.31 -4.75 9.29
CA GLU E 393 -28.59 -5.01 10.71
C GLU E 393 -30.10 -4.90 10.95
N LEU E 394 -30.48 -4.86 12.23
CA LEU E 394 -31.89 -4.82 12.62
C LEU E 394 -32.64 -3.68 11.94
N ASN E 395 -31.95 -2.58 11.65
CA ASN E 395 -32.53 -1.50 10.86
C ASN E 395 -32.04 -1.60 9.41
N ARG E 396 -32.51 -2.65 8.71
CA ARG E 396 -32.04 -2.91 7.32
C ARG E 396 -32.67 -1.91 6.33
N ARG E 397 -32.57 -0.60 6.61
CA ARG E 397 -33.16 0.44 5.74
C ARG E 397 -32.13 1.56 5.57
N THR E 398 -31.59 2.08 6.70
CA THR E 398 -30.59 3.17 6.67
C THR E 398 -31.04 4.32 5.75
N VAL E 399 -32.33 4.66 5.76
CA VAL E 399 -32.87 5.72 4.85
C VAL E 399 -32.16 7.05 5.15
N GLU E 400 -31.76 7.78 4.12
CA GLU E 400 -30.95 9.01 4.37
C GLU E 400 -31.53 10.20 3.60
N ARG E 401 -31.38 11.41 4.16
CA ARG E 401 -31.80 12.64 3.44
C ARG E 401 -30.54 13.45 3.14
N TYR E 402 -30.55 14.25 2.07
CA TYR E 402 -29.39 15.06 1.70
C TYR E 402 -29.74 16.53 1.78
N ASP E 403 -28.79 17.33 2.28
CA ASP E 403 -28.96 18.76 2.40
C ASP E 403 -28.34 19.44 1.19
N THR E 404 -29.18 20.09 0.38
CA THR E 404 -28.70 20.83 -0.78
C THR E 404 -28.13 22.20 -0.39
N GLU E 405 -28.33 22.63 0.85
CA GLU E 405 -27.81 23.92 1.32
C GLU E 405 -26.46 23.77 2.00
N LYS E 406 -26.34 22.79 2.90
CA LYS E 406 -25.10 22.56 3.63
C LYS E 406 -24.21 21.51 2.98
N ASP E 407 -24.70 20.81 1.95
CA ASP E 407 -23.95 19.77 1.25
C ASP E 407 -23.52 18.68 2.23
N GLU E 408 -24.51 18.06 2.86
CA GLU E 408 -24.26 16.99 3.82
C GLU E 408 -25.49 16.10 3.90
N TRP E 409 -25.30 14.91 4.45
CA TRP E 409 -26.36 13.92 4.59
C TRP E 409 -26.79 13.81 6.05
N THR E 410 -28.09 13.56 6.25
CA THR E 410 -28.66 13.45 7.60
C THR E 410 -29.63 12.29 7.63
N MET E 411 -29.51 11.44 8.65
CA MET E 411 -30.40 10.31 8.80
C MET E 411 -31.79 10.77 9.21
N VAL E 412 -32.80 10.02 8.79
CA VAL E 412 -34.19 10.31 9.12
C VAL E 412 -34.81 9.10 9.81
N SER E 413 -36.10 9.19 10.12
CA SER E 413 -36.79 8.09 10.79
C SER E 413 -36.76 6.85 9.89
N PRO E 414 -36.36 5.69 10.40
CA PRO E 414 -36.24 4.50 9.56
C PRO E 414 -37.60 3.96 9.15
N LEU E 415 -37.59 3.23 8.04
CA LEU E 415 -38.81 2.61 7.54
C LEU E 415 -39.21 1.47 8.47
N PRO E 416 -40.49 1.40 8.86
CA PRO E 416 -40.90 0.34 9.81
C PRO E 416 -40.67 -1.07 9.30
N CYS E 417 -40.82 -1.31 8.00
CA CYS E 417 -40.70 -2.65 7.43
C CYS E 417 -39.63 -2.66 6.36
N ALA E 418 -38.88 -3.77 6.30
CA ALA E 418 -37.83 -3.93 5.31
C ALA E 418 -38.45 -4.35 3.99
N TRP E 419 -38.24 -3.55 2.94
CA TRP E 419 -38.80 -3.80 1.62
C TRP E 419 -37.68 -3.92 0.59
N GLN E 420 -37.95 -4.70 -0.45
CA GLN E 420 -36.99 -4.92 -1.53
C GLN E 420 -37.68 -4.68 -2.86
N TRP E 421 -36.94 -4.08 -3.80
CA TRP E 421 -37.45 -3.70 -5.12
C TRP E 421 -38.69 -2.81 -4.97
N SER E 422 -38.50 -1.67 -4.34
CA SER E 422 -39.56 -0.73 -4.01
C SER E 422 -39.39 0.56 -4.79
N ALA E 423 -40.46 1.35 -4.83
CA ALA E 423 -40.47 2.66 -5.47
C ALA E 423 -41.00 3.69 -4.49
N ALA E 424 -40.71 4.96 -4.78
CA ALA E 424 -41.12 6.04 -3.90
C ALA E 424 -41.39 7.30 -4.73
N VAL E 425 -42.39 8.07 -4.29
CA VAL E 425 -42.75 9.34 -4.92
C VAL E 425 -42.97 10.36 -3.81
N VAL E 426 -43.27 11.60 -4.21
CA VAL E 426 -43.51 12.69 -3.27
C VAL E 426 -44.82 13.36 -3.64
N VAL E 427 -45.77 13.35 -2.72
CA VAL E 427 -47.07 13.99 -2.90
C VAL E 427 -47.43 14.73 -1.61
N HIS E 428 -47.90 15.98 -1.76
CA HIS E 428 -48.36 16.79 -0.63
C HIS E 428 -47.28 16.93 0.44
N ASP E 429 -46.07 17.26 -0.01
CA ASP E 429 -44.92 17.50 0.86
C ASP E 429 -44.63 16.30 1.76
N CYS E 430 -44.88 15.09 1.26
CA CYS E 430 -44.65 13.87 2.02
C CYS E 430 -44.04 12.82 1.10
N ILE E 431 -43.36 11.85 1.72
CA ILE E 431 -42.70 10.77 1.00
C ILE E 431 -43.60 9.54 1.05
N TYR E 432 -43.92 9.00 -0.13
CA TYR E 432 -44.77 7.81 -0.24
C TYR E 432 -43.95 6.71 -0.90
N VAL E 433 -43.50 5.75 -0.11
CA VAL E 433 -42.74 4.60 -0.59
C VAL E 433 -43.72 3.43 -0.73
N MET E 434 -43.62 2.72 -1.86
CA MET E 434 -44.54 1.64 -2.18
C MET E 434 -43.77 0.34 -2.37
N THR E 435 -44.34 -0.75 -1.86
CA THR E 435 -43.76 -2.08 -2.01
C THR E 435 -44.79 -3.04 -2.60
N LEU E 436 -44.51 -4.34 -2.54
CA LEU E 436 -45.38 -5.36 -3.10
C LEU E 436 -46.86 -5.14 -2.78
N ASN E 437 -47.18 -4.97 -1.50
CA ASN E 437 -48.56 -4.71 -1.11
C ASN E 437 -48.74 -3.61 -0.07
N LEU E 438 -47.69 -3.19 0.64
CA LEU E 438 -47.81 -2.26 1.74
C LEU E 438 -47.36 -0.87 1.31
N MET E 439 -47.77 0.14 2.09
CA MET E 439 -47.38 1.52 1.84
C MET E 439 -47.31 2.28 3.15
N TYR E 440 -46.27 3.11 3.29
CA TYR E 440 -46.08 3.96 4.45
C TYR E 440 -45.74 5.37 4.00
N CYS E 441 -46.38 6.35 4.64
CA CYS E 441 -46.15 7.75 4.35
C CYS E 441 -45.25 8.35 5.43
N TYR E 442 -44.21 9.05 5.00
CA TYR E 442 -43.26 9.69 5.91
C TYR E 442 -43.61 11.16 6.06
N PHE E 443 -43.76 11.61 7.31
CA PHE E 443 -44.05 13.01 7.59
C PHE E 443 -42.75 13.73 7.88
N PRO E 444 -42.26 14.58 6.97
CA PRO E 444 -40.98 15.26 7.23
C PRO E 444 -41.04 16.24 8.40
N ARG E 445 -42.21 16.78 8.72
CA ARG E 445 -42.32 17.74 9.81
C ARG E 445 -42.19 17.07 11.17
N SER E 446 -42.71 15.84 11.30
CA SER E 446 -42.65 15.12 12.56
C SER E 446 -41.66 13.97 12.56
N ASP E 447 -41.11 13.59 11.40
CA ASP E 447 -40.16 12.49 11.28
C ASP E 447 -40.75 11.19 11.81
N SER E 448 -41.87 10.78 11.21
CA SER E 448 -42.57 9.57 11.62
C SER E 448 -43.17 8.91 10.38
N TRP E 449 -43.62 7.67 10.56
CA TRP E 449 -44.23 6.88 9.51
C TRP E 449 -45.63 6.48 9.93
N VAL E 450 -46.60 6.65 9.04
CA VAL E 450 -48.00 6.34 9.29
C VAL E 450 -48.45 5.26 8.31
N GLU E 451 -49.25 4.32 8.81
CA GLU E 451 -49.75 3.25 7.98
C GLU E 451 -50.76 3.79 6.96
N MET E 452 -50.70 3.28 5.74
CA MET E 452 -51.55 3.72 4.66
C MET E 452 -52.40 2.54 4.17
N ALA E 453 -53.12 2.77 3.07
CA ALA E 453 -54.03 1.76 2.54
C ALA E 453 -53.26 0.56 1.99
N MET E 454 -53.93 -0.59 1.96
CA MET E 454 -53.35 -1.84 1.50
C MET E 454 -53.85 -2.18 0.10
N ARG E 455 -52.94 -2.63 -0.75
CA ARG E 455 -53.32 -3.06 -2.09
C ARG E 455 -53.81 -4.51 -2.05
N GLN E 456 -54.70 -4.83 -2.99
CA GLN E 456 -55.28 -6.16 -3.08
C GLN E 456 -54.53 -7.09 -4.02
N THR E 457 -53.51 -6.59 -4.71
CA THR E 457 -52.73 -7.39 -5.66
C THR E 457 -51.26 -7.32 -5.30
N SER E 458 -50.59 -8.47 -5.36
CA SER E 458 -49.17 -8.57 -5.03
C SER E 458 -48.36 -8.40 -6.31
N ARG E 459 -47.81 -7.19 -6.51
CA ARG E 459 -47.02 -6.89 -7.69
C ARG E 459 -45.76 -6.14 -7.28
N SER E 460 -44.65 -6.43 -7.95
CA SER E 460 -43.37 -5.81 -7.65
C SER E 460 -42.67 -5.49 -8.97
N PHE E 461 -41.48 -4.90 -8.87
CA PHE E 461 -40.68 -4.50 -10.03
C PHE E 461 -41.44 -3.55 -10.94
N ALA E 462 -42.02 -2.51 -10.34
CA ALA E 462 -42.79 -1.51 -11.06
C ALA E 462 -42.36 -0.11 -10.66
N SER E 463 -42.87 0.88 -11.38
CA SER E 463 -42.58 2.28 -11.13
C SER E 463 -43.88 3.05 -10.95
N ALA E 464 -43.79 4.17 -10.23
CA ALA E 464 -44.93 5.02 -9.95
C ALA E 464 -44.59 6.47 -10.27
N ALA E 465 -45.59 7.20 -10.76
CA ALA E 465 -45.45 8.60 -11.12
C ALA E 465 -46.44 9.43 -10.32
N ALA E 466 -45.96 10.51 -9.72
CA ALA E 466 -46.79 11.40 -8.92
C ALA E 466 -47.33 12.51 -9.80
N PHE E 467 -48.62 12.45 -10.11
CA PHE E 467 -49.29 13.45 -10.93
C PHE E 467 -50.39 14.10 -10.10
N GLY E 468 -50.14 15.33 -9.66
CA GLY E 468 -51.12 16.04 -8.86
C GLY E 468 -51.16 15.49 -7.45
N ASP E 469 -52.36 15.15 -6.97
CA ASP E 469 -52.54 14.60 -5.64
C ASP E 469 -52.94 13.13 -5.69
N LYS E 470 -52.42 12.39 -6.67
CA LYS E 470 -52.73 10.97 -6.83
C LYS E 470 -51.46 10.22 -7.18
N ILE E 471 -51.41 8.97 -6.72
CA ILE E 471 -50.29 8.06 -7.00
C ILE E 471 -50.80 7.00 -7.97
N PHE E 472 -50.04 6.78 -9.04
CA PHE E 472 -50.43 5.85 -10.11
C PHE E 472 -49.38 4.74 -10.19
N TYR E 473 -49.62 3.65 -9.46
CA TYR E 473 -48.74 2.49 -9.49
C TYR E 473 -49.05 1.69 -10.75
N ILE E 474 -48.17 1.79 -11.75
CA ILE E 474 -48.40 1.19 -13.06
C ILE E 474 -47.56 -0.09 -13.16
N GLY E 475 -48.18 -1.16 -13.66
CA GLY E 475 -47.47 -2.40 -13.87
C GLY E 475 -47.10 -3.10 -12.58
N GLY E 476 -46.33 -4.18 -12.74
CA GLY E 476 -45.87 -4.97 -11.62
C GLY E 476 -45.91 -6.46 -11.85
N LEU E 477 -45.18 -7.21 -11.04
CA LEU E 477 -45.15 -8.67 -11.16
C LEU E 477 -45.22 -9.33 -9.78
N GLY E 494 -42.33 -11.02 -16.46
CA GLY E 494 -42.37 -9.61 -16.78
C GLY E 494 -43.51 -8.88 -16.10
N SER E 495 -43.68 -7.61 -16.46
CA SER E 495 -44.74 -6.78 -15.88
C SER E 495 -46.06 -7.07 -16.60
N SER E 496 -47.07 -6.25 -16.32
CA SER E 496 -48.38 -6.42 -16.93
C SER E 496 -49.00 -5.04 -17.13
N VAL E 497 -50.29 -5.01 -17.46
CA VAL E 497 -51.01 -3.78 -17.69
C VAL E 497 -51.93 -3.43 -16.52
N THR E 498 -51.65 -3.98 -15.33
CA THR E 498 -52.47 -3.67 -14.17
C THR E 498 -52.18 -2.26 -13.67
N VAL E 499 -53.23 -1.53 -13.33
CA VAL E 499 -53.13 -0.16 -12.86
C VAL E 499 -53.97 -0.01 -11.60
N GLU E 500 -53.33 0.42 -10.51
CA GLU E 500 -54.01 0.67 -9.24
C GLU E 500 -53.77 2.12 -8.87
N ILE E 501 -54.82 2.94 -8.93
CA ILE E 501 -54.73 4.37 -8.65
C ILE E 501 -55.05 4.60 -7.18
N TYR E 502 -54.18 5.36 -6.52
CA TYR E 502 -54.35 5.70 -5.11
C TYR E 502 -54.57 7.20 -4.97
N ASP E 503 -55.47 7.57 -4.07
CA ASP E 503 -55.79 8.97 -3.80
C ASP E 503 -55.29 9.32 -2.40
N VAL E 504 -54.61 10.46 -2.28
CA VAL E 504 -54.10 10.89 -0.98
C VAL E 504 -55.23 11.42 -0.10
N ASN E 505 -56.14 12.21 -0.67
CA ASN E 505 -57.23 12.76 0.11
C ASN E 505 -58.25 11.69 0.49
N LYS E 506 -58.35 10.63 -0.30
CA LYS E 506 -59.31 9.56 -0.02
C LYS E 506 -58.69 8.37 0.70
N ASN E 507 -57.40 8.14 0.51
CA ASN E 507 -56.67 7.04 1.15
C ASN E 507 -57.30 5.69 0.79
N GLU E 508 -57.28 5.38 -0.50
CA GLU E 508 -57.84 4.12 -0.98
C GLU E 508 -57.20 3.77 -2.32
N TRP E 509 -57.06 2.47 -2.57
CA TRP E 509 -56.53 1.96 -3.83
C TRP E 509 -57.69 1.45 -4.67
N LYS E 510 -57.86 2.03 -5.86
CA LYS E 510 -58.92 1.65 -6.77
C LYS E 510 -58.35 1.33 -8.14
N MET E 511 -59.06 0.48 -8.87
CA MET E 511 -58.68 0.12 -10.23
C MET E 511 -59.36 1.06 -11.22
N ALA E 512 -58.66 1.33 -12.33
CA ALA E 512 -59.20 2.18 -13.39
C ALA E 512 -59.44 1.39 -14.67
N ALA E 513 -58.41 0.76 -15.22
CA ALA E 513 -58.51 -0.01 -16.44
C ALA E 513 -57.19 -0.75 -16.65
N ASN E 514 -57.11 -1.48 -17.77
CA ASN E 514 -55.88 -2.14 -18.19
C ASN E 514 -55.47 -1.58 -19.55
N ILE E 515 -54.17 -1.42 -19.74
CA ILE E 515 -53.67 -0.80 -20.97
C ILE E 515 -53.85 -1.77 -22.13
N PRO E 516 -54.49 -1.36 -23.23
CA PRO E 516 -54.65 -2.26 -24.37
C PRO E 516 -53.33 -2.46 -25.11
N ALA E 517 -52.74 -3.65 -24.97
CA ALA E 517 -51.47 -3.97 -25.60
C ALA E 517 -51.63 -5.26 -26.40
N LYS E 518 -50.62 -5.56 -27.21
CA LYS E 518 -50.64 -6.77 -28.01
C LYS E 518 -50.46 -8.01 -27.13
N ARG E 519 -51.30 -9.01 -27.39
CA ARG E 519 -51.25 -10.25 -26.60
C ARG E 519 -49.97 -11.02 -26.89
N TYR E 520 -49.64 -11.92 -25.97
CA TYR E 520 -48.42 -12.75 -26.05
C TYR E 520 -47.17 -11.88 -26.15
N SER E 521 -47.13 -10.81 -25.36
CA SER E 521 -46.00 -9.90 -25.35
C SER E 521 -45.64 -9.55 -23.91
N ASP E 522 -44.45 -8.97 -23.74
CA ASP E 522 -43.93 -8.57 -22.43
C ASP E 522 -43.71 -7.07 -22.45
N PRO E 523 -44.72 -6.26 -22.11
CA PRO E 523 -44.55 -4.80 -22.13
C PRO E 523 -43.73 -4.31 -20.95
N CYS E 524 -42.83 -3.37 -21.23
CA CYS E 524 -42.00 -2.73 -20.22
C CYS E 524 -42.56 -1.34 -19.96
N VAL E 525 -43.34 -1.20 -18.90
CA VAL E 525 -44.06 0.02 -18.61
C VAL E 525 -43.15 0.99 -17.85
N ARG E 526 -43.35 2.28 -18.10
CA ARG E 526 -42.62 3.35 -17.41
C ARG E 526 -43.58 4.50 -17.18
N ALA E 527 -43.92 4.74 -15.92
CA ALA E 527 -44.82 5.83 -15.57
C ALA E 527 -44.04 7.13 -15.42
N VAL E 528 -44.56 8.20 -15.99
CA VAL E 528 -43.90 9.50 -15.96
C VAL E 528 -44.95 10.58 -16.18
N VAL E 529 -44.64 11.80 -15.76
CA VAL E 529 -45.50 12.96 -15.92
C VAL E 529 -44.87 13.88 -16.96
N ILE E 530 -45.67 14.32 -17.93
CA ILE E 530 -45.18 15.16 -19.01
C ILE E 530 -46.35 15.95 -19.58
N SER E 531 -46.10 17.23 -19.83
CA SER E 531 -47.10 18.13 -20.43
C SER E 531 -48.37 18.22 -19.58
N ASN E 532 -48.19 18.21 -18.26
CA ASN E 532 -49.30 18.28 -17.30
C ASN E 532 -50.31 17.16 -17.56
N SER E 533 -49.80 15.96 -17.85
CA SER E 533 -50.65 14.81 -18.13
C SER E 533 -49.86 13.54 -17.84
N LEU E 534 -50.58 12.51 -17.41
CA LEU E 534 -49.96 11.23 -17.07
C LEU E 534 -49.82 10.41 -18.34
N CYS E 535 -48.60 10.33 -18.85
CA CYS E 535 -48.27 9.48 -19.99
C CYS E 535 -47.46 8.28 -19.52
N VAL E 536 -47.31 7.31 -20.43
CA VAL E 536 -46.61 6.06 -20.11
C VAL E 536 -45.65 5.74 -21.23
N PHE E 537 -44.45 5.29 -20.86
CA PHE E 537 -43.43 4.85 -21.82
C PHE E 537 -43.38 3.33 -21.77
N MET E 538 -44.10 2.69 -22.69
CA MET E 538 -44.26 1.24 -22.68
C MET E 538 -43.62 0.65 -23.93
N ARG E 539 -42.50 -0.04 -23.75
CA ARG E 539 -41.84 -0.77 -24.83
C ARG E 539 -42.30 -2.21 -24.80
N GLU E 540 -42.86 -2.69 -25.91
CA GLU E 540 -43.37 -4.04 -26.02
C GLU E 540 -42.52 -4.85 -27.00
N THR E 541 -42.54 -6.16 -26.82
CA THR E 541 -41.78 -7.07 -27.67
C THR E 541 -42.64 -8.29 -27.97
N HIS E 542 -42.76 -8.63 -29.24
CA HIS E 542 -43.56 -9.76 -29.70
C HIS E 542 -42.69 -11.00 -29.85
N LEU E 543 -43.35 -12.12 -30.12
CA LEU E 543 -42.63 -13.37 -30.32
C LEU E 543 -41.86 -13.32 -31.63
N ASN E 544 -40.57 -13.63 -31.57
CA ASN E 544 -39.66 -13.60 -32.73
C ASN E 544 -39.65 -12.24 -33.42
N GLU E 545 -39.93 -11.17 -32.67
CA GLU E 545 -39.96 -9.82 -33.20
C GLU E 545 -39.13 -8.91 -32.32
N ARG E 546 -38.72 -7.78 -32.90
CA ARG E 546 -37.91 -6.81 -32.17
C ARG E 546 -38.79 -5.96 -31.26
N ALA E 547 -38.13 -5.18 -30.40
CA ALA E 547 -38.84 -4.32 -29.47
C ALA E 547 -39.41 -3.10 -30.18
N LYS E 548 -40.64 -2.75 -29.84
CA LYS E 548 -41.34 -1.60 -30.42
C LYS E 548 -41.59 -0.56 -29.35
N TYR E 549 -41.31 0.70 -29.68
CA TYR E 549 -41.46 1.82 -28.75
C TYR E 549 -42.72 2.60 -29.09
N VAL E 550 -43.55 2.86 -28.08
CA VAL E 550 -44.77 3.64 -28.26
C VAL E 550 -45.20 4.14 -26.89
N THR E 551 -45.65 5.39 -26.85
CA THR E 551 -46.15 6.01 -25.63
C THR E 551 -47.64 6.31 -25.77
N TYR E 552 -48.34 6.28 -24.66
CA TYR E 552 -49.78 6.53 -24.62
C TYR E 552 -50.10 7.61 -23.61
N GLN E 553 -51.19 8.33 -23.87
CA GLN E 553 -51.68 9.38 -22.98
C GLN E 553 -52.90 8.84 -22.24
N TYR E 554 -52.78 8.70 -20.93
CA TYR E 554 -53.88 8.18 -20.11
C TYR E 554 -54.86 9.31 -19.79
N ASP E 555 -56.10 9.16 -20.25
CA ASP E 555 -57.14 10.13 -19.94
C ASP E 555 -57.55 9.97 -18.48
N LEU E 556 -57.38 11.04 -17.70
CA LEU E 556 -57.65 10.95 -16.26
C LEU E 556 -59.13 10.83 -15.97
N GLU E 557 -59.96 11.62 -16.66
CA GLU E 557 -61.40 11.60 -16.39
C GLU E 557 -62.11 10.46 -17.12
N LEU E 558 -61.56 10.01 -18.25
CA LEU E 558 -62.18 8.93 -19.01
C LEU E 558 -61.61 7.56 -18.68
N ASP E 559 -60.51 7.49 -17.95
CA ASP E 559 -59.86 6.24 -17.58
C ASP E 559 -59.54 5.39 -18.81
N ARG E 560 -58.73 5.98 -19.69
CA ARG E 560 -58.38 5.32 -20.94
C ARG E 560 -57.04 5.86 -21.42
N TRP E 561 -56.21 4.96 -21.97
CA TRP E 561 -54.92 5.34 -22.52
C TRP E 561 -55.06 5.61 -24.01
N SER E 562 -54.89 6.88 -24.39
CA SER E 562 -55.00 7.30 -25.77
C SER E 562 -53.62 7.39 -26.40
N LEU E 563 -53.55 7.09 -27.70
CA LEU E 563 -52.29 7.13 -28.44
C LEU E 563 -51.86 8.57 -28.61
N ARG E 564 -50.86 8.99 -27.84
CA ARG E 564 -50.35 10.36 -27.96
C ARG E 564 -49.34 10.48 -29.09
N GLN E 565 -48.39 9.54 -29.16
CA GLN E 565 -47.36 9.57 -30.19
C GLN E 565 -46.76 8.18 -30.31
N HIS E 566 -46.42 7.79 -31.53
CA HIS E 566 -45.78 6.50 -31.81
C HIS E 566 -44.32 6.75 -32.13
N ILE E 567 -43.42 6.15 -31.34
CA ILE E 567 -41.99 6.33 -31.52
C ILE E 567 -41.54 5.44 -32.67
N SER E 568 -41.11 6.05 -33.77
CA SER E 568 -40.59 5.30 -34.89
C SER E 568 -39.23 4.69 -34.55
N GLU E 569 -39.00 3.47 -35.03
CA GLU E 569 -37.76 2.77 -34.75
C GLU E 569 -36.58 3.29 -35.57
N ARG E 570 -36.81 4.24 -36.47
CA ARG E 570 -35.72 4.80 -37.26
C ARG E 570 -34.81 5.71 -36.45
N VAL E 571 -35.27 6.18 -35.29
CA VAL E 571 -34.49 7.09 -34.46
C VAL E 571 -34.08 6.44 -33.14
N LEU E 572 -34.97 5.63 -32.55
CA LEU E 572 -34.75 5.05 -31.24
C LEU E 572 -34.52 3.55 -31.39
N TRP E 573 -33.36 3.08 -30.94
CA TRP E 573 -33.01 1.67 -30.97
C TRP E 573 -33.32 1.04 -29.61
N ASP E 574 -32.86 -0.21 -29.43
CA ASP E 574 -33.14 -0.92 -28.19
C ASP E 574 -32.39 -0.29 -27.02
N LEU E 575 -33.04 -0.28 -25.85
CA LEU E 575 -32.44 0.26 -24.64
C LEU E 575 -32.10 -0.80 -23.60
N GLY E 576 -32.83 -1.90 -23.55
CA GLY E 576 -32.57 -2.94 -22.56
C GLY E 576 -33.75 -3.19 -21.64
N ARG E 577 -33.47 -3.67 -20.43
CA ARG E 577 -34.51 -3.98 -19.45
C ARG E 577 -34.35 -3.22 -18.14
N ASP E 578 -33.10 -3.03 -17.69
CA ASP E 578 -32.84 -2.36 -16.41
C ASP E 578 -32.67 -0.85 -16.55
N PHE E 579 -33.24 -0.25 -17.59
CA PHE E 579 -33.12 1.18 -17.82
C PHE E 579 -34.22 1.93 -17.05
N ARG E 580 -33.89 3.14 -16.63
CA ARG E 580 -34.81 4.01 -15.91
C ARG E 580 -35.19 5.21 -16.78
N CYS E 581 -36.29 5.84 -16.41
CA CYS E 581 -36.78 7.02 -17.11
C CYS E 581 -37.24 8.05 -16.10
N THR E 582 -37.01 9.33 -16.40
CA THR E 582 -37.40 10.41 -15.52
C THR E 582 -37.80 11.63 -16.34
N VAL E 583 -38.53 12.53 -15.69
CA VAL E 583 -39.04 13.74 -16.33
C VAL E 583 -38.10 14.89 -15.99
N GLY E 584 -37.57 15.54 -17.02
CA GLY E 584 -36.65 16.65 -16.80
C GLY E 584 -36.50 17.46 -18.07
N LYS E 585 -35.84 18.61 -17.92
CA LYS E 585 -35.59 19.53 -19.01
C LYS E 585 -34.10 19.60 -19.31
N LEU E 586 -33.76 19.63 -20.60
CA LEU E 586 -32.38 19.70 -21.04
C LEU E 586 -32.29 20.65 -22.22
N TYR E 587 -31.05 21.00 -22.60
CA TYR E 587 -30.82 21.90 -23.72
C TYR E 587 -30.39 21.12 -24.94
N PRO E 588 -31.04 21.29 -26.09
CA PRO E 588 -30.61 20.57 -27.30
C PRO E 588 -29.32 21.12 -27.88
N SER E 589 -29.01 22.38 -27.56
CA SER E 589 -27.82 23.02 -28.12
C SER E 589 -26.55 22.46 -27.50
N CYS E 590 -26.50 22.38 -26.17
CA CYS E 590 -25.31 21.88 -25.50
C CYS E 590 -25.08 20.40 -25.74
N LEU E 591 -26.15 19.64 -25.97
CA LEU E 591 -26.05 18.21 -26.24
C LEU E 591 -25.91 17.97 -27.74
N GLU E 592 -25.36 16.81 -28.08
CA GLU E 592 -25.12 16.42 -29.45
C GLU E 592 -25.96 15.20 -29.81
N GLU E 593 -26.37 15.14 -31.07
CA GLU E 593 -27.17 14.01 -31.54
C GLU E 593 -26.32 12.74 -31.59
N SER E 594 -26.91 11.64 -31.18
CA SER E 594 -26.20 10.36 -31.15
C SER E 594 -26.13 9.76 -32.55
N PRO E 595 -24.94 9.60 -33.13
CA PRO E 595 -24.82 9.00 -34.47
C PRO E 595 -24.98 7.49 -34.40
N TRP E 596 -26.12 7.00 -34.88
CA TRP E 596 -26.38 5.57 -34.87
C TRP E 596 -27.40 5.24 -35.94
N LYS E 597 -27.22 4.10 -36.59
CA LYS E 597 -28.10 3.66 -37.66
C LYS E 597 -29.45 3.21 -37.08
N PRO E 598 -30.56 3.61 -37.72
CA PRO E 598 -31.93 3.23 -37.39
C PRO E 598 -32.09 1.77 -36.97
N MET F 25 -9.22 53.27 -2.28
CA MET F 25 -9.54 54.55 -1.66
C MET F 25 -9.34 55.69 -2.64
N ASP F 26 -9.07 56.88 -2.10
CA ASP F 26 -8.87 58.06 -2.93
C ASP F 26 -7.54 57.96 -3.68
N GLU F 27 -7.41 58.81 -4.70
CA GLU F 27 -6.19 58.82 -5.50
C GLU F 27 -5.00 59.40 -4.75
N LYS F 28 -5.24 60.27 -3.76
CA LYS F 28 -4.14 60.86 -3.01
C LYS F 28 -3.41 59.81 -2.18
N TYR F 29 -4.15 58.87 -1.59
CA TYR F 29 -3.52 57.83 -0.78
C TYR F 29 -2.61 56.94 -1.62
N VAL F 30 -3.11 56.46 -2.77
CA VAL F 30 -2.30 55.60 -3.61
C VAL F 30 -1.14 56.38 -4.24
N ASN F 31 -1.36 57.67 -4.52
CA ASN F 31 -0.25 58.49 -5.03
C ASN F 31 0.85 58.63 -4.00
N SER F 32 0.49 58.87 -2.73
CA SER F 32 1.50 58.97 -1.69
C SER F 32 2.21 57.63 -1.48
N ILE F 33 1.45 56.53 -1.54
CA ILE F 33 2.05 55.21 -1.40
C ILE F 33 3.07 54.97 -2.51
N TRP F 34 2.69 55.28 -3.76
CA TRP F 34 3.61 55.09 -4.88
C TRP F 34 4.81 56.01 -4.76
N ASP F 35 4.61 57.23 -4.26
CA ASP F 35 5.73 58.16 -4.11
C ASP F 35 6.73 57.64 -3.08
N LEU F 36 6.25 57.15 -1.94
CA LEU F 36 7.16 56.62 -0.93
C LEU F 36 7.82 55.34 -1.42
N LEU F 37 7.11 54.52 -2.19
CA LEU F 37 7.71 53.30 -2.72
C LEU F 37 8.80 53.64 -3.74
N LYS F 38 8.57 54.65 -4.58
CA LYS F 38 9.59 55.09 -5.51
C LYS F 38 10.80 55.66 -4.79
N ASN F 39 10.57 56.43 -3.73
CA ASN F 39 11.68 56.94 -2.93
C ASN F 39 12.49 55.80 -2.32
N ALA F 40 11.81 54.77 -1.81
CA ALA F 40 12.51 53.64 -1.22
C ALA F 40 13.29 52.86 -2.28
N ILE F 41 12.72 52.70 -3.47
CA ILE F 41 13.43 51.99 -4.54
C ILE F 41 14.66 52.77 -4.96
N GLN F 42 14.54 54.09 -5.08
CA GLN F 42 15.71 54.90 -5.43
C GLN F 42 16.77 54.84 -4.34
N GLU F 43 16.36 54.84 -3.07
CA GLU F 43 17.33 54.73 -1.98
C GLU F 43 18.02 53.38 -2.01
N ILE F 44 17.29 52.32 -2.38
CA ILE F 44 17.90 51.01 -2.50
C ILE F 44 18.90 50.97 -3.65
N GLN F 45 18.53 51.60 -4.76
CA GLN F 45 19.42 51.65 -5.96
C GLN F 45 20.67 52.47 -5.63
N ARG F 46 20.64 53.23 -4.53
CA ARG F 46 21.82 54.02 -4.11
C ARG F 46 22.67 53.18 -3.16
N LYS F 47 22.45 51.87 -3.12
CA LYS F 47 23.20 50.94 -2.22
C LYS F 47 23.05 51.39 -0.77
N ASN F 48 21.93 52.03 -0.42
CA ASN F 48 21.66 52.43 0.98
C ASN F 48 20.55 51.51 1.49
N ASN F 49 20.39 50.36 0.85
CA ASN F 49 19.35 49.37 1.24
C ASN F 49 19.49 49.04 2.73
N SER F 50 20.72 48.89 3.22
CA SER F 50 21.00 48.55 4.65
C SER F 50 19.86 48.96 5.59
N GLY F 51 19.64 50.27 5.78
CA GLY F 51 18.61 50.72 6.73
C GLY F 51 17.29 51.06 6.06
N LEU F 52 16.54 50.05 5.61
CA LEU F 52 15.19 50.30 5.02
C LEU F 52 14.22 49.22 5.52
N SER F 53 13.07 49.61 6.06
CA SER F 53 12.12 48.62 6.63
C SER F 53 11.29 47.96 5.53
N PHE F 54 11.68 46.74 5.10
CA PHE F 54 10.92 45.99 4.07
C PHE F 54 9.42 46.07 4.38
N GLU F 55 9.02 45.70 5.61
CA GLU F 55 7.59 45.70 6.00
C GLU F 55 6.95 47.05 5.65
N GLU F 56 7.59 48.16 6.00
CA GLU F 56 6.96 49.49 5.79
C GLU F 56 7.03 49.96 4.34
N LEU F 57 7.50 49.12 3.41
CA LEU F 57 7.47 49.47 1.96
C LEU F 57 6.59 48.43 1.27
N TYR F 58 6.46 47.26 1.88
CA TYR F 58 5.62 46.17 1.29
C TYR F 58 4.17 46.37 1.71
N ARG F 59 3.96 46.80 2.96
CA ARG F 59 2.58 47.08 3.42
C ARG F 59 1.98 48.10 2.45
N ASN F 60 2.81 48.63 1.54
CA ASN F 60 2.33 49.59 0.54
C ASN F 60 2.17 48.92 -0.84
N ALA F 61 2.81 47.76 -1.08
CA ALA F 61 2.62 46.99 -2.35
C ALA F 61 1.36 46.14 -2.28
N TYR F 62 1.19 45.28 -1.27
CA TYR F 62 -0.06 44.55 -1.07
C TYR F 62 -1.26 45.46 -1.27
N THR F 63 -1.29 46.59 -0.55
CA THR F 63 -2.42 47.49 -0.66
C THR F 63 -2.47 48.21 -2.00
N MET F 64 -1.38 48.20 -2.77
CA MET F 64 -1.38 48.80 -4.09
C MET F 64 -1.96 47.85 -5.14
N VAL F 65 -1.42 46.63 -5.21
CA VAL F 65 -1.93 45.65 -6.17
C VAL F 65 -3.33 45.19 -5.79
N LEU F 66 -3.71 45.30 -4.51
CA LEU F 66 -5.04 44.86 -4.09
C LEU F 66 -6.13 45.71 -4.72
N HIS F 67 -5.90 47.02 -4.85
CA HIS F 67 -6.89 47.93 -5.40
C HIS F 67 -6.93 47.92 -6.92
N LYS F 68 -6.32 46.93 -7.57
CA LYS F 68 -6.34 46.79 -9.03
C LYS F 68 -5.72 48.01 -9.71
N HIS F 69 -4.52 48.38 -9.26
CA HIS F 69 -3.74 49.46 -9.85
C HIS F 69 -2.34 48.96 -10.21
N GLY F 70 -2.26 47.72 -10.69
CA GLY F 70 -0.95 47.16 -11.02
C GLY F 70 -0.34 47.75 -12.26
N GLU F 71 -1.17 48.25 -13.18
CA GLU F 71 -0.64 48.83 -14.42
C GLU F 71 0.15 50.10 -14.12
N LYS F 72 -0.40 50.97 -13.26
CA LYS F 72 0.32 52.18 -12.88
C LYS F 72 1.62 51.86 -12.17
N LEU F 73 1.59 50.86 -11.27
CA LEU F 73 2.80 50.47 -10.57
C LEU F 73 3.86 49.95 -11.53
N TYR F 74 3.45 49.12 -12.49
CA TYR F 74 4.39 48.56 -13.46
C TYR F 74 4.99 49.67 -14.33
N THR F 75 4.15 50.59 -14.81
CA THR F 75 4.65 51.68 -15.63
C THR F 75 5.61 52.56 -14.84
N GLY F 76 5.28 52.88 -13.60
CA GLY F 76 6.17 53.68 -12.78
C GLY F 76 7.48 52.98 -12.49
N LEU F 77 7.42 51.67 -12.25
CA LEU F 77 8.64 50.89 -12.04
C LEU F 77 9.53 50.95 -13.28
N ARG F 78 8.95 50.72 -14.46
CA ARG F 78 9.73 50.78 -15.69
C ARG F 78 10.36 52.17 -15.87
N GLU F 79 9.57 53.22 -15.64
CA GLU F 79 10.08 54.57 -15.81
C GLU F 79 11.22 54.87 -14.84
N VAL F 80 11.05 54.50 -13.57
CA VAL F 80 12.08 54.76 -12.57
C VAL F 80 13.35 54.00 -12.91
N VAL F 81 13.21 52.73 -13.32
CA VAL F 81 14.38 51.92 -13.62
C VAL F 81 15.13 52.48 -14.82
N THR F 82 14.42 52.81 -15.90
CA THR F 82 15.10 53.34 -17.08
C THR F 82 15.71 54.71 -16.81
N GLU F 83 15.06 55.54 -15.99
CA GLU F 83 15.63 56.84 -15.66
C GLU F 83 16.90 56.68 -14.84
N HIS F 84 16.86 55.82 -13.81
CA HIS F 84 18.06 55.56 -13.01
C HIS F 84 19.19 55.04 -13.87
N LEU F 85 18.89 54.11 -14.78
CA LEU F 85 19.91 53.57 -15.68
C LEU F 85 20.53 54.68 -16.51
N ILE F 86 19.70 55.40 -17.28
CA ILE F 86 20.21 56.44 -18.18
C ILE F 86 20.99 57.51 -17.40
N ASN F 87 20.59 57.78 -16.15
CA ASN F 87 21.29 58.82 -15.40
C ASN F 87 22.61 58.33 -14.84
N LYS F 88 22.66 57.11 -14.31
CA LYS F 88 23.85 56.63 -13.61
C LYS F 88 24.78 55.84 -14.51
N VAL F 89 24.30 54.72 -15.05
CA VAL F 89 25.23 53.79 -15.70
C VAL F 89 25.57 54.24 -17.12
N ARG F 90 24.60 54.85 -17.82
CA ARG F 90 24.89 55.38 -19.14
C ARG F 90 25.94 56.48 -19.09
N GLU F 91 25.97 57.24 -17.99
CA GLU F 91 26.99 58.26 -17.82
C GLU F 91 28.31 57.67 -17.33
N ASP F 92 28.26 56.68 -16.43
CA ASP F 92 29.47 56.09 -15.90
C ASP F 92 30.24 55.32 -16.96
N VAL F 93 29.55 54.56 -17.80
CA VAL F 93 30.22 53.80 -18.85
C VAL F 93 30.87 54.73 -19.86
N LEU F 94 30.13 55.75 -20.31
CA LEU F 94 30.68 56.68 -21.28
C LEU F 94 31.79 57.54 -20.67
N ASN F 95 31.80 57.73 -19.36
CA ASN F 95 32.84 58.51 -18.71
C ASN F 95 34.12 57.69 -18.51
N SER F 96 34.02 56.37 -18.44
CA SER F 96 35.20 55.52 -18.22
C SER F 96 35.34 54.51 -19.35
N LEU F 97 35.19 54.95 -20.60
CA LEU F 97 35.29 54.05 -21.74
C LEU F 97 36.72 53.61 -22.02
N ASN F 98 37.72 54.25 -21.41
CA ASN F 98 39.11 53.90 -21.63
C ASN F 98 39.85 53.50 -20.37
N ASN F 99 39.36 53.87 -19.19
CA ASN F 99 39.98 53.51 -17.91
C ASN F 99 39.15 52.41 -17.27
N ASN F 100 39.55 51.16 -17.49
CA ASN F 100 38.86 49.98 -16.98
C ASN F 100 37.40 49.97 -17.44
N PHE F 101 37.23 49.93 -18.77
CA PHE F 101 35.90 49.94 -19.35
C PHE F 101 35.13 48.67 -18.98
N LEU F 102 35.69 47.51 -19.28
CA LEU F 102 35.01 46.25 -18.99
C LEU F 102 34.86 46.02 -17.50
N GLN F 103 35.84 46.44 -16.69
CA GLN F 103 35.73 46.28 -15.25
C GLN F 103 34.57 47.12 -14.69
N THR F 104 34.47 48.37 -15.11
CA THR F 104 33.36 49.21 -14.66
C THR F 104 32.03 48.68 -15.18
N LEU F 105 32.01 48.14 -16.41
CA LEU F 105 30.77 47.55 -16.93
C LEU F 105 30.34 46.36 -16.07
N ASN F 106 31.27 45.48 -15.72
CA ASN F 106 30.95 44.34 -14.88
C ASN F 106 30.51 44.78 -13.49
N GLN F 107 31.13 45.83 -12.95
CA GLN F 107 30.73 46.34 -11.64
C GLN F 107 29.32 46.89 -11.68
N ALA F 108 28.99 47.65 -12.74
CA ALA F 108 27.64 48.18 -12.87
C ALA F 108 26.62 47.06 -13.05
N TRP F 109 26.99 46.02 -13.80
CA TRP F 109 26.10 44.87 -13.95
C TRP F 109 25.85 44.18 -12.63
N ASN F 110 26.91 44.00 -11.82
CA ASN F 110 26.76 43.36 -10.52
C ASN F 110 25.90 44.20 -9.59
N ASP F 111 26.08 45.53 -9.61
CA ASP F 111 25.25 46.40 -8.78
C ASP F 111 23.79 46.34 -9.21
N HIS F 112 23.54 46.42 -10.52
CA HIS F 112 22.18 46.28 -11.02
C HIS F 112 21.56 44.97 -10.60
N GLN F 113 22.32 43.87 -10.67
CA GLN F 113 21.78 42.56 -10.30
C GLN F 113 21.48 42.49 -8.81
N THR F 114 22.40 42.98 -7.97
CA THR F 114 22.20 42.87 -6.52
C THR F 114 21.09 43.81 -6.03
N ALA F 115 20.79 44.86 -6.79
CA ALA F 115 19.62 45.67 -6.44
C ALA F 115 18.34 45.04 -6.96
N MET F 116 18.41 44.49 -8.18
CA MET F 116 17.25 43.78 -8.78
C MET F 116 17.01 42.49 -8.01
N VAL F 117 17.74 42.25 -6.92
CA VAL F 117 17.42 41.06 -6.09
C VAL F 117 16.20 41.44 -5.26
N MET F 118 16.33 42.46 -4.40
CA MET F 118 15.21 42.89 -3.52
C MET F 118 14.09 43.50 -4.37
N ILE F 119 14.44 44.21 -5.45
CA ILE F 119 13.41 44.81 -6.35
C ILE F 119 12.55 43.68 -6.91
N ARG F 120 13.17 42.64 -7.50
CA ARG F 120 12.42 41.54 -8.07
C ARG F 120 11.67 40.78 -7.00
N ASP F 121 12.21 40.69 -5.79
CA ASP F 121 11.48 40.04 -4.71
C ASP F 121 10.14 40.72 -4.48
N ILE F 122 10.17 42.02 -4.20
CA ILE F 122 8.94 42.76 -3.96
C ILE F 122 8.02 42.67 -5.18
N LEU F 123 8.55 43.06 -6.35
CA LEU F 123 7.72 43.08 -7.54
C LEU F 123 7.48 41.70 -8.12
N MET F 124 7.96 40.64 -7.48
CA MET F 124 7.58 39.28 -7.82
C MET F 124 6.35 38.88 -7.02
N TYR F 125 6.29 39.32 -5.75
CA TYR F 125 5.00 39.27 -5.08
C TYR F 125 3.95 39.94 -5.97
N MET F 126 4.31 41.07 -6.57
CA MET F 126 3.44 41.73 -7.52
C MET F 126 3.28 40.92 -8.81
N ASP F 127 4.38 40.32 -9.27
CA ASP F 127 4.41 39.66 -10.57
C ASP F 127 3.49 38.45 -10.61
N ARG F 128 3.36 37.73 -9.51
CA ARG F 128 2.49 36.55 -9.49
C ARG F 128 1.14 36.89 -10.10
N VAL F 129 0.40 37.79 -9.46
CA VAL F 129 -0.92 38.18 -9.93
C VAL F 129 -0.82 38.89 -11.27
N TYR F 130 0.12 39.83 -11.40
CA TYR F 130 0.16 40.65 -12.60
C TYR F 130 0.43 39.84 -13.86
N VAL F 131 1.50 39.04 -13.88
CA VAL F 131 1.88 38.31 -15.08
C VAL F 131 1.02 37.07 -15.26
N GLN F 132 0.34 36.62 -14.21
CA GLN F 132 -0.61 35.52 -14.40
C GLN F 132 -1.94 36.05 -14.90
N GLN F 133 -2.15 37.36 -14.80
CA GLN F 133 -3.38 37.97 -15.29
C GLN F 133 -3.16 38.77 -16.57
N ASN F 134 -2.13 39.61 -16.60
CA ASN F 134 -1.90 40.51 -17.72
C ASN F 134 -1.02 39.91 -18.81
N ASN F 135 -0.43 38.74 -18.56
CA ASN F 135 0.41 38.04 -19.53
C ASN F 135 1.54 38.93 -20.03
N VAL F 136 2.45 39.30 -19.14
CA VAL F 136 3.63 40.09 -19.48
C VAL F 136 4.85 39.47 -18.82
N GLU F 137 6.03 39.93 -19.22
CA GLU F 137 7.27 39.45 -18.65
C GLU F 137 7.39 39.88 -17.19
N ASN F 138 8.15 39.12 -16.41
CA ASN F 138 8.35 39.44 -15.01
C ASN F 138 9.24 40.67 -14.87
N VAL F 139 9.38 41.16 -13.64
CA VAL F 139 10.14 42.38 -13.41
C VAL F 139 11.64 42.14 -13.53
N TYR F 140 12.09 40.92 -13.25
CA TYR F 140 13.49 40.58 -13.51
C TYR F 140 13.76 40.61 -15.00
N ASN F 141 12.88 39.99 -15.79
CA ASN F 141 13.00 40.07 -17.25
C ASN F 141 12.84 41.50 -17.75
N LEU F 142 11.98 42.29 -17.11
CA LEU F 142 11.83 43.69 -17.50
C LEU F 142 13.12 44.46 -17.28
N GLY F 143 13.76 44.26 -16.12
CA GLY F 143 15.03 44.92 -15.86
C GLY F 143 16.12 44.47 -16.81
N LEU F 144 16.17 43.16 -17.11
CA LEU F 144 17.14 42.67 -18.07
C LEU F 144 16.93 43.30 -19.44
N ILE F 145 15.68 43.40 -19.87
CA ILE F 145 15.39 43.97 -21.19
C ILE F 145 15.75 45.45 -21.23
N ILE F 146 15.39 46.20 -20.19
CA ILE F 146 15.69 47.63 -20.20
C ILE F 146 17.19 47.87 -20.10
N PHE F 147 17.92 47.00 -19.38
CA PHE F 147 19.38 47.12 -19.34
C PHE F 147 19.97 46.84 -20.72
N ARG F 148 19.53 45.76 -21.36
CA ARG F 148 20.00 45.46 -22.71
C ARG F 148 19.73 46.61 -23.67
N ASP F 149 18.58 47.28 -23.51
CA ASP F 149 18.20 48.34 -24.43
C ASP F 149 18.96 49.64 -24.15
N GLN F 150 19.28 49.92 -22.88
CA GLN F 150 19.83 51.22 -22.52
C GLN F 150 21.34 51.23 -22.29
N VAL F 151 21.98 50.07 -22.16
CA VAL F 151 23.40 50.04 -21.86
C VAL F 151 24.18 49.29 -22.94
N VAL F 152 23.86 48.02 -23.12
CA VAL F 152 24.65 47.18 -24.02
C VAL F 152 24.38 47.54 -25.47
N ARG F 153 23.11 47.65 -25.85
CA ARG F 153 22.74 47.99 -27.22
C ARG F 153 22.69 49.50 -27.47
N TYR F 154 23.40 50.28 -26.68
CA TYR F 154 23.45 51.72 -26.90
C TYR F 154 24.14 52.04 -28.22
N GLY F 155 23.87 53.23 -28.74
CA GLY F 155 24.41 53.60 -30.04
C GLY F 155 25.92 53.70 -30.06
N CYS F 156 26.53 53.97 -28.91
CA CYS F 156 27.97 54.13 -28.79
C CYS F 156 28.63 53.05 -27.96
N ILE F 157 27.95 52.56 -26.92
CA ILE F 157 28.58 51.58 -26.03
C ILE F 157 28.76 50.24 -26.74
N ARG F 158 27.81 49.89 -27.61
CA ARG F 158 27.88 48.60 -28.28
C ARG F 158 29.11 48.48 -29.17
N ASP F 159 29.32 49.46 -30.05
CA ASP F 159 30.48 49.41 -30.94
C ASP F 159 31.78 49.52 -30.17
N HIS F 160 31.82 50.31 -29.10
CA HIS F 160 33.04 50.43 -28.30
C HIS F 160 33.37 49.10 -27.63
N LEU F 161 32.37 48.45 -27.05
CA LEU F 161 32.60 47.14 -26.44
C LEU F 161 33.05 46.13 -27.48
N ARG F 162 32.41 46.12 -28.65
CA ARG F 162 32.82 45.21 -29.71
C ARG F 162 34.28 45.43 -30.10
N GLN F 163 34.65 46.69 -30.33
CA GLN F 163 36.02 46.99 -30.76
C GLN F 163 37.03 46.61 -29.69
N THR F 164 36.74 46.91 -28.42
CA THR F 164 37.71 46.62 -27.38
C THR F 164 37.85 45.12 -27.14
N LEU F 165 36.73 44.37 -27.23
CA LEU F 165 36.83 42.93 -27.05
C LEU F 165 37.57 42.28 -28.21
N LEU F 166 37.32 42.76 -29.44
CA LEU F 166 38.08 42.25 -30.58
C LEU F 166 39.56 42.56 -30.44
N ASP F 167 39.90 43.78 -30.00
CA ASP F 167 41.29 44.15 -29.85
C ASP F 167 41.98 43.28 -28.81
N MET F 168 41.34 43.07 -27.66
CA MET F 168 41.99 42.30 -26.60
C MET F 168 42.08 40.82 -26.97
N ILE F 169 41.07 40.28 -27.66
CA ILE F 169 41.18 38.87 -28.04
C ILE F 169 42.23 38.70 -29.14
N ALA F 170 42.40 39.69 -30.02
CA ALA F 170 43.46 39.61 -31.02
C ALA F 170 44.83 39.70 -30.37
N ARG F 171 44.99 40.60 -29.39
CA ARG F 171 46.26 40.69 -28.67
C ARG F 171 46.55 39.41 -27.89
N GLU F 172 45.50 38.75 -27.38
CA GLU F 172 45.72 37.46 -26.73
C GLU F 172 46.15 36.40 -27.73
N ARG F 173 45.52 36.38 -28.91
CA ARG F 173 45.91 35.43 -29.95
C ARG F 173 47.31 35.69 -30.49
N LYS F 174 47.80 36.93 -30.41
CA LYS F 174 49.13 37.23 -30.94
C LYS F 174 50.22 36.50 -30.17
N GLY F 175 49.98 36.20 -28.90
CA GLY F 175 50.96 35.46 -28.12
C GLY F 175 51.12 35.94 -26.69
N GLU F 176 50.83 37.21 -26.45
CA GLU F 176 50.96 37.76 -25.11
C GLU F 176 49.69 37.50 -24.30
N VAL F 177 49.86 37.32 -23.00
CA VAL F 177 48.78 36.93 -22.11
C VAL F 177 48.11 38.17 -21.53
N VAL F 178 46.78 38.15 -21.49
CA VAL F 178 45.99 39.21 -20.90
C VAL F 178 45.01 38.57 -19.90
N ASP F 179 44.16 39.41 -19.32
CA ASP F 179 43.15 38.92 -18.39
C ASP F 179 42.15 38.03 -19.12
N ARG F 180 41.83 36.89 -18.51
CA ARG F 180 40.93 35.92 -19.10
C ARG F 180 39.64 35.71 -18.32
N GLY F 181 39.66 35.88 -17.00
CA GLY F 181 38.43 35.76 -16.23
C GLY F 181 37.43 36.86 -16.52
N ALA F 182 37.93 38.04 -16.89
CA ALA F 182 37.02 39.15 -17.22
C ALA F 182 36.23 38.84 -18.49
N ILE F 183 36.85 38.18 -19.46
CA ILE F 183 36.13 37.81 -20.68
C ILE F 183 35.05 36.79 -20.36
N ARG F 184 35.35 35.84 -19.47
CA ARG F 184 34.33 34.88 -19.05
C ARG F 184 33.19 35.58 -18.32
N ASN F 185 33.51 36.56 -17.49
CA ASN F 185 32.46 37.32 -16.80
C ASN F 185 31.59 38.07 -17.80
N ALA F 186 32.21 38.68 -18.81
CA ALA F 186 31.45 39.42 -19.81
C ALA F 186 30.57 38.49 -20.65
N CYS F 187 31.09 37.31 -21.01
CA CYS F 187 30.31 36.38 -21.79
C CYS F 187 29.13 35.83 -20.99
N GLN F 188 29.35 35.56 -19.70
CA GLN F 188 28.26 35.11 -18.84
C GLN F 188 27.23 36.23 -18.66
N MET F 189 27.69 37.48 -18.56
CA MET F 189 26.77 38.61 -18.46
C MET F 189 25.90 38.70 -19.71
N LEU F 190 26.50 38.56 -20.88
CA LEU F 190 25.72 38.63 -22.12
C LEU F 190 24.78 37.45 -22.25
N MET F 191 25.21 36.26 -21.80
CA MET F 191 24.33 35.10 -21.84
C MET F 191 23.12 35.29 -20.95
N ILE F 192 23.32 35.82 -19.74
CA ILE F 192 22.19 36.12 -18.87
C ILE F 192 21.33 37.22 -19.47
N LEU F 193 21.96 38.20 -20.14
CA LEU F 193 21.21 39.28 -20.77
C LEU F 193 20.34 38.78 -21.91
N GLY F 194 20.73 37.66 -22.54
CA GLY F 194 19.88 37.05 -23.55
C GLY F 194 18.48 36.78 -23.03
N LEU F 195 18.39 36.26 -21.80
CA LEU F 195 17.14 36.19 -21.03
C LEU F 195 16.16 35.16 -21.58
N GLU F 196 16.45 34.61 -22.75
CA GLU F 196 15.66 33.53 -23.33
C GLU F 196 16.51 32.37 -23.80
N GLY F 197 17.74 32.64 -24.23
CA GLY F 197 18.61 31.62 -24.76
C GLY F 197 19.93 32.20 -25.23
N ARG F 198 20.31 31.89 -26.47
CA ARG F 198 21.54 32.38 -27.08
C ARG F 198 21.22 33.19 -28.33
N SER F 199 20.24 34.07 -28.23
CA SER F 199 19.81 34.87 -29.36
C SER F 199 20.62 36.16 -29.51
N VAL F 200 20.71 36.95 -28.44
CA VAL F 200 21.41 38.24 -28.51
C VAL F 200 22.91 38.03 -28.40
N TYR F 201 23.32 37.18 -27.45
CA TYR F 201 24.76 36.86 -27.28
C TYR F 201 25.39 36.60 -28.65
N GLU F 202 24.69 35.88 -29.52
CA GLU F 202 25.22 35.57 -30.87
C GLU F 202 25.43 36.86 -31.67
N GLU F 203 24.36 37.62 -31.89
CA GLU F 203 24.46 38.86 -32.70
C GLU F 203 25.50 39.82 -32.11
N ASP F 204 25.52 39.99 -30.79
CA ASP F 204 26.42 40.99 -30.17
C ASP F 204 27.88 40.51 -30.15
N PHE F 205 28.13 39.24 -29.83
CA PHE F 205 29.54 38.80 -29.69
C PHE F 205 29.95 37.82 -30.80
N GLU F 206 29.26 36.69 -30.95
CA GLU F 206 29.69 35.65 -31.92
C GLU F 206 29.89 36.23 -33.32
N ALA F 207 28.87 36.87 -33.91
CA ALA F 207 28.99 37.36 -35.31
C ALA F 207 30.24 38.23 -35.53
N PRO F 208 30.48 39.36 -34.81
CA PRO F 208 31.73 40.12 -34.99
C PRO F 208 32.99 39.27 -34.80
N PHE F 209 33.02 38.46 -33.74
CA PHE F 209 34.19 37.59 -33.45
C PHE F 209 34.46 36.66 -34.64
N LEU F 210 33.40 36.12 -35.26
CA LEU F 210 33.57 35.18 -36.40
C LEU F 210 34.30 35.85 -37.56
N GLU F 211 33.95 37.09 -37.88
CA GLU F 211 34.58 37.78 -39.05
C GLU F 211 36.08 38.00 -38.77
N MET F 212 36.42 38.42 -37.55
CA MET F 212 37.81 38.69 -37.19
C MET F 212 38.62 37.41 -37.17
N SER F 213 38.08 36.34 -36.59
CA SER F 213 38.77 35.05 -36.59
C SER F 213 38.94 34.52 -38.01
N ALA F 214 37.94 34.74 -38.86
CA ALA F 214 38.05 34.32 -40.26
C ALA F 214 39.24 34.99 -40.94
N GLU F 215 39.30 36.32 -40.86
CA GLU F 215 40.41 37.05 -41.47
C GLU F 215 41.75 36.64 -40.87
N PHE F 216 41.79 36.49 -39.53
CA PHE F 216 43.04 36.16 -38.86
C PHE F 216 43.55 34.78 -39.29
N PHE F 217 42.69 33.77 -39.27
CA PHE F 217 43.11 32.43 -39.66
C PHE F 217 43.42 32.36 -41.15
N GLN F 218 42.72 33.13 -41.98
CA GLN F 218 43.05 33.16 -43.40
C GLN F 218 44.45 33.70 -43.62
N MET F 219 44.76 34.84 -42.99
CA MET F 219 46.12 35.40 -43.12
C MET F 219 47.16 34.45 -42.53
N GLU F 220 46.82 33.78 -41.44
CA GLU F 220 47.78 32.87 -40.81
C GLU F 220 48.07 31.68 -41.71
N SER F 221 47.04 31.10 -42.33
CA SER F 221 47.25 30.00 -43.26
C SER F 221 48.02 30.45 -44.50
N GLN F 222 47.72 31.65 -44.99
CA GLN F 222 48.45 32.17 -46.14
C GLN F 222 49.92 32.40 -45.82
N LYS F 223 50.22 32.79 -44.57
CA LYS F 223 51.61 32.95 -44.18
C LYS F 223 52.29 31.60 -43.96
N PHE F 224 51.54 30.61 -43.46
CA PHE F 224 52.15 29.33 -43.14
C PHE F 224 52.41 28.50 -44.40
N LEU F 225 51.57 28.65 -45.42
CA LEU F 225 51.73 27.83 -46.62
C LEU F 225 53.01 28.18 -47.37
N ALA F 226 53.52 29.41 -47.20
CA ALA F 226 54.71 29.83 -47.93
C ALA F 226 55.98 29.70 -47.10
N GLU F 227 55.88 29.81 -45.78
CA GLU F 227 57.07 29.83 -44.93
C GLU F 227 57.48 28.44 -44.45
N ASN F 228 56.67 27.42 -44.65
CA ASN F 228 56.99 26.08 -44.17
C ASN F 228 56.56 25.08 -45.24
N SER F 229 56.58 23.79 -44.87
CA SER F 229 56.19 22.71 -45.76
C SER F 229 55.16 21.85 -45.04
N ALA F 230 54.82 20.71 -45.63
CA ALA F 230 53.81 19.81 -45.09
C ALA F 230 54.32 18.99 -43.91
N SER F 231 55.51 19.28 -43.40
CA SER F 231 56.08 18.52 -42.28
C SER F 231 55.77 19.15 -40.94
N VAL F 232 56.12 20.42 -40.76
CA VAL F 232 55.91 21.12 -39.49
C VAL F 232 54.63 21.93 -39.46
N TYR F 233 53.97 22.15 -40.60
CA TYR F 233 52.74 22.94 -40.61
C TYR F 233 51.62 22.20 -39.90
N ILE F 234 51.60 20.86 -39.97
CA ILE F 234 50.49 20.11 -39.41
C ILE F 234 50.54 20.15 -37.89
N LYS F 235 51.73 20.02 -37.29
CA LYS F 235 51.83 20.14 -35.85
C LYS F 235 51.44 21.54 -35.39
N LYS F 236 51.82 22.56 -36.16
CA LYS F 236 51.49 23.94 -35.79
C LYS F 236 49.99 24.18 -35.85
N VAL F 237 49.33 23.68 -36.90
CA VAL F 237 47.88 23.89 -37.00
C VAL F 237 47.14 23.06 -35.97
N GLU F 238 47.68 21.89 -35.60
CA GLU F 238 47.08 21.11 -34.53
C GLU F 238 47.18 21.84 -33.20
N ALA F 239 48.35 22.41 -32.90
CA ALA F 239 48.50 23.20 -31.68
C ALA F 239 47.59 24.42 -31.71
N ARG F 240 47.42 25.03 -32.87
CA ARG F 240 46.51 26.18 -32.99
C ARG F 240 45.08 25.78 -32.68
N ILE F 241 44.62 24.65 -33.25
CA ILE F 241 43.27 24.18 -32.98
C ILE F 241 43.11 23.86 -31.50
N ASN F 242 44.12 23.23 -30.90
CA ASN F 242 44.05 22.88 -29.48
C ASN F 242 43.93 24.12 -28.61
N GLU F 243 44.80 25.11 -28.83
CA GLU F 243 44.75 26.32 -28.02
C GLU F 243 43.46 27.09 -28.27
N GLU F 244 42.95 27.07 -29.51
CA GLU F 244 41.69 27.77 -29.79
C GLU F 244 40.52 27.12 -29.06
N ILE F 245 40.43 25.79 -29.12
CA ILE F 245 39.32 25.12 -28.44
C ILE F 245 39.46 25.25 -26.93
N GLU F 246 40.69 25.28 -26.41
CA GLU F 246 40.88 25.46 -24.98
C GLU F 246 40.45 26.86 -24.55
N ARG F 247 40.87 27.89 -25.29
CA ARG F 247 40.44 29.25 -24.98
C ARG F 247 38.94 29.39 -25.09
N VAL F 248 38.32 28.74 -26.07
CA VAL F 248 36.88 28.88 -26.24
C VAL F 248 36.11 28.12 -25.16
N MET F 249 36.65 27.02 -24.64
CA MET F 249 35.96 26.27 -23.61
C MET F 249 36.22 26.78 -22.21
N HIS F 250 37.31 27.53 -22.00
CA HIS F 250 37.64 28.06 -20.69
C HIS F 250 37.34 29.54 -20.55
N CYS F 251 37.61 30.33 -21.60
CA CYS F 251 37.46 31.78 -21.51
C CYS F 251 36.10 32.26 -22.02
N LEU F 252 35.37 31.42 -22.74
CA LEU F 252 34.09 31.78 -23.34
C LEU F 252 32.98 30.88 -22.75
N ASP F 253 31.80 30.95 -23.38
CA ASP F 253 30.62 30.29 -22.85
C ASP F 253 30.71 28.78 -23.02
N LYS F 254 29.61 28.08 -22.72
CA LYS F 254 29.63 26.64 -22.52
C LYS F 254 29.57 25.84 -23.82
N SER F 255 28.82 26.32 -24.82
CA SER F 255 28.80 25.58 -26.07
C SER F 255 29.81 26.10 -27.07
N THR F 256 29.64 27.32 -27.58
CA THR F 256 30.72 28.19 -28.04
C THR F 256 31.64 27.59 -29.10
N GLU F 257 31.39 26.36 -29.55
CA GLU F 257 32.45 25.67 -30.28
C GLU F 257 32.06 25.25 -31.69
N GLU F 258 30.77 25.00 -31.93
CA GLU F 258 30.35 24.45 -33.22
C GLU F 258 30.74 25.38 -34.37
N PRO F 259 30.24 26.62 -34.41
CA PRO F 259 30.59 27.48 -35.55
C PRO F 259 32.05 27.88 -35.56
N ILE F 260 32.66 28.05 -34.39
CA ILE F 260 34.06 28.41 -34.31
C ILE F 260 34.92 27.35 -34.99
N VAL F 261 34.76 26.09 -34.57
CA VAL F 261 35.58 25.02 -35.15
C VAL F 261 35.19 24.79 -36.60
N LYS F 262 33.93 24.97 -36.97
CA LYS F 262 33.54 24.80 -38.36
C LYS F 262 34.24 25.80 -39.26
N VAL F 263 34.24 27.08 -38.86
CA VAL F 263 34.87 28.11 -39.68
C VAL F 263 36.39 27.95 -39.65
N VAL F 264 36.95 27.51 -38.52
CA VAL F 264 38.40 27.33 -38.45
C VAL F 264 38.83 26.22 -39.40
N GLU F 265 38.11 25.11 -39.41
CA GLU F 265 38.39 24.04 -40.36
C GLU F 265 38.23 24.52 -41.80
N ARG F 266 37.09 25.17 -42.11
CA ARG F 266 36.84 25.61 -43.48
C ARG F 266 37.89 26.60 -43.96
N GLU F 267 38.50 27.36 -43.05
CA GLU F 267 39.52 28.31 -43.45
C GLU F 267 40.89 27.65 -43.60
N LEU F 268 41.27 26.82 -42.64
CA LEU F 268 42.62 26.25 -42.66
C LEU F 268 42.71 25.03 -43.55
N ILE F 269 41.94 23.99 -43.23
CA ILE F 269 42.14 22.69 -43.89
C ILE F 269 41.58 22.73 -45.31
N SER F 270 40.42 23.36 -45.49
CA SER F 270 39.80 23.38 -46.81
C SER F 270 40.65 24.19 -47.81
N LYS F 271 41.58 25.00 -47.29
CA LYS F 271 42.45 25.75 -48.18
C LYS F 271 43.80 25.06 -48.34
N HIS F 272 44.31 24.43 -47.29
CA HIS F 272 45.61 23.78 -47.38
C HIS F 272 45.53 22.38 -47.99
N MET F 273 44.33 21.83 -48.13
CA MET F 273 44.18 20.45 -48.57
C MET F 273 44.63 20.27 -50.02
N LYS F 274 44.43 21.29 -50.85
CA LYS F 274 44.69 21.14 -52.28
C LYS F 274 46.17 21.23 -52.60
N THR F 275 46.90 22.10 -51.89
CA THR F 275 48.27 22.43 -52.30
C THR F 275 49.34 21.80 -51.43
N ILE F 276 49.05 21.52 -50.16
CA ILE F 276 50.11 21.07 -49.25
C ILE F 276 50.45 19.60 -49.40
N VAL F 277 49.64 18.83 -50.13
CA VAL F 277 49.83 17.39 -50.24
C VAL F 277 50.36 16.96 -51.61
N GLU F 278 50.50 17.87 -52.56
CA GLU F 278 50.88 17.47 -53.92
C GLU F 278 51.96 18.34 -54.54
N MET F 279 52.17 19.56 -54.07
CA MET F 279 53.04 20.50 -54.77
C MET F 279 54.48 20.01 -54.87
N GLU F 280 55.19 19.96 -53.73
CA GLU F 280 56.60 19.60 -53.69
C GLU F 280 57.12 19.62 -52.26
N ASN F 281 58.38 19.22 -52.06
CA ASN F 281 59.10 19.41 -50.81
C ASN F 281 58.39 18.72 -49.64
N SER F 282 58.37 17.38 -49.73
CA SER F 282 57.87 16.53 -48.66
C SER F 282 56.40 16.80 -48.37
N GLY F 283 55.55 16.57 -49.37
CA GLY F 283 54.13 16.68 -49.18
C GLY F 283 53.53 15.37 -48.70
N LEU F 284 52.59 14.81 -49.46
CA LEU F 284 52.02 13.51 -49.13
C LEU F 284 52.76 12.37 -49.82
N VAL F 285 53.17 12.57 -51.07
CA VAL F 285 53.84 11.50 -51.81
C VAL F 285 55.23 11.24 -51.23
N HIS F 286 55.99 12.31 -50.98
CA HIS F 286 57.35 12.15 -50.48
C HIS F 286 57.36 11.61 -49.06
N MET F 287 56.46 12.10 -48.20
CA MET F 287 56.41 11.61 -46.83
C MET F 287 55.90 10.18 -46.74
N LEU F 288 55.29 9.67 -47.81
CA LEU F 288 54.90 8.27 -47.87
C LEU F 288 55.99 7.41 -48.50
N LYS F 289 56.80 7.99 -49.39
CA LYS F 289 57.87 7.23 -50.03
C LYS F 289 58.98 6.88 -49.05
N ASN F 290 59.42 7.86 -48.26
CA ASN F 290 60.48 7.60 -47.29
C ASN F 290 60.00 6.74 -46.12
N GLY F 291 58.69 6.66 -45.90
CA GLY F 291 58.16 5.83 -44.84
C GLY F 291 58.08 6.51 -43.48
N LYS F 292 57.39 7.64 -43.43
CA LYS F 292 57.17 8.37 -42.18
C LYS F 292 55.83 7.96 -41.61
N THR F 293 55.86 7.19 -40.52
CA THR F 293 54.62 6.67 -39.94
C THR F 293 53.87 7.76 -39.18
N GLU F 294 54.59 8.55 -38.38
CA GLU F 294 53.95 9.60 -37.58
C GLU F 294 53.30 10.64 -38.48
N ASP F 295 53.94 10.96 -39.60
CA ASP F 295 53.37 11.94 -40.52
C ASP F 295 52.03 11.47 -41.09
N LEU F 296 52.00 10.22 -41.58
CA LEU F 296 50.75 9.67 -42.09
C LEU F 296 49.69 9.60 -40.99
N GLY F 297 50.09 9.21 -39.78
CA GLY F 297 49.13 9.12 -38.69
C GLY F 297 48.53 10.46 -38.34
N CYS F 298 49.36 11.48 -38.21
CA CYS F 298 48.83 12.81 -37.85
C CYS F 298 48.02 13.40 -38.99
N MET F 299 48.42 13.16 -40.24
CA MET F 299 47.62 13.64 -41.36
C MET F 299 46.25 12.96 -41.39
N TYR F 300 46.20 11.67 -41.09
CA TYR F 300 44.92 10.97 -41.05
C TYR F 300 44.06 11.47 -39.91
N LYS F 301 44.65 11.69 -38.73
CA LYS F 301 43.88 12.15 -37.59
C LYS F 301 43.45 13.61 -37.73
N LEU F 302 44.13 14.39 -38.57
CA LEU F 302 43.75 15.78 -38.77
C LEU F 302 42.70 15.93 -39.88
N PHE F 303 42.96 15.34 -41.05
CA PHE F 303 42.04 15.48 -42.18
C PHE F 303 40.75 14.68 -42.00
N SER F 304 40.62 13.89 -40.94
CA SER F 304 39.39 13.13 -40.72
C SER F 304 38.24 14.01 -40.24
N ARG F 305 38.54 15.21 -39.75
CA ARG F 305 37.49 16.09 -39.24
C ARG F 305 36.78 16.85 -40.36
N VAL F 306 37.50 17.18 -41.44
CA VAL F 306 36.94 17.97 -42.52
C VAL F 306 36.44 17.05 -43.62
N PRO F 307 35.22 17.24 -44.13
CA PRO F 307 34.75 16.41 -45.24
C PRO F 307 35.59 16.61 -46.49
N ASN F 308 35.51 15.62 -47.39
CA ASN F 308 36.23 15.58 -48.66
C ASN F 308 37.75 15.59 -48.48
N GLY F 309 38.24 15.32 -47.28
CA GLY F 309 39.67 15.23 -47.05
C GLY F 309 40.21 13.85 -47.36
N LEU F 310 39.57 12.82 -46.80
CA LEU F 310 39.97 11.46 -47.09
C LEU F 310 39.82 11.13 -48.57
N LYS F 311 38.88 11.79 -49.25
CA LYS F 311 38.69 11.57 -50.68
C LYS F 311 39.97 11.88 -51.45
N THR F 312 40.43 13.14 -51.37
CA THR F 312 41.65 13.52 -52.09
C THR F 312 42.88 12.85 -51.50
N MET F 313 42.85 12.52 -50.20
CA MET F 313 43.95 11.76 -49.61
C MET F 313 44.13 10.42 -50.31
N CYS F 314 43.05 9.63 -50.38
CA CYS F 314 43.10 8.36 -51.08
C CYS F 314 43.35 8.54 -52.57
N GLU F 315 42.91 9.66 -53.14
CA GLU F 315 43.17 9.92 -54.56
C GLU F 315 44.66 10.06 -54.82
N CYS F 316 45.35 10.88 -54.00
CA CYS F 316 46.79 11.04 -54.16
C CYS F 316 47.53 9.74 -53.83
N MET F 317 47.03 9.00 -52.83
CA MET F 317 47.65 7.71 -52.51
C MET F 317 47.53 6.75 -53.69
N SER F 318 46.37 6.70 -54.34
CA SER F 318 46.20 5.85 -55.50
C SER F 318 47.03 6.31 -56.68
N SER F 319 47.21 7.63 -56.84
CA SER F 319 48.08 8.13 -57.89
C SER F 319 49.52 7.66 -57.66
N TYR F 320 50.01 7.77 -56.42
CA TYR F 320 51.35 7.29 -56.11
C TYR F 320 51.45 5.78 -56.32
N LEU F 321 50.38 5.04 -55.98
CA LEU F 321 50.39 3.60 -56.20
C LEU F 321 50.46 3.27 -57.69
N ARG F 322 49.71 3.99 -58.52
CA ARG F 322 49.79 3.79 -59.97
C ARG F 322 51.19 4.08 -60.49
N GLU F 323 51.79 5.17 -60.01
CA GLU F 323 53.15 5.50 -60.43
C GLU F 323 54.13 4.39 -60.06
N GLN F 324 54.08 3.93 -58.81
CA GLN F 324 54.99 2.89 -58.36
C GLN F 324 54.76 1.58 -59.13
N GLY F 325 53.50 1.27 -59.43
CA GLY F 325 53.21 0.06 -60.18
C GLY F 325 53.74 0.13 -61.60
N LYS F 326 53.45 1.23 -62.30
CA LYS F 326 53.97 1.41 -63.65
C LYS F 326 55.50 1.42 -63.67
N ALA F 327 56.12 1.87 -62.58
CA ALA F 327 57.57 1.75 -62.46
C ALA F 327 58.01 0.33 -62.16
N LEU F 328 57.14 -0.50 -61.58
CA LEU F 328 57.47 -1.88 -61.25
C LEU F 328 56.96 -2.90 -62.26
N VAL F 329 55.84 -2.62 -62.91
CA VAL F 329 55.23 -3.58 -63.83
C VAL F 329 55.74 -3.29 -65.24
N SER F 330 56.78 -2.45 -65.34
CA SER F 330 57.34 -2.09 -66.65
C SER F 330 57.78 -3.34 -67.41
N GLU F 331 57.27 -3.47 -68.63
CA GLU F 331 57.55 -4.64 -69.46
C GLU F 331 58.72 -4.43 -70.41
N GLU F 332 58.99 -3.19 -70.81
CA GLU F 332 60.08 -2.90 -71.74
C GLU F 332 61.41 -3.27 -71.10
N GLY F 333 62.08 -4.29 -71.65
CA GLY F 333 63.33 -4.76 -71.10
C GLY F 333 63.28 -6.22 -70.69
N GLU F 334 64.13 -7.03 -71.30
CA GLU F 334 64.17 -8.46 -71.02
C GLU F 334 65.36 -8.78 -70.13
N GLY F 335 65.14 -9.72 -69.20
CA GLY F 335 66.17 -10.12 -68.27
C GLY F 335 65.78 -9.89 -66.83
N LYS F 336 64.49 -9.89 -66.55
CA LYS F 336 63.96 -9.70 -65.21
C LYS F 336 63.60 -11.05 -64.59
N ASN F 337 63.85 -11.17 -63.29
CA ASN F 337 63.59 -12.43 -62.59
C ASN F 337 62.16 -12.44 -62.10
N PRO F 338 61.33 -13.41 -62.51
CA PRO F 338 59.93 -13.42 -62.07
C PRO F 338 59.75 -13.55 -60.57
N VAL F 339 60.55 -14.41 -59.92
CA VAL F 339 60.43 -14.59 -58.48
C VAL F 339 60.79 -13.29 -57.76
N ASP F 340 61.82 -12.59 -58.23
CA ASP F 340 62.18 -11.31 -57.63
C ASP F 340 61.09 -10.27 -57.85
N TYR F 341 60.46 -10.30 -59.03
CA TYR F 341 59.37 -9.36 -59.31
C TYR F 341 58.20 -9.59 -58.36
N ILE F 342 57.80 -10.85 -58.18
CA ILE F 342 56.69 -11.14 -57.28
C ILE F 342 57.07 -10.82 -55.84
N GLN F 343 58.35 -11.05 -55.47
CA GLN F 343 58.79 -10.71 -54.13
C GLN F 343 58.73 -9.21 -53.87
N GLY F 344 59.15 -8.41 -54.86
CA GLY F 344 59.07 -6.97 -54.71
C GLY F 344 57.63 -6.48 -54.64
N LEU F 345 56.75 -7.08 -55.45
CA LEU F 345 55.34 -6.71 -55.38
C LEU F 345 54.74 -7.05 -54.03
N LEU F 346 55.07 -8.23 -53.49
CA LEU F 346 54.56 -8.62 -52.19
C LEU F 346 55.12 -7.73 -51.09
N ASP F 347 56.40 -7.33 -51.21
CA ASP F 347 56.97 -6.43 -50.23
C ASP F 347 56.29 -5.07 -50.26
N LEU F 348 56.00 -4.55 -51.46
CA LEU F 348 55.27 -3.30 -51.56
C LEU F 348 53.88 -3.41 -50.96
N LYS F 349 53.18 -4.52 -51.23
CA LYS F 349 51.86 -4.73 -50.65
C LYS F 349 51.92 -4.79 -49.13
N SER F 350 52.90 -5.50 -48.59
CA SER F 350 53.03 -5.61 -47.14
C SER F 350 53.39 -4.26 -46.51
N ARG F 351 54.23 -3.48 -47.19
CA ARG F 351 54.59 -2.16 -46.70
C ARG F 351 53.37 -1.24 -46.65
N PHE F 352 52.56 -1.25 -47.72
CA PHE F 352 51.35 -0.42 -47.72
C PHE F 352 50.35 -0.90 -46.68
N ASP F 353 50.25 -2.22 -46.48
CA ASP F 353 49.34 -2.74 -45.47
C ASP F 353 49.81 -2.34 -44.07
N ARG F 354 51.12 -2.36 -43.83
CA ARG F 354 51.65 -1.93 -42.54
C ARG F 354 51.40 -0.45 -42.31
N PHE F 355 51.62 0.38 -43.34
CA PHE F 355 51.31 1.80 -43.23
C PHE F 355 49.84 2.02 -42.92
N LEU F 356 48.96 1.29 -43.60
CA LEU F 356 47.52 1.38 -43.32
C LEU F 356 47.23 1.04 -41.86
N LEU F 357 47.66 -0.14 -41.42
CA LEU F 357 47.37 -0.57 -40.06
C LEU F 357 47.97 0.36 -39.01
N GLU F 358 49.08 1.02 -39.32
CA GLU F 358 49.75 1.86 -38.34
C GLU F 358 49.21 3.28 -38.30
N SER F 359 48.73 3.82 -39.43
CA SER F 359 48.31 5.21 -39.49
C SER F 359 46.81 5.37 -39.73
N PHE F 360 46.26 4.71 -40.75
CA PHE F 360 44.88 4.94 -41.15
C PHE F 360 43.87 4.25 -40.26
N ASN F 361 44.32 3.51 -39.24
CA ASN F 361 43.44 2.85 -38.28
C ASN F 361 42.44 1.93 -38.97
N ASN F 362 42.89 1.25 -40.03
CA ASN F 362 42.09 0.29 -40.78
C ASN F 362 40.82 0.95 -41.33
N ASP F 363 41.00 2.04 -42.08
CA ASP F 363 39.87 2.74 -42.68
C ASP F 363 39.39 1.98 -43.90
N ARG F 364 38.07 1.98 -44.12
CA ARG F 364 37.49 1.23 -45.22
C ARG F 364 37.79 1.89 -46.56
N LEU F 365 37.81 3.22 -46.59
CA LEU F 365 38.03 3.93 -47.86
C LEU F 365 39.43 3.65 -48.40
N PHE F 366 40.45 3.68 -47.53
CA PHE F 366 41.81 3.40 -47.98
C PHE F 366 41.94 1.97 -48.48
N LYS F 367 41.31 1.02 -47.79
CA LYS F 367 41.35 -0.36 -48.24
C LYS F 367 40.69 -0.53 -49.61
N GLN F 368 39.52 0.10 -49.78
CA GLN F 368 38.83 0.02 -51.07
C GLN F 368 39.68 0.63 -52.19
N THR F 369 40.32 1.77 -51.90
CA THR F 369 41.11 2.43 -52.93
C THR F 369 42.35 1.62 -53.29
N ILE F 370 43.03 1.05 -52.30
CA ILE F 370 44.21 0.24 -52.63
C ILE F 370 43.80 -1.05 -53.34
N ALA F 371 42.64 -1.61 -53.01
CA ALA F 371 42.15 -2.79 -53.72
C ALA F 371 41.85 -2.46 -55.17
N GLY F 372 41.18 -1.34 -55.41
CA GLY F 372 40.93 -0.91 -56.79
C GLY F 372 42.19 -0.62 -57.55
N ASP F 373 43.18 -0.02 -56.89
CA ASP F 373 44.46 0.26 -57.55
C ASP F 373 45.19 -1.02 -57.91
N PHE F 374 45.22 -1.99 -57.00
CA PHE F 374 45.85 -3.27 -57.30
C PHE F 374 45.10 -4.01 -58.41
N GLU F 375 43.78 -3.87 -58.46
CA GLU F 375 43.02 -4.48 -59.54
C GLU F 375 43.32 -3.81 -60.88
N TYR F 376 43.54 -2.49 -60.87
CA TYR F 376 43.76 -1.74 -62.10
C TYR F 376 45.17 -1.92 -62.66
N PHE F 377 46.18 -1.95 -61.78
CA PHE F 377 47.58 -2.02 -62.28
C PHE F 377 48.01 -3.48 -62.53
N LEU F 378 47.51 -4.43 -61.74
CA LEU F 378 47.98 -5.84 -61.89
C LEU F 378 47.32 -6.50 -63.10
N ASN F 379 46.03 -6.25 -63.32
CA ASN F 379 45.30 -6.91 -64.45
C ASN F 379 45.91 -6.47 -65.78
N LEU F 380 46.57 -5.30 -65.81
CA LEU F 380 47.22 -4.81 -67.04
C LEU F 380 48.25 -5.85 -67.52
N ASN F 381 49.10 -6.33 -66.61
CA ASN F 381 50.11 -7.37 -66.97
C ASN F 381 49.39 -8.69 -67.24
N SER F 382 49.83 -9.43 -68.26
CA SER F 382 49.18 -10.72 -68.63
C SER F 382 50.09 -11.90 -68.25
N ARG F 383 51.38 -11.62 -68.02
CA ARG F 383 52.35 -12.69 -67.67
C ARG F 383 52.48 -12.76 -66.14
N SER F 384 51.73 -11.93 -65.42
CA SER F 384 51.75 -11.96 -63.93
C SER F 384 51.30 -13.32 -63.39
N PRO F 385 50.15 -13.91 -63.82
CA PRO F 385 49.76 -15.26 -63.35
C PRO F 385 50.88 -16.31 -63.54
N GLU F 386 51.58 -16.28 -64.68
CA GLU F 386 52.67 -17.22 -64.91
C GLU F 386 53.79 -17.02 -63.91
N TYR F 387 54.17 -15.75 -63.68
CA TYR F 387 55.21 -15.47 -62.70
C TYR F 387 54.76 -15.79 -61.28
N LEU F 388 53.48 -15.57 -60.98
CA LEU F 388 52.97 -15.97 -59.66
C LEU F 388 53.05 -17.47 -59.48
N SER F 389 52.72 -18.23 -60.53
CA SER F 389 52.82 -19.69 -60.45
C SER F 389 54.25 -20.14 -60.29
N LEU F 390 55.18 -19.49 -61.00
CA LEU F 390 56.60 -19.82 -60.83
C LEU F 390 57.06 -19.53 -59.42
N PHE F 391 56.60 -18.42 -58.83
CA PHE F 391 56.97 -18.08 -57.47
C PHE F 391 56.41 -19.10 -56.47
N ILE F 392 55.14 -19.48 -56.63
CA ILE F 392 54.58 -20.45 -55.70
C ILE F 392 55.23 -21.82 -55.90
N ASP F 393 55.69 -22.14 -57.11
CA ASP F 393 56.43 -23.38 -57.33
C ASP F 393 57.79 -23.34 -56.65
N ASP F 394 58.48 -22.20 -56.74
CA ASP F 394 59.77 -22.05 -56.07
C ASP F 394 59.61 -22.14 -54.56
N LYS F 395 58.48 -21.64 -54.03
CA LYS F 395 58.22 -21.70 -52.61
C LYS F 395 57.74 -23.06 -52.14
N LEU F 396 57.11 -23.85 -53.02
CA LEU F 396 56.58 -25.15 -52.65
C LEU F 396 57.56 -26.30 -52.88
N LYS F 397 58.53 -26.13 -53.80
CA LYS F 397 59.44 -27.23 -54.12
C LYS F 397 60.27 -27.63 -52.91
N LYS F 398 60.64 -26.67 -52.07
CA LYS F 398 61.43 -26.95 -50.88
C LYS F 398 61.36 -25.75 -49.95
N GLY F 399 61.13 -26.01 -48.67
CA GLY F 399 61.07 -24.95 -47.68
C GLY F 399 62.41 -24.68 -47.03
N VAL F 400 63.44 -24.48 -47.85
CA VAL F 400 64.77 -24.20 -47.32
C VAL F 400 64.79 -22.86 -46.59
N LYS F 401 64.18 -21.84 -47.19
CA LYS F 401 64.04 -20.54 -46.54
C LYS F 401 62.81 -20.58 -45.64
N GLY F 402 63.01 -20.43 -44.34
CA GLY F 402 61.90 -20.53 -43.41
C GLY F 402 61.53 -21.96 -43.12
N LEU F 403 62.44 -22.70 -42.47
CA LEU F 403 62.23 -24.12 -42.20
C LEU F 403 60.95 -24.35 -41.37
N THR F 404 60.64 -23.43 -40.46
CA THR F 404 59.46 -23.58 -39.63
C THR F 404 58.19 -23.30 -40.46
N GLU F 405 57.04 -23.54 -39.85
CA GLU F 405 55.76 -23.48 -40.56
C GLU F 405 55.07 -22.12 -40.46
N GLN F 406 55.39 -21.33 -39.44
CA GLN F 406 54.67 -20.08 -39.23
C GLN F 406 54.91 -19.09 -40.36
N GLU F 407 56.17 -18.84 -40.71
CA GLU F 407 56.49 -17.89 -41.77
C GLU F 407 56.02 -18.43 -43.13
N VAL F 408 56.05 -19.75 -43.30
CA VAL F 408 55.54 -20.37 -44.52
C VAL F 408 54.05 -20.07 -44.65
N GLU F 409 53.31 -20.25 -43.55
CA GLU F 409 51.88 -19.96 -43.54
C GLU F 409 51.63 -18.50 -43.88
N THR F 410 52.41 -17.59 -43.28
CA THR F 410 52.22 -16.17 -43.52
C THR F 410 52.49 -15.82 -44.98
N ILE F 411 53.55 -16.38 -45.56
CA ILE F 411 53.94 -16.04 -46.92
C ILE F 411 52.91 -16.62 -47.89
N LEU F 412 52.32 -17.77 -47.53
CA LEU F 412 51.28 -18.35 -48.37
C LEU F 412 50.00 -17.54 -48.31
N ASP F 413 49.65 -17.04 -47.11
CA ASP F 413 48.50 -16.16 -46.97
C ASP F 413 48.69 -14.88 -47.77
N LYS F 414 49.89 -14.31 -47.69
CA LYS F 414 50.18 -13.10 -48.47
C LYS F 414 50.13 -13.39 -49.97
N ALA F 415 50.58 -14.58 -50.36
CA ALA F 415 50.56 -14.94 -51.77
C ALA F 415 49.13 -15.05 -52.30
N MET F 416 48.26 -15.72 -51.53
CA MET F 416 46.88 -15.86 -51.97
C MET F 416 46.13 -14.54 -51.89
N VAL F 417 46.53 -13.67 -50.96
CA VAL F 417 45.94 -12.32 -50.92
C VAL F 417 46.33 -11.54 -52.15
N LEU F 418 47.59 -11.64 -52.56
CA LEU F 418 48.03 -10.99 -53.79
C LEU F 418 47.31 -11.56 -55.00
N PHE F 419 47.06 -12.88 -54.97
CA PHE F 419 46.34 -13.51 -56.08
C PHE F 419 44.87 -13.08 -56.10
N ARG F 420 44.32 -12.71 -54.95
CA ARG F 420 42.92 -12.29 -54.87
C ARG F 420 42.66 -11.11 -55.80
N PHE F 421 43.59 -10.16 -55.84
CA PHE F 421 43.45 -8.99 -56.70
C PHE F 421 44.11 -9.23 -58.05
N MET F 422 43.74 -10.34 -58.69
CA MET F 422 44.30 -10.72 -59.98
C MET F 422 43.20 -11.30 -60.85
N GLN F 423 43.21 -10.95 -62.14
CA GLN F 423 42.26 -11.49 -63.10
C GLN F 423 42.95 -12.55 -63.95
N GLU F 424 42.25 -13.05 -64.98
CA GLU F 424 42.81 -14.08 -65.89
C GLU F 424 43.31 -15.26 -65.03
N LYS F 425 42.42 -15.81 -64.20
CA LYS F 425 42.78 -16.97 -63.34
C LYS F 425 43.01 -18.19 -64.25
N ASP F 426 42.37 -18.21 -65.42
CA ASP F 426 42.50 -19.35 -66.37
C ASP F 426 43.98 -19.72 -66.60
N VAL F 427 44.83 -18.76 -66.97
CA VAL F 427 46.24 -19.08 -67.31
C VAL F 427 47.01 -19.44 -66.03
N PHE F 428 46.67 -18.82 -64.89
CA PHE F 428 47.32 -19.19 -63.61
C PHE F 428 47.01 -20.66 -63.31
N GLU F 429 45.73 -21.04 -63.39
CA GLU F 429 45.31 -22.44 -63.09
C GLU F 429 46.06 -23.39 -64.03
N ARG F 430 46.08 -23.08 -65.33
CA ARG F 430 46.79 -23.92 -66.32
C ARG F 430 48.26 -24.08 -65.91
N TYR F 431 48.93 -22.98 -65.55
CA TYR F 431 50.37 -23.03 -65.22
C TYR F 431 50.60 -23.71 -63.86
N TYR F 432 49.68 -23.54 -62.91
CA TYR F 432 49.81 -24.25 -61.62
C TYR F 432 49.67 -25.75 -61.85
N LYS F 433 48.80 -26.15 -62.78
CA LYS F 433 48.65 -27.59 -63.13
C LYS F 433 49.92 -28.06 -63.85
N GLN F 434 50.52 -27.21 -64.68
CA GLN F 434 51.80 -27.57 -65.35
C GLN F 434 52.86 -27.80 -64.26
N HIS F 435 52.88 -26.93 -63.23
CA HIS F 435 53.91 -27.05 -62.16
C HIS F 435 53.61 -28.28 -61.31
N LEU F 436 52.33 -28.55 -61.05
CA LEU F 436 51.98 -29.80 -60.31
C LEU F 436 52.61 -30.96 -61.05
N ALA F 437 52.48 -30.99 -62.37
CA ALA F 437 53.02 -32.09 -63.17
C ALA F 437 54.54 -32.10 -63.10
N ARG F 438 55.18 -30.93 -63.09
CA ARG F 438 56.63 -30.87 -63.04
C ARG F 438 57.17 -31.30 -61.68
N ARG F 439 56.46 -31.00 -60.60
CA ARG F 439 56.93 -31.32 -59.27
C ARG F 439 56.55 -32.72 -58.80
N LEU F 440 55.53 -33.34 -59.41
CA LEU F 440 55.13 -34.68 -59.04
C LEU F 440 55.76 -35.76 -59.90
N LEU F 441 56.06 -35.45 -61.16
CA LEU F 441 56.57 -36.50 -62.08
C LEU F 441 58.10 -36.51 -62.12
N THR F 442 58.75 -35.47 -61.58
CA THR F 442 60.23 -35.46 -61.50
C THR F 442 60.66 -35.68 -60.04
N ASN F 443 61.59 -34.87 -59.53
CA ASN F 443 62.03 -34.98 -58.12
C ASN F 443 60.79 -35.08 -57.21
N LYS F 444 60.63 -36.20 -56.52
CA LYS F 444 59.43 -36.40 -55.65
C LYS F 444 59.75 -35.93 -54.22
N SER F 445 59.00 -36.41 -53.22
CA SER F 445 59.20 -35.97 -51.82
C SER F 445 59.27 -34.44 -51.76
N VAL F 446 58.35 -33.76 -52.46
CA VAL F 446 58.36 -32.26 -52.49
C VAL F 446 58.18 -31.74 -51.07
N SER F 447 57.10 -32.16 -50.40
CA SER F 447 56.85 -31.75 -48.99
C SER F 447 56.02 -32.82 -48.29
N ASP F 448 55.03 -33.39 -49.00
CA ASP F 448 54.17 -34.47 -48.44
C ASP F 448 53.37 -33.97 -47.24
N ASP F 449 53.24 -32.64 -47.10
CA ASP F 449 52.45 -32.04 -45.99
C ASP F 449 52.14 -30.58 -46.34
N SER F 450 53.12 -29.87 -46.91
CA SER F 450 52.90 -28.46 -47.34
C SER F 450 52.12 -28.52 -48.66
N GLU F 451 52.17 -29.65 -49.36
CA GLU F 451 51.35 -29.82 -50.59
C GLU F 451 49.88 -29.75 -50.20
N LYS F 452 49.48 -30.44 -49.13
CA LYS F 452 48.08 -30.39 -48.63
C LYS F 452 47.80 -29.00 -48.03
N ASN F 453 48.83 -28.37 -47.44
CA ASN F 453 48.60 -26.98 -46.98
C ASN F 453 48.14 -26.17 -48.20
N MET F 454 48.84 -26.32 -49.32
CA MET F 454 48.49 -25.59 -50.57
C MET F 454 47.12 -26.02 -51.06
N ILE F 455 46.80 -27.32 -51.02
CA ILE F 455 45.41 -27.74 -51.39
C ILE F 455 44.42 -26.89 -50.59
N SER F 456 44.49 -26.84 -49.25
CA SER F 456 43.45 -26.08 -48.49
C SER F 456 43.49 -24.59 -48.87
N LYS F 457 44.70 -24.05 -49.00
CA LYS F 457 44.86 -22.62 -49.39
C LYS F 457 44.02 -22.37 -50.65
N LEU F 458 44.29 -23.12 -51.72
CA LEU F 458 43.48 -22.98 -52.96
C LEU F 458 42.02 -23.15 -52.57
N LYS F 459 41.63 -24.35 -52.09
CA LYS F 459 40.26 -24.67 -51.59
C LYS F 459 39.50 -23.39 -51.22
N THR F 460 40.09 -22.54 -50.38
CA THR F 460 39.41 -21.30 -49.92
C THR F 460 39.43 -20.26 -51.05
N GLU F 461 40.35 -19.28 -50.98
CA GLU F 461 40.47 -18.24 -52.04
C GLU F 461 39.09 -17.81 -52.52
N CYS F 462 38.72 -18.18 -53.75
CA CYS F 462 37.38 -17.82 -54.31
C CYS F 462 36.36 -18.86 -53.86
N GLY F 463 36.10 -19.88 -54.71
CA GLY F 463 35.15 -20.95 -54.34
C GLY F 463 35.69 -22.30 -54.77
N CYS F 464 34.87 -23.35 -54.67
CA CYS F 464 35.32 -24.73 -55.03
C CYS F 464 34.92 -25.05 -56.48
N GLN F 465 35.42 -24.26 -57.43
CA GLN F 465 35.10 -24.49 -58.87
C GLN F 465 36.38 -24.96 -59.58
N PHE F 466 37.54 -24.47 -59.15
CA PHE F 466 38.84 -24.91 -59.74
C PHE F 466 39.62 -25.63 -58.64
N THR F 467 39.20 -25.43 -57.39
CA THR F 467 39.88 -26.07 -56.23
C THR F 467 39.34 -27.48 -56.06
N SER F 468 38.05 -27.70 -56.26
CA SER F 468 37.51 -29.09 -56.25
C SER F 468 38.20 -29.89 -57.34
N LYS F 469 38.49 -29.26 -58.49
CA LYS F 469 39.23 -29.94 -59.57
C LYS F 469 40.65 -30.25 -59.10
N LEU F 470 41.26 -29.32 -58.36
CA LEU F 470 42.61 -29.60 -57.78
C LEU F 470 42.50 -30.82 -56.85
N GLU F 471 41.45 -30.88 -56.02
CA GLU F 471 41.26 -32.02 -55.09
C GLU F 471 41.13 -33.32 -55.90
N GLY F 472 40.38 -33.27 -57.00
CA GLY F 472 40.23 -34.44 -57.88
C GLY F 472 41.57 -34.91 -58.42
N MET F 473 42.40 -33.97 -58.92
CA MET F 473 43.75 -34.33 -59.41
C MET F 473 44.58 -34.96 -58.28
N PHE F 474 44.46 -34.43 -57.06
CA PHE F 474 45.23 -34.98 -55.92
C PHE F 474 44.77 -36.41 -55.61
N ARG F 475 43.45 -36.65 -55.68
CA ARG F 475 42.91 -38.01 -55.44
C ARG F 475 43.41 -38.94 -56.55
N ASP F 476 43.50 -38.42 -57.78
CA ASP F 476 44.03 -39.22 -58.92
C ASP F 476 45.46 -39.62 -58.59
N MET F 477 46.28 -38.68 -58.10
CA MET F 477 47.68 -38.99 -57.72
C MET F 477 47.72 -40.04 -56.60
N SER F 478 46.82 -39.93 -55.62
CA SER F 478 46.75 -40.97 -54.55
C SER F 478 46.49 -42.34 -55.19
N ILE F 479 45.49 -42.40 -56.08
CA ILE F 479 45.18 -43.69 -56.77
C ILE F 479 46.47 -44.17 -57.45
N SER F 480 47.13 -43.29 -58.20
CA SER F 480 48.41 -43.63 -58.89
C SER F 480 49.38 -44.30 -57.92
N ASN F 481 49.73 -43.65 -56.80
CA ASN F 481 50.77 -44.24 -55.90
C ASN F 481 50.27 -45.56 -55.28
N THR F 482 48.99 -45.66 -54.91
CA THR F 482 48.49 -46.95 -54.38
C THR F 482 48.69 -48.06 -55.44
N THR F 483 48.27 -47.80 -56.67
CA THR F 483 48.37 -48.82 -57.74
C THR F 483 49.84 -49.15 -57.97
N MET F 484 50.73 -48.17 -57.86
CA MET F 484 52.20 -48.38 -58.06
C MET F 484 52.73 -49.32 -56.97
N ASP F 485 52.36 -49.11 -55.70
CA ASP F 485 52.81 -50.09 -54.67
C ASP F 485 52.21 -51.48 -54.98
N GLU F 486 50.94 -51.51 -55.38
CA GLU F 486 50.28 -52.82 -55.67
C GLU F 486 51.12 -53.53 -56.74
N PHE F 487 51.55 -52.78 -57.76
CA PHE F 487 52.36 -53.35 -58.86
C PHE F 487 53.69 -53.86 -58.29
N ARG F 488 54.39 -53.04 -57.51
CA ARG F 488 55.71 -53.43 -56.96
C ARG F 488 55.58 -54.75 -56.21
N GLN F 489 54.49 -54.93 -55.44
CA GLN F 489 54.27 -56.17 -54.68
C GLN F 489 54.14 -57.35 -55.64
N HIS F 490 53.42 -57.17 -56.74
CA HIS F 490 53.17 -58.29 -57.69
C HIS F 490 54.20 -58.28 -58.82
N LEU F 491 55.28 -57.50 -58.69
CA LEU F 491 56.37 -57.55 -59.69
C LEU F 491 57.29 -58.71 -59.29
N GLN F 492 57.70 -58.74 -58.03
CA GLN F 492 58.54 -59.86 -57.53
C GLN F 492 57.70 -61.14 -57.57
N ALA F 493 56.45 -61.07 -57.10
CA ALA F 493 55.55 -62.24 -57.14
C ALA F 493 55.36 -62.67 -58.61
N THR F 494 55.59 -63.95 -58.91
CA THR F 494 55.47 -64.47 -60.30
C THR F 494 56.13 -63.51 -61.30
N GLY F 495 57.42 -63.21 -61.08
CA GLY F 495 58.15 -62.33 -62.00
C GLY F 495 58.23 -62.92 -63.40
N VAL F 496 57.44 -62.38 -64.33
CA VAL F 496 57.33 -62.95 -65.71
C VAL F 496 58.73 -62.87 -66.35
N SER F 497 59.33 -61.68 -66.36
CA SER F 497 60.69 -61.51 -66.91
C SER F 497 61.61 -60.93 -65.83
N LEU F 498 62.90 -60.73 -66.16
CA LEU F 498 63.87 -60.16 -65.19
C LEU F 498 64.06 -58.67 -65.48
N GLY F 499 63.41 -58.18 -66.55
CA GLY F 499 63.53 -56.75 -66.91
C GLY F 499 62.90 -55.85 -65.85
N GLY F 500 61.97 -56.37 -65.06
CA GLY F 500 61.36 -55.59 -63.97
C GLY F 500 62.23 -55.60 -62.73
N VAL F 501 63.13 -54.62 -62.60
CA VAL F 501 64.02 -54.54 -61.40
C VAL F 501 63.43 -53.51 -60.44
N ASP F 502 64.17 -52.43 -60.15
CA ASP F 502 63.64 -51.35 -59.28
C ASP F 502 62.72 -50.47 -60.14
N LEU F 503 61.41 -50.68 -60.06
CA LEU F 503 60.49 -49.92 -60.97
C LEU F 503 59.70 -48.88 -60.18
N THR F 504 59.37 -47.76 -60.81
CA THR F 504 58.56 -46.70 -60.15
C THR F 504 57.45 -46.26 -61.11
N VAL F 505 56.49 -47.15 -61.39
CA VAL F 505 55.47 -46.79 -62.42
C VAL F 505 54.11 -46.48 -61.78
N ARG F 506 53.68 -45.21 -61.84
CA ARG F 506 52.40 -44.79 -61.23
C ARG F 506 51.30 -44.79 -62.30
N VAL F 507 50.04 -44.91 -61.91
CA VAL F 507 48.94 -45.03 -62.91
C VAL F 507 47.88 -43.93 -62.73
N LEU F 508 47.93 -42.86 -63.53
CA LEU F 508 46.98 -41.72 -63.38
C LEU F 508 46.05 -41.65 -64.60
N THR F 509 44.93 -40.92 -64.51
CA THR F 509 43.92 -40.89 -65.60
C THR F 509 44.48 -40.24 -66.88
N THR F 510 43.84 -40.52 -68.02
CA THR F 510 44.27 -39.91 -69.32
C THR F 510 43.62 -38.54 -69.51
N GLY F 511 42.54 -38.26 -68.77
CA GLY F 511 41.83 -36.98 -68.96
C GLY F 511 42.36 -35.89 -68.06
N TYR F 512 42.14 -36.00 -66.74
CA TYR F 512 42.63 -35.00 -65.77
C TYR F 512 44.09 -34.70 -66.10
N TRP F 513 44.94 -35.73 -66.07
CA TRP F 513 46.37 -35.55 -66.47
C TRP F 513 46.49 -35.92 -67.94
N PRO F 514 46.57 -34.97 -68.89
CA PRO F 514 46.58 -35.30 -70.32
C PRO F 514 47.90 -35.92 -70.81
N THR F 515 47.84 -36.73 -71.87
CA THR F 515 49.10 -37.28 -72.44
C THR F 515 49.91 -36.11 -73.01
N GLN F 516 51.22 -36.08 -72.75
CA GLN F 516 52.07 -34.94 -73.18
C GLN F 516 51.99 -34.75 -74.70
N SER F 517 52.17 -35.83 -75.46
CA SER F 517 52.03 -35.74 -76.94
C SER F 517 50.92 -36.69 -77.41
N ALA F 518 51.17 -37.43 -78.49
CA ALA F 518 50.19 -38.43 -78.98
C ALA F 518 50.71 -39.82 -78.63
N THR F 519 51.04 -40.06 -77.35
CA THR F 519 51.60 -41.37 -76.90
C THR F 519 52.71 -41.84 -77.86
N PRO F 520 53.91 -41.21 -77.88
CA PRO F 520 54.98 -41.56 -78.81
C PRO F 520 55.19 -43.06 -79.07
N LYS F 521 55.30 -43.44 -80.34
CA LYS F 521 55.48 -44.87 -80.71
C LYS F 521 56.97 -45.18 -80.87
N CYS F 522 57.81 -44.63 -80.00
CA CYS F 522 59.28 -44.85 -80.06
C CYS F 522 59.61 -46.27 -79.54
N ASN F 523 60.86 -46.72 -79.71
CA ASN F 523 61.23 -48.08 -79.27
C ASN F 523 61.56 -48.09 -77.77
N ILE F 524 61.26 -49.19 -77.07
CA ILE F 524 61.54 -49.30 -75.61
C ILE F 524 62.75 -50.22 -75.43
N PRO F 525 63.77 -49.84 -74.64
CA PRO F 525 64.92 -50.71 -74.36
C PRO F 525 64.50 -52.09 -73.81
N PRO F 526 65.20 -53.20 -74.17
CA PRO F 526 64.86 -54.56 -73.70
C PRO F 526 64.40 -54.65 -72.24
N ALA F 527 65.27 -54.32 -71.28
CA ALA F 527 64.89 -54.45 -69.85
C ALA F 527 63.61 -53.65 -69.57
N PRO F 528 63.51 -52.31 -69.81
CA PRO F 528 62.23 -51.60 -69.67
C PRO F 528 61.07 -52.28 -70.41
N ARG F 529 61.27 -52.67 -71.67
CA ARG F 529 60.20 -53.37 -72.44
C ARG F 529 59.67 -54.56 -71.62
N HIS F 530 60.56 -55.40 -71.09
CA HIS F 530 60.15 -56.57 -70.27
C HIS F 530 59.35 -56.08 -69.06
N ALA F 531 59.86 -55.08 -68.34
CA ALA F 531 59.15 -54.52 -67.17
C ALA F 531 57.75 -54.06 -67.59
N PHE F 532 57.64 -53.35 -68.70
CA PHE F 532 56.33 -52.85 -69.20
C PHE F 532 55.40 -54.04 -69.45
N GLU F 533 55.92 -55.10 -70.07
CA GLU F 533 55.09 -56.31 -70.35
C GLU F 533 54.53 -56.85 -69.02
N ILE F 534 55.40 -57.12 -68.05
CA ILE F 534 54.94 -57.62 -66.71
C ILE F 534 53.87 -56.66 -66.18
N PHE F 535 54.13 -55.35 -66.24
CA PHE F 535 53.20 -54.38 -65.68
C PHE F 535 51.87 -54.38 -66.42
N ARG F 536 51.90 -54.48 -67.75
CA ARG F 536 50.67 -54.50 -68.52
C ARG F 536 49.88 -55.78 -68.27
N ARG F 537 50.56 -56.92 -68.17
CA ARG F 537 49.87 -58.17 -67.85
C ARG F 537 49.19 -58.09 -66.48
N PHE F 538 49.90 -57.52 -65.50
CA PHE F 538 49.30 -57.37 -64.17
C PHE F 538 48.10 -56.42 -64.22
N TYR F 539 48.23 -55.30 -64.93
CA TYR F 539 47.16 -54.31 -64.95
C TYR F 539 45.95 -54.81 -65.74
N LEU F 540 46.17 -55.76 -66.66
CA LEU F 540 45.06 -56.35 -67.39
C LEU F 540 44.47 -57.56 -66.69
N ALA F 541 45.22 -58.19 -65.79
CA ALA F 541 44.72 -59.36 -65.07
C ALA F 541 43.98 -58.96 -63.79
N LYS F 542 44.60 -58.13 -62.95
CA LYS F 542 44.02 -57.77 -61.66
C LYS F 542 43.38 -56.38 -61.65
N HIS F 543 43.46 -55.64 -62.75
CA HIS F 543 42.84 -54.33 -62.88
C HIS F 543 42.09 -54.22 -64.21
N SER F 544 41.28 -55.23 -64.49
CA SER F 544 40.55 -55.27 -65.76
C SER F 544 39.57 -54.11 -65.85
N GLY F 545 39.14 -53.84 -67.09
CA GLY F 545 38.25 -52.73 -67.36
C GLY F 545 38.91 -51.50 -67.92
N ARG F 546 40.22 -51.54 -68.17
CA ARG F 546 40.96 -50.40 -68.69
C ARG F 546 42.29 -50.88 -69.25
N GLN F 547 42.70 -50.29 -70.37
CA GLN F 547 43.96 -50.62 -71.02
C GLN F 547 44.91 -49.44 -70.96
N LEU F 548 46.20 -49.74 -70.96
CA LEU F 548 47.24 -48.74 -70.81
C LEU F 548 47.80 -48.33 -72.17
N THR F 549 48.40 -47.15 -72.21
CA THR F 549 49.03 -46.61 -73.41
C THR F 549 50.48 -46.29 -73.12
N LEU F 550 51.35 -46.60 -74.07
CA LEU F 550 52.79 -46.42 -73.93
C LEU F 550 53.20 -45.06 -74.46
N GLN F 551 54.19 -44.45 -73.80
CA GLN F 551 54.70 -43.14 -74.22
C GLN F 551 56.17 -43.00 -73.80
N HIS F 552 56.81 -41.91 -74.19
CA HIS F 552 58.22 -41.73 -73.89
C HIS F 552 58.50 -40.33 -73.33
N HIS F 553 57.57 -39.39 -73.53
CA HIS F 553 57.81 -38.02 -73.12
C HIS F 553 57.49 -37.79 -71.65
N MET F 554 57.97 -38.67 -70.77
CA MET F 554 57.83 -38.50 -69.33
C MET F 554 58.63 -39.54 -68.56
N GLY F 555 59.21 -39.14 -67.43
CA GLY F 555 59.88 -40.05 -66.53
C GLY F 555 61.37 -39.89 -66.59
N SER F 556 62.07 -40.84 -65.97
CA SER F 556 63.53 -40.85 -65.95
C SER F 556 64.00 -42.29 -65.79
N ALA F 557 65.31 -42.45 -65.59
CA ALA F 557 65.92 -43.76 -65.39
C ALA F 557 67.32 -43.55 -64.85
N ASP F 558 67.92 -44.65 -64.39
CA ASP F 558 69.28 -44.64 -63.86
C ASP F 558 70.09 -45.68 -64.63
N LEU F 559 70.95 -45.22 -65.54
CA LEU F 559 71.75 -46.09 -66.38
C LEU F 559 73.05 -46.43 -65.68
N ASN F 560 73.20 -47.69 -65.28
CA ASN F 560 74.40 -48.15 -64.58
C ASN F 560 75.49 -48.39 -65.61
N ALA F 561 76.44 -47.46 -65.67
CA ALA F 561 77.57 -47.58 -66.59
C ALA F 561 78.79 -48.13 -65.87
N THR F 562 79.81 -48.48 -66.66
CA THR F 562 81.05 -49.00 -66.10
C THR F 562 82.25 -48.58 -66.96
N THR F 587 88.92 -46.47 -62.84
CA THR F 587 87.84 -47.30 -63.38
C THR F 587 86.83 -47.66 -62.28
N ARG F 588 85.61 -47.16 -62.41
CA ARG F 588 84.55 -47.41 -61.46
C ARG F 588 83.23 -47.57 -62.20
N LYS F 589 82.18 -47.86 -61.44
CA LYS F 589 80.84 -48.06 -61.99
C LYS F 589 80.00 -46.82 -61.65
N HIS F 590 80.02 -45.84 -62.54
CA HIS F 590 79.25 -44.62 -62.37
C HIS F 590 77.89 -44.77 -63.03
N ILE F 591 76.83 -44.54 -62.26
CA ILE F 591 75.47 -44.70 -62.78
C ILE F 591 75.02 -43.38 -63.40
N LEU F 592 74.60 -43.44 -64.66
CA LEU F 592 74.13 -42.27 -65.37
C LEU F 592 72.64 -42.06 -65.13
N GLN F 593 72.05 -41.12 -65.88
CA GLN F 593 70.63 -40.82 -65.76
C GLN F 593 70.10 -40.44 -67.14
N VAL F 594 68.97 -41.02 -67.51
CA VAL F 594 68.33 -40.76 -68.79
C VAL F 594 66.84 -40.53 -68.55
N SER F 595 66.34 -39.34 -68.85
CA SER F 595 64.96 -39.01 -68.47
C SER F 595 63.95 -39.77 -69.28
N THR F 596 64.03 -41.09 -69.30
CA THR F 596 63.15 -41.85 -70.17
C THR F 596 63.37 -41.14 -71.48
N PHE F 597 64.59 -40.68 -71.71
CA PHE F 597 64.88 -39.90 -72.90
C PHE F 597 66.21 -40.36 -73.43
N GLN F 598 67.25 -40.33 -72.61
CA GLN F 598 68.48 -40.87 -73.18
C GLN F 598 68.56 -42.38 -73.10
N MET F 599 67.50 -43.04 -72.61
CA MET F 599 67.52 -44.50 -72.48
C MET F 599 67.56 -45.17 -73.84
N THR F 600 66.73 -44.68 -74.78
CA THR F 600 66.66 -45.32 -76.09
C THR F 600 67.95 -45.13 -76.89
N ILE F 601 68.50 -43.91 -76.85
CA ILE F 601 69.72 -43.63 -77.60
C ILE F 601 70.89 -44.43 -77.04
N LEU F 602 71.00 -44.47 -75.70
CA LEU F 602 72.07 -45.24 -75.08
C LEU F 602 71.89 -46.74 -75.30
N MET F 603 70.64 -47.21 -75.36
CA MET F 603 70.42 -48.62 -75.66
C MET F 603 70.81 -48.95 -77.09
N LEU F 604 70.49 -48.07 -78.04
CA LEU F 604 70.93 -48.26 -79.42
C LEU F 604 72.44 -48.22 -79.52
N PHE F 605 73.09 -47.40 -78.70
CA PHE F 605 74.56 -47.39 -78.66
C PHE F 605 75.10 -48.70 -78.10
N ASN F 606 74.44 -49.24 -77.06
CA ASN F 606 74.85 -50.54 -76.52
C ASN F 606 74.71 -51.64 -77.55
N ASN F 607 73.62 -51.61 -78.33
CA ASN F 607 73.45 -52.61 -79.38
C ASN F 607 74.50 -52.45 -80.46
N ARG F 608 74.78 -51.20 -80.84
CA ARG F 608 75.79 -50.91 -81.92
C ARG F 608 76.26 -49.46 -81.78
N GLU F 609 77.57 -49.26 -81.58
CA GLU F 609 78.13 -47.89 -81.40
C GLU F 609 78.29 -47.20 -82.75
N LYS F 610 79.02 -46.08 -82.79
CA LYS F 610 79.26 -45.33 -84.06
C LYS F 610 77.93 -45.05 -84.77
N TYR F 611 76.97 -44.45 -84.07
CA TYR F 611 75.67 -44.10 -84.68
C TYR F 611 75.65 -42.59 -84.99
N THR F 612 74.60 -42.12 -85.66
CA THR F 612 74.50 -40.67 -86.02
C THR F 612 73.03 -40.25 -85.95
N PHE F 613 72.73 -38.99 -86.30
CA PHE F 613 71.32 -38.50 -86.33
C PHE F 613 70.50 -39.45 -87.21
N GLU F 614 71.00 -39.76 -88.40
CA GLU F 614 70.25 -40.63 -89.35
C GLU F 614 69.86 -41.95 -88.65
N GLU F 615 70.77 -42.54 -87.86
CA GLU F 615 70.50 -43.84 -87.25
C GLU F 615 69.46 -43.72 -86.15
N ILE F 616 69.52 -42.64 -85.37
CA ILE F 616 68.58 -42.49 -84.26
C ILE F 616 67.26 -41.88 -84.74
N GLN F 617 67.20 -41.40 -85.98
CA GLN F 617 65.95 -40.88 -86.50
C GLN F 617 65.25 -41.84 -87.46
N GLN F 618 65.95 -42.89 -87.91
CA GLN F 618 65.39 -43.84 -88.87
C GLN F 618 64.84 -45.09 -88.20
N GLU F 619 65.62 -45.75 -87.35
CA GLU F 619 65.24 -47.01 -86.73
C GLU F 619 64.81 -46.83 -85.28
N THR F 620 64.15 -45.70 -84.98
CA THR F 620 63.72 -45.42 -83.63
C THR F 620 62.27 -44.93 -83.52
N ASP F 621 61.68 -44.40 -84.58
CA ASP F 621 60.36 -43.77 -84.52
C ASP F 621 60.34 -42.67 -83.47
N ILE F 622 61.26 -41.72 -83.64
CA ILE F 622 61.54 -40.69 -82.65
C ILE F 622 60.76 -39.43 -82.99
N PRO F 623 60.24 -38.70 -81.98
CA PRO F 623 59.49 -37.47 -82.28
C PRO F 623 60.36 -36.30 -82.74
N GLU F 624 59.75 -35.12 -82.82
CA GLU F 624 60.35 -33.92 -83.36
C GLU F 624 61.31 -33.25 -82.39
N ARG F 625 61.62 -31.98 -82.65
CA ARG F 625 62.69 -31.20 -82.01
C ARG F 625 62.85 -31.44 -80.52
N GLU F 626 61.78 -31.86 -79.84
CA GLU F 626 61.93 -32.39 -78.49
C GLU F 626 63.02 -33.46 -78.45
N LEU F 627 63.13 -34.26 -79.52
CA LEU F 627 64.24 -35.19 -79.66
C LEU F 627 65.57 -34.46 -79.69
N VAL F 628 65.63 -33.33 -80.39
CA VAL F 628 66.88 -32.57 -80.47
C VAL F 628 67.29 -32.07 -79.09
N ARG F 629 66.32 -31.56 -78.32
CA ARG F 629 66.62 -31.09 -76.97
C ARG F 629 67.01 -32.23 -76.04
N ALA F 630 66.42 -33.41 -76.23
CA ALA F 630 66.80 -34.56 -75.40
C ALA F 630 68.17 -35.08 -75.77
N LEU F 631 68.56 -34.95 -77.04
CA LEU F 631 69.86 -35.42 -77.50
C LEU F 631 70.99 -34.47 -77.12
N GLN F 632 70.78 -33.16 -77.27
CA GLN F 632 71.81 -32.20 -76.92
C GLN F 632 72.10 -32.19 -75.43
N SER F 633 71.24 -32.80 -74.61
CA SER F 633 71.45 -32.83 -73.17
C SER F 633 72.73 -33.59 -72.82
N LEU F 634 73.16 -34.50 -73.70
CA LEU F 634 74.36 -35.28 -73.42
C LEU F 634 75.59 -34.72 -74.11
N ALA F 635 75.41 -33.97 -75.21
CA ALA F 635 76.53 -33.49 -76.00
C ALA F 635 76.68 -31.98 -75.96
N CYS F 636 75.63 -31.23 -76.33
CA CYS F 636 75.75 -29.78 -76.44
C CYS F 636 75.60 -29.12 -75.07
N GLY F 637 76.40 -28.07 -74.86
CA GLY F 637 76.35 -27.35 -73.59
C GLY F 637 76.69 -28.19 -72.39
N LYS F 638 77.74 -29.00 -72.50
CA LYS F 638 78.09 -29.93 -71.42
C LYS F 638 79.36 -29.49 -70.71
N PRO F 639 79.45 -29.54 -69.36
CA PRO F 639 80.71 -29.18 -68.67
C PRO F 639 81.91 -30.10 -68.97
N THR F 640 82.10 -31.15 -68.16
CA THR F 640 83.27 -32.05 -68.34
C THR F 640 82.78 -33.50 -68.20
N GLN F 641 81.46 -33.69 -68.10
CA GLN F 641 80.90 -35.07 -68.01
C GLN F 641 80.16 -35.39 -69.31
N ARG F 642 80.68 -34.91 -70.44
CA ARG F 642 80.04 -35.16 -71.77
C ARG F 642 80.22 -36.63 -72.13
N VAL F 643 79.33 -37.50 -71.65
CA VAL F 643 79.46 -38.97 -71.89
C VAL F 643 79.17 -39.29 -73.36
N LEU F 644 78.62 -38.32 -74.11
CA LEU F 644 78.34 -38.53 -75.55
C LEU F 644 79.08 -37.50 -76.40
N THR F 645 80.02 -37.95 -77.22
CA THR F 645 80.73 -37.03 -78.16
C THR F 645 80.61 -37.62 -79.57
N LYS F 646 81.33 -37.07 -80.54
CA LYS F 646 81.31 -37.62 -81.92
C LYS F 646 82.67 -37.38 -82.59
N GLU F 647 83.08 -38.27 -83.48
CA GLU F 647 84.36 -38.07 -84.23
C GLU F 647 84.29 -36.75 -85.00
N PRO F 648 83.29 -36.50 -85.90
CA PRO F 648 83.15 -35.20 -86.56
C PRO F 648 82.42 -34.24 -85.60
N LYS F 649 83.15 -33.66 -84.64
CA LYS F 649 82.54 -32.76 -83.62
C LYS F 649 81.70 -31.68 -84.33
N SER F 650 80.38 -31.75 -84.19
CA SER F 650 79.49 -30.73 -84.79
C SER F 650 78.73 -29.99 -83.68
N LYS F 651 78.64 -28.65 -83.77
CA LYS F 651 77.90 -27.86 -82.76
C LYS F 651 76.44 -28.32 -82.74
N GLU F 652 75.83 -28.46 -83.93
CA GLU F 652 74.42 -28.94 -84.02
C GLU F 652 74.43 -30.43 -84.34
N ILE F 653 73.33 -30.93 -84.92
CA ILE F 653 73.27 -32.37 -85.33
C ILE F 653 72.89 -32.44 -86.82
N GLU F 654 73.86 -32.76 -87.68
CA GLU F 654 73.60 -32.82 -89.15
C GLU F 654 72.98 -34.18 -89.49
N ASN F 655 73.79 -35.11 -90.01
CA ASN F 655 73.29 -36.46 -90.38
C ASN F 655 74.49 -37.42 -90.49
N GLY F 656 75.71 -36.91 -90.32
CA GLY F 656 76.91 -37.75 -90.43
C GLY F 656 77.91 -37.45 -89.34
N HIS F 657 77.64 -37.91 -88.12
CA HIS F 657 78.55 -37.68 -86.97
C HIS F 657 78.67 -38.96 -86.13
N ILE F 658 79.58 -39.86 -86.52
CA ILE F 658 79.77 -41.15 -85.79
C ILE F 658 79.90 -40.86 -84.29
N PHE F 659 78.87 -41.16 -83.50
CA PHE F 659 78.87 -40.85 -82.06
C PHE F 659 79.88 -41.75 -81.33
N THR F 660 80.85 -41.14 -80.64
CA THR F 660 81.84 -41.91 -79.85
C THR F 660 81.57 -41.69 -78.36
N VAL F 661 81.15 -42.74 -77.65
CA VAL F 661 80.90 -42.61 -76.18
C VAL F 661 82.19 -42.15 -75.50
N ASN F 662 82.16 -40.99 -74.84
CA ASN F 662 83.37 -40.47 -74.14
C ASN F 662 83.33 -40.94 -72.68
N ASP F 663 84.48 -41.35 -72.15
CA ASP F 663 84.56 -41.83 -70.74
C ASP F 663 84.31 -40.65 -69.80
N GLN F 664 85.10 -39.57 -69.93
CA GLN F 664 84.94 -38.36 -69.07
C GLN F 664 84.82 -38.79 -67.61
N PHE F 665 85.82 -39.49 -67.08
CA PHE F 665 85.80 -39.93 -65.65
C PHE F 665 86.18 -38.74 -64.76
N THR F 666 85.27 -37.80 -64.58
CA THR F 666 85.53 -36.63 -63.70
C THR F 666 84.62 -36.73 -62.47
N SER F 667 83.42 -37.29 -62.65
CA SER F 667 82.49 -37.48 -61.50
C SER F 667 82.88 -38.76 -60.75
N LYS F 668 83.42 -38.60 -59.53
CA LYS F 668 83.80 -39.78 -58.70
C LYS F 668 82.53 -40.35 -58.06
N LEU F 669 81.45 -39.57 -58.02
CA LEU F 669 80.15 -40.05 -57.45
C LEU F 669 79.51 -41.02 -58.46
N HIS F 670 78.69 -41.95 -57.95
CA HIS F 670 78.06 -42.96 -58.84
C HIS F 670 76.58 -42.62 -59.05
N ARG F 671 76.28 -41.35 -59.34
CA ARG F 671 74.88 -40.92 -59.60
C ARG F 671 74.92 -39.64 -60.42
N VAL F 672 75.78 -39.59 -61.45
CA VAL F 672 75.93 -38.38 -62.25
C VAL F 672 74.77 -38.31 -63.25
N LYS F 673 74.09 -37.18 -63.29
CA LYS F 673 72.91 -37.00 -64.13
C LYS F 673 73.18 -35.92 -65.17
N ILE F 674 72.54 -36.07 -66.32
CA ILE F 674 72.64 -35.09 -67.39
C ILE F 674 71.33 -34.31 -67.46
N GLN F 675 71.28 -33.15 -66.82
CA GLN F 675 70.08 -32.33 -66.87
C GLN F 675 70.33 -31.03 -67.62
N THR F 676 69.74 -30.91 -68.81
CA THR F 676 69.87 -29.66 -69.57
C THR F 676 68.49 -29.25 -70.07
N VAL F 677 67.65 -30.23 -70.34
CA VAL F 677 66.32 -29.94 -70.87
C VAL F 677 65.41 -29.31 -69.82
N ALA F 678 64.27 -28.79 -70.25
CA ALA F 678 63.32 -28.16 -69.33
C ALA F 678 64.02 -27.34 -68.26
N ALA F 679 64.90 -26.43 -68.69
CA ALA F 679 65.62 -25.58 -67.74
C ALA F 679 64.65 -24.92 -66.78
N LYS F 680 63.77 -24.07 -67.30
CA LYS F 680 62.78 -23.40 -66.47
C LYS F 680 61.38 -23.60 -67.05
N GLN F 681 60.58 -22.55 -67.05
CA GLN F 681 59.20 -22.67 -67.54
C GLN F 681 58.97 -21.97 -68.86
N GLY F 682 59.56 -22.51 -69.95
CA GLY F 682 59.46 -21.87 -71.28
C GLY F 682 58.04 -21.69 -71.77
N GLU F 683 57.40 -22.76 -72.25
CA GLU F 683 56.00 -22.70 -72.79
C GLU F 683 55.84 -21.49 -73.71
N SER F 684 56.40 -21.56 -74.92
CA SER F 684 56.37 -20.42 -75.88
C SER F 684 54.96 -19.83 -76.05
N ASP F 685 54.88 -18.51 -76.24
CA ASP F 685 53.57 -17.84 -76.45
C ASP F 685 52.70 -18.58 -77.49
N PRO F 686 53.13 -18.98 -78.71
CA PRO F 686 52.22 -19.69 -79.63
C PRO F 686 51.33 -20.76 -78.96
N GLU F 687 51.93 -21.86 -78.50
CA GLU F 687 51.14 -22.97 -77.90
C GLU F 687 50.43 -22.49 -76.63
N ARG F 688 51.09 -21.63 -75.84
CA ARG F 688 50.46 -21.08 -74.62
C ARG F 688 49.17 -20.36 -75.01
N LYS F 689 49.22 -19.48 -76.02
CA LYS F 689 48.02 -18.73 -76.46
C LYS F 689 46.98 -19.71 -77.01
N GLU F 690 47.40 -20.74 -77.73
CA GLU F 690 46.43 -21.77 -78.21
C GLU F 690 45.68 -22.36 -77.02
N THR F 691 46.41 -22.79 -75.98
CA THR F 691 45.77 -23.43 -74.80
C THR F 691 44.87 -22.40 -74.10
N ARG F 692 45.27 -21.13 -74.07
CA ARG F 692 44.44 -20.06 -73.46
C ARG F 692 43.12 -19.98 -74.21
N GLN F 693 43.16 -19.92 -75.54
CA GLN F 693 41.92 -19.88 -76.36
C GLN F 693 41.07 -21.13 -76.06
N LYS F 694 41.70 -22.30 -75.96
CA LYS F 694 40.96 -23.56 -75.69
C LYS F 694 40.21 -23.44 -74.35
N VAL F 695 40.91 -22.96 -73.31
CA VAL F 695 40.29 -22.87 -71.96
C VAL F 695 39.18 -21.81 -71.99
N ASP F 696 39.34 -20.75 -72.80
CA ASP F 696 38.27 -19.73 -72.95
C ASP F 696 37.03 -20.41 -73.55
N ASP F 697 37.23 -21.19 -74.63
CA ASP F 697 36.10 -21.94 -75.24
C ASP F 697 35.43 -22.82 -74.17
N ASP F 698 36.23 -23.51 -73.35
CA ASP F 698 35.65 -24.43 -72.33
C ASP F 698 34.81 -23.61 -71.34
N ARG F 699 35.34 -22.49 -70.87
CA ARG F 699 34.64 -21.63 -69.88
C ARG F 699 33.34 -21.10 -70.51
N LYS F 700 33.34 -20.83 -71.82
CA LYS F 700 32.12 -20.26 -72.47
C LYS F 700 31.08 -21.36 -72.62
N HIS F 701 31.53 -22.60 -72.90
CA HIS F 701 30.56 -23.73 -72.91
C HIS F 701 29.95 -23.80 -71.51
N GLU F 702 30.80 -23.69 -70.47
CA GLU F 702 30.28 -23.69 -69.08
C GLU F 702 29.20 -22.62 -68.95
N ILE F 703 29.51 -21.36 -69.33
CA ILE F 703 28.51 -20.25 -69.31
C ILE F 703 27.22 -20.78 -69.89
N GLU F 704 27.23 -21.12 -71.19
CA GLU F 704 25.99 -21.57 -71.87
C GLU F 704 25.24 -22.57 -70.96
N ALA F 705 25.86 -23.72 -70.66
CA ALA F 705 25.16 -24.74 -69.86
C ALA F 705 24.51 -24.09 -68.62
N ALA F 706 25.33 -23.50 -67.75
CA ALA F 706 24.82 -22.82 -66.53
C ALA F 706 23.60 -21.95 -66.85
N ILE F 707 23.77 -20.88 -67.63
CA ILE F 707 22.62 -19.94 -67.84
C ILE F 707 21.39 -20.76 -68.23
N VAL F 708 21.51 -21.61 -69.25
CA VAL F 708 20.27 -22.33 -69.69
C VAL F 708 19.65 -23.09 -68.52
N ARG F 709 20.38 -24.06 -67.93
CA ARG F 709 19.77 -24.93 -66.88
C ARG F 709 19.23 -24.11 -65.70
N ILE F 710 19.81 -22.93 -65.41
CA ILE F 710 19.37 -22.16 -64.21
C ILE F 710 18.12 -21.32 -64.54
N MET F 711 18.12 -20.63 -65.68
CA MET F 711 16.98 -19.71 -65.96
C MET F 711 15.76 -20.53 -66.40
N LYS F 712 15.99 -21.62 -67.13
CA LYS F 712 14.89 -22.49 -67.62
C LYS F 712 13.96 -22.78 -66.44
N SER F 713 14.50 -22.80 -65.22
CA SER F 713 13.68 -23.04 -64.01
C SER F 713 13.32 -21.69 -63.37
N ARG F 714 13.99 -21.35 -62.26
CA ARG F 714 13.68 -20.11 -61.51
C ARG F 714 14.11 -18.89 -62.32
N LYS F 715 13.41 -17.76 -62.17
CA LYS F 715 13.75 -16.50 -62.89
C LYS F 715 14.11 -16.79 -64.35
N LYS F 716 13.12 -17.10 -65.18
CA LYS F 716 13.37 -17.33 -66.62
C LYS F 716 13.79 -16.01 -67.28
N MET F 717 14.48 -16.09 -68.42
CA MET F 717 15.00 -14.86 -69.09
C MET F 717 13.94 -14.31 -70.05
N GLN F 718 14.18 -13.13 -70.63
CA GLN F 718 13.25 -12.56 -71.65
C GLN F 718 14.08 -12.25 -72.89
N HIS F 719 14.91 -11.20 -72.83
CA HIS F 719 15.82 -10.89 -73.97
C HIS F 719 17.26 -11.22 -73.55
N ASN F 720 17.89 -10.31 -72.80
CA ASN F 720 19.27 -10.55 -72.30
C ASN F 720 19.36 -9.96 -70.89
N VAL F 721 18.73 -10.60 -69.90
CA VAL F 721 18.70 -10.03 -68.52
C VAL F 721 19.44 -10.96 -67.56
N LEU F 722 19.24 -12.29 -67.69
CA LEU F 722 19.85 -13.24 -66.73
C LEU F 722 21.30 -13.49 -67.14
N VAL F 723 21.67 -13.16 -68.38
CA VAL F 723 23.10 -13.28 -68.80
C VAL F 723 23.98 -12.50 -67.82
N ALA F 724 23.43 -11.46 -67.21
CA ALA F 724 24.20 -10.65 -66.23
C ALA F 724 24.58 -11.53 -65.03
N GLU F 725 23.62 -12.29 -64.51
CA GLU F 725 23.88 -13.19 -63.34
C GLU F 725 24.96 -14.20 -63.68
N VAL F 726 24.91 -14.80 -64.88
CA VAL F 726 25.88 -15.88 -65.23
C VAL F 726 27.26 -15.27 -65.53
N THR F 727 27.32 -14.02 -66.01
CA THR F 727 28.64 -13.38 -66.22
C THR F 727 29.22 -12.99 -64.86
N GLN F 728 28.35 -12.69 -63.89
CA GLN F 728 28.83 -12.37 -62.52
C GLN F 728 29.33 -13.66 -61.84
N GLN F 729 28.82 -14.81 -62.27
CA GLN F 729 29.30 -16.11 -61.72
C GLN F 729 30.74 -16.36 -62.19
N LEU F 730 31.11 -15.81 -63.35
CA LEU F 730 32.47 -16.00 -63.91
C LEU F 730 33.22 -14.67 -63.92
N LYS F 731 32.90 -13.76 -63.00
CA LYS F 731 33.52 -12.39 -63.02
C LYS F 731 35.02 -12.46 -62.75
N ALA F 732 35.45 -13.20 -61.73
CA ALA F 732 36.89 -13.23 -61.35
C ALA F 732 37.73 -13.83 -62.49
N ARG F 733 37.15 -14.76 -63.26
CA ARG F 733 37.87 -15.40 -64.38
C ARG F 733 37.31 -14.84 -65.70
N PHE F 734 37.60 -13.57 -66.02
CA PHE F 734 37.00 -12.98 -67.24
C PHE F 734 37.97 -12.08 -68.01
N LEU F 735 37.49 -11.31 -69.01
CA LEU F 735 38.27 -10.39 -69.88
C LEU F 735 38.44 -10.92 -71.32
N PRO F 736 39.07 -12.09 -71.60
CA PRO F 736 39.13 -12.61 -72.97
C PRO F 736 37.84 -13.33 -73.41
N SER F 737 37.92 -14.15 -74.46
CA SER F 737 36.73 -14.88 -74.99
C SER F 737 35.60 -13.93 -75.37
N PRO F 738 35.67 -13.22 -76.51
CA PRO F 738 34.66 -12.22 -76.89
C PRO F 738 33.39 -12.83 -77.50
N VAL F 739 33.42 -13.13 -78.80
CA VAL F 739 32.21 -13.65 -79.51
C VAL F 739 32.18 -15.18 -79.41
N VAL F 740 33.05 -15.76 -78.58
CA VAL F 740 33.01 -17.23 -78.36
C VAL F 740 31.70 -17.56 -77.65
N ILE F 741 31.26 -16.69 -76.73
CA ILE F 741 29.96 -16.90 -76.03
C ILE F 741 28.81 -16.75 -77.03
N LYS F 742 28.97 -15.93 -78.07
CA LYS F 742 27.90 -15.85 -79.11
C LYS F 742 27.79 -17.20 -79.81
N LYS F 743 28.92 -17.79 -80.19
CA LYS F 743 28.90 -19.14 -80.82
C LYS F 743 28.31 -20.15 -79.82
N ARG F 744 28.65 -20.01 -78.53
CA ARG F 744 28.17 -20.97 -77.51
C ARG F 744 26.66 -20.85 -77.32
N ILE F 745 26.12 -19.62 -77.31
CA ILE F 745 24.65 -19.50 -77.06
C ILE F 745 23.93 -20.06 -78.29
N GLU F 746 24.45 -19.83 -79.49
CA GLU F 746 23.85 -20.43 -80.72
C GLU F 746 23.83 -21.94 -80.52
N GLY F 747 24.90 -22.50 -79.97
CA GLY F 747 24.95 -23.94 -79.64
C GLY F 747 23.73 -24.36 -78.85
N LEU F 748 23.36 -23.63 -77.78
CA LEU F 748 22.19 -24.15 -77.03
C LEU F 748 20.85 -23.71 -77.64
N ILE F 749 20.82 -22.64 -78.44
CA ILE F 749 19.59 -22.30 -79.21
C ILE F 749 19.29 -23.60 -79.94
N GLU F 750 20.32 -24.32 -80.41
CA GLU F 750 20.08 -25.55 -81.21
C GLU F 750 19.26 -26.57 -80.40
N ARG F 751 19.31 -26.48 -79.06
CA ARG F 751 18.54 -27.41 -78.19
C ARG F 751 17.22 -26.75 -77.78
N GLU F 752 16.22 -27.55 -77.37
CA GLU F 752 14.88 -26.99 -77.03
C GLU F 752 14.97 -26.10 -75.78
N TYR F 753 15.57 -26.61 -74.69
CA TYR F 753 15.63 -25.83 -73.43
C TYR F 753 16.36 -24.49 -73.70
N LEU F 754 15.85 -23.39 -73.13
CA LEU F 754 16.40 -22.03 -73.40
C LEU F 754 16.91 -21.95 -74.84
N ALA F 755 15.99 -21.98 -75.82
CA ALA F 755 16.38 -21.81 -77.23
C ALA F 755 16.20 -20.33 -77.59
N ARG F 756 16.96 -19.44 -76.93
CA ARG F 756 16.83 -17.98 -77.15
C ARG F 756 16.64 -17.68 -78.65
N THR F 757 15.50 -17.11 -79.02
CA THR F 757 15.24 -16.75 -80.44
C THR F 757 16.21 -15.61 -80.82
N PRO F 758 17.05 -15.77 -81.87
CA PRO F 758 18.05 -14.75 -82.22
C PRO F 758 17.46 -13.33 -82.37
N GLU F 759 16.22 -13.22 -82.83
CA GLU F 759 15.61 -11.88 -83.06
C GLU F 759 14.46 -11.65 -82.08
N ASP F 760 13.58 -12.65 -81.89
CA ASP F 760 12.39 -12.44 -81.03
C ASP F 760 12.57 -13.19 -79.69
N ARG F 761 13.68 -12.95 -79.00
CA ARG F 761 13.89 -13.58 -77.66
C ARG F 761 12.75 -13.13 -76.75
N LYS F 762 11.87 -14.06 -76.34
CA LYS F 762 10.68 -13.68 -75.53
C LYS F 762 10.69 -14.44 -74.20
N VAL F 763 9.54 -14.49 -73.52
CA VAL F 763 9.42 -15.20 -72.21
C VAL F 763 9.58 -16.71 -72.47
N TYR F 764 10.37 -17.39 -71.64
CA TYR F 764 10.59 -18.85 -71.79
C TYR F 764 9.81 -19.59 -70.72
N THR F 765 9.96 -20.93 -70.65
CA THR F 765 9.19 -21.74 -69.67
C THR F 765 9.81 -21.60 -68.27
N TYR F 766 9.04 -21.92 -67.23
CA TYR F 766 9.55 -21.87 -65.83
C TYR F 766 9.94 -23.28 -65.38
N VAL F 767 9.91 -24.24 -66.31
CA VAL F 767 10.32 -25.64 -65.99
C VAL F 767 11.65 -25.92 -66.67
N ALA F 768 12.62 -26.51 -65.95
CA ALA F 768 13.97 -26.75 -66.53
C ALA F 768 13.87 -27.61 -67.79
ZN ZN G . -66.43 -38.67 41.80
ZN ZN H . -65.01 -25.78 36.19
ZN ZN I . -65.37 -41.09 48.47
ZN ZN J . 21.35 -44.15 -74.63
ZN ZN K . 28.89 -41.23 -63.05
ZN ZN L . 20.70 -40.66 -80.86
#